data_9JMN
#
_entry.id   9JMN
#
_cell.length_a   1.00
_cell.length_b   1.00
_cell.length_c   1.00
_cell.angle_alpha   90.00
_cell.angle_beta   90.00
_cell.angle_gamma   90.00
#
_symmetry.space_group_name_H-M   'P 1'
#
loop_
_entity.id
_entity.type
_entity.pdbx_description
1 polymer 'Spike glycoprotein,Fibritin'
2 branched beta-D-mannopyranose-(1-4)-2-acetamido-2-deoxy-beta-D-glucopyranose-(1-4)-2-acetamido-2-deoxy-beta-D-glucopyranose
3 branched 2-acetamido-2-deoxy-beta-D-glucopyranose-(1-4)-2-acetamido-2-deoxy-beta-D-glucopyranose
4 non-polymer 2-acetamido-2-deoxy-beta-D-glucopyranose
5 non-polymer 'FOLIC ACID'
6 non-polymer 'LINOLEIC ACID'
#
_entity_poly.entity_id   1
_entity_poly.type   'polypeptide(L)'
_entity_poly.pdbx_seq_one_letter_code
;MIRSVFLLMCLLTLIKSGDANCIVVDMQPSYFQRDWPRPINMSAADGIIYPVGRTYANITIMLSGLFPHQADKGKQYIYS
MYHMKFNQGVNDPFISNYSYYTEPFDNGFVVRIGANSNITGSSVVGSANATVKKIYPALMLGSVVGKFPSNKTGRYFNHT
LVILPEKCGTQITALYCVLQPKNQTNCTGHTTYTSYVLVENKTCSTDADGNLKQSLQTWFDLKDCLFEKKYNVSADEREE
WFGITQDQQGVHLYTSRKNGFKSNNMFLFATLPIYERLRYYTVMPRSIKTTANNDHMAWSAFYIYQLHKLNYLVEFDVEG
YIVRASDCGANDYTQLQCSYGQFDMNSGVYSASYFNAQPRGYYYVANELEECALDVLFKNIAPQIANYSRRVFTNCNYNL
TKLLSLVEVDEFVCDKTTPESLATGCYSSLVVDWFALPLSMKSTLAIGSAEAISMFNYNQDYSNPTCRIHATINSNVSSS
LNFTANNNYAYISRCQGTDGKPILLQKGQLPNIACRSGVLGLSNDVDYFGYNFNGRIFYIGRKSYTPRTSEGSIQMVYVI
TANYAEGPNNVCPLKDTTTATDNLDSLLGQCIDYDINGVVGQGVFQKCNSTGIPSQVFVYDSFHNIIGYHSKNGTYYCMA
PCVSVPVSVIYDKSSNSHATLYGSVACDHIKMIPSVLSRETATKLRASDNGLLQTAVGCVIGFHNTSDTVEDCNLPLGQS
LCAKPPSLTRSANNTFGLAVMKYENPLKVEVLNSSEFEISVPTNFSFRVTEEFIETSIQKVTVDCKQYVCNGFERCEQLL
EQYGQFCAKINQALHGVNLRQDDATKSLFESIRVPQSAPLMASLSGDYNLSLFETPSINTGGSGNYRSALEDLLFDKVTL
SVPGYMKGYDECMKKGPPSARDLICAQYVAGYKVLPPLYDSNMEAMYTASLTGSIAGALWTGGLSSAASLPFAQSIYYRM
NGIGITQNVLMENQKLIANKFNQALGAMQTGFTTTNQAFQKVQDAVNANAQALSKLASELSNTFGAISASIGDILKRLDT
LEQEVQIDRLINGRLTSLNAFVSQQLVRSEAAARSSQLVKDKVNECVKSQSSRNGFCGQGTHIVSFAVNAPNGFYFVHVG
YHPTDYVNQTSAYGLCDSSNTKCIAAKNGYFIKNGSDDWMFTGSSYYQPEPITNFNSRSVEPEVTFQNLTNNLPPPLSNS
TDVDFKDELEEFFKNITSEVPNFGSITQINSTVLDLSEEMKTLQSVVEALNQSYIELKELGNYTYYNKWPGSGYIPEAPR
DGQAYVRKDGEWVLLSTFLLEVLFQGPGHHHHHHHHSAWSHPQFEKGGGSGGGGSGGSAWSHPQFEKSA
;
_entity_poly.pdbx_strand_id   A,B,C
#
loop_
_chem_comp.id
_chem_comp.type
_chem_comp.name
_chem_comp.formula
BMA D-saccharide, beta linking beta-D-mannopyranose 'C6 H12 O6'
EIC non-polymer 'LINOLEIC ACID' 'C18 H32 O2'
FOL non-polymer 'FOLIC ACID' 'C19 H19 N7 O6'
NAG D-saccharide, beta linking 2-acetamido-2-deoxy-beta-D-glucopyranose 'C8 H15 N O6'
#
# COMPACT_ATOMS: atom_id res chain seq x y z
N CYS A 22 61.07 37.62 -26.17
CA CYS A 22 62.04 36.60 -26.52
C CYS A 22 61.85 36.16 -27.97
N ILE A 23 60.60 35.90 -28.35
CA ILE A 23 60.25 35.56 -29.72
C ILE A 23 59.12 36.48 -30.15
N VAL A 24 59.33 37.23 -31.23
CA VAL A 24 58.32 38.15 -31.75
C VAL A 24 57.38 37.37 -32.66
N VAL A 25 56.09 37.39 -32.31
CA VAL A 25 55.09 36.62 -33.03
C VAL A 25 54.02 37.57 -33.56
N ASP A 26 53.21 37.06 -34.48
CA ASP A 26 52.14 37.83 -35.11
C ASP A 26 50.79 37.27 -34.66
N MET A 27 50.00 38.10 -33.99
CA MET A 27 48.68 37.71 -33.51
C MET A 27 47.63 38.45 -34.34
N GLN A 28 46.83 37.69 -35.08
CA GLN A 28 45.82 38.27 -35.97
C GLN A 28 44.66 37.30 -36.09
N PRO A 29 43.64 37.45 -35.25
CA PRO A 29 42.51 36.50 -35.26
C PRO A 29 41.51 36.73 -36.38
N SER A 30 41.75 37.68 -37.28
CA SER A 30 40.80 37.94 -38.35
C SER A 30 40.74 36.80 -39.36
N TYR A 31 41.87 36.14 -39.60
CA TYR A 31 41.91 35.01 -40.51
C TYR A 31 41.44 33.71 -39.87
N PHE A 32 41.18 33.71 -38.57
CA PHE A 32 40.89 32.50 -37.80
C PHE A 32 39.39 32.35 -37.52
N GLN A 33 38.53 32.77 -38.44
CA GLN A 33 37.10 32.80 -38.18
C GLN A 33 36.28 31.97 -39.16
N ARG A 34 36.91 31.14 -39.98
CA ARG A 34 36.17 30.28 -40.88
C ARG A 34 35.61 29.10 -40.08
N ASP A 35 34.30 28.84 -40.24
CA ASP A 35 33.57 28.09 -39.22
C ASP A 35 33.60 26.58 -39.41
N TRP A 36 33.23 26.06 -40.61
CA TRP A 36 32.97 24.66 -40.97
C TRP A 36 32.42 23.83 -39.82
N PRO A 37 31.22 24.15 -39.31
CA PRO A 37 30.80 23.60 -38.01
C PRO A 37 30.44 22.12 -38.08
N ARG A 38 30.75 21.40 -37.00
CA ARG A 38 30.38 20.00 -36.83
C ARG A 38 29.68 19.85 -35.48
N PRO A 39 28.36 20.05 -35.43
CA PRO A 39 27.65 19.94 -34.17
C PRO A 39 27.51 18.49 -33.72
N ILE A 40 27.13 18.34 -32.44
CA ILE A 40 27.04 17.00 -31.85
C ILE A 40 25.82 16.27 -32.38
N ASN A 41 26.04 15.05 -32.87
CA ASN A 41 24.99 14.17 -33.34
C ASN A 41 24.74 13.12 -32.27
N MET A 42 23.56 13.16 -31.64
CA MET A 42 23.28 12.27 -30.52
C MET A 42 23.08 10.83 -30.99
N SER A 43 22.67 10.64 -32.24
CA SER A 43 22.40 9.31 -32.76
C SER A 43 23.65 8.48 -32.99
N ALA A 44 24.83 9.10 -32.91
CA ALA A 44 26.09 8.38 -33.03
C ALA A 44 26.87 8.34 -31.72
N ALA A 45 26.37 9.01 -30.67
CA ALA A 45 27.01 9.11 -29.36
C ALA A 45 28.43 9.65 -29.48
N ASP A 46 28.52 10.89 -29.94
CA ASP A 46 29.83 11.50 -30.22
C ASP A 46 30.61 11.76 -28.95
N GLY A 47 29.99 12.38 -27.96
CA GLY A 47 30.70 12.77 -26.75
C GLY A 47 30.25 12.05 -25.50
N ILE A 48 29.72 10.84 -25.67
CA ILE A 48 29.19 10.09 -24.54
C ILE A 48 30.33 9.38 -23.84
N ILE A 49 30.52 9.66 -22.55
CA ILE A 49 31.57 9.03 -21.77
C ILE A 49 31.10 7.66 -21.31
N TYR A 50 31.94 6.65 -21.51
CA TYR A 50 31.59 5.29 -21.15
C TYR A 50 31.50 5.15 -19.63
N PRO A 51 30.62 4.26 -19.15
CA PRO A 51 30.61 3.95 -17.71
C PRO A 51 31.94 3.38 -17.25
N VAL A 52 32.30 3.70 -16.01
CA VAL A 52 33.60 3.34 -15.47
C VAL A 52 33.48 2.07 -14.64
N GLY A 53 34.34 1.09 -14.94
CA GLY A 53 34.42 -0.13 -14.18
C GLY A 53 33.46 -1.23 -14.56
N ARG A 54 32.47 -0.95 -15.40
CA ARG A 54 31.48 -1.97 -15.77
C ARG A 54 31.21 -1.91 -17.26
N THR A 55 30.64 -2.98 -17.77
CA THR A 55 30.34 -3.10 -19.20
C THR A 55 28.91 -3.58 -19.37
N TYR A 56 28.18 -2.94 -20.27
CA TYR A 56 26.84 -3.38 -20.64
C TYR A 56 26.86 -3.91 -22.07
N ALA A 57 26.18 -5.02 -22.30
CA ALA A 57 26.20 -5.69 -23.60
C ALA A 57 24.78 -5.94 -24.09
N ASN A 58 24.47 -5.42 -25.27
CA ASN A 58 23.23 -5.71 -25.99
C ASN A 58 21.97 -5.36 -25.19
N ILE A 59 22.04 -4.26 -24.45
CA ILE A 59 20.93 -3.82 -23.61
C ILE A 59 20.78 -2.31 -23.74
N THR A 60 19.54 -1.84 -23.72
CA THR A 60 19.23 -0.42 -23.85
C THR A 60 18.84 0.08 -22.47
N ILE A 61 19.75 0.79 -21.82
CA ILE A 61 19.57 1.22 -20.44
C ILE A 61 19.51 2.75 -20.38
N MET A 62 19.12 3.25 -19.23
CA MET A 62 19.13 4.68 -18.93
C MET A 62 20.24 4.92 -17.92
N LEU A 63 21.07 5.92 -18.18
CA LEU A 63 22.18 6.25 -17.30
C LEU A 63 22.26 7.77 -17.12
N SER A 64 22.86 8.18 -16.01
CA SER A 64 22.98 9.59 -15.66
C SER A 64 24.43 9.93 -15.36
N GLY A 65 24.81 11.15 -15.70
CA GLY A 65 26.19 11.57 -15.51
C GLY A 65 26.47 12.87 -16.24
N LEU A 66 27.72 13.03 -16.64
CA LEU A 66 28.19 14.23 -17.33
C LEU A 66 28.20 13.96 -18.83
N PHE A 67 27.26 14.57 -19.54
CA PHE A 67 27.15 14.43 -20.98
C PHE A 67 26.93 15.79 -21.63
N PRO A 68 27.39 15.98 -22.86
CA PRO A 68 27.07 17.20 -23.59
C PRO A 68 25.72 17.08 -24.27
N HIS A 69 25.02 18.20 -24.34
CA HIS A 69 23.67 18.17 -24.88
C HIS A 69 23.68 18.22 -26.40
N GLN A 70 22.50 18.06 -26.98
CA GLN A 70 22.31 18.04 -28.43
C GLN A 70 22.64 19.41 -29.01
N ALA A 71 23.09 19.41 -30.26
CA ALA A 71 23.60 20.59 -30.99
C ALA A 71 24.82 21.05 -30.20
N ASP A 72 24.93 22.35 -29.85
CA ASP A 72 26.02 22.89 -29.03
C ASP A 72 27.39 22.60 -29.66
N LYS A 73 27.60 23.24 -30.81
CA LYS A 73 28.85 23.04 -31.55
C LYS A 73 30.07 23.50 -30.76
N GLY A 74 29.90 24.33 -29.74
CA GLY A 74 31.00 24.68 -28.87
C GLY A 74 31.95 25.66 -29.51
N LYS A 75 33.05 25.91 -28.80
CA LYS A 75 34.07 26.81 -29.32
C LYS A 75 34.88 26.10 -30.41
N GLN A 76 35.70 26.89 -31.10
CA GLN A 76 36.46 26.40 -32.23
C GLN A 76 37.85 27.00 -32.19
N TYR A 77 38.86 26.16 -32.41
CA TYR A 77 40.24 26.60 -32.41
C TYR A 77 40.98 25.95 -33.57
N ILE A 78 41.84 26.73 -34.23
CA ILE A 78 42.58 26.28 -35.40
C ILE A 78 44.02 26.78 -35.30
N TYR A 79 44.95 25.93 -35.73
CA TYR A 79 46.36 26.27 -35.80
C TYR A 79 46.83 26.24 -37.25
N SER A 80 47.97 26.87 -37.51
CA SER A 80 48.51 26.98 -38.87
C SER A 80 50.03 27.09 -38.78
N MET A 81 50.65 27.39 -39.92
CA MET A 81 52.10 27.58 -39.94
C MET A 81 52.49 28.97 -39.44
N TYR A 82 53.75 29.30 -39.68
CA TYR A 82 54.27 30.66 -39.61
C TYR A 82 53.75 31.46 -40.81
N HIS A 83 53.98 32.77 -40.80
CA HIS A 83 53.58 33.56 -41.95
C HIS A 83 54.52 33.23 -43.11
N MET A 84 53.93 33.01 -44.30
CA MET A 84 54.54 32.47 -45.54
C MET A 84 55.21 31.11 -45.34
N VAL A 90 58.21 31.57 -42.85
CA VAL A 90 58.95 30.77 -41.89
C VAL A 90 59.33 31.62 -40.67
N ASN A 91 58.85 32.86 -40.65
CA ASN A 91 59.10 33.79 -39.56
C ASN A 91 57.78 34.38 -39.10
N ASP A 92 57.79 34.90 -37.85
CA ASP A 92 56.64 35.57 -37.23
C ASP A 92 55.38 34.72 -37.25
N PRO A 93 55.27 33.69 -36.41
CA PRO A 93 54.17 32.72 -36.52
C PRO A 93 52.81 33.36 -36.30
N PHE A 94 51.79 32.73 -36.87
CA PHE A 94 50.43 33.28 -36.92
C PHE A 94 49.55 32.53 -35.94
N ILE A 95 48.96 33.27 -35.00
CA ILE A 95 48.09 32.72 -33.96
C ILE A 95 46.87 33.61 -33.81
N SER A 96 45.88 33.09 -33.11
CA SER A 96 44.71 33.86 -32.70
C SER A 96 44.90 34.34 -31.27
N ASN A 97 43.85 34.91 -30.67
CA ASN A 97 43.89 35.37 -29.29
C ASN A 97 43.27 34.37 -28.33
N TYR A 98 43.52 33.07 -28.57
CA TYR A 98 42.99 32.03 -27.69
C TYR A 98 43.56 32.15 -26.28
N SER A 99 44.80 32.60 -26.14
CA SER A 99 45.41 32.71 -24.82
C SER A 99 44.80 33.82 -23.98
N TYR A 100 44.07 34.75 -24.58
CA TYR A 100 43.41 35.80 -23.83
C TYR A 100 42.05 35.38 -23.28
N TYR A 101 41.60 34.16 -23.58
CA TYR A 101 40.31 33.67 -23.16
C TYR A 101 40.48 32.62 -22.06
N THR A 102 39.66 32.73 -21.01
CA THR A 102 39.67 31.77 -19.90
C THR A 102 38.24 31.27 -19.72
N GLU A 103 37.89 30.22 -20.47
CA GLU A 103 36.56 29.65 -20.38
C GLU A 103 36.39 28.89 -19.06
N PRO A 104 35.20 28.90 -18.49
CA PRO A 104 35.01 28.21 -17.19
C PRO A 104 35.00 26.70 -17.36
N PHE A 105 35.60 26.02 -16.38
CA PHE A 105 35.70 24.57 -16.45
C PHE A 105 34.36 23.91 -16.16
N ASP A 106 33.64 24.42 -15.15
CA ASP A 106 32.33 23.91 -14.70
C ASP A 106 32.51 22.45 -14.28
N ASN A 107 31.62 21.54 -14.69
CA ASN A 107 31.80 20.13 -14.36
C ASN A 107 32.93 19.50 -15.15
N GLY A 108 33.16 19.97 -16.36
CA GLY A 108 34.21 19.42 -17.21
C GLY A 108 33.96 19.80 -18.66
N PHE A 109 34.75 19.18 -19.53
CA PHE A 109 34.56 19.38 -20.95
C PHE A 109 35.03 18.14 -21.70
N VAL A 110 34.53 17.99 -22.91
CA VAL A 110 34.94 16.94 -23.83
C VAL A 110 35.36 17.60 -25.14
N VAL A 111 36.63 17.42 -25.50
CA VAL A 111 37.19 18.01 -26.70
C VAL A 111 37.27 16.94 -27.79
N ARG A 112 36.71 17.24 -28.95
CA ARG A 112 36.79 16.34 -30.10
C ARG A 112 38.14 16.55 -30.76
N ILE A 113 39.01 15.54 -30.66
CA ILE A 113 40.31 15.60 -31.32
C ILE A 113 40.08 15.60 -32.81
N GLY A 114 40.82 16.47 -33.52
CA GLY A 114 40.47 16.96 -34.85
C GLY A 114 39.96 15.98 -35.88
N ALA A 115 38.70 16.15 -36.24
CA ALA A 115 38.05 15.36 -37.28
C ALA A 115 38.37 15.98 -38.63
N ASN A 116 37.65 15.53 -39.67
CA ASN A 116 37.74 15.95 -41.08
C ASN A 116 39.17 16.13 -41.58
N SER A 117 40.08 15.27 -41.12
CA SER A 117 41.49 15.42 -41.43
C SER A 117 41.84 14.91 -42.82
N ASN A 118 41.09 13.95 -43.34
CA ASN A 118 41.44 13.34 -44.61
C ASN A 118 41.09 14.22 -45.80
N ILE A 119 39.99 14.97 -45.72
CA ILE A 119 39.58 15.80 -46.84
C ILE A 119 40.52 16.99 -46.98
N THR A 120 40.54 17.56 -48.18
CA THR A 120 41.39 18.71 -48.45
C THR A 120 40.78 19.98 -47.87
N GLY A 121 41.59 21.01 -47.81
CA GLY A 121 41.16 22.28 -47.27
C GLY A 121 42.08 23.39 -47.68
N SER A 122 42.08 24.46 -46.89
CA SER A 122 42.89 25.65 -47.12
C SER A 122 43.82 25.88 -45.94
N SER A 123 44.62 26.93 -46.06
CA SER A 123 45.50 27.36 -44.99
C SER A 123 44.88 28.55 -44.27
N VAL A 124 45.08 28.62 -42.96
CA VAL A 124 44.51 29.72 -42.19
C VAL A 124 45.25 31.03 -42.51
N VAL A 125 46.57 30.95 -42.69
CA VAL A 125 47.34 32.13 -43.02
C VAL A 125 47.46 32.36 -44.53
N GLY A 126 47.38 31.29 -45.33
CA GLY A 126 47.56 31.44 -46.76
C GLY A 126 46.26 31.46 -47.53
N SER A 127 46.36 31.92 -48.78
CA SER A 127 45.26 31.78 -49.73
C SER A 127 45.32 30.47 -50.50
N ALA A 128 46.40 29.71 -50.33
CA ALA A 128 46.56 28.44 -51.03
C ALA A 128 45.76 27.35 -50.33
N ASN A 129 45.76 26.17 -50.94
CA ASN A 129 44.99 25.03 -50.46
C ASN A 129 45.90 23.84 -50.22
N ALA A 130 45.67 23.15 -49.10
CA ALA A 130 46.44 21.97 -48.75
C ALA A 130 45.59 21.07 -47.86
N THR A 131 46.01 19.81 -47.76
CA THR A 131 45.26 18.83 -46.97
C THR A 131 45.55 19.00 -45.49
N VAL A 132 44.50 18.94 -44.68
CA VAL A 132 44.62 19.10 -43.23
C VAL A 132 45.18 17.83 -42.60
N LYS A 133 45.55 17.92 -41.32
CA LYS A 133 46.12 16.79 -40.60
C LYS A 133 45.73 16.92 -39.14
N LYS A 134 45.45 15.79 -38.50
CA LYS A 134 45.07 15.77 -37.09
C LYS A 134 46.21 16.29 -36.21
N ILE A 135 45.88 17.19 -35.29
CA ILE A 135 46.88 17.82 -34.44
C ILE A 135 46.36 17.83 -33.00
N TYR A 136 47.18 17.39 -32.07
CA TYR A 136 46.79 17.37 -30.66
C TYR A 136 46.97 18.76 -30.07
N PRO A 137 45.95 19.32 -29.42
CA PRO A 137 46.08 20.64 -28.81
C PRO A 137 46.87 20.58 -27.50
N ALA A 138 47.24 21.76 -27.04
CA ALA A 138 47.87 21.94 -25.74
C ALA A 138 46.92 22.71 -24.84
N LEU A 139 46.55 22.11 -23.71
CA LEU A 139 45.55 22.69 -22.82
C LEU A 139 46.19 23.13 -21.52
N MET A 140 45.81 24.32 -21.05
CA MET A 140 46.24 24.87 -19.77
C MET A 140 45.04 24.89 -18.84
N LEU A 141 45.19 24.28 -17.67
CA LEU A 141 44.11 24.22 -16.69
C LEU A 141 44.64 24.66 -15.33
N GLY A 142 44.01 25.66 -14.73
CA GLY A 142 44.42 26.17 -13.44
C GLY A 142 43.23 26.44 -12.56
N SER A 143 43.52 26.89 -11.34
CA SER A 143 42.49 27.14 -10.34
C SER A 143 42.10 28.61 -10.25
N VAL A 144 43.08 29.51 -10.18
CA VAL A 144 42.83 30.93 -10.04
C VAL A 144 43.54 31.67 -11.17
N VAL A 145 42.82 32.60 -11.80
CA VAL A 145 43.36 33.39 -12.89
C VAL A 145 43.56 34.82 -12.41
N GLY A 146 44.39 35.55 -13.14
CA GLY A 146 44.67 36.93 -12.81
C GLY A 146 45.00 37.76 -14.03
N LYS A 147 45.69 38.87 -13.83
CA LYS A 147 46.09 39.75 -14.91
C LYS A 147 47.60 39.81 -14.99
N PHE A 148 48.12 39.93 -16.21
CA PHE A 148 49.54 40.15 -16.42
C PHE A 148 49.91 41.56 -15.98
N PRO A 149 51.20 41.82 -15.73
CA PRO A 149 51.63 43.21 -15.51
C PRO A 149 51.40 44.12 -16.70
N SER A 150 51.26 43.56 -17.90
CA SER A 150 50.93 44.31 -19.11
C SER A 150 49.43 44.47 -19.31
N ASN A 151 48.63 44.27 -18.24
CA ASN A 151 47.17 44.40 -18.27
C ASN A 151 46.51 43.47 -19.27
N LYS A 152 47.08 42.29 -19.47
CA LYS A 152 46.48 41.26 -20.32
C LYS A 152 45.87 40.17 -19.45
N THR A 153 45.22 39.21 -20.11
CA THR A 153 44.52 38.13 -19.43
C THR A 153 45.12 36.78 -19.83
N GLY A 154 45.21 35.88 -18.87
CA GLY A 154 45.73 34.55 -19.14
C GLY A 154 46.84 34.10 -18.22
N ARG A 155 46.97 34.73 -17.06
CA ARG A 155 47.96 34.35 -16.06
C ARG A 155 47.31 33.53 -14.96
N TYR A 156 47.94 32.42 -14.59
CA TYR A 156 47.45 31.54 -13.54
C TYR A 156 48.38 31.64 -12.35
N PHE A 157 47.82 31.92 -11.17
CA PHE A 157 48.61 32.37 -10.03
C PHE A 157 49.00 31.26 -9.07
N ASN A 158 48.67 30.01 -9.37
CA ASN A 158 49.02 28.89 -8.50
C ASN A 158 49.28 27.68 -9.39
N HIS A 159 49.21 26.49 -8.80
CA HIS A 159 49.52 25.26 -9.53
C HIS A 159 48.57 25.06 -10.70
N THR A 160 49.14 24.85 -11.88
CA THR A 160 48.38 24.61 -13.10
C THR A 160 48.66 23.22 -13.62
N LEU A 161 47.65 22.60 -14.22
CA LEU A 161 47.83 21.35 -14.93
C LEU A 161 47.85 21.66 -16.42
N VAL A 162 48.95 21.31 -17.08
CA VAL A 162 49.11 21.55 -18.52
C VAL A 162 49.28 20.21 -19.22
N ILE A 163 48.56 20.03 -20.32
CA ILE A 163 48.64 18.84 -21.14
C ILE A 163 49.33 19.21 -22.44
N LEU A 164 50.46 18.57 -22.72
CA LEU A 164 51.29 18.92 -23.86
C LEU A 164 51.53 17.69 -24.72
N PRO A 165 51.29 17.76 -26.02
CA PRO A 165 51.75 16.71 -26.93
C PRO A 165 53.18 16.97 -27.38
N GLU A 166 53.97 15.90 -27.41
CA GLU A 166 55.39 16.00 -27.70
C GLU A 166 55.80 14.92 -28.69
N LYS A 167 56.94 15.17 -29.34
CA LYS A 167 57.59 14.24 -30.28
C LYS A 167 56.66 13.86 -31.43
N CYS A 168 56.26 14.88 -32.19
CA CYS A 168 55.42 14.74 -33.38
C CYS A 168 54.09 14.04 -33.07
N GLY A 169 53.50 14.39 -31.92
CA GLY A 169 52.23 13.81 -31.55
C GLY A 169 52.28 12.35 -31.14
N THR A 170 53.41 11.89 -30.59
CA THR A 170 53.54 10.53 -30.13
C THR A 170 53.58 10.38 -28.62
N GLN A 171 53.83 11.47 -27.88
CA GLN A 171 53.80 11.43 -26.43
C GLN A 171 52.89 12.52 -25.92
N ILE A 172 52.08 12.18 -24.91
CA ILE A 172 51.23 13.13 -24.22
C ILE A 172 51.72 13.22 -22.78
N THR A 173 52.15 14.41 -22.37
CA THR A 173 52.62 14.63 -21.03
C THR A 173 51.67 15.54 -20.26
N ALA A 174 51.72 15.44 -18.94
CA ALA A 174 50.85 16.23 -18.06
C ALA A 174 51.68 16.74 -16.90
N LEU A 175 51.96 18.04 -16.89
CA LEU A 175 52.76 18.66 -15.85
C LEU A 175 51.85 19.43 -14.89
N TYR A 176 52.04 19.20 -13.60
CA TYR A 176 51.33 19.95 -12.56
C TYR A 176 52.39 20.76 -11.84
N CYS A 177 52.69 21.95 -12.38
CA CYS A 177 53.80 22.76 -11.91
C CYS A 177 53.34 24.20 -11.78
N VAL A 178 54.03 24.95 -10.93
CA VAL A 178 53.74 26.38 -10.80
C VAL A 178 54.34 27.12 -11.98
N LEU A 179 53.52 27.93 -12.65
CA LEU A 179 53.92 28.61 -13.86
C LEU A 179 54.29 30.04 -13.52
N GLN A 180 55.59 30.34 -13.56
CA GLN A 180 56.05 31.68 -13.23
C GLN A 180 56.39 32.47 -14.49
N PRO A 181 55.97 33.73 -14.56
CA PRO A 181 56.31 34.56 -15.72
C PRO A 181 57.79 34.92 -15.72
N LYS A 182 58.37 34.97 -16.91
CA LYS A 182 59.75 35.42 -17.07
C LYS A 182 59.78 36.90 -17.41
N ASN A 183 60.95 37.51 -17.20
CA ASN A 183 61.15 38.93 -17.45
C ASN A 183 62.10 39.09 -18.63
N GLN A 184 61.54 39.02 -19.83
CA GLN A 184 62.26 39.28 -21.08
C GLN A 184 61.31 40.02 -22.01
N THR A 185 61.89 40.69 -23.01
CA THR A 185 61.12 41.56 -23.89
C THR A 185 60.14 40.76 -24.72
N ASN A 186 58.85 41.12 -24.64
CA ASN A 186 57.73 40.40 -25.27
C ASN A 186 57.69 38.93 -24.84
N CYS A 187 58.13 38.64 -23.62
CA CYS A 187 58.25 37.27 -23.14
C CYS A 187 57.70 37.16 -21.72
N THR A 188 56.47 37.65 -21.55
CA THR A 188 55.59 37.59 -20.37
C THR A 188 56.06 38.60 -19.31
N GLY A 189 57.10 39.38 -19.59
CA GLY A 189 57.55 40.42 -18.70
C GLY A 189 57.24 41.81 -19.23
N HIS A 190 57.54 42.81 -18.38
CA HIS A 190 57.35 44.24 -18.65
C HIS A 190 55.93 44.62 -19.07
N THR A 191 55.79 45.84 -19.58
CA THR A 191 54.50 46.37 -20.00
C THR A 191 54.15 46.04 -21.44
N THR A 192 55.06 45.43 -22.19
CA THR A 192 54.80 45.03 -23.56
C THR A 192 54.75 43.50 -23.62
N TYR A 193 53.61 42.98 -24.09
CA TYR A 193 53.39 41.54 -24.14
C TYR A 193 52.55 41.17 -25.34
N THR A 194 52.88 40.02 -25.92
CA THR A 194 52.06 39.36 -26.93
C THR A 194 51.98 37.89 -26.52
N SER A 195 50.87 37.24 -26.85
CA SER A 195 50.56 35.91 -26.33
C SER A 195 51.63 34.88 -26.68
N TYR A 196 51.90 34.00 -25.73
CA TYR A 196 52.88 32.95 -25.91
C TYR A 196 52.45 31.96 -26.98
N VAL A 197 53.44 31.42 -27.69
CA VAL A 197 53.22 30.43 -28.74
C VAL A 197 54.14 29.25 -28.48
N LEU A 198 53.60 28.05 -28.58
CA LEU A 198 54.39 26.83 -28.52
C LEU A 198 54.77 26.42 -29.93
N VAL A 199 56.07 26.38 -30.21
CA VAL A 199 56.59 26.20 -31.56
C VAL A 199 57.48 24.97 -31.60
N GLU A 200 57.38 24.22 -32.69
CA GLU A 200 58.19 23.02 -32.89
C GLU A 200 58.43 22.79 -34.37
N ASN A 201 59.47 22.04 -34.67
CA ASN A 201 59.80 21.67 -36.03
C ASN A 201 58.83 20.60 -36.54
N LYS A 202 58.67 20.53 -37.85
CA LYS A 202 57.79 19.54 -38.45
C LYS A 202 58.49 18.19 -38.56
N ASN A 211 60.96 19.04 -27.92
CA ASN A 211 59.96 19.02 -26.86
C ASN A 211 59.38 20.41 -26.65
N LEU A 212 58.05 20.47 -26.48
CA LEU A 212 57.37 21.72 -26.22
C LEU A 212 57.60 22.23 -24.79
N LYS A 213 58.13 21.37 -23.91
CA LYS A 213 58.49 21.81 -22.57
C LYS A 213 59.62 22.84 -22.62
N GLN A 214 60.51 22.74 -23.62
CA GLN A 214 61.52 23.77 -23.81
C GLN A 214 60.89 25.09 -24.23
N SER A 215 59.82 25.04 -25.04
CA SER A 215 59.09 26.26 -25.37
C SER A 215 58.41 26.84 -24.13
N LEU A 216 57.87 25.97 -23.26
CA LEU A 216 57.30 26.46 -22.00
C LEU A 216 58.35 27.12 -21.12
N GLN A 217 59.52 26.50 -20.98
CA GLN A 217 60.59 27.10 -20.20
C GLN A 217 61.16 28.35 -20.85
N THR A 218 60.97 28.51 -22.17
CA THR A 218 61.30 29.77 -22.81
C THR A 218 60.28 30.85 -22.45
N TRP A 219 59.00 30.50 -22.49
CA TRP A 219 57.93 31.47 -22.23
C TRP A 219 57.57 31.62 -20.76
N PHE A 220 58.00 30.70 -19.90
CA PHE A 220 57.63 30.71 -18.49
C PHE A 220 58.79 30.17 -17.67
N ASP A 221 58.62 30.18 -16.34
CA ASP A 221 59.58 29.58 -15.42
C ASP A 221 58.86 28.50 -14.65
N LEU A 222 59.36 27.27 -14.72
CA LEU A 222 58.75 26.12 -14.08
C LEU A 222 59.50 25.82 -12.79
N LYS A 223 58.77 25.85 -11.66
CA LYS A 223 59.33 25.40 -10.39
C LYS A 223 58.21 24.80 -9.57
N ASP A 224 58.60 23.95 -8.62
CA ASP A 224 57.69 23.14 -7.80
C ASP A 224 56.79 22.28 -8.69
N CYS A 225 57.43 21.42 -9.48
CA CYS A 225 56.71 20.47 -10.32
C CYS A 225 56.34 19.27 -9.46
N LEU A 226 55.06 19.14 -9.13
CA LEU A 226 54.63 18.10 -8.20
C LEU A 226 54.74 16.71 -8.82
N PHE A 227 54.34 16.58 -10.08
CA PHE A 227 54.41 15.31 -10.79
C PHE A 227 54.30 15.57 -12.28
N GLU A 228 54.95 14.72 -13.06
CA GLU A 228 54.84 14.75 -14.51
C GLU A 228 54.67 13.31 -14.99
N LYS A 229 53.65 13.07 -15.81
CA LYS A 229 53.32 11.74 -16.29
C LYS A 229 53.37 11.71 -17.81
N LYS A 230 53.92 10.64 -18.37
CA LYS A 230 53.97 10.45 -19.81
C LYS A 230 53.05 9.31 -20.23
N TYR A 231 52.49 9.45 -21.43
CA TYR A 231 51.68 8.41 -22.04
C TYR A 231 52.12 8.24 -23.48
N ASN A 232 51.93 7.04 -24.01
CA ASN A 232 52.33 6.72 -25.37
C ASN A 232 51.09 6.66 -26.26
N VAL A 233 51.12 7.43 -27.35
CA VAL A 233 50.10 7.39 -28.39
C VAL A 233 50.81 7.19 -29.72
N SER A 234 50.05 6.78 -30.72
CA SER A 234 50.57 6.56 -32.06
C SER A 234 49.99 7.60 -33.01
N ALA A 235 50.83 8.15 -33.88
CA ALA A 235 50.38 9.16 -34.83
C ALA A 235 49.56 8.49 -35.92
N ASP A 236 48.31 8.91 -36.05
CA ASP A 236 47.41 8.34 -37.05
C ASP A 236 46.36 9.38 -37.41
N GLU A 237 45.92 9.36 -38.66
CA GLU A 237 44.95 10.34 -39.14
C GLU A 237 43.52 10.00 -38.76
N ARG A 238 43.28 8.85 -38.15
CA ARG A 238 41.97 8.54 -37.60
C ARG A 238 41.67 9.47 -36.42
N GLU A 239 40.46 10.00 -36.40
CA GLU A 239 40.05 10.91 -35.34
C GLU A 239 39.79 10.14 -34.05
N GLU A 240 39.91 10.84 -32.92
CA GLU A 240 39.66 10.26 -31.60
C GLU A 240 39.00 11.31 -30.73
N TRP A 241 38.91 11.04 -29.43
CA TRP A 241 38.23 11.93 -28.50
C TRP A 241 39.07 12.08 -27.24
N PHE A 242 38.72 13.09 -26.45
CA PHE A 242 39.44 13.42 -25.23
C PHE A 242 38.49 14.20 -24.32
N GLY A 243 38.56 13.92 -23.02
CA GLY A 243 37.72 14.63 -22.08
C GLY A 243 38.25 14.67 -20.66
N ILE A 244 38.01 15.78 -19.98
CA ILE A 244 38.46 15.98 -18.60
C ILE A 244 37.25 16.21 -17.73
N THR A 245 37.08 15.39 -16.70
CA THR A 245 36.09 15.61 -15.66
C THR A 245 36.80 15.62 -14.32
N GLN A 246 36.14 16.20 -13.32
CA GLN A 246 36.70 16.25 -11.97
C GLN A 246 35.69 15.68 -10.99
N ASP A 247 36.18 14.90 -10.03
CA ASP A 247 35.35 14.27 -9.02
C ASP A 247 36.06 14.44 -7.67
N GLN A 248 35.55 13.75 -6.65
CA GLN A 248 36.20 13.79 -5.35
C GLN A 248 37.52 13.02 -5.37
N GLN A 249 37.66 12.06 -6.27
CA GLN A 249 38.88 11.27 -6.37
C GLN A 249 40.00 12.00 -7.10
N GLY A 250 39.73 13.16 -7.67
CA GLY A 250 40.76 13.89 -8.40
C GLY A 250 40.33 14.26 -9.80
N VAL A 251 41.29 14.41 -10.69
CA VAL A 251 41.03 14.75 -12.08
C VAL A 251 41.08 13.47 -12.89
N HIS A 252 40.02 13.20 -13.64
CA HIS A 252 39.94 12.03 -14.50
C HIS A 252 40.10 12.45 -15.95
N LEU A 253 41.02 11.80 -16.66
CA LEU A 253 41.20 12.02 -18.09
C LEU A 253 40.60 10.84 -18.84
N TYR A 254 39.85 11.14 -19.90
CA TYR A 254 39.23 10.12 -20.74
C TYR A 254 39.79 10.23 -22.14
N THR A 255 40.04 9.08 -22.77
CA THR A 255 40.50 9.05 -24.16
C THR A 255 39.83 7.90 -24.88
N SER A 256 39.86 7.96 -26.21
CA SER A 256 39.23 6.95 -27.04
C SER A 256 40.19 5.86 -27.50
N ARG A 257 41.50 6.03 -27.29
CA ARG A 257 42.46 5.08 -27.81
C ARG A 257 42.50 3.80 -26.98
N LYS A 258 42.35 3.91 -25.66
CA LYS A 258 42.50 2.76 -24.80
C LYS A 258 41.27 1.85 -24.90
N ASN A 259 41.38 0.70 -24.23
CA ASN A 259 40.31 -0.30 -24.11
C ASN A 259 39.87 -0.84 -25.47
N GLY A 260 40.80 -0.88 -26.42
CA GLY A 260 40.46 -1.20 -27.80
C GLY A 260 39.99 0.04 -28.54
N PHE A 261 40.54 0.28 -29.73
CA PHE A 261 40.22 1.47 -30.51
C PHE A 261 39.36 1.04 -31.69
N LYS A 262 38.04 1.13 -31.52
CA LYS A 262 37.10 0.83 -32.60
C LYS A 262 35.99 1.86 -32.75
N SER A 263 35.66 2.64 -31.73
CA SER A 263 34.56 3.59 -31.84
C SER A 263 34.97 4.97 -31.34
N ASN A 264 34.00 5.89 -31.29
CA ASN A 264 34.21 7.23 -30.78
C ASN A 264 33.85 7.35 -29.31
N ASN A 265 33.87 6.24 -28.57
CA ASN A 265 33.62 6.26 -27.14
C ASN A 265 34.93 6.47 -26.40
N MET A 266 34.83 7.07 -25.22
CA MET A 266 35.98 7.49 -24.45
C MET A 266 35.98 6.79 -23.10
N PHE A 267 37.17 6.33 -22.67
CA PHE A 267 37.29 5.46 -21.51
C PHE A 267 38.34 6.02 -20.57
N LEU A 268 38.18 5.73 -19.28
CA LEU A 268 39.09 6.24 -18.27
C LEU A 268 40.46 5.57 -18.40
N PHE A 269 41.50 6.39 -18.45
CA PHE A 269 42.86 5.87 -18.57
C PHE A 269 43.87 6.52 -17.64
N ALA A 270 43.52 7.60 -16.95
CA ALA A 270 44.43 8.25 -16.03
C ALA A 270 43.64 8.99 -14.98
N THR A 271 44.13 8.97 -13.74
CA THR A 271 43.51 9.66 -12.61
C THR A 271 44.60 10.51 -11.96
N LEU A 272 44.71 11.75 -12.39
CA LEU A 272 45.73 12.64 -11.87
C LEU A 272 45.40 13.02 -10.43
N PRO A 273 46.35 12.93 -9.50
CA PRO A 273 46.07 13.28 -8.10
C PRO A 273 46.07 14.78 -7.86
N ILE A 274 45.14 15.48 -8.49
CA ILE A 274 44.95 16.91 -8.31
C ILE A 274 43.65 17.10 -7.56
N TYR A 275 43.74 17.70 -6.37
CA TYR A 275 42.58 17.85 -5.50
C TYR A 275 42.08 19.28 -5.41
N GLU A 276 42.85 20.26 -5.87
CA GLU A 276 42.33 21.61 -5.99
C GLU A 276 41.28 21.66 -7.08
N ARG A 277 40.22 22.42 -6.86
CA ARG A 277 39.13 22.49 -7.81
C ARG A 277 39.55 23.34 -9.01
N LEU A 278 39.62 22.71 -10.18
CA LEU A 278 39.97 23.42 -11.40
C LEU A 278 38.74 24.14 -11.93
N ARG A 279 38.81 25.47 -12.01
CA ARG A 279 37.66 26.28 -12.41
C ARG A 279 37.82 26.94 -13.77
N TYR A 280 39.04 27.02 -14.30
CA TYR A 280 39.27 27.69 -15.57
C TYR A 280 40.17 26.84 -16.45
N TYR A 281 39.98 26.95 -17.75
CA TYR A 281 40.87 26.32 -18.72
C TYR A 281 41.04 27.24 -19.92
N THR A 282 42.15 27.06 -20.62
CA THR A 282 42.41 27.82 -21.84
C THR A 282 43.20 26.95 -22.79
N VAL A 283 43.20 27.32 -24.06
CA VAL A 283 43.84 26.56 -25.11
C VAL A 283 45.09 27.31 -25.53
N MET A 284 46.25 26.74 -25.23
CA MET A 284 47.51 27.41 -25.52
C MET A 284 47.80 27.35 -27.01
N PRO A 285 48.14 28.48 -27.64
CA PRO A 285 48.34 28.47 -29.10
C PRO A 285 49.59 27.71 -29.51
N ARG A 286 49.52 27.12 -30.71
CA ARG A 286 50.59 26.30 -31.25
C ARG A 286 50.77 26.62 -32.73
N SER A 287 52.00 26.47 -33.20
CA SER A 287 52.31 26.68 -34.61
C SER A 287 53.56 25.90 -34.96
N ILE A 288 53.68 25.55 -36.24
CA ILE A 288 54.77 24.72 -36.74
C ILE A 288 55.44 25.45 -37.89
N LYS A 289 56.78 25.48 -37.88
CA LYS A 289 57.54 26.10 -38.96
C LYS A 289 57.77 25.08 -40.07
N THR A 290 57.42 25.47 -41.29
CA THR A 290 57.63 24.62 -42.46
C THR A 290 58.42 25.37 -43.53
N ASN A 294 56.46 28.68 -49.52
CA ASN A 294 57.03 27.56 -50.24
C ASN A 294 56.15 26.32 -50.13
N ASP A 295 56.11 25.76 -48.93
CA ASP A 295 55.32 24.55 -48.66
C ASP A 295 54.03 24.93 -47.95
N HIS A 296 52.92 24.35 -48.41
CA HIS A 296 51.61 24.59 -47.83
C HIS A 296 51.12 23.32 -47.16
N MET A 297 50.67 23.44 -45.92
CA MET A 297 50.36 22.31 -45.06
C MET A 297 49.39 22.79 -43.99
N ALA A 298 48.23 22.17 -43.91
CA ALA A 298 47.19 22.64 -43.01
C ALA A 298 46.96 21.62 -41.90
N TRP A 299 46.28 22.07 -40.85
CA TRP A 299 45.97 21.23 -39.70
C TRP A 299 44.49 21.41 -39.34
N SER A 300 43.85 20.29 -39.00
CA SER A 300 42.40 20.27 -38.84
C SER A 300 41.98 20.97 -37.54
N ALA A 301 40.69 21.21 -37.44
CA ALA A 301 40.10 21.90 -36.30
C ALA A 301 39.65 20.91 -35.25
N PHE A 302 39.85 21.28 -33.99
CA PHE A 302 39.35 20.51 -32.85
C PHE A 302 38.31 21.33 -32.12
N TYR A 303 37.25 20.67 -31.67
CA TYR A 303 36.10 21.33 -31.08
C TYR A 303 35.99 20.95 -29.61
N ILE A 304 35.79 21.96 -28.76
CA ILE A 304 35.64 21.75 -27.33
C ILE A 304 34.18 21.88 -26.98
N TYR A 305 33.62 20.83 -26.38
CA TYR A 305 32.24 20.82 -25.93
C TYR A 305 32.23 20.75 -24.41
N GLN A 306 31.34 21.50 -23.79
CA GLN A 306 31.31 21.64 -22.34
C GLN A 306 30.16 20.84 -21.76
N LEU A 307 30.45 20.07 -20.71
CA LEU A 307 29.49 19.13 -20.14
C LEU A 307 28.49 19.83 -19.23
N HIS A 308 27.41 19.12 -18.93
CA HIS A 308 26.43 19.52 -17.93
C HIS A 308 26.02 18.27 -17.18
N LYS A 309 24.93 18.36 -16.41
CA LYS A 309 24.39 17.24 -15.66
C LYS A 309 23.03 16.89 -16.26
N LEU A 310 23.03 15.94 -17.19
CA LEU A 310 21.81 15.46 -17.82
C LEU A 310 21.64 13.97 -17.56
N ASN A 311 20.56 13.42 -18.10
CA ASN A 311 20.34 11.99 -18.18
C ASN A 311 20.27 11.59 -19.65
N TYR A 312 20.67 10.36 -19.94
CA TYR A 312 20.75 9.88 -21.31
C TYR A 312 20.17 8.47 -21.40
N LEU A 313 19.97 8.01 -22.62
CA LEU A 313 19.42 6.69 -22.91
C LEU A 313 20.30 6.05 -23.98
N VAL A 314 21.32 5.33 -23.55
CA VAL A 314 22.28 4.75 -24.48
C VAL A 314 21.84 3.33 -24.84
N GLU A 315 22.30 2.87 -26.01
CA GLU A 315 22.06 1.51 -26.48
C GLU A 315 23.40 0.84 -26.75
N PHE A 316 23.57 -0.36 -26.22
CA PHE A 316 24.81 -1.10 -26.38
C PHE A 316 24.63 -2.20 -27.43
N ASP A 317 25.71 -2.48 -28.14
CA ASP A 317 25.72 -3.52 -29.15
C ASP A 317 26.17 -4.84 -28.50
N VAL A 318 26.48 -5.84 -29.33
CA VAL A 318 26.96 -7.11 -28.81
C VAL A 318 28.34 -6.98 -28.19
N GLU A 319 29.17 -6.08 -28.73
CA GLU A 319 30.41 -5.73 -28.06
C GLU A 319 30.13 -4.67 -27.00
N GLY A 320 31.16 -4.29 -26.25
CA GLY A 320 30.95 -3.23 -25.29
C GLY A 320 31.23 -1.88 -25.91
N TYR A 321 30.19 -1.23 -26.43
CA TYR A 321 30.28 0.05 -27.10
C TYR A 321 28.89 0.67 -27.10
N ILE A 322 28.84 1.96 -27.37
CA ILE A 322 27.59 2.70 -27.43
C ILE A 322 27.37 3.15 -28.86
N VAL A 323 26.24 2.76 -29.43
CA VAL A 323 25.95 3.07 -30.83
C VAL A 323 25.14 4.36 -30.90
N ARG A 324 23.95 4.37 -30.30
CA ARG A 324 23.08 5.53 -30.36
C ARG A 324 22.62 5.91 -28.96
N ALA A 325 22.24 7.17 -28.82
CA ALA A 325 21.81 7.69 -27.53
C ALA A 325 20.83 8.83 -27.74
N SER A 326 20.00 9.08 -26.73
CA SER A 326 19.03 10.15 -26.75
C SER A 326 19.25 11.06 -25.54
N ASP A 327 19.14 12.37 -25.75
CA ASP A 327 19.29 13.34 -24.68
C ASP A 327 17.94 13.63 -24.06
N CYS A 328 17.79 13.27 -22.78
CA CYS A 328 16.53 13.44 -22.06
C CYS A 328 16.38 14.91 -21.72
N GLY A 329 15.83 15.68 -22.65
CA GLY A 329 15.61 17.09 -22.40
C GLY A 329 15.84 17.99 -23.59
N ALA A 330 16.34 17.43 -24.70
CA ALA A 330 16.50 18.22 -25.92
C ALA A 330 15.15 18.67 -26.47
N ASN A 331 14.17 17.77 -26.48
CA ASN A 331 12.81 18.11 -26.87
C ASN A 331 11.87 17.15 -26.13
N ASP A 332 10.57 17.41 -26.26
CA ASP A 332 9.58 16.68 -25.48
C ASP A 332 9.45 15.22 -25.92
N TYR A 333 9.69 14.93 -27.20
CA TYR A 333 9.64 13.55 -27.64
C TYR A 333 10.78 12.73 -27.04
N THR A 334 11.96 13.35 -26.89
CA THR A 334 13.04 12.68 -26.17
C THR A 334 12.69 12.49 -24.70
N GLN A 335 11.94 13.43 -24.12
CA GLN A 335 11.44 13.25 -22.77
C GLN A 335 10.51 12.05 -22.67
N LEU A 336 9.65 11.86 -23.68
CA LEU A 336 8.84 10.64 -23.78
C LEU A 336 9.72 9.40 -23.82
N GLN A 337 10.74 9.44 -24.68
CA GLN A 337 11.63 8.30 -24.90
C GLN A 337 12.33 7.90 -23.60
N CYS A 338 12.80 8.89 -22.84
CA CYS A 338 13.49 8.60 -21.59
C CYS A 338 12.52 8.26 -20.46
N SER A 339 11.30 8.80 -20.50
CA SER A 339 10.30 8.43 -19.51
C SER A 339 9.88 6.98 -19.66
N TYR A 340 9.78 6.50 -20.89
CA TYR A 340 9.44 5.10 -21.10
C TYR A 340 10.65 4.19 -21.16
N GLY A 341 11.84 4.73 -21.39
CA GLY A 341 13.05 3.92 -21.40
C GLY A 341 13.13 2.93 -22.53
N GLN A 342 12.66 3.29 -23.72
CA GLN A 342 12.67 2.41 -24.88
C GLN A 342 12.78 3.26 -26.13
N PHE A 343 13.62 2.86 -27.07
CA PHE A 343 13.84 3.68 -28.26
C PHE A 343 12.61 3.69 -29.17
N ASP A 344 11.98 2.55 -29.38
CA ASP A 344 10.84 2.46 -30.28
C ASP A 344 9.55 2.75 -29.53
N MET A 345 8.77 3.69 -30.06
CA MET A 345 7.51 4.13 -29.46
C MET A 345 6.37 3.87 -30.43
N ASN A 346 5.30 3.26 -29.93
CA ASN A 346 4.11 3.07 -30.76
C ASN A 346 3.46 4.42 -31.04
N SER A 347 2.83 4.51 -32.21
CA SER A 347 2.20 5.75 -32.63
C SER A 347 0.98 6.04 -31.78
N GLY A 348 0.90 7.27 -31.26
CA GLY A 348 -0.22 7.65 -30.43
C GLY A 348 0.03 8.97 -29.73
N VAL A 349 -1.02 9.58 -29.20
CA VAL A 349 -0.91 10.84 -28.47
C VAL A 349 -0.64 10.53 -27.01
N TYR A 350 0.39 11.16 -26.45
CA TYR A 350 0.78 10.93 -25.06
C TYR A 350 0.50 12.17 -24.23
N SER A 351 0.78 12.06 -22.94
CA SER A 351 0.77 13.20 -22.02
C SER A 351 1.91 12.97 -21.04
N ALA A 352 3.09 13.49 -21.36
CA ALA A 352 4.26 13.33 -20.51
C ALA A 352 4.86 14.69 -20.18
N SER A 353 5.29 14.82 -18.92
CA SER A 353 5.98 15.97 -18.34
C SER A 353 5.14 17.23 -18.27
N TYR A 354 5.53 18.13 -17.38
CA TYR A 354 4.95 19.44 -17.22
C TYR A 354 6.11 20.41 -17.15
N PHE A 355 5.92 21.63 -17.65
CA PHE A 355 6.92 22.67 -17.44
C PHE A 355 6.39 23.69 -16.45
N ASN A 356 7.03 23.76 -15.29
CA ASN A 356 6.73 24.77 -14.29
C ASN A 356 7.74 25.90 -14.43
N ALA A 357 7.23 27.13 -14.46
CA ALA A 357 8.07 28.28 -14.77
C ALA A 357 9.11 28.53 -13.68
N GLN A 358 10.26 29.04 -14.09
CA GLN A 358 11.29 29.30 -13.10
C GLN A 358 11.15 30.73 -12.57
N PRO A 359 11.32 30.92 -11.27
CA PRO A 359 11.11 32.25 -10.68
C PRO A 359 12.17 33.24 -11.11
N ARG A 360 11.78 34.51 -11.15
CA ARG A 360 12.67 35.59 -11.50
C ARG A 360 12.50 36.72 -10.48
N GLY A 361 13.60 37.39 -10.18
CA GLY A 361 13.56 38.47 -9.22
C GLY A 361 13.51 37.99 -7.79
N TYR A 362 13.26 38.93 -6.90
CA TYR A 362 13.29 38.69 -5.46
C TYR A 362 12.39 39.70 -4.78
N TYR A 363 11.91 39.33 -3.59
CA TYR A 363 11.14 40.24 -2.76
C TYR A 363 11.54 40.04 -1.30
N TYR A 364 11.46 41.11 -0.52
CA TYR A 364 12.00 41.12 0.82
C TYR A 364 11.37 42.27 1.60
N VAL A 365 10.60 41.95 2.64
CA VAL A 365 10.03 43.01 3.48
C VAL A 365 10.81 43.06 4.78
N ALA A 366 10.67 41.99 5.60
CA ALA A 366 11.41 41.78 6.84
C ALA A 366 11.43 43.04 7.72
N ASN A 367 10.24 43.37 8.25
CA ASN A 367 10.07 44.58 9.05
C ASN A 367 11.02 44.59 10.23
N GLU A 368 11.68 45.72 10.44
CA GLU A 368 12.83 45.80 11.34
C GLU A 368 12.42 45.56 12.78
N LEU A 369 13.32 44.95 13.55
CA LEU A 369 13.05 44.53 14.91
C LEU A 369 14.18 45.05 15.80
N GLU A 370 14.05 44.77 17.10
CA GLU A 370 15.09 45.13 18.05
C GLU A 370 16.11 44.01 18.15
N GLU A 371 17.05 44.12 19.08
CA GLU A 371 18.08 43.12 19.29
C GLU A 371 17.77 42.32 20.55
N CYS A 372 18.06 41.02 20.51
CA CYS A 372 17.81 40.17 21.66
C CYS A 372 18.78 40.48 22.78
N ALA A 373 18.24 40.58 24.00
CA ALA A 373 19.07 40.79 25.19
C ALA A 373 19.55 39.44 25.71
N LEU A 374 20.40 38.80 24.90
CA LEU A 374 20.94 37.50 25.26
C LEU A 374 22.16 37.60 26.16
N ASP A 375 22.59 38.81 26.51
CA ASP A 375 23.69 38.98 27.46
C ASP A 375 23.30 38.48 28.85
N VAL A 376 21.99 38.40 29.15
CA VAL A 376 21.54 37.83 30.40
C VAL A 376 21.81 36.32 30.44
N LEU A 377 22.06 35.69 29.29
CA LEU A 377 22.55 34.31 29.31
C LEU A 377 23.93 34.21 29.92
N PHE A 378 24.71 35.29 29.90
CA PHE A 378 26.04 35.31 30.51
C PHE A 378 26.17 36.41 31.56
N LYS A 379 25.06 36.98 32.02
CA LYS A 379 25.13 38.02 33.05
C LYS A 379 24.82 37.44 34.42
N ASN A 380 25.28 38.16 35.45
CA ASN A 380 25.10 37.84 36.86
C ASN A 380 25.70 36.46 37.14
N ILE A 381 25.10 35.70 38.05
CA ILE A 381 25.57 34.36 38.37
C ILE A 381 24.80 33.35 37.56
N ALA A 382 25.41 32.19 37.34
CA ALA A 382 24.74 31.11 36.62
C ALA A 382 23.73 30.43 37.53
N PRO A 383 22.48 30.33 37.14
CA PRO A 383 21.47 29.70 37.99
C PRO A 383 21.69 28.20 38.12
N GLN A 384 21.29 27.66 39.25
CA GLN A 384 21.43 26.23 39.48
C GLN A 384 20.27 25.48 38.82
N ILE A 385 20.42 24.16 38.74
CA ILE A 385 19.42 23.31 38.10
C ILE A 385 18.12 23.29 38.89
N ALA A 386 18.20 23.36 40.22
CA ALA A 386 17.00 23.34 41.05
C ALA A 386 16.11 24.54 40.81
N ASN A 387 16.72 25.71 40.58
CA ASN A 387 16.00 26.95 40.30
C ASN A 387 16.63 27.57 39.06
N TYR A 388 16.19 27.13 37.88
CA TYR A 388 16.81 27.53 36.63
C TYR A 388 15.99 28.63 35.96
N SER A 389 16.68 29.55 35.31
CA SER A 389 16.03 30.69 34.70
C SER A 389 15.50 30.35 33.32
N ARG A 390 14.42 31.02 32.92
CA ARG A 390 13.79 30.82 31.62
C ARG A 390 13.48 32.19 31.04
N ARG A 391 13.79 32.37 29.75
CA ARG A 391 13.48 33.59 29.04
C ARG A 391 12.81 33.25 27.71
N VAL A 392 11.89 34.12 27.29
CA VAL A 392 11.15 33.95 26.04
C VAL A 392 11.42 35.18 25.19
N PHE A 393 11.91 34.96 23.97
CA PHE A 393 12.26 36.04 23.07
C PHE A 393 11.36 35.99 21.85
N THR A 394 10.56 37.03 21.66
CA THR A 394 9.70 37.18 20.49
C THR A 394 9.90 38.58 19.91
N ASN A 395 9.67 38.71 18.60
CA ASN A 395 9.87 39.94 17.84
C ASN A 395 11.28 40.47 18.03
N CYS A 396 12.26 39.67 17.57
CA CYS A 396 13.64 39.91 17.98
C CYS A 396 14.60 39.44 16.90
N ASN A 397 15.85 39.88 17.02
CA ASN A 397 16.94 39.48 16.14
C ASN A 397 18.18 39.22 17.01
N TYR A 398 19.08 38.38 16.50
CA TYR A 398 20.24 38.00 17.30
C TYR A 398 21.43 37.68 16.41
N ASN A 399 22.63 37.85 16.99
CA ASN A 399 23.90 37.63 16.31
C ASN A 399 24.49 36.32 16.81
N LEU A 400 24.62 35.34 15.91
CA LEU A 400 25.19 34.06 16.34
C LEU A 400 26.69 34.16 16.59
N THR A 401 27.39 34.94 15.77
CA THR A 401 28.84 35.08 15.94
C THR A 401 29.17 35.81 17.24
N LYS A 402 28.31 36.72 17.69
CA LYS A 402 28.50 37.36 18.98
C LYS A 402 28.37 36.37 20.13
N LEU A 403 27.38 35.48 20.05
CA LEU A 403 27.16 34.53 21.14
C LEU A 403 28.23 33.44 21.15
N LEU A 404 28.53 32.87 19.99
CA LEU A 404 29.45 31.75 19.89
C LEU A 404 30.90 32.16 20.06
N SER A 405 31.19 33.45 20.12
CA SER A 405 32.54 33.90 20.46
C SER A 405 32.86 33.72 21.92
N LEU A 406 31.86 33.47 22.77
CA LEU A 406 32.07 33.35 24.21
C LEU A 406 31.84 31.93 24.73
N VAL A 407 31.43 31.00 23.88
CA VAL A 407 31.01 29.67 24.32
C VAL A 407 31.81 28.62 23.56
N GLU A 408 32.42 27.70 24.30
CA GLU A 408 33.06 26.52 23.72
C GLU A 408 32.07 25.36 23.84
N VAL A 409 31.35 25.07 22.76
CA VAL A 409 30.32 24.04 22.78
C VAL A 409 30.99 22.67 22.79
N ASP A 410 30.52 21.79 23.67
CA ASP A 410 31.07 20.45 23.80
C ASP A 410 30.20 19.38 23.16
N GLU A 411 28.87 19.51 23.23
CA GLU A 411 27.98 18.55 22.62
C GLU A 411 26.63 19.21 22.41
N PHE A 412 26.04 18.98 21.24
CA PHE A 412 24.64 19.32 21.00
C PHE A 412 23.93 18.10 20.46
N VAL A 413 22.78 17.76 21.05
CA VAL A 413 21.90 16.74 20.50
C VAL A 413 20.50 17.33 20.38
N CYS A 414 19.87 17.09 19.23
CA CYS A 414 18.49 17.48 18.95
C CYS A 414 18.00 16.89 17.65
N ASP A 415 16.68 16.91 17.50
CA ASP A 415 15.99 16.53 16.27
C ASP A 415 14.98 17.63 15.93
N LYS A 416 14.42 17.51 14.72
CA LYS A 416 13.46 18.41 14.08
C LYS A 416 14.07 19.77 13.73
N THR A 417 15.32 20.02 14.11
CA THR A 417 16.03 21.26 13.78
C THR A 417 17.50 21.03 13.99
N THR A 418 18.31 21.92 13.44
CA THR A 418 19.75 21.86 13.53
C THR A 418 20.29 23.23 13.87
N PRO A 419 21.46 23.31 14.49
CA PRO A 419 22.09 24.63 14.73
C PRO A 419 22.35 25.42 13.47
N GLU A 420 22.60 24.76 12.33
CA GLU A 420 22.70 25.47 11.07
C GLU A 420 21.35 26.07 10.68
N SER A 421 20.27 25.37 10.97
CA SER A 421 18.94 25.89 10.65
C SER A 421 18.58 27.10 11.52
N LEU A 422 19.01 27.09 12.78
CA LEU A 422 18.74 28.22 13.67
C LEU A 422 19.54 29.46 13.28
N ALA A 423 20.64 29.30 12.57
CA ALA A 423 21.43 30.43 12.09
C ALA A 423 21.01 30.91 10.71
N THR A 424 20.06 30.22 10.07
CA THR A 424 19.62 30.60 8.73
C THR A 424 18.14 30.92 8.67
N GLY A 425 17.27 30.03 9.15
CA GLY A 425 15.84 30.23 9.03
C GLY A 425 15.29 31.15 10.09
N CYS A 426 14.03 31.52 9.90
CA CYS A 426 13.30 32.36 10.84
C CYS A 426 12.14 31.58 11.43
N TYR A 427 11.99 31.66 12.75
CA TYR A 427 10.98 30.89 13.47
C TYR A 427 10.13 31.82 14.31
N SER A 428 8.97 31.32 14.71
CA SER A 428 7.96 32.17 15.34
C SER A 428 8.36 32.60 16.74
N SER A 429 8.92 31.70 17.54
CA SER A 429 9.26 32.04 18.92
C SER A 429 10.49 31.26 19.35
N LEU A 430 11.13 31.74 20.42
CA LEU A 430 12.34 31.13 20.95
C LEU A 430 12.26 31.12 22.47
N VAL A 431 12.29 29.93 23.05
CA VAL A 431 12.23 29.75 24.50
C VAL A 431 13.54 29.12 24.94
N VAL A 432 14.23 29.79 25.86
CA VAL A 432 15.56 29.38 26.31
C VAL A 432 15.50 29.09 27.79
N ASP A 433 16.00 27.92 28.18
CA ASP A 433 16.23 27.57 29.58
C ASP A 433 17.73 27.32 29.75
N TRP A 434 18.27 27.70 30.90
CA TRP A 434 19.69 27.48 31.13
C TRP A 434 19.98 27.31 32.61
N PHE A 435 20.98 26.49 32.89
CA PHE A 435 21.43 26.24 34.26
C PHE A 435 22.87 25.74 34.18
N ALA A 436 23.45 25.46 35.35
CA ALA A 436 24.82 25.01 35.45
C ALA A 436 24.86 23.53 35.78
N LEU A 437 25.62 22.77 35.01
CA LEU A 437 25.74 21.33 35.21
C LEU A 437 27.02 20.84 34.55
N PRO A 438 27.91 20.16 35.26
CA PRO A 438 29.17 19.73 34.66
C PRO A 438 28.97 18.60 33.67
N LEU A 439 29.98 18.41 32.82
CA LEU A 439 29.88 17.44 31.75
C LEU A 439 29.94 16.01 32.24
N SER A 440 30.44 15.78 33.46
CA SER A 440 30.51 14.43 34.00
C SER A 440 29.14 13.84 34.29
N MET A 441 28.12 14.68 34.46
CA MET A 441 26.73 14.24 34.54
C MET A 441 25.97 14.57 33.26
N LYS A 442 26.70 14.63 32.14
CA LYS A 442 26.12 14.96 30.85
C LYS A 442 25.05 13.95 30.43
N SER A 443 25.27 12.67 30.74
CA SER A 443 24.28 11.65 30.43
C SER A 443 23.03 11.73 31.29
N THR A 444 23.03 12.57 32.33
CA THR A 444 21.84 12.70 33.18
C THR A 444 20.69 13.36 32.43
N LEU A 445 21.01 14.30 31.55
CA LEU A 445 19.99 15.02 30.79
C LEU A 445 19.55 14.30 29.53
N ALA A 446 20.14 13.14 29.24
CA ALA A 446 19.76 12.39 28.06
C ALA A 446 18.37 11.77 28.24
N ILE A 447 17.74 11.44 27.10
CA ILE A 447 16.41 10.87 27.14
C ILE A 447 16.47 9.45 27.70
N GLY A 448 15.44 9.08 28.45
CA GLY A 448 15.36 7.76 29.04
C GLY A 448 16.13 7.57 30.31
N SER A 449 16.80 8.61 30.81
CA SER A 449 17.57 8.50 32.04
C SER A 449 16.65 8.32 33.24
N ALA A 450 17.19 7.70 34.30
CA ALA A 450 16.43 7.40 35.50
C ALA A 450 17.03 8.02 36.75
N GLU A 451 17.82 9.09 36.59
CA GLU A 451 18.39 9.77 37.74
C GLU A 451 17.36 10.71 38.38
N ALA A 452 17.80 11.46 39.38
CA ALA A 452 16.92 12.38 40.08
C ALA A 452 16.72 13.69 39.32
N ILE A 453 17.62 14.03 38.40
CA ILE A 453 17.48 15.29 37.66
C ILE A 453 16.32 15.19 36.66
N SER A 454 16.19 14.07 35.97
CA SER A 454 15.17 13.95 34.93
C SER A 454 13.76 13.81 35.48
N MET A 455 13.60 13.59 36.79
CA MET A 455 12.27 13.43 37.36
C MET A 455 11.93 14.40 38.48
N PHE A 456 12.92 14.97 39.16
CA PHE A 456 12.68 15.94 40.21
C PHE A 456 13.21 17.32 39.88
N ASN A 457 13.96 17.46 38.79
CA ASN A 457 14.46 18.74 38.32
C ASN A 457 13.97 18.89 36.89
N TYR A 458 14.57 19.82 36.13
CA TYR A 458 14.14 20.15 34.78
C TYR A 458 13.96 18.93 33.89
N ASN A 459 12.72 18.72 33.46
CA ASN A 459 12.34 17.66 32.53
C ASN A 459 12.10 18.29 31.17
N GLN A 460 12.80 17.80 30.16
CA GLN A 460 12.71 18.38 28.83
C GLN A 460 11.42 17.97 28.14
N ASP A 461 10.79 18.92 27.46
CA ASP A 461 9.59 18.68 26.67
C ASP A 461 9.99 18.54 25.20
N TYR A 462 9.66 17.39 24.61
CA TYR A 462 10.07 17.06 23.25
C TYR A 462 8.95 17.20 22.24
N SER A 463 7.83 17.83 22.61
CA SER A 463 6.73 18.02 21.66
C SER A 463 7.08 19.03 20.59
N ASN A 464 7.94 19.99 20.91
CA ASN A 464 8.36 21.05 20.01
C ASN A 464 9.81 20.85 19.58
N PRO A 465 10.23 21.50 18.49
CA PRO A 465 11.65 21.47 18.13
C PRO A 465 12.52 22.10 19.20
N THR A 466 13.38 21.28 19.81
CA THR A 466 14.33 21.74 20.81
C THR A 466 15.74 21.57 20.29
N CYS A 467 16.69 22.15 21.01
CA CYS A 467 18.09 21.74 21.01
C CYS A 467 18.70 22.00 22.37
N ARG A 468 19.52 21.05 22.83
CA ARG A 468 20.27 21.17 24.06
C ARG A 468 21.73 21.38 23.72
N ILE A 469 22.33 22.41 24.29
CA ILE A 469 23.71 22.78 23.99
C ILE A 469 24.50 22.74 25.29
N HIS A 470 25.40 21.78 25.42
CA HIS A 470 26.32 21.75 26.55
C HIS A 470 27.45 22.72 26.28
N ALA A 471 27.62 23.70 27.17
CA ALA A 471 28.55 24.80 26.95
C ALA A 471 29.61 24.82 28.03
N THR A 472 30.79 25.32 27.67
CA THR A 472 31.89 25.51 28.61
C THR A 472 32.42 26.93 28.43
N ILE A 473 32.11 27.80 29.38
CA ILE A 473 32.54 29.20 29.32
C ILE A 473 33.89 29.32 30.00
N ASN A 474 34.91 29.72 29.24
CA ASN A 474 36.26 29.78 29.76
C ASN A 474 36.41 30.95 30.72
N SER A 475 37.56 30.97 31.42
CA SER A 475 37.74 31.91 32.52
C SER A 475 37.91 33.35 32.04
N ASN A 476 38.50 33.55 30.85
CA ASN A 476 38.75 34.90 30.37
C ASN A 476 37.45 35.66 30.09
N VAL A 477 36.54 35.05 29.33
CA VAL A 477 35.28 35.70 29.05
C VAL A 477 34.36 35.70 30.26
N SER A 478 34.58 34.77 31.20
CA SER A 478 33.79 34.79 32.43
C SER A 478 34.19 35.96 33.33
N SER A 479 35.49 36.23 33.44
CA SER A 479 35.94 37.34 34.25
C SER A 479 35.85 38.68 33.53
N SER A 480 35.72 38.67 32.21
CA SER A 480 35.60 39.93 31.47
C SER A 480 34.26 40.59 31.73
N LEU A 481 33.17 39.85 31.53
CA LEU A 481 31.81 40.39 31.55
C LEU A 481 31.02 39.95 32.77
N ASN A 482 31.71 39.71 33.89
CA ASN A 482 31.11 39.49 35.21
C ASN A 482 30.21 38.25 35.24
N PHE A 483 30.80 37.12 34.88
CA PHE A 483 30.16 35.81 35.03
C PHE A 483 30.84 35.09 36.17
N THR A 484 30.13 34.94 37.30
CA THR A 484 30.70 34.41 38.53
C THR A 484 29.94 33.17 38.96
N ALA A 485 30.67 32.19 39.47
CA ALA A 485 30.10 30.94 39.97
C ALA A 485 30.08 30.97 41.50
N ASN A 486 28.90 31.24 42.07
CA ASN A 486 28.73 31.19 43.51
C ASN A 486 28.84 29.74 43.99
N ASN A 487 29.27 29.57 45.24
CA ASN A 487 29.69 28.25 45.73
C ASN A 487 28.51 27.26 45.83
N ASN A 488 27.33 27.74 46.19
CA ASN A 488 26.18 26.84 46.32
C ASN A 488 25.67 26.39 44.96
N TYR A 489 25.53 25.08 44.79
CA TYR A 489 24.96 24.48 43.59
C TYR A 489 24.44 23.09 43.94
N ALA A 490 23.14 22.88 43.81
CA ALA A 490 22.54 21.61 44.21
C ALA A 490 21.28 21.36 43.41
N TYR A 491 20.86 20.09 43.39
CA TYR A 491 19.64 19.66 42.73
C TYR A 491 18.78 18.89 43.71
N ILE A 492 17.51 18.70 43.34
CA ILE A 492 16.57 17.97 44.18
C ILE A 492 16.74 16.48 43.94
N SER A 493 16.99 15.73 45.01
CA SER A 493 17.18 14.29 44.90
C SER A 493 15.96 13.47 45.31
N ARG A 494 15.02 14.09 46.03
CA ARG A 494 13.78 13.41 46.41
C ARG A 494 12.74 14.47 46.68
N CYS A 495 11.52 14.25 46.19
CA CYS A 495 10.40 15.16 46.41
C CYS A 495 9.15 14.31 46.59
N GLN A 496 8.86 13.99 47.85
CA GLN A 496 7.74 13.12 48.20
C GLN A 496 6.64 13.92 48.90
N GLY A 497 5.43 13.40 48.81
CA GLY A 497 4.29 13.96 49.50
C GLY A 497 4.14 13.36 50.88
N THR A 498 2.92 13.49 51.42
CA THR A 498 2.64 12.94 52.74
C THR A 498 2.50 11.42 52.71
N ASP A 499 2.10 10.86 51.58
CA ASP A 499 1.81 9.43 51.46
C ASP A 499 3.02 8.61 51.04
N GLY A 500 4.20 9.21 50.99
CA GLY A 500 5.41 8.47 50.66
C GLY A 500 5.51 7.95 49.24
N LYS A 501 5.15 8.78 48.26
CA LYS A 501 5.39 8.47 46.86
C LYS A 501 6.00 9.66 46.16
N PRO A 502 6.83 9.45 45.14
CA PRO A 502 7.48 10.57 44.47
C PRO A 502 6.50 11.42 43.68
N ILE A 503 6.86 12.67 43.48
CA ILE A 503 6.08 13.62 42.69
C ILE A 503 6.86 13.92 41.42
N LEU A 504 6.55 13.18 40.36
CA LEU A 504 7.18 13.42 39.07
C LEU A 504 6.71 14.75 38.50
N LEU A 505 7.65 15.50 37.91
CA LEU A 505 7.33 16.81 37.37
C LEU A 505 6.97 16.69 35.91
N GLN A 506 5.91 17.40 35.51
CA GLN A 506 5.44 17.38 34.13
C GLN A 506 6.47 18.00 33.19
N LYS A 507 6.41 17.58 31.93
CA LYS A 507 7.42 17.95 30.96
C LYS A 507 7.36 19.43 30.64
N GLY A 508 8.54 20.04 30.54
CA GLY A 508 8.66 21.44 30.19
C GLY A 508 8.08 22.41 31.21
N GLN A 509 8.29 22.14 32.50
CA GLN A 509 7.78 23.00 33.54
C GLN A 509 8.85 23.23 34.60
N LEU A 510 8.73 24.35 35.30
CA LEU A 510 9.62 24.62 36.42
C LEU A 510 9.32 23.63 37.55
N PRO A 511 10.30 23.32 38.40
CA PRO A 511 10.11 22.28 39.42
C PRO A 511 9.06 22.68 40.45
N ASN A 512 8.70 21.70 41.29
CA ASN A 512 7.66 21.90 42.28
C ASN A 512 8.08 22.97 43.28
N ILE A 513 7.20 23.93 43.50
CA ILE A 513 7.58 25.16 44.20
C ILE A 513 7.90 24.88 45.67
N ALA A 514 7.19 23.93 46.28
CA ALA A 514 7.47 23.57 47.66
C ALA A 514 8.83 22.89 47.77
N CYS A 515 9.11 21.92 46.90
CA CYS A 515 10.38 21.22 46.95
C CYS A 515 11.53 22.13 46.53
N ARG A 516 11.29 23.03 45.57
CA ARG A 516 12.33 23.98 45.17
C ARG A 516 12.66 24.95 46.31
N SER A 517 11.64 25.45 47.00
CA SER A 517 11.88 26.34 48.13
C SER A 517 12.58 25.61 49.27
N GLY A 518 12.21 24.35 49.51
CA GLY A 518 12.87 23.59 50.56
C GLY A 518 14.32 23.28 50.24
N VAL A 519 14.63 23.00 48.96
CA VAL A 519 16.01 22.77 48.56
C VAL A 519 16.82 24.06 48.66
N LEU A 520 16.22 25.19 48.26
CA LEU A 520 16.90 26.47 48.37
C LEU A 520 17.15 26.87 49.82
N GLY A 521 16.26 26.48 50.74
CA GLY A 521 16.40 26.89 52.12
C GLY A 521 17.58 26.26 52.83
N LEU A 522 17.87 25.00 52.52
CA LEU A 522 18.92 24.27 53.22
C LEU A 522 20.30 24.76 52.80
N SER A 523 21.29 24.44 53.63
CA SER A 523 22.68 24.77 53.34
C SER A 523 23.59 23.55 53.32
N ASN A 524 23.05 22.35 53.53
CA ASN A 524 23.85 21.13 53.57
C ASN A 524 23.31 20.11 52.57
N ASP A 525 23.79 18.88 52.64
CA ASP A 525 23.29 17.78 51.82
C ASP A 525 22.53 16.82 52.71
N VAL A 526 21.25 16.62 52.40
CA VAL A 526 20.40 15.68 53.13
C VAL A 526 19.72 14.78 52.11
N ASP A 527 19.26 13.63 52.58
CA ASP A 527 18.62 12.66 51.71
C ASP A 527 17.15 12.43 52.01
N TYR A 528 16.71 12.61 53.25
CA TYR A 528 15.30 12.48 53.60
C TYR A 528 15.03 13.47 54.73
N PHE A 529 14.54 14.65 54.38
CA PHE A 529 14.37 15.73 55.32
C PHE A 529 12.93 16.24 55.27
N GLY A 530 12.28 16.31 56.42
CA GLY A 530 10.93 16.84 56.47
C GLY A 530 10.90 18.34 56.28
N TYR A 531 9.85 18.81 55.63
CA TYR A 531 9.67 20.22 55.36
C TYR A 531 8.25 20.63 55.72
N ASN A 532 8.10 21.82 56.28
CA ASN A 532 6.80 22.35 56.68
C ASN A 532 6.48 23.53 55.75
N PHE A 533 5.80 23.21 54.65
CA PHE A 533 5.44 24.23 53.66
C PHE A 533 4.05 24.76 53.99
N ASN A 534 4.03 25.76 54.86
CA ASN A 534 2.82 26.44 55.38
C ASN A 534 1.69 25.47 55.71
N GLY A 535 2.01 24.47 56.53
CA GLY A 535 1.03 23.50 56.97
C GLY A 535 1.21 22.13 56.36
N ARG A 536 1.54 22.08 55.07
CA ARG A 536 1.79 20.81 54.41
C ARG A 536 3.11 20.22 54.86
N ILE A 537 3.16 18.91 54.95
CA ILE A 537 4.38 18.17 55.30
C ILE A 537 4.97 17.60 54.03
N PHE A 538 6.17 18.07 53.68
CA PHE A 538 6.88 17.59 52.50
C PHE A 538 8.20 16.97 52.92
N TYR A 539 8.65 16.01 52.12
CA TYR A 539 9.95 15.36 52.32
C TYR A 539 10.83 15.67 51.12
N ILE A 540 12.02 16.22 51.39
CA ILE A 540 12.89 16.73 50.36
C ILE A 540 14.27 16.12 50.52
N GLY A 541 15.08 16.23 49.46
CA GLY A 541 16.45 15.78 49.50
C GLY A 541 17.35 16.65 48.64
N ARG A 542 18.43 17.16 49.21
CA ARG A 542 19.33 18.07 48.52
C ARG A 542 20.67 17.40 48.32
N LYS A 543 21.15 17.37 47.08
CA LYS A 543 22.44 16.82 46.73
C LYS A 543 23.21 17.84 45.91
N SER A 544 24.45 18.12 46.31
CA SER A 544 25.23 19.21 45.73
C SER A 544 26.13 18.71 44.61
N TYR A 545 26.69 19.67 43.87
CA TYR A 545 27.66 19.37 42.82
C TYR A 545 28.50 20.62 42.57
N THR A 546 29.61 20.44 41.87
CA THR A 546 30.55 21.53 41.59
C THR A 546 30.66 21.76 40.09
N PRO A 547 30.02 22.79 39.54
CA PRO A 547 30.12 23.07 38.09
C PRO A 547 31.26 24.05 37.77
N ARG A 548 32.46 23.70 38.21
CA ARG A 548 33.63 24.54 37.98
C ARG A 548 34.86 23.65 37.98
N THR A 549 35.75 23.89 37.02
CA THR A 549 36.93 23.04 36.82
C THR A 549 38.15 23.68 37.46
N SER A 550 39.31 23.04 37.26
CA SER A 550 40.54 23.52 37.88
C SER A 550 40.99 24.86 37.30
N GLU A 551 40.87 25.03 35.99
CA GLU A 551 41.27 26.28 35.35
C GLU A 551 40.34 27.43 35.73
N GLY A 552 39.11 27.13 36.12
CA GLY A 552 38.12 28.15 36.42
C GLY A 552 37.00 28.24 35.42
N SER A 553 37.00 27.42 34.38
CA SER A 553 35.91 27.41 33.41
C SER A 553 34.65 26.83 34.05
N ILE A 554 33.53 27.47 33.78
CA ILE A 554 32.24 27.08 34.36
C ILE A 554 31.41 26.42 33.27
N GLN A 555 30.92 25.22 33.55
CA GLN A 555 30.19 24.43 32.56
C GLN A 555 28.70 24.72 32.67
N MET A 556 28.07 24.97 31.52
CA MET A 556 26.68 25.36 31.47
C MET A 556 25.92 24.44 30.53
N VAL A 557 24.62 24.33 30.76
CA VAL A 557 23.71 23.59 29.89
C VAL A 557 22.70 24.56 29.32
N TYR A 558 22.69 24.71 28.00
CA TYR A 558 21.81 25.64 27.31
C TYR A 558 20.77 24.86 26.53
N VAL A 559 19.50 25.10 26.82
CA VAL A 559 18.40 24.43 26.13
C VAL A 559 17.65 25.46 25.32
N ILE A 560 17.51 25.21 24.03
CA ILE A 560 16.83 26.11 23.11
C ILE A 560 15.62 25.38 22.56
N THR A 561 14.43 25.93 22.78
CA THR A 561 13.21 25.41 22.20
C THR A 561 12.74 26.41 21.17
N ALA A 562 12.76 26.02 19.90
CA ALA A 562 12.38 26.89 18.80
C ALA A 562 10.98 26.52 18.33
N ASN A 563 10.07 27.49 18.35
CA ASN A 563 8.68 27.27 17.98
C ASN A 563 8.51 27.62 16.51
N TYR A 564 8.54 26.61 15.64
CA TYR A 564 8.19 26.80 14.24
C TYR A 564 6.68 26.72 14.13
N ALA A 565 6.03 27.86 13.95
CA ALA A 565 4.58 27.92 13.94
C ALA A 565 4.10 28.55 12.64
N GLU A 566 2.79 28.48 12.43
CA GLU A 566 2.18 29.04 11.24
C GLU A 566 2.17 30.57 11.33
N GLY A 567 2.01 31.21 10.17
CA GLY A 567 1.98 32.65 10.11
C GLY A 567 3.38 33.23 9.97
N PRO A 568 3.52 34.52 10.27
CA PRO A 568 4.83 35.17 10.15
C PRO A 568 5.79 34.70 11.22
N ASN A 569 7.08 34.77 10.91
CA ASN A 569 8.16 34.41 11.82
C ASN A 569 8.93 35.67 12.17
N ASN A 570 9.06 35.95 13.46
CA ASN A 570 9.61 37.22 13.93
C ASN A 570 10.89 37.06 14.74
N VAL A 571 11.56 35.93 14.64
CA VAL A 571 12.89 35.75 15.20
C VAL A 571 13.82 35.35 14.07
N CYS A 572 14.82 36.16 13.80
CA CYS A 572 15.63 35.99 12.60
C CYS A 572 17.11 36.16 12.92
N PRO A 573 17.98 35.52 12.15
CA PRO A 573 19.41 35.43 12.52
C PRO A 573 20.24 36.69 12.25
N LEU A 574 19.62 37.82 11.89
CA LEU A 574 20.32 39.10 11.67
C LEU A 574 21.35 39.01 10.54
N LYS A 575 21.07 38.19 9.53
CA LYS A 575 21.88 38.07 8.31
C LYS A 575 23.34 37.71 8.56
N THR A 581 14.20 45.04 -1.84
CA THR A 581 14.45 44.94 -3.27
C THR A 581 13.18 45.25 -4.07
N ASP A 582 13.23 46.33 -4.83
CA ASP A 582 12.17 46.79 -5.72
C ASP A 582 10.85 47.02 -5.01
N ASN A 583 9.75 47.04 -5.77
CA ASN A 583 8.41 47.20 -5.24
C ASN A 583 7.57 46.00 -5.63
N LEU A 584 6.44 45.83 -4.95
CA LEU A 584 5.61 44.66 -5.19
C LEU A 584 4.81 44.77 -6.48
N ASP A 585 4.35 45.97 -6.82
CA ASP A 585 3.58 46.15 -8.05
C ASP A 585 4.45 46.03 -9.30
N SER A 586 5.75 46.27 -9.17
CA SER A 586 6.68 46.07 -10.28
C SER A 586 6.94 44.60 -10.57
N LEU A 587 6.58 43.70 -9.64
CA LEU A 587 6.78 42.26 -9.78
C LEU A 587 5.47 41.53 -9.53
N LEU A 588 4.40 41.98 -10.17
CA LEU A 588 3.07 41.45 -9.88
C LEU A 588 2.83 40.13 -10.61
N GLY A 589 2.81 40.17 -11.94
CA GLY A 589 2.46 38.99 -12.72
C GLY A 589 3.51 37.92 -12.81
N GLN A 590 4.74 38.22 -12.37
CA GLN A 590 5.84 37.27 -12.48
C GLN A 590 5.95 36.40 -11.22
N CYS A 591 6.57 35.24 -11.39
CA CYS A 591 6.83 34.37 -10.25
C CYS A 591 7.88 35.01 -9.35
N ILE A 592 7.61 35.02 -8.04
CA ILE A 592 8.39 35.80 -7.08
C ILE A 592 8.73 34.92 -5.88
N ASP A 593 9.99 34.98 -5.44
CA ASP A 593 10.41 34.34 -4.20
C ASP A 593 10.10 35.25 -3.02
N TYR A 594 9.27 34.77 -2.09
CA TYR A 594 8.97 35.54 -0.90
C TYR A 594 10.13 35.50 0.07
N ASP A 595 10.31 36.59 0.81
CA ASP A 595 11.10 36.55 2.03
C ASP A 595 10.43 37.46 3.05
N ILE A 596 9.09 37.44 3.06
CA ILE A 596 8.33 38.31 3.95
C ILE A 596 8.23 37.63 5.32
N ASN A 597 8.85 38.26 6.32
CA ASN A 597 8.82 37.81 7.72
C ASN A 597 9.30 36.37 7.86
N GLY A 598 10.37 36.03 7.14
CA GLY A 598 10.98 34.73 7.22
C GLY A 598 10.29 33.62 6.47
N VAL A 599 9.12 33.88 5.90
CA VAL A 599 8.42 32.88 5.10
C VAL A 599 8.94 32.97 3.68
N VAL A 600 9.39 31.84 3.14
CA VAL A 600 9.96 31.80 1.81
C VAL A 600 9.15 30.83 0.95
N GLY A 601 9.22 31.03 -0.35
CA GLY A 601 8.44 30.20 -1.27
C GLY A 601 8.51 30.73 -2.67
N GLN A 602 7.50 30.40 -3.45
CA GLN A 602 7.37 30.90 -4.82
C GLN A 602 5.90 31.14 -5.12
N GLY A 603 5.63 32.10 -5.99
CA GLY A 603 4.26 32.37 -6.38
C GLY A 603 4.14 33.73 -7.04
N VAL A 604 2.90 34.08 -7.34
CA VAL A 604 2.56 35.31 -8.03
C VAL A 604 1.67 36.17 -7.14
N PHE A 605 1.92 37.47 -7.14
CA PHE A 605 1.15 38.41 -6.34
C PHE A 605 0.11 39.10 -7.22
N GLN A 606 -1.10 39.26 -6.67
CA GLN A 606 -2.14 40.03 -7.33
C GLN A 606 -2.87 40.87 -6.29
N LYS A 607 -3.45 41.97 -6.75
CA LYS A 607 -4.16 42.89 -5.87
C LYS A 607 -5.63 42.49 -5.82
N CYS A 608 -5.97 41.64 -4.86
CA CYS A 608 -7.35 41.24 -4.65
C CYS A 608 -8.01 42.12 -3.60
N ASN A 609 -9.32 41.94 -3.44
CA ASN A 609 -10.04 42.61 -2.38
C ASN A 609 -9.67 42.01 -1.03
N SER A 610 -9.70 42.86 0.00
CA SER A 610 -9.21 42.46 1.31
C SER A 610 -10.13 41.44 1.97
N THR A 611 -9.55 40.37 2.48
CA THR A 611 -10.26 39.36 3.26
C THR A 611 -9.46 39.04 4.51
N GLY A 612 -10.17 38.71 5.58
CA GLY A 612 -9.55 38.43 6.86
C GLY A 612 -9.24 39.70 7.63
N ILE A 613 -8.81 39.50 8.88
CA ILE A 613 -8.46 40.62 9.75
C ILE A 613 -7.12 41.20 9.32
N PRO A 614 -6.91 42.51 9.45
CA PRO A 614 -5.66 43.10 8.95
C PRO A 614 -4.45 42.93 9.86
N SER A 615 -4.66 42.60 11.14
CA SER A 615 -3.52 42.49 12.06
C SER A 615 -2.65 41.28 11.74
N GLN A 616 -3.28 40.14 11.46
CA GLN A 616 -2.51 38.97 11.04
C GLN A 616 -2.04 39.17 9.60
N VAL A 617 -0.74 38.98 9.39
CA VAL A 617 -0.15 39.35 8.11
C VAL A 617 -0.58 38.40 7.01
N PHE A 618 -0.67 37.11 7.31
CA PHE A 618 -0.96 36.09 6.31
C PHE A 618 -2.32 35.46 6.55
N VAL A 619 -2.94 35.01 5.45
CA VAL A 619 -4.15 34.22 5.51
C VAL A 619 -3.83 32.84 4.95
N TYR A 620 -4.70 31.88 5.24
CA TYR A 620 -4.41 30.48 4.94
C TYR A 620 -5.63 29.80 4.36
N ASP A 621 -5.57 28.47 4.31
CA ASP A 621 -6.56 27.62 3.68
C ASP A 621 -6.65 26.36 4.53
N SER A 622 -7.66 25.52 4.26
CA SER A 622 -7.85 24.28 5.01
C SER A 622 -6.67 23.33 4.87
N PHE A 623 -5.95 23.40 3.75
CA PHE A 623 -4.76 22.59 3.54
C PHE A 623 -3.49 23.24 4.06
N HIS A 624 -3.63 24.33 4.84
CA HIS A 624 -2.52 25.07 5.43
C HIS A 624 -1.52 25.56 4.39
N ASN A 625 -2.04 25.95 3.22
CA ASN A 625 -1.26 26.57 2.17
C ASN A 625 -1.57 28.06 2.22
N ILE A 626 -0.54 28.88 2.36
CA ILE A 626 -0.72 30.33 2.48
C ILE A 626 -1.15 30.90 1.13
N ILE A 627 -2.24 31.66 1.14
CA ILE A 627 -2.83 32.18 -0.10
C ILE A 627 -2.86 33.70 -0.15
N GLY A 628 -2.48 34.40 0.91
CA GLY A 628 -2.55 35.85 0.87
C GLY A 628 -1.58 36.48 1.85
N TYR A 629 -1.48 37.80 1.75
CA TYR A 629 -0.51 38.56 2.54
C TYR A 629 -1.03 39.97 2.72
N HIS A 630 -1.21 40.38 3.96
CA HIS A 630 -1.63 41.74 4.30
C HIS A 630 -0.39 42.61 4.45
N SER A 631 -0.24 43.59 3.55
CA SER A 631 0.89 44.49 3.64
C SER A 631 0.71 45.46 4.80
N LYS A 632 1.81 46.12 5.19
CA LYS A 632 1.74 47.08 6.26
C LYS A 632 1.08 48.39 5.82
N ASN A 633 1.02 48.65 4.52
CA ASN A 633 0.30 49.81 4.01
C ASN A 633 -1.19 49.55 3.85
N GLY A 634 -1.66 48.35 4.17
CA GLY A 634 -3.07 48.02 4.11
C GLY A 634 -3.49 47.28 2.86
N THR A 635 -2.65 47.25 1.83
CA THR A 635 -3.00 46.54 0.60
C THR A 635 -2.99 45.03 0.83
N TYR A 636 -3.96 44.35 0.24
CA TYR A 636 -4.08 42.91 0.35
C TYR A 636 -3.57 42.28 -0.94
N TYR A 637 -2.59 41.39 -0.81
CA TYR A 637 -1.96 40.74 -1.95
C TYR A 637 -2.36 39.27 -1.93
N CYS A 638 -3.33 38.90 -2.77
CA CYS A 638 -3.70 37.50 -2.90
C CYS A 638 -2.60 36.76 -3.65
N MET A 639 -2.26 35.57 -3.15
CA MET A 639 -1.10 34.82 -3.61
C MET A 639 -1.52 33.44 -4.12
N ALA A 640 -0.90 33.01 -5.21
CA ALA A 640 -1.19 31.73 -5.82
C ALA A 640 0.13 31.10 -6.27
N PRO A 641 0.23 29.78 -6.28
CA PRO A 641 1.46 29.13 -6.74
C PRO A 641 1.67 29.30 -8.24
N CYS A 642 2.92 29.17 -8.66
CA CYS A 642 3.26 29.21 -10.07
C CYS A 642 2.72 27.96 -10.75
N VAL A 643 1.79 28.15 -11.68
CA VAL A 643 1.04 27.04 -12.27
C VAL A 643 1.72 26.59 -13.55
N SER A 644 2.03 25.29 -13.62
CA SER A 644 2.69 24.72 -14.78
C SER A 644 1.71 24.60 -15.95
N VAL A 645 2.27 24.41 -17.14
CA VAL A 645 1.49 24.30 -18.38
C VAL A 645 1.29 22.82 -18.68
N PRO A 646 0.04 22.36 -18.81
CA PRO A 646 -0.20 20.94 -19.13
C PRO A 646 -0.03 20.68 -20.62
N VAL A 647 0.89 19.79 -20.98
CA VAL A 647 1.29 19.59 -22.36
C VAL A 647 1.05 18.15 -22.79
N SER A 648 1.14 17.94 -24.09
CA SER A 648 0.95 16.62 -24.70
C SER A 648 1.85 16.54 -25.92
N VAL A 649 2.16 15.31 -26.32
CA VAL A 649 3.04 15.04 -27.46
C VAL A 649 2.36 14.04 -28.38
N ILE A 650 2.31 14.37 -29.67
CA ILE A 650 1.77 13.48 -30.69
C ILE A 650 2.95 12.94 -31.49
N TYR A 651 3.14 11.63 -31.44
CA TYR A 651 4.25 10.97 -32.12
C TYR A 651 3.74 10.05 -33.21
N ASP A 652 4.47 10.00 -34.32
CA ASP A 652 4.13 9.16 -35.46
C ASP A 652 5.23 8.12 -35.66
N LYS A 653 4.84 6.84 -35.63
CA LYS A 653 5.81 5.78 -35.87
C LYS A 653 6.16 5.64 -37.35
N SER A 654 5.17 5.82 -38.23
CA SER A 654 5.40 5.61 -39.66
C SER A 654 6.05 6.80 -40.34
N SER A 655 6.08 7.97 -39.71
CA SER A 655 6.67 9.16 -40.31
C SER A 655 7.81 9.75 -39.49
N ASN A 656 8.01 9.31 -38.25
CA ASN A 656 9.07 9.79 -37.36
C ASN A 656 9.02 11.30 -37.15
N SER A 657 7.81 11.83 -37.01
CA SER A 657 7.59 13.24 -36.73
C SER A 657 6.92 13.38 -35.37
N HIS A 658 7.14 14.54 -34.73
CA HIS A 658 6.55 14.79 -33.42
C HIS A 658 6.03 16.22 -33.36
N ALA A 659 4.87 16.38 -32.76
CA ALA A 659 4.25 17.68 -32.52
C ALA A 659 4.10 17.89 -31.02
N THR A 660 3.57 19.05 -30.65
CA THR A 660 3.34 19.39 -29.25
C THR A 660 1.98 20.03 -29.10
N LEU A 661 1.18 19.51 -28.17
CA LEU A 661 -0.15 20.03 -27.87
C LEU A 661 -0.18 20.49 -26.42
N TYR A 662 -0.82 21.63 -26.18
CA TYR A 662 -0.97 22.19 -24.84
C TYR A 662 -2.41 22.00 -24.39
N GLY A 663 -2.58 21.60 -23.13
CA GLY A 663 -3.87 21.16 -22.61
C GLY A 663 -4.99 22.17 -22.64
N SER A 664 -4.89 23.21 -21.82
CA SER A 664 -5.87 24.29 -21.80
C SER A 664 -5.17 25.63 -21.78
N VAL A 665 -4.16 25.76 -22.63
CA VAL A 665 -3.28 26.92 -22.65
C VAL A 665 -3.59 27.71 -23.91
N ALA A 666 -3.90 28.99 -23.74
CA ALA A 666 -4.14 29.86 -24.87
C ALA A 666 -2.82 30.26 -25.53
N CYS A 667 -2.91 30.73 -26.77
CA CYS A 667 -1.71 31.16 -27.47
C CYS A 667 -1.08 32.40 -26.83
N ASP A 668 -1.91 33.29 -26.29
CA ASP A 668 -1.37 34.45 -25.59
C ASP A 668 -0.58 34.03 -24.35
N HIS A 669 -1.13 33.07 -23.59
CA HIS A 669 -0.48 32.63 -22.37
C HIS A 669 0.76 31.78 -22.65
N ILE A 670 0.89 31.23 -23.85
CA ILE A 670 2.15 30.64 -24.27
C ILE A 670 3.05 31.66 -24.96
N LYS A 671 2.55 32.87 -25.19
CA LYS A 671 3.38 33.91 -25.80
C LYS A 671 3.99 34.90 -24.82
N MET A 672 3.46 35.09 -23.61
CA MET A 672 4.30 35.93 -22.74
C MET A 672 5.36 35.12 -22.00
N ILE A 673 5.08 33.86 -21.67
CA ILE A 673 6.08 33.02 -20.99
C ILE A 673 6.60 31.99 -21.99
N PRO A 674 7.85 31.56 -21.88
CA PRO A 674 8.35 30.52 -22.78
C PRO A 674 7.95 29.13 -22.32
N SER A 675 8.09 28.17 -23.24
CA SER A 675 7.87 26.76 -22.93
C SER A 675 9.11 26.26 -22.19
N VAL A 676 9.08 26.38 -20.87
CA VAL A 676 10.25 26.08 -20.06
C VAL A 676 10.40 24.58 -19.81
N GLY A 691 3.31 26.42 -37.13
CA GLY A 691 3.19 27.58 -36.26
C GLY A 691 2.12 27.41 -35.20
N LEU A 692 1.83 28.49 -34.48
CA LEU A 692 0.81 28.46 -33.44
C LEU A 692 -0.57 28.53 -34.09
N LEU A 693 -1.39 27.53 -33.82
CA LEU A 693 -2.75 27.47 -34.35
C LEU A 693 -3.75 27.42 -33.20
N GLN A 694 -4.81 28.21 -33.33
CA GLN A 694 -5.92 28.11 -32.40
C GLN A 694 -6.61 26.77 -32.57
N THR A 695 -6.97 26.16 -31.45
CA THR A 695 -7.55 24.83 -31.46
C THR A 695 -8.29 24.65 -30.14
N ALA A 696 -9.49 24.06 -30.22
CA ALA A 696 -10.37 23.96 -29.05
C ALA A 696 -9.77 23.14 -27.91
N VAL A 697 -8.80 22.28 -28.20
CA VAL A 697 -8.11 21.52 -27.16
C VAL A 697 -6.76 22.16 -26.83
N GLY A 698 -6.57 23.42 -27.20
CA GLY A 698 -5.40 24.17 -26.80
C GLY A 698 -4.45 24.42 -27.97
N CYS A 699 -3.63 25.45 -27.80
CA CYS A 699 -2.70 25.86 -28.86
C CYS A 699 -1.61 24.83 -29.05
N VAL A 700 -1.19 24.65 -30.31
CA VAL A 700 -0.12 23.72 -30.66
C VAL A 700 1.02 24.51 -31.29
N ILE A 701 2.20 23.89 -31.30
CA ILE A 701 3.36 24.51 -31.93
C ILE A 701 3.75 23.84 -33.23
N GLY A 702 3.31 22.61 -33.49
CA GLY A 702 3.55 21.99 -34.78
C GLY A 702 2.36 22.23 -35.68
N PHE A 703 1.97 21.18 -36.42
CA PHE A 703 0.72 21.11 -37.17
C PHE A 703 0.63 22.10 -38.33
N HIS A 704 -0.38 21.91 -39.16
CA HIS A 704 -0.76 22.87 -40.18
C HIS A 704 -2.22 22.62 -40.52
N ASN A 705 -2.97 23.70 -40.76
CA ASN A 705 -4.40 23.57 -41.01
C ASN A 705 -4.64 23.04 -42.42
N THR A 706 -5.64 22.16 -42.55
CA THR A 706 -6.00 21.58 -43.82
C THR A 706 -7.44 21.82 -44.24
N SER A 707 -8.33 22.15 -43.30
CA SER A 707 -9.78 22.24 -43.53
C SER A 707 -10.33 20.98 -44.19
N ASP A 708 -9.86 19.83 -43.69
CA ASP A 708 -10.22 18.52 -44.22
C ASP A 708 -10.96 17.73 -43.15
N THR A 709 -11.76 16.77 -43.60
CA THR A 709 -12.51 15.91 -42.69
C THR A 709 -12.15 14.44 -42.93
N VAL A 710 -12.29 13.65 -41.87
CA VAL A 710 -12.08 12.21 -41.94
C VAL A 710 -13.01 11.58 -40.92
N GLU A 711 -13.55 10.41 -41.26
CA GLU A 711 -14.59 9.80 -40.44
C GLU A 711 -14.05 9.07 -39.21
N ASP A 712 -12.75 8.78 -39.19
CA ASP A 712 -12.12 8.17 -38.03
C ASP A 712 -10.65 8.58 -38.00
N CYS A 713 -10.00 8.28 -36.89
CA CYS A 713 -8.59 8.62 -36.74
C CYS A 713 -7.95 7.65 -35.76
N ASN A 714 -6.97 6.88 -36.23
CA ASN A 714 -6.22 6.00 -35.35
C ASN A 714 -5.24 6.76 -34.46
N LEU A 715 -5.01 8.05 -34.74
CA LEU A 715 -4.20 8.93 -33.89
C LEU A 715 -5.16 10.00 -33.37
N PRO A 716 -5.91 9.70 -32.31
CA PRO A 716 -6.97 10.63 -31.87
C PRO A 716 -6.44 11.87 -31.20
N LEU A 717 -7.35 12.76 -30.84
CA LEU A 717 -7.03 14.06 -30.28
C LEU A 717 -8.16 14.44 -29.32
N GLY A 718 -8.32 15.74 -29.06
CA GLY A 718 -9.40 16.22 -28.24
C GLY A 718 -10.79 16.08 -28.85
N GLN A 719 -11.68 17.01 -28.51
CA GLN A 719 -13.09 16.88 -28.88
C GLN A 719 -13.26 16.97 -30.39
N SER A 720 -13.59 15.82 -31.00
CA SER A 720 -13.90 15.70 -32.43
C SER A 720 -12.75 16.17 -33.31
N LEU A 721 -11.52 15.84 -32.93
CA LEU A 721 -10.34 16.25 -33.66
C LEU A 721 -9.48 15.04 -34.00
N CYS A 722 -8.76 15.15 -35.10
CA CYS A 722 -7.88 14.10 -35.58
C CYS A 722 -6.53 14.69 -35.96
N ALA A 723 -5.50 13.86 -35.89
CA ALA A 723 -4.13 14.26 -36.25
C ALA A 723 -3.62 13.27 -37.29
N LYS A 724 -3.87 13.57 -38.56
CA LYS A 724 -3.44 12.69 -39.63
C LYS A 724 -1.93 12.77 -39.81
N PRO A 725 -1.31 11.71 -40.32
CA PRO A 725 0.13 11.73 -40.55
C PRO A 725 0.51 12.76 -41.59
N PRO A 726 1.73 13.31 -41.54
CA PRO A 726 2.15 14.31 -42.54
C PRO A 726 2.20 13.77 -43.96
N SER A 727 2.54 12.50 -44.15
CA SER A 727 2.64 11.93 -45.49
C SER A 727 2.44 10.42 -45.44
N ASN A 733 3.62 17.75 -45.59
CA ASN A 733 4.87 18.36 -46.02
C ASN A 733 5.96 18.21 -44.96
N ASN A 734 5.98 19.13 -44.00
CA ASN A 734 6.97 19.11 -42.93
C ASN A 734 6.37 18.82 -41.57
N THR A 735 5.04 18.80 -41.44
CA THR A 735 4.41 18.64 -40.14
C THR A 735 3.06 17.97 -40.30
N PHE A 736 2.45 17.63 -39.17
CA PHE A 736 1.17 16.95 -39.15
C PHE A 736 0.06 17.86 -39.67
N GLY A 737 -1.05 17.24 -40.08
CA GLY A 737 -2.21 17.95 -40.58
C GLY A 737 -3.34 17.88 -39.57
N LEU A 738 -3.91 19.05 -39.26
CA LEU A 738 -5.02 19.13 -38.33
C LEU A 738 -6.30 18.77 -39.07
N ALA A 739 -6.89 17.63 -38.71
CA ALA A 739 -8.12 17.15 -39.32
C ALA A 739 -9.25 17.18 -38.29
N VAL A 740 -10.45 17.52 -38.75
CA VAL A 740 -11.62 17.62 -37.88
C VAL A 740 -12.54 16.44 -38.19
N MET A 741 -12.81 15.64 -37.17
CA MET A 741 -13.75 14.53 -37.33
C MET A 741 -15.16 15.07 -37.53
N LYS A 742 -15.90 14.46 -38.46
CA LYS A 742 -17.26 14.88 -38.74
C LYS A 742 -18.13 13.64 -38.88
N TYR A 743 -19.42 13.88 -39.15
CA TYR A 743 -20.43 12.83 -39.22
C TYR A 743 -20.85 12.64 -40.67
N GLU A 744 -20.93 11.38 -41.09
CA GLU A 744 -21.63 11.04 -42.33
C GLU A 744 -23.11 10.84 -41.98
N ASN A 745 -23.97 11.61 -42.62
CA ASN A 745 -25.38 11.52 -42.30
C ASN A 745 -25.97 10.23 -42.88
N PRO A 746 -26.90 9.59 -42.17
CA PRO A 746 -27.59 8.42 -42.75
C PRO A 746 -28.51 8.84 -43.87
N LEU A 747 -29.03 7.83 -44.57
CA LEU A 747 -29.91 8.05 -45.72
C LEU A 747 -31.20 8.74 -45.30
N LYS A 748 -31.37 9.98 -45.73
CA LYS A 748 -32.52 10.80 -45.34
C LYS A 748 -33.78 10.22 -45.98
N VAL A 749 -34.61 9.58 -45.17
CA VAL A 749 -35.91 9.08 -45.59
C VAL A 749 -36.98 9.92 -44.90
N GLU A 750 -37.91 10.44 -45.68
CA GLU A 750 -38.90 11.37 -45.16
C GLU A 750 -40.16 10.64 -44.72
N VAL A 751 -40.91 11.30 -43.86
CA VAL A 751 -42.20 10.79 -43.40
C VAL A 751 -43.28 11.30 -44.34
N LEU A 752 -44.32 10.49 -44.52
CA LEU A 752 -45.43 10.82 -45.40
C LEU A 752 -46.73 10.74 -44.63
N ASN A 753 -47.59 11.74 -44.84
CA ASN A 753 -48.90 11.79 -44.19
C ASN A 753 -49.96 11.01 -44.94
N SER A 754 -49.69 10.58 -46.16
CA SER A 754 -50.69 9.91 -46.98
C SER A 754 -50.73 8.42 -46.63
N SER A 755 -51.54 7.66 -47.38
CA SER A 755 -51.66 6.23 -47.16
C SER A 755 -50.44 5.45 -47.64
N GLU A 756 -49.56 6.07 -48.41
CA GLU A 756 -48.34 5.43 -48.90
C GLU A 756 -47.13 6.07 -48.26
N PHE A 757 -46.18 5.24 -47.83
CA PHE A 757 -44.97 5.68 -47.18
C PHE A 757 -43.76 5.30 -48.00
N GLU A 758 -42.70 6.10 -47.89
CA GLU A 758 -41.48 5.85 -48.63
C GLU A 758 -40.68 4.74 -47.96
N ILE A 759 -40.19 3.80 -48.76
CA ILE A 759 -39.35 2.71 -48.29
C ILE A 759 -38.07 2.68 -49.10
N SER A 760 -37.01 2.18 -48.47
CA SER A 760 -35.69 2.09 -49.11
C SER A 760 -35.31 0.62 -49.18
N VAL A 761 -35.74 -0.05 -50.24
CA VAL A 761 -35.41 -1.46 -50.44
C VAL A 761 -34.11 -1.52 -51.24
N PRO A 762 -33.11 -2.25 -50.77
CA PRO A 762 -31.82 -2.28 -51.46
C PRO A 762 -31.90 -3.07 -52.76
N THR A 763 -30.93 -2.80 -53.65
CA THR A 763 -30.82 -3.51 -54.90
C THR A 763 -29.56 -4.35 -55.02
N ASN A 764 -28.52 -4.05 -54.25
CA ASN A 764 -27.28 -4.83 -54.27
C ASN A 764 -26.65 -4.77 -52.90
N PHE A 765 -25.79 -5.76 -52.62
CA PHE A 765 -25.19 -5.91 -51.31
C PHE A 765 -23.83 -6.57 -51.44
N SER A 766 -23.17 -6.77 -50.31
CA SER A 766 -21.88 -7.44 -50.24
C SER A 766 -21.66 -7.89 -48.81
N PHE A 767 -21.14 -9.10 -48.64
CA PHE A 767 -20.83 -9.60 -47.31
C PHE A 767 -19.68 -8.83 -46.69
N ARG A 768 -19.75 -8.62 -45.39
CA ARG A 768 -18.64 -8.07 -44.62
C ARG A 768 -18.44 -8.92 -43.39
N VAL A 769 -17.20 -8.99 -42.93
CA VAL A 769 -16.82 -9.86 -41.82
C VAL A 769 -16.45 -8.98 -40.64
N THR A 770 -17.11 -9.24 -39.50
CA THR A 770 -16.80 -8.57 -38.25
C THR A 770 -16.09 -9.56 -37.34
N GLU A 771 -14.89 -9.22 -36.91
CA GLU A 771 -14.10 -10.05 -36.01
C GLU A 771 -14.14 -9.47 -34.61
N GLU A 772 -14.35 -10.31 -33.61
CA GLU A 772 -14.38 -9.87 -32.23
C GLU A 772 -13.63 -10.87 -31.37
N PHE A 773 -12.65 -10.37 -30.62
CA PHE A 773 -11.88 -11.18 -29.70
C PHE A 773 -12.27 -10.82 -28.28
N ILE A 774 -12.59 -11.84 -27.48
CA ILE A 774 -13.01 -11.66 -26.09
C ILE A 774 -12.07 -12.46 -25.20
N GLU A 775 -11.30 -11.76 -24.37
CA GLU A 775 -10.32 -12.40 -23.49
C GLU A 775 -11.05 -13.03 -22.32
N THR A 776 -11.15 -14.36 -22.32
CA THR A 776 -11.91 -15.07 -21.31
C THR A 776 -11.05 -15.82 -20.30
N SER A 777 -9.75 -15.52 -20.24
CA SER A 777 -8.87 -16.22 -19.33
C SER A 777 -7.89 -15.24 -18.69
N ILE A 778 -7.39 -15.63 -17.52
CA ILE A 778 -6.30 -14.90 -16.86
C ILE A 778 -5.10 -15.84 -16.83
N GLN A 779 -3.97 -15.34 -16.33
CA GLN A 779 -2.76 -16.15 -16.24
C GLN A 779 -2.72 -16.83 -14.88
N LYS A 780 -2.71 -18.17 -14.89
CA LYS A 780 -2.64 -18.90 -13.64
C LYS A 780 -1.23 -18.82 -13.07
N VAL A 781 -0.99 -17.81 -12.24
CA VAL A 781 0.31 -17.52 -11.66
C VAL A 781 0.25 -17.80 -10.17
N THR A 782 1.30 -18.41 -9.64
CA THR A 782 1.42 -18.61 -8.19
C THR A 782 2.80 -18.14 -7.74
N VAL A 783 2.85 -17.57 -6.54
CA VAL A 783 4.05 -16.95 -5.98
C VAL A 783 4.27 -17.51 -4.58
N ASP A 784 5.50 -17.90 -4.29
CA ASP A 784 5.89 -18.25 -2.93
C ASP A 784 6.45 -17.01 -2.25
N CYS A 785 5.99 -16.75 -1.03
CA CYS A 785 6.32 -15.49 -0.37
C CYS A 785 7.75 -15.44 0.13
N LYS A 786 8.24 -16.56 0.70
CA LYS A 786 9.57 -16.55 1.30
C LYS A 786 10.67 -16.39 0.26
N GLN A 787 10.53 -17.05 -0.89
CA GLN A 787 11.51 -16.93 -1.96
C GLN A 787 11.41 -15.60 -2.69
N TYR A 788 10.28 -14.90 -2.58
CA TYR A 788 10.13 -13.62 -3.26
C TYR A 788 10.56 -12.46 -2.38
N VAL A 789 10.08 -12.42 -1.13
CA VAL A 789 10.40 -11.31 -0.25
C VAL A 789 11.88 -11.35 0.13
N CYS A 790 12.37 -12.51 0.53
CA CYS A 790 13.77 -12.72 0.84
C CYS A 790 14.41 -13.56 -0.25
N ASN A 791 15.69 -13.86 -0.08
CA ASN A 791 16.43 -14.70 -1.01
C ASN A 791 17.02 -15.90 -0.30
N GLY A 792 16.30 -16.42 0.68
CA GLY A 792 16.73 -17.58 1.43
C GLY A 792 17.58 -17.27 2.63
N PHE A 793 17.92 -16.01 2.88
CA PHE A 793 18.67 -15.66 4.06
C PHE A 793 17.83 -15.88 5.31
N GLU A 794 18.43 -16.50 6.33
CA GLU A 794 17.70 -16.78 7.56
C GLU A 794 17.41 -15.51 8.35
N ARG A 795 18.21 -14.46 8.16
CA ARG A 795 17.95 -13.19 8.83
C ARG A 795 16.70 -12.53 8.28
N CYS A 796 16.57 -12.50 6.96
CA CYS A 796 15.37 -11.93 6.35
C CYS A 796 14.15 -12.77 6.64
N GLU A 797 14.30 -14.10 6.66
CA GLU A 797 13.16 -14.96 6.99
C GLU A 797 12.71 -14.74 8.43
N GLN A 798 13.66 -14.60 9.36
CA GLN A 798 13.31 -14.33 10.75
C GLN A 798 12.65 -12.96 10.91
N LEU A 799 13.14 -11.96 10.18
CA LEU A 799 12.52 -10.64 10.26
C LEU A 799 11.14 -10.62 9.63
N LEU A 800 10.92 -11.42 8.59
CA LEU A 800 9.57 -11.54 8.02
C LEU A 800 8.64 -12.28 8.98
N GLU A 801 9.17 -13.26 9.72
CA GLU A 801 8.36 -13.96 10.71
C GLU A 801 7.98 -13.03 11.86
N GLN A 802 8.89 -12.17 12.28
CA GLN A 802 8.58 -11.16 13.28
C GLN A 802 7.78 -9.98 12.72
N TYR A 803 7.66 -9.89 11.40
CA TYR A 803 6.89 -8.86 10.72
C TYR A 803 5.41 -9.20 10.61
N GLY A 804 5.00 -10.34 11.14
CA GLY A 804 3.63 -10.81 10.99
C GLY A 804 3.56 -11.95 9.99
N GLN A 805 2.33 -12.40 9.76
CA GLN A 805 2.07 -13.50 8.85
C GLN A 805 1.32 -12.96 7.64
N PHE A 806 2.01 -12.86 6.50
CA PHE A 806 1.41 -12.44 5.25
C PHE A 806 1.45 -13.50 4.16
N CYS A 807 2.39 -14.45 4.23
CA CYS A 807 2.59 -15.38 3.12
C CYS A 807 1.46 -16.39 3.00
N ALA A 808 0.87 -16.80 4.12
CA ALA A 808 -0.27 -17.71 4.07
C ALA A 808 -1.46 -17.07 3.37
N LYS A 809 -1.68 -15.77 3.63
CA LYS A 809 -2.78 -15.06 2.99
C LYS A 809 -2.58 -14.96 1.49
N ILE A 810 -1.34 -14.67 1.06
CA ILE A 810 -1.04 -14.57 -0.37
C ILE A 810 -1.23 -15.92 -1.05
N ASN A 811 -0.75 -16.98 -0.43
CA ASN A 811 -0.88 -18.31 -1.01
C ASN A 811 -2.34 -18.74 -1.10
N GLN A 812 -3.13 -18.45 -0.06
CA GLN A 812 -4.55 -18.78 -0.08
C GLN A 812 -5.29 -17.99 -1.15
N ALA A 813 -4.98 -16.70 -1.30
CA ALA A 813 -5.66 -15.88 -2.29
C ALA A 813 -5.33 -16.34 -3.72
N LEU A 814 -4.07 -16.66 -3.97
CA LEU A 814 -3.71 -17.12 -5.31
C LEU A 814 -4.30 -18.49 -5.61
N HIS A 815 -4.33 -19.38 -4.61
CA HIS A 815 -4.96 -20.68 -4.81
C HIS A 815 -6.44 -20.53 -5.08
N GLY A 816 -7.10 -19.59 -4.39
CA GLY A 816 -8.51 -19.35 -4.64
C GLY A 816 -8.79 -18.82 -6.04
N VAL A 817 -8.00 -17.85 -6.50
CA VAL A 817 -8.27 -17.32 -7.84
C VAL A 817 -7.92 -18.34 -8.92
N ASN A 818 -6.91 -19.19 -8.68
CA ASN A 818 -6.60 -20.23 -9.65
C ASN A 818 -7.70 -21.29 -9.73
N LEU A 819 -8.24 -21.70 -8.58
CA LEU A 819 -9.36 -22.65 -8.60
C LEU A 819 -10.60 -22.05 -9.23
N ARG A 820 -10.83 -20.75 -9.00
CA ARG A 820 -11.96 -20.08 -9.63
C ARG A 820 -11.81 -20.05 -11.15
N GLN A 821 -10.60 -19.75 -11.63
CA GLN A 821 -10.37 -19.74 -13.08
C GLN A 821 -10.51 -21.13 -13.68
N ASP A 822 -10.04 -22.16 -12.98
CA ASP A 822 -10.19 -23.53 -13.45
C ASP A 822 -11.66 -23.93 -13.55
N ASP A 823 -12.45 -23.60 -12.51
CA ASP A 823 -13.87 -23.93 -12.53
C ASP A 823 -14.60 -23.16 -13.62
N ALA A 824 -14.23 -21.89 -13.84
CA ALA A 824 -14.85 -21.10 -14.89
C ALA A 824 -14.54 -21.66 -16.28
N THR A 825 -13.29 -22.09 -16.50
CA THR A 825 -12.93 -22.70 -17.77
C THR A 825 -13.68 -24.01 -18.00
N LYS A 826 -13.80 -24.83 -16.95
CA LYS A 826 -14.55 -26.07 -17.08
C LYS A 826 -16.02 -25.82 -17.39
N SER A 827 -16.63 -24.84 -16.72
CA SER A 827 -18.04 -24.52 -17.00
C SER A 827 -18.22 -23.95 -18.39
N LEU A 828 -17.29 -23.12 -18.84
CA LEU A 828 -17.38 -22.55 -20.19
C LEU A 828 -17.28 -23.62 -21.26
N PHE A 829 -16.34 -24.55 -21.11
CA PHE A 829 -16.21 -25.61 -22.11
C PHE A 829 -17.31 -26.64 -21.99
N GLU A 830 -17.96 -26.76 -20.83
CA GLU A 830 -19.16 -27.59 -20.75
C GLU A 830 -20.32 -26.93 -21.47
N SER A 831 -20.40 -25.60 -21.41
CA SER A 831 -21.49 -24.91 -22.09
C SER A 831 -21.27 -24.84 -23.61
N ILE A 832 -20.02 -24.88 -24.06
CA ILE A 832 -19.74 -24.85 -25.49
C ILE A 832 -20.19 -26.15 -26.15
N ARG A 833 -20.01 -27.28 -25.45
CA ARG A 833 -20.20 -28.61 -26.04
C ARG A 833 -21.62 -28.84 -26.53
N VAL A 834 -21.75 -29.31 -27.75
CA VAL A 834 -23.03 -29.54 -28.43
C VAL A 834 -23.23 -31.04 -28.57
N PRO A 835 -24.42 -31.57 -28.26
CA PRO A 835 -24.61 -33.03 -28.34
C PRO A 835 -24.55 -33.61 -29.74
N GLN A 836 -24.74 -32.81 -30.78
CA GLN A 836 -24.71 -33.29 -32.14
C GLN A 836 -23.57 -32.61 -32.90
N SER A 837 -23.00 -33.33 -33.87
CA SER A 837 -21.89 -32.80 -34.63
C SER A 837 -21.81 -33.51 -35.97
N ALA A 838 -21.53 -32.75 -37.02
CA ALA A 838 -21.32 -33.29 -38.36
C ALA A 838 -19.91 -32.91 -38.81
N PRO A 839 -18.93 -33.81 -38.69
CA PRO A 839 -17.58 -33.48 -39.15
C PRO A 839 -17.44 -33.34 -40.65
N LEU A 840 -18.40 -33.87 -41.42
CA LEU A 840 -18.28 -33.89 -42.87
C LEU A 840 -18.71 -32.58 -43.53
N MET A 841 -19.51 -31.74 -42.83
CA MET A 841 -19.97 -30.50 -43.46
C MET A 841 -18.85 -29.50 -43.64
N ALA A 842 -17.77 -29.60 -42.85
CA ALA A 842 -16.57 -28.83 -43.11
C ALA A 842 -15.77 -29.37 -44.29
N SER A 843 -15.97 -30.65 -44.63
CA SER A 843 -15.25 -31.24 -45.77
C SER A 843 -15.90 -30.84 -47.09
N LEU A 844 -17.19 -31.15 -47.25
CA LEU A 844 -17.92 -30.81 -48.46
C LEU A 844 -18.67 -29.50 -48.22
N SER A 845 -18.35 -28.48 -49.01
CA SER A 845 -18.96 -27.16 -48.87
C SER A 845 -19.83 -26.80 -50.07
N GLY A 846 -20.05 -27.74 -50.98
CA GLY A 846 -20.70 -27.38 -52.23
C GLY A 846 -19.79 -26.46 -53.02
N ASP A 847 -20.29 -25.26 -53.34
CA ASP A 847 -19.48 -24.26 -54.02
C ASP A 847 -18.68 -23.42 -53.03
N TYR A 848 -19.09 -23.40 -51.75
CA TYR A 848 -18.49 -22.52 -50.76
C TYR A 848 -17.08 -22.98 -50.38
N ASN A 849 -16.44 -22.18 -49.53
CA ASN A 849 -15.07 -22.43 -49.09
C ASN A 849 -14.97 -22.03 -47.62
N LEU A 850 -15.13 -22.99 -46.73
CA LEU A 850 -14.99 -22.76 -45.29
C LEU A 850 -13.74 -23.44 -44.73
N SER A 851 -12.77 -23.74 -45.59
CA SER A 851 -11.62 -24.57 -45.24
C SER A 851 -10.71 -23.94 -44.20
N LEU A 852 -10.87 -22.66 -43.90
CA LEU A 852 -10.11 -22.04 -42.81
C LEU A 852 -10.50 -22.65 -41.47
N PHE A 853 -11.78 -22.92 -41.27
CA PHE A 853 -12.27 -23.50 -40.03
C PHE A 853 -12.25 -25.03 -40.02
N GLU A 854 -11.87 -25.65 -41.13
CA GLU A 854 -11.85 -27.10 -41.22
C GLU A 854 -10.63 -27.65 -40.48
N THR A 855 -10.85 -28.68 -39.68
CA THR A 855 -9.73 -29.38 -39.05
C THR A 855 -8.92 -30.12 -40.11
N PRO A 856 -7.60 -30.22 -39.93
CA PRO A 856 -6.78 -30.96 -40.90
C PRO A 856 -6.58 -32.41 -40.49
N GLY A 864 -0.14 -34.34 -32.37
CA GLY A 864 0.09 -33.33 -33.40
C GLY A 864 -0.79 -32.11 -33.23
N ASN A 865 -1.19 -31.51 -34.35
CA ASN A 865 -2.03 -30.33 -34.35
C ASN A 865 -3.41 -30.71 -34.88
N TYR A 866 -4.44 -30.51 -34.05
CA TYR A 866 -5.82 -30.74 -34.45
C TYR A 866 -6.62 -29.45 -34.56
N ARG A 867 -5.94 -28.31 -34.52
CA ARG A 867 -6.61 -27.02 -34.64
C ARG A 867 -6.69 -26.60 -36.10
N SER A 868 -7.64 -25.72 -36.39
CA SER A 868 -7.92 -25.32 -37.75
C SER A 868 -6.83 -24.37 -38.26
N ALA A 869 -7.03 -23.89 -39.49
CA ALA A 869 -6.07 -22.95 -40.07
C ALA A 869 -6.12 -21.60 -39.36
N LEU A 870 -7.31 -21.18 -38.91
CA LEU A 870 -7.42 -19.88 -38.25
C LEU A 870 -6.76 -19.88 -36.89
N GLU A 871 -6.89 -20.98 -36.14
CA GLU A 871 -6.26 -21.06 -34.83
C GLU A 871 -4.74 -21.11 -34.95
N ASP A 872 -4.23 -21.86 -35.94
CA ASP A 872 -2.80 -21.86 -36.22
C ASP A 872 -2.31 -20.48 -36.64
N LEU A 873 -3.12 -19.77 -37.43
CA LEU A 873 -2.76 -18.42 -37.83
C LEU A 873 -2.70 -17.48 -36.63
N LEU A 874 -3.67 -17.59 -35.72
CA LEU A 874 -3.69 -16.74 -34.54
C LEU A 874 -2.52 -17.03 -33.62
N PHE A 875 -2.20 -18.31 -33.41
CA PHE A 875 -1.08 -18.65 -32.54
C PHE A 875 0.28 -18.40 -33.19
N ASP A 876 0.35 -18.35 -34.52
CA ASP A 876 1.61 -18.08 -35.20
C ASP A 876 1.87 -16.59 -35.35
N LYS A 877 0.83 -15.79 -35.55
CA LYS A 877 0.97 -14.37 -35.82
C LYS A 877 0.95 -13.53 -34.53
N VAL A 878 0.95 -14.18 -33.37
CA VAL A 878 0.99 -13.50 -32.08
C VAL A 878 2.24 -13.94 -31.35
N THR A 879 3.04 -12.97 -30.90
CA THR A 879 4.25 -13.26 -30.13
C THR A 879 3.85 -13.61 -28.71
N LEU A 880 3.46 -14.87 -28.53
CA LEU A 880 3.03 -15.35 -27.22
C LEU A 880 4.15 -16.13 -26.53
N GLY A 884 8.37 -25.94 -24.52
CA GLY A 884 6.98 -25.99 -24.07
C GLY A 884 6.86 -26.02 -22.56
N TYR A 885 6.08 -26.98 -22.06
CA TYR A 885 5.86 -27.14 -20.62
C TYR A 885 6.46 -28.44 -20.10
N MET A 886 7.36 -29.07 -20.86
CA MET A 886 8.11 -30.22 -20.40
C MET A 886 9.61 -30.04 -20.50
N LYS A 887 10.08 -28.98 -21.17
CA LYS A 887 11.50 -28.67 -21.30
C LYS A 887 11.80 -27.32 -20.64
N GLY A 888 10.88 -26.85 -19.79
CA GLY A 888 10.98 -25.50 -19.26
C GLY A 888 12.17 -25.28 -18.35
N TYR A 889 12.52 -26.29 -17.56
CA TYR A 889 13.73 -26.18 -16.76
C TYR A 889 14.96 -26.35 -17.62
N ASP A 890 14.94 -27.31 -18.55
CA ASP A 890 16.16 -27.72 -19.25
C ASP A 890 16.61 -26.70 -20.29
N GLU A 891 15.78 -25.72 -20.64
CA GLU A 891 16.25 -24.67 -21.54
C GLU A 891 17.31 -23.81 -20.85
N CYS A 892 17.26 -23.73 -19.52
CA CYS A 892 18.29 -23.07 -18.75
C CYS A 892 19.17 -24.10 -18.04
N LEU A 903 13.83 -16.33 -19.64
CA LEU A 903 12.55 -15.82 -19.17
C LEU A 903 11.83 -16.86 -18.31
N ILE A 904 11.69 -18.07 -18.86
CA ILE A 904 11.00 -19.14 -18.13
C ILE A 904 11.82 -19.59 -16.94
N CYS A 905 13.15 -19.65 -17.08
CA CYS A 905 14.01 -19.88 -15.93
C CYS A 905 14.42 -18.60 -15.22
N ALA A 906 14.25 -17.44 -15.85
CA ALA A 906 14.51 -16.18 -15.18
C ALA A 906 13.43 -15.83 -14.17
N GLN A 907 12.27 -16.48 -14.25
CA GLN A 907 11.21 -16.28 -13.28
C GLN A 907 11.26 -17.30 -12.16
N TYR A 908 12.26 -18.18 -12.14
CA TYR A 908 12.41 -19.15 -11.06
C TYR A 908 13.36 -18.70 -9.97
N VAL A 909 14.25 -17.74 -10.27
CA VAL A 909 15.13 -17.22 -9.22
C VAL A 909 14.33 -16.36 -8.23
N ALA A 910 13.42 -15.53 -8.72
CA ALA A 910 12.45 -14.85 -7.89
C ALA A 910 11.13 -15.57 -8.10
N GLY A 911 10.74 -16.39 -7.14
CA GLY A 911 9.75 -17.43 -7.35
C GLY A 911 8.36 -17.00 -7.78
N TYR A 912 8.06 -17.23 -9.06
CA TYR A 912 6.70 -17.20 -9.57
C TYR A 912 6.67 -18.01 -10.85
N LYS A 913 5.65 -18.83 -11.02
CA LYS A 913 5.51 -19.66 -12.20
C LYS A 913 4.11 -19.51 -12.77
N VAL A 914 3.98 -19.80 -14.05
CA VAL A 914 2.71 -19.76 -14.75
C VAL A 914 2.21 -21.19 -14.85
N LEU A 915 1.14 -21.51 -14.14
CA LEU A 915 0.59 -22.86 -14.19
C LEU A 915 -0.04 -23.13 -15.55
N PRO A 916 -0.01 -24.38 -16.00
CA PRO A 916 -0.62 -24.70 -17.29
C PRO A 916 -2.13 -24.60 -17.23
N PRO A 917 -2.79 -24.35 -18.36
CA PRO A 917 -4.26 -24.37 -18.37
C PRO A 917 -4.79 -25.78 -18.16
N LEU A 918 -6.08 -25.84 -17.78
CA LEU A 918 -6.70 -27.13 -17.46
C LEU A 918 -6.79 -28.03 -18.67
N TYR A 919 -7.21 -27.50 -19.80
CA TYR A 919 -7.35 -28.30 -21.02
C TYR A 919 -6.16 -28.05 -21.92
N ASP A 920 -5.72 -29.11 -22.61
CA ASP A 920 -4.64 -29.00 -23.56
C ASP A 920 -5.09 -28.23 -24.79
N SER A 921 -4.13 -27.92 -25.67
CA SER A 921 -4.47 -27.24 -26.92
C SER A 921 -5.38 -28.10 -27.80
N ASN A 922 -5.11 -29.40 -27.86
CA ASN A 922 -5.93 -30.30 -28.67
C ASN A 922 -7.33 -30.45 -28.11
N MET A 923 -7.49 -30.37 -26.78
CA MET A 923 -8.81 -30.43 -26.17
C MET A 923 -9.67 -29.24 -26.61
N GLU A 924 -9.12 -28.03 -26.48
CA GLU A 924 -9.85 -26.84 -26.89
C GLU A 924 -10.10 -26.84 -28.39
N ALA A 925 -9.13 -27.31 -29.17
CA ALA A 925 -9.31 -27.40 -30.61
C ALA A 925 -10.41 -28.39 -30.97
N MET A 926 -10.50 -29.51 -30.25
CA MET A 926 -11.54 -30.49 -30.51
C MET A 926 -12.92 -29.96 -30.12
N TYR A 927 -13.01 -29.22 -29.01
CA TYR A 927 -14.28 -28.60 -28.65
C TYR A 927 -14.71 -27.57 -29.68
N THR A 928 -13.76 -26.76 -30.17
CA THR A 928 -14.06 -25.80 -31.22
C THR A 928 -14.49 -26.48 -32.51
N ALA A 929 -13.82 -27.58 -32.87
CA ALA A 929 -14.17 -28.32 -34.08
C ALA A 929 -15.55 -28.95 -33.98
N SER A 930 -15.91 -29.47 -32.80
CA SER A 930 -17.27 -29.98 -32.63
C SER A 930 -18.30 -28.87 -32.65
N LEU A 931 -17.94 -27.67 -32.20
CA LEU A 931 -18.83 -26.54 -32.36
C LEU A 931 -18.96 -26.14 -33.83
N THR A 932 -17.91 -26.33 -34.62
CA THR A 932 -17.96 -26.00 -36.04
C THR A 932 -18.89 -26.97 -36.78
N GLY A 933 -18.91 -28.23 -36.37
CA GLY A 933 -19.69 -29.25 -37.02
C GLY A 933 -21.16 -29.31 -36.68
N SER A 934 -21.69 -28.31 -35.96
CA SER A 934 -23.10 -28.29 -35.59
C SER A 934 -23.77 -26.98 -35.98
N ILE A 935 -23.14 -26.17 -36.83
CA ILE A 935 -23.73 -24.89 -37.19
C ILE A 935 -24.90 -25.06 -38.15
N ALA A 936 -24.91 -26.14 -38.94
CA ALA A 936 -25.88 -26.38 -40.00
C ALA A 936 -27.33 -26.34 -39.52
N GLY A 937 -27.71 -27.29 -38.66
CA GLY A 937 -28.94 -27.22 -37.90
C GLY A 937 -30.23 -27.07 -38.70
N ALA A 938 -30.80 -25.86 -38.64
CA ALA A 938 -31.95 -25.38 -39.40
C ALA A 938 -33.26 -26.11 -39.05
N LEU A 939 -34.36 -25.58 -39.56
CA LEU A 939 -35.72 -26.11 -39.35
C LEU A 939 -36.09 -26.26 -37.88
N ALA A 947 -31.65 -33.22 -33.79
CA ALA A 947 -31.17 -32.24 -34.76
C ALA A 947 -31.11 -32.84 -36.16
N ALA A 948 -30.84 -31.99 -37.14
CA ALA A 948 -30.79 -32.41 -38.54
C ALA A 948 -29.47 -31.97 -39.16
N SER A 949 -28.81 -32.89 -39.87
CA SER A 949 -27.55 -32.60 -40.56
C SER A 949 -27.87 -32.09 -41.96
N LEU A 950 -27.34 -30.92 -42.30
CA LEU A 950 -27.64 -30.29 -43.57
C LEU A 950 -26.34 -29.90 -44.27
N PRO A 951 -26.35 -29.84 -45.60
CA PRO A 951 -25.22 -29.24 -46.31
C PRO A 951 -25.15 -27.75 -46.03
N PHE A 952 -23.94 -27.19 -46.16
CA PHE A 952 -23.74 -25.79 -45.81
C PHE A 952 -24.47 -24.85 -46.76
N ALA A 953 -24.57 -25.22 -48.05
CA ALA A 953 -25.29 -24.38 -49.01
C ALA A 953 -26.77 -24.28 -48.67
N GLN A 954 -27.39 -25.41 -48.31
CA GLN A 954 -28.80 -25.41 -47.93
C GLN A 954 -29.02 -24.62 -46.66
N SER A 955 -28.11 -24.74 -45.68
CA SER A 955 -28.24 -24.00 -44.44
C SER A 955 -28.09 -22.50 -44.68
N ILE A 956 -27.17 -22.10 -45.55
CA ILE A 956 -27.02 -20.69 -45.89
C ILE A 956 -28.27 -20.16 -46.60
N TYR A 957 -28.84 -20.96 -47.50
CA TYR A 957 -30.07 -20.56 -48.18
C TYR A 957 -31.23 -20.40 -47.19
N TYR A 958 -31.35 -21.32 -46.24
CA TYR A 958 -32.42 -21.22 -45.25
C TYR A 958 -32.21 -20.06 -44.30
N ARG A 959 -30.95 -19.72 -44.00
CA ARG A 959 -30.69 -18.53 -43.20
C ARG A 959 -31.02 -17.26 -43.97
N MET A 960 -30.76 -17.25 -45.27
CA MET A 960 -31.04 -16.05 -46.07
C MET A 960 -32.53 -15.87 -46.31
N ASN A 961 -33.30 -16.95 -46.32
CA ASN A 961 -34.74 -16.81 -46.53
C ASN A 961 -35.43 -16.09 -45.39
N GLY A 962 -34.85 -16.14 -44.18
CA GLY A 962 -35.48 -15.52 -43.04
C GLY A 962 -35.35 -14.00 -42.99
N ILE A 963 -34.34 -13.43 -43.66
CA ILE A 963 -34.18 -11.98 -43.66
C ILE A 963 -35.26 -11.32 -44.50
N GLY A 964 -35.56 -11.91 -45.66
CA GLY A 964 -36.48 -11.29 -46.59
C GLY A 964 -36.01 -11.36 -48.03
N ILE A 965 -34.90 -12.05 -48.26
CA ILE A 965 -34.48 -12.37 -49.62
C ILE A 965 -35.35 -13.51 -50.11
N THR A 966 -36.16 -13.25 -51.13
CA THR A 966 -37.12 -14.24 -51.59
C THR A 966 -36.41 -15.38 -52.31
N GLN A 967 -37.16 -16.48 -52.49
CA GLN A 967 -36.57 -17.73 -52.97
C GLN A 967 -36.03 -17.60 -54.39
N ASN A 968 -36.72 -16.85 -55.24
CA ASN A 968 -36.29 -16.71 -56.63
C ASN A 968 -34.98 -15.94 -56.78
N VAL A 969 -34.59 -15.17 -55.77
CA VAL A 969 -33.32 -14.45 -55.83
C VAL A 969 -32.15 -15.41 -55.73
N LEU A 970 -32.22 -16.35 -54.78
CA LEU A 970 -31.12 -17.31 -54.63
C LEU A 970 -31.11 -18.36 -55.72
N MET A 971 -32.25 -18.64 -56.34
CA MET A 971 -32.31 -19.63 -57.41
C MET A 971 -31.73 -19.12 -58.71
N GLU A 972 -31.42 -17.83 -58.81
CA GLU A 972 -30.84 -17.24 -60.02
C GLU A 972 -29.37 -16.89 -59.90
N ASN A 973 -28.90 -16.52 -58.70
CA ASN A 973 -27.54 -16.03 -58.52
C ASN A 973 -26.87 -16.72 -57.34
N GLN A 974 -27.00 -18.04 -57.26
CA GLN A 974 -26.30 -18.78 -56.20
C GLN A 974 -24.79 -18.77 -56.42
N LYS A 975 -24.35 -18.81 -57.69
CA LYS A 975 -22.92 -18.76 -57.99
C LYS A 975 -22.32 -17.42 -57.57
N LEU A 976 -23.05 -16.32 -57.80
CA LEU A 976 -22.61 -15.01 -57.34
C LEU A 976 -22.55 -14.97 -55.82
N ILE A 977 -23.49 -15.63 -55.15
CA ILE A 977 -23.50 -15.67 -53.69
C ILE A 977 -22.25 -16.40 -53.17
N ALA A 978 -21.93 -17.53 -53.78
CA ALA A 978 -20.73 -18.27 -53.39
C ALA A 978 -19.47 -17.46 -53.67
N ASN A 979 -19.44 -16.77 -54.80
CA ASN A 979 -18.28 -15.95 -55.15
C ASN A 979 -18.09 -14.81 -54.14
N LYS A 980 -19.18 -14.14 -53.75
CA LYS A 980 -19.06 -13.04 -52.79
C LYS A 980 -18.70 -13.55 -51.40
N PHE A 981 -19.22 -14.72 -51.02
CA PHE A 981 -18.86 -15.30 -49.73
C PHE A 981 -17.39 -15.66 -49.66
N ASN A 982 -16.88 -16.34 -50.70
CA ASN A 982 -15.46 -16.68 -50.73
C ASN A 982 -14.58 -15.46 -50.85
N GLN A 983 -15.04 -14.42 -51.56
CA GLN A 983 -14.28 -13.18 -51.65
C GLN A 983 -14.18 -12.48 -50.30
N ALA A 984 -15.29 -12.44 -49.56
CA ALA A 984 -15.28 -11.82 -48.23
C ALA A 984 -14.38 -12.59 -47.27
N LEU A 985 -14.43 -13.94 -47.32
CA LEU A 985 -13.59 -14.73 -46.43
C LEU A 985 -12.12 -14.61 -46.81
N GLY A 986 -11.81 -14.55 -48.12
CA GLY A 986 -10.44 -14.36 -48.54
C GLY A 986 -9.90 -12.99 -48.18
N ALA A 987 -10.74 -11.96 -48.27
CA ALA A 987 -10.33 -10.63 -47.81
C ALA A 987 -10.16 -10.59 -46.30
N MET A 988 -10.90 -11.43 -45.56
CA MET A 988 -10.69 -11.55 -44.13
C MET A 988 -9.33 -12.18 -43.83
N GLN A 989 -9.00 -13.29 -44.50
CA GLN A 989 -7.80 -14.03 -44.17
C GLN A 989 -6.53 -13.24 -44.53
N THR A 990 -6.47 -12.71 -45.74
CA THR A 990 -5.33 -11.90 -46.14
C THR A 990 -5.44 -10.52 -45.48
N GLY A 991 -4.30 -9.99 -45.03
CA GLY A 991 -4.30 -8.76 -44.27
C GLY A 991 -4.91 -8.93 -42.88
N PHE A 992 -4.64 -10.05 -42.23
CA PHE A 992 -5.12 -10.27 -40.87
C PHE A 992 -4.44 -9.31 -39.91
N THR A 993 -3.13 -9.11 -40.08
CA THR A 993 -2.28 -8.26 -39.26
C THR A 993 -2.24 -6.85 -39.84
N THR A 994 -1.18 -6.10 -39.51
CA THR A 994 -0.91 -4.75 -40.01
C THR A 994 -2.01 -3.76 -39.60
N THR A 995 -2.05 -3.50 -38.28
CA THR A 995 -2.83 -2.49 -37.59
C THR A 995 -4.33 -2.73 -37.64
N ASN A 996 -4.76 -3.97 -37.89
CA ASN A 996 -6.17 -4.31 -37.77
C ASN A 996 -6.63 -4.12 -36.32
N GLN A 997 -7.79 -3.48 -36.16
CA GLN A 997 -8.27 -3.12 -34.82
C GLN A 997 -8.67 -4.36 -34.03
N ALA A 998 -9.33 -5.32 -34.67
CA ALA A 998 -9.80 -6.50 -33.95
C ALA A 998 -8.65 -7.41 -33.55
N PHE A 999 -7.66 -7.56 -34.43
CA PHE A 999 -6.52 -8.43 -34.12
C PHE A 999 -5.59 -7.80 -33.08
N GLN A 1000 -5.58 -6.47 -32.97
CA GLN A 1000 -4.72 -5.81 -32.00
C GLN A 1000 -5.12 -6.13 -30.57
N LYS A 1001 -6.37 -6.53 -30.32
CA LYS A 1001 -6.80 -6.85 -28.97
C LYS A 1001 -6.09 -8.09 -28.44
N VAL A 1002 -5.82 -9.07 -29.31
CA VAL A 1002 -5.10 -10.27 -28.90
C VAL A 1002 -3.67 -9.92 -28.47
N GLN A 1003 -2.99 -9.11 -29.28
CA GLN A 1003 -1.64 -8.69 -28.96
C GLN A 1003 -1.60 -7.82 -27.71
N ASP A 1004 -2.65 -7.01 -27.51
CA ASP A 1004 -2.73 -6.19 -26.30
C ASP A 1004 -2.91 -7.06 -25.06
N ALA A 1005 -3.76 -8.09 -25.15
CA ALA A 1005 -3.95 -8.99 -24.01
C ALA A 1005 -2.68 -9.76 -23.68
N VAL A 1006 -1.99 -10.26 -24.71
CA VAL A 1006 -0.74 -10.99 -24.47
C VAL A 1006 0.32 -10.04 -23.91
N ASN A 1007 0.37 -8.81 -24.41
CA ASN A 1007 1.34 -7.84 -23.91
C ASN A 1007 1.05 -7.44 -22.48
N ALA A 1008 -0.23 -7.34 -22.10
CA ALA A 1008 -0.57 -7.04 -20.71
C ALA A 1008 -0.24 -8.21 -19.79
N ASN A 1009 -0.49 -9.44 -20.25
CA ASN A 1009 -0.13 -10.61 -19.46
C ASN A 1009 1.37 -10.74 -19.28
N ALA A 1010 2.16 -10.31 -20.28
CA ALA A 1010 3.61 -10.29 -20.12
C ALA A 1010 4.06 -9.12 -19.24
N GLN A 1011 3.37 -7.98 -19.32
CA GLN A 1011 3.73 -6.80 -18.54
C GLN A 1011 3.48 -7.01 -17.06
N ALA A 1012 2.46 -7.79 -16.71
CA ALA A 1012 2.21 -8.09 -15.30
C ALA A 1012 3.38 -8.86 -14.68
N LEU A 1013 3.85 -9.90 -15.38
CA LEU A 1013 4.99 -10.66 -14.89
C LEU A 1013 6.28 -9.84 -14.94
N SER A 1014 6.42 -8.95 -15.93
CA SER A 1014 7.60 -8.10 -15.99
C SER A 1014 7.63 -7.12 -14.82
N LYS A 1015 6.47 -6.58 -14.44
CA LYS A 1015 6.42 -5.68 -13.29
C LYS A 1015 6.58 -6.45 -11.98
N LEU A 1016 6.18 -7.72 -11.95
CA LEU A 1016 6.34 -8.51 -10.73
C LEU A 1016 7.81 -8.77 -10.42
N ALA A 1017 8.62 -9.04 -11.44
CA ALA A 1017 10.03 -9.38 -11.24
C ALA A 1017 10.95 -8.17 -11.33
N SER A 1018 10.43 -6.98 -11.62
CA SER A 1018 11.26 -5.78 -11.66
C SER A 1018 11.38 -5.09 -10.31
N GLU A 1019 10.62 -5.52 -9.31
CA GLU A 1019 10.71 -4.93 -7.98
C GLU A 1019 11.77 -5.58 -7.12
N LEU A 1020 12.48 -6.59 -7.64
CA LEU A 1020 13.62 -7.13 -6.92
C LEU A 1020 14.80 -6.17 -6.97
N SER A 1021 14.91 -5.38 -8.03
CA SER A 1021 15.99 -4.42 -8.18
C SER A 1021 15.62 -3.04 -7.67
N ASN A 1022 14.64 -2.94 -6.77
CA ASN A 1022 14.23 -1.68 -6.19
C ASN A 1022 14.88 -1.53 -4.82
N THR A 1023 15.66 -0.46 -4.65
CA THR A 1023 16.36 -0.27 -3.38
C THR A 1023 15.41 0.12 -2.26
N PHE A 1024 14.28 0.75 -2.59
CA PHE A 1024 13.23 1.13 -1.65
C PHE A 1024 13.75 2.02 -0.53
N GLY A 1025 14.75 2.84 -0.82
CA GLY A 1025 15.37 3.68 0.18
C GLY A 1025 16.54 3.06 0.90
N ALA A 1026 16.74 1.75 0.78
CA ALA A 1026 17.86 1.10 1.42
C ALA A 1026 19.15 1.35 0.64
N ILE A 1027 20.27 0.91 1.22
CA ILE A 1027 21.55 1.14 0.57
C ILE A 1027 21.71 0.29 -0.68
N SER A 1028 21.13 -0.91 -0.70
CA SER A 1028 21.19 -1.77 -1.87
C SER A 1028 20.00 -2.70 -1.87
N ALA A 1029 19.60 -3.13 -3.07
CA ALA A 1029 18.44 -3.99 -3.22
C ALA A 1029 18.75 -5.46 -2.94
N SER A 1030 20.01 -5.79 -2.71
CA SER A 1030 20.41 -7.16 -2.39
C SER A 1030 20.57 -7.30 -0.89
N ILE A 1031 19.88 -8.27 -0.30
CA ILE A 1031 19.96 -8.50 1.13
C ILE A 1031 21.36 -8.98 1.51
N GLY A 1032 22.00 -9.75 0.65
CA GLY A 1032 23.39 -10.13 0.88
C GLY A 1032 24.33 -8.94 0.89
N ASP A 1033 24.03 -7.91 0.11
CA ASP A 1033 24.86 -6.71 0.12
C ASP A 1033 24.64 -5.92 1.40
N ILE A 1034 23.40 -5.89 1.92
CA ILE A 1034 23.13 -5.21 3.18
C ILE A 1034 23.78 -5.94 4.35
N LEU A 1035 23.79 -7.27 4.29
CA LEU A 1035 24.25 -8.06 5.44
C LEU A 1035 25.75 -7.91 5.66
N LYS A 1036 26.53 -7.80 4.59
CA LYS A 1036 27.98 -7.70 4.74
C LYS A 1036 28.44 -6.27 5.04
N ARG A 1037 27.57 -5.28 4.95
CA ARG A 1037 27.96 -3.88 5.05
C ARG A 1037 27.61 -3.25 6.40
N LEU A 1038 26.39 -3.43 6.87
CA LEU A 1038 25.91 -2.74 8.04
C LEU A 1038 25.96 -3.62 9.28
N ASP A 1039 25.78 -2.99 10.44
CA ASP A 1039 25.84 -3.68 11.72
C ASP A 1039 24.49 -4.35 12.00
N THR A 1040 24.33 -4.88 13.21
CA THR A 1040 23.15 -5.69 13.51
C THR A 1040 21.89 -4.82 13.65
N LEU A 1041 22.02 -3.62 14.19
CA LEU A 1041 20.84 -2.79 14.41
C LEU A 1041 20.34 -2.16 13.13
N GLU A 1042 21.25 -1.74 12.23
CA GLU A 1042 20.83 -1.13 10.98
C GLU A 1042 20.33 -2.17 9.98
N GLN A 1043 20.78 -3.42 10.11
CA GLN A 1043 20.32 -4.50 9.26
C GLN A 1043 18.83 -4.70 9.40
N GLU A 1044 18.33 -4.62 10.64
CA GLU A 1044 16.90 -4.76 10.90
C GLU A 1044 16.10 -3.68 10.19
N VAL A 1045 16.57 -2.44 10.24
CA VAL A 1045 15.85 -1.34 9.60
C VAL A 1045 15.83 -1.49 8.09
N GLN A 1046 16.99 -1.80 7.49
CA GLN A 1046 17.05 -1.92 6.04
C GLN A 1046 16.25 -3.11 5.53
N ILE A 1047 16.34 -4.24 6.21
CA ILE A 1047 15.57 -5.42 5.81
C ILE A 1047 14.08 -5.18 6.04
N ASP A 1048 13.71 -4.41 7.07
CA ASP A 1048 12.31 -4.07 7.26
C ASP A 1048 11.77 -3.22 6.10
N ARG A 1049 12.57 -2.25 5.64
CA ARG A 1049 12.17 -1.44 4.49
C ARG A 1049 12.02 -2.28 3.23
N LEU A 1050 12.98 -3.19 3.00
CA LEU A 1050 12.91 -4.06 1.83
C LEU A 1050 11.70 -4.99 1.89
N ILE A 1051 11.42 -5.55 3.08
CA ILE A 1051 10.28 -6.44 3.25
C ILE A 1051 8.98 -5.70 3.00
N ASN A 1052 8.89 -4.46 3.49
CA ASN A 1052 7.70 -3.65 3.25
C ASN A 1052 7.49 -3.39 1.76
N GLY A 1053 8.57 -3.09 1.04
CA GLY A 1053 8.45 -2.86 -0.39
C GLY A 1053 8.00 -4.10 -1.16
N ARG A 1054 8.62 -5.25 -0.86
CA ARG A 1054 8.27 -6.47 -1.57
C ARG A 1054 6.84 -6.91 -1.25
N LEU A 1055 6.41 -6.76 0.01
CA LEU A 1055 5.06 -7.14 0.38
C LEU A 1055 4.02 -6.22 -0.25
N THR A 1056 4.34 -4.92 -0.37
CA THR A 1056 3.46 -4.01 -1.08
C THR A 1056 3.33 -4.40 -2.54
N SER A 1057 4.43 -4.78 -3.18
CA SER A 1057 4.37 -5.24 -4.57
C SER A 1057 3.53 -6.50 -4.70
N LEU A 1058 3.69 -7.45 -3.77
CA LEU A 1058 2.92 -8.69 -3.83
C LEU A 1058 1.42 -8.43 -3.65
N ASN A 1059 1.06 -7.56 -2.71
CA ASN A 1059 -0.36 -7.26 -2.49
C ASN A 1059 -0.96 -6.53 -3.68
N ALA A 1060 -0.18 -5.65 -4.32
CA ALA A 1060 -0.64 -5.01 -5.55
C ALA A 1060 -0.89 -6.03 -6.64
N PHE A 1061 0.00 -7.02 -6.76
CA PHE A 1061 -0.21 -8.09 -7.74
C PHE A 1061 -1.45 -8.91 -7.44
N VAL A 1062 -1.71 -9.19 -6.16
CA VAL A 1062 -2.89 -9.97 -5.78
C VAL A 1062 -4.16 -9.22 -6.15
N SER A 1063 -4.20 -7.92 -5.85
CA SER A 1063 -5.37 -7.11 -6.22
C SER A 1063 -5.55 -7.05 -7.74
N GLN A 1064 -4.44 -6.94 -8.48
CA GLN A 1064 -4.51 -6.95 -9.94
C GLN A 1064 -5.07 -8.27 -10.46
N GLN A 1065 -4.64 -9.39 -9.87
CA GLN A 1065 -5.16 -10.69 -10.28
C GLN A 1065 -6.64 -10.82 -9.99
N LEU A 1066 -7.09 -10.29 -8.85
CA LEU A 1066 -8.53 -10.36 -8.53
C LEU A 1066 -9.37 -9.53 -9.50
N VAL A 1067 -8.90 -8.32 -9.85
CA VAL A 1067 -9.64 -7.49 -10.79
C VAL A 1067 -9.69 -8.14 -12.17
N ARG A 1068 -8.56 -8.70 -12.61
CA ARG A 1068 -8.55 -9.39 -13.90
C ARG A 1068 -9.41 -10.64 -13.88
N SER A 1069 -9.52 -11.30 -12.72
CA SER A 1069 -10.41 -12.46 -12.61
C SER A 1069 -11.88 -12.06 -12.75
N GLU A 1070 -12.26 -10.93 -12.16
CA GLU A 1070 -13.64 -10.46 -12.33
C GLU A 1070 -13.93 -10.10 -13.78
N ALA A 1071 -12.98 -9.43 -14.44
CA ALA A 1071 -13.14 -9.09 -15.85
C ALA A 1071 -13.24 -10.35 -16.71
N ALA A 1072 -12.42 -11.35 -16.41
CA ALA A 1072 -12.45 -12.61 -17.18
C ALA A 1072 -13.75 -13.36 -16.95
N ALA A 1073 -14.31 -13.30 -15.74
CA ALA A 1073 -15.59 -13.96 -15.49
C ALA A 1073 -16.71 -13.30 -16.28
N ARG A 1074 -16.73 -11.96 -16.32
CA ARG A 1074 -17.74 -11.26 -17.13
C ARG A 1074 -17.58 -11.59 -18.61
N SER A 1075 -16.34 -11.61 -19.09
CA SER A 1075 -16.10 -11.94 -20.49
C SER A 1075 -16.47 -13.39 -20.80
N SER A 1076 -16.29 -14.30 -19.83
CA SER A 1076 -16.70 -15.69 -20.04
C SER A 1076 -18.21 -15.81 -20.16
N GLN A 1077 -18.95 -15.06 -19.34
CA GLN A 1077 -20.41 -15.03 -19.49
C GLN A 1077 -20.81 -14.48 -20.85
N LEU A 1078 -20.12 -13.43 -21.32
CA LEU A 1078 -20.41 -12.86 -22.62
C LEU A 1078 -20.12 -13.86 -23.75
N VAL A 1079 -19.04 -14.63 -23.61
CA VAL A 1079 -18.70 -15.63 -24.62
C VAL A 1079 -19.74 -16.74 -24.65
N LYS A 1080 -20.21 -17.17 -23.48
CA LYS A 1080 -21.30 -18.16 -23.42
C LYS A 1080 -22.54 -17.65 -24.14
N ASP A 1081 -22.90 -16.38 -23.89
CA ASP A 1081 -24.09 -15.81 -24.52
C ASP A 1081 -23.93 -15.72 -26.04
N LYS A 1082 -22.76 -15.28 -26.51
CA LYS A 1082 -22.53 -15.14 -27.94
C LYS A 1082 -22.53 -16.49 -28.64
N VAL A 1083 -21.96 -17.51 -27.99
CA VAL A 1083 -21.95 -18.85 -28.58
C VAL A 1083 -23.38 -19.40 -28.65
N ASN A 1084 -24.15 -19.26 -27.57
CA ASN A 1084 -25.50 -19.80 -27.56
C ASN A 1084 -26.49 -18.97 -28.36
N GLU A 1085 -26.12 -17.77 -28.80
CA GLU A 1085 -26.99 -16.96 -29.63
C GLU A 1085 -26.61 -16.99 -31.11
N CYS A 1086 -25.36 -16.66 -31.44
CA CYS A 1086 -24.98 -16.43 -32.83
C CYS A 1086 -24.42 -17.66 -33.51
N VAL A 1087 -23.84 -18.61 -32.76
CA VAL A 1087 -23.18 -19.76 -33.38
C VAL A 1087 -24.18 -20.85 -33.69
N LYS A 1088 -24.82 -21.39 -32.65
CA LYS A 1088 -25.74 -22.50 -32.82
C LYS A 1088 -27.07 -22.10 -33.44
N SER A 1089 -27.37 -20.80 -33.53
CA SER A 1089 -28.62 -20.32 -34.09
C SER A 1089 -28.35 -19.07 -34.91
N GLN A 1090 -29.42 -18.46 -35.42
CA GLN A 1090 -29.36 -17.21 -36.16
C GLN A 1090 -30.07 -16.13 -35.35
N SER A 1091 -29.36 -15.05 -35.06
CA SER A 1091 -29.91 -14.02 -34.19
C SER A 1091 -30.93 -13.17 -34.93
N SER A 1092 -31.82 -12.54 -34.16
CA SER A 1092 -32.79 -11.60 -34.68
C SER A 1092 -32.41 -10.15 -34.39
N ARG A 1093 -31.95 -9.86 -33.18
CA ARG A 1093 -31.54 -8.51 -32.84
C ARG A 1093 -30.21 -8.18 -33.49
N ASN A 1094 -30.09 -6.93 -33.97
CA ASN A 1094 -28.89 -6.48 -34.64
C ASN A 1094 -27.88 -5.95 -33.62
N GLY A 1095 -26.63 -5.87 -34.06
CA GLY A 1095 -25.56 -5.33 -33.26
C GLY A 1095 -24.90 -6.30 -32.30
N PHE A 1096 -25.67 -7.28 -31.80
CA PHE A 1096 -25.10 -8.21 -30.83
C PHE A 1096 -24.10 -9.15 -31.47
N CYS A 1097 -24.47 -9.76 -32.60
CA CYS A 1097 -23.58 -10.66 -33.32
C CYS A 1097 -22.91 -9.91 -34.47
N GLY A 1098 -22.09 -8.94 -34.09
CA GLY A 1098 -21.38 -8.16 -35.08
C GLY A 1098 -22.27 -7.09 -35.71
N GLN A 1099 -21.70 -6.44 -36.73
CA GLN A 1099 -22.39 -5.35 -37.41
C GLN A 1099 -23.18 -5.86 -38.59
N GLY A 1100 -24.26 -5.15 -38.91
CA GLY A 1100 -25.13 -5.54 -40.00
C GLY A 1100 -26.15 -6.58 -39.58
N THR A 1101 -26.73 -7.22 -40.58
CA THR A 1101 -27.69 -8.30 -40.35
C THR A 1101 -26.97 -9.63 -40.40
N HIS A 1102 -27.17 -10.44 -39.36
CA HIS A 1102 -26.34 -11.61 -39.13
C HIS A 1102 -26.70 -12.74 -40.09
N ILE A 1103 -25.68 -13.37 -40.66
CA ILE A 1103 -25.83 -14.55 -41.50
C ILE A 1103 -25.38 -15.81 -40.77
N VAL A 1104 -24.12 -15.84 -40.31
CA VAL A 1104 -23.55 -17.02 -39.68
C VAL A 1104 -22.34 -16.54 -38.87
N SER A 1105 -22.00 -17.30 -37.83
CA SER A 1105 -20.86 -16.94 -37.00
C SER A 1105 -20.08 -18.18 -36.64
N PHE A 1106 -18.75 -18.11 -36.77
CA PHE A 1106 -17.86 -19.20 -36.42
C PHE A 1106 -16.98 -18.79 -35.25
N ALA A 1107 -16.82 -19.71 -34.30
CA ALA A 1107 -16.03 -19.47 -33.10
C ALA A 1107 -14.80 -20.36 -33.11
N VAL A 1108 -13.63 -19.75 -32.88
CA VAL A 1108 -12.36 -20.46 -32.90
C VAL A 1108 -11.57 -20.07 -31.67
N ASN A 1109 -10.50 -20.82 -31.40
CA ASN A 1109 -9.65 -20.54 -30.26
C ASN A 1109 -8.79 -19.31 -30.52
N ALA A 1110 -8.19 -18.80 -29.44
CA ALA A 1110 -7.39 -17.59 -29.49
C ALA A 1110 -6.45 -17.61 -28.30
N PRO A 1111 -5.36 -16.84 -28.34
CA PRO A 1111 -4.51 -16.71 -27.15
C PRO A 1111 -5.23 -16.06 -25.99
N ASN A 1112 -5.45 -16.85 -24.92
CA ASN A 1112 -6.12 -16.41 -23.69
C ASN A 1112 -7.51 -15.84 -23.96
N GLY A 1113 -8.24 -16.46 -24.88
CA GLY A 1113 -9.57 -15.97 -25.20
C GLY A 1113 -10.16 -16.72 -26.37
N PHE A 1114 -11.22 -16.14 -26.93
CA PHE A 1114 -11.95 -16.71 -28.04
C PHE A 1114 -12.02 -15.70 -29.17
N TYR A 1115 -11.87 -16.17 -30.39
CA TYR A 1115 -11.99 -15.35 -31.58
C TYR A 1115 -13.31 -15.64 -32.27
N PHE A 1116 -14.09 -14.61 -32.54
CA PHE A 1116 -15.39 -14.73 -33.16
C PHE A 1116 -15.38 -14.13 -34.55
N VAL A 1117 -15.96 -14.83 -35.51
CA VAL A 1117 -16.04 -14.39 -36.90
C VAL A 1117 -17.51 -14.32 -37.27
N HIS A 1118 -18.09 -13.12 -37.21
CA HIS A 1118 -19.48 -12.91 -37.60
C HIS A 1118 -19.53 -12.45 -39.05
N VAL A 1119 -20.48 -13.00 -39.81
CA VAL A 1119 -20.67 -12.66 -41.20
C VAL A 1119 -21.96 -11.85 -41.32
N GLY A 1120 -21.84 -10.60 -41.73
CA GLY A 1120 -22.97 -9.71 -41.88
C GLY A 1120 -23.62 -9.81 -43.24
N TYR A 1121 -24.60 -8.93 -43.46
CA TYR A 1121 -25.29 -8.83 -44.74
C TYR A 1121 -24.90 -7.61 -45.54
N HIS A 1122 -25.00 -6.41 -44.94
CA HIS A 1122 -24.56 -5.13 -45.49
C HIS A 1122 -25.12 -4.80 -46.87
N PRO A 1123 -26.38 -4.36 -46.96
CA PRO A 1123 -26.85 -3.78 -48.23
C PRO A 1123 -26.01 -2.57 -48.60
N THR A 1124 -25.73 -2.43 -49.90
CA THR A 1124 -24.82 -1.39 -50.39
C THR A 1124 -25.53 -0.29 -51.16
N ASP A 1125 -26.33 -0.66 -52.16
CA ASP A 1125 -27.03 0.30 -53.00
C ASP A 1125 -28.53 0.21 -52.76
N TYR A 1126 -29.16 1.35 -52.52
CA TYR A 1126 -30.56 1.42 -52.13
C TYR A 1126 -31.38 2.10 -53.22
N VAL A 1127 -32.66 1.74 -53.29
CA VAL A 1127 -33.60 2.34 -54.23
C VAL A 1127 -34.74 2.94 -53.43
N ASN A 1128 -35.05 4.20 -53.71
CA ASN A 1128 -36.19 4.87 -53.08
C ASN A 1128 -37.48 4.41 -53.74
N GLN A 1129 -38.42 3.94 -52.92
CA GLN A 1129 -39.69 3.43 -53.41
C GLN A 1129 -40.78 3.78 -52.41
N THR A 1130 -42.04 3.59 -52.83
CA THR A 1130 -43.18 3.85 -51.98
C THR A 1130 -44.01 2.58 -51.83
N SER A 1131 -44.64 2.44 -50.67
CA SER A 1131 -45.43 1.25 -50.37
C SER A 1131 -46.60 1.63 -49.47
N ALA A 1132 -47.63 0.80 -49.51
CA ALA A 1132 -48.83 1.03 -48.72
C ALA A 1132 -48.88 0.07 -47.53
N TYR A 1133 -49.79 0.35 -46.61
CA TYR A 1133 -49.95 -0.49 -45.43
C TYR A 1133 -50.60 -1.82 -45.77
N GLY A 1134 -51.37 -1.88 -46.86
CA GLY A 1134 -52.01 -3.11 -47.26
C GLY A 1134 -52.96 -2.91 -48.43
N LEU A 1135 -53.24 -3.99 -49.16
CA LEU A 1135 -54.08 -3.94 -50.35
C LEU A 1135 -55.42 -4.59 -50.02
N CYS A 1136 -56.50 -3.84 -50.18
CA CYS A 1136 -57.84 -4.34 -49.92
C CYS A 1136 -58.76 -3.94 -51.06
N ASP A 1137 -59.74 -4.79 -51.34
CA ASP A 1137 -60.60 -4.65 -52.51
C ASP A 1137 -61.90 -3.96 -52.14
N SER A 1138 -62.25 -2.92 -52.90
CA SER A 1138 -63.55 -2.26 -52.88
C SER A 1138 -63.94 -1.72 -51.51
N SER A 1139 -64.95 -2.31 -50.90
CA SER A 1139 -65.54 -1.83 -49.65
C SER A 1139 -65.02 -2.58 -48.44
N ASN A 1140 -63.74 -2.94 -48.46
CA ASN A 1140 -63.03 -3.62 -47.37
C ASN A 1140 -63.70 -4.97 -47.03
N THR A 1141 -63.69 -5.85 -48.02
CA THR A 1141 -64.22 -7.20 -47.82
C THR A 1141 -63.18 -8.12 -47.21
N LYS A 1142 -62.04 -8.27 -47.88
CA LYS A 1142 -60.91 -9.02 -47.36
C LYS A 1142 -59.63 -8.29 -47.73
N CYS A 1143 -58.78 -8.02 -46.75
CA CYS A 1143 -57.56 -7.26 -46.96
C CYS A 1143 -56.35 -8.13 -46.66
N ILE A 1144 -55.24 -7.84 -47.33
CA ILE A 1144 -54.02 -8.62 -47.17
C ILE A 1144 -52.88 -7.68 -46.78
N ALA A 1145 -51.87 -8.27 -46.16
CA ALA A 1145 -50.65 -7.56 -45.79
C ALA A 1145 -49.46 -8.44 -46.13
N ALA A 1146 -48.31 -7.78 -46.34
CA ALA A 1146 -47.12 -8.49 -46.81
C ALA A 1146 -46.50 -9.33 -45.70
N LYS A 1147 -46.03 -10.51 -46.07
CA LYS A 1147 -45.34 -11.42 -45.16
C LYS A 1147 -43.86 -11.39 -45.53
N ASN A 1148 -43.07 -10.68 -44.74
CA ASN A 1148 -41.63 -10.48 -44.95
C ASN A 1148 -41.34 -9.89 -46.32
N GLY A 1149 -41.94 -8.72 -46.56
CA GLY A 1149 -41.77 -8.06 -47.84
C GLY A 1149 -42.55 -6.77 -47.88
N TYR A 1150 -42.64 -6.19 -49.08
CA TYR A 1150 -43.32 -4.93 -49.27
C TYR A 1150 -44.11 -4.99 -50.57
N PHE A 1151 -45.13 -4.14 -50.67
CA PHE A 1151 -45.97 -4.05 -51.86
C PHE A 1151 -45.56 -2.81 -52.65
N ILE A 1152 -45.12 -3.02 -53.89
CA ILE A 1152 -44.60 -1.96 -54.74
C ILE A 1152 -45.38 -1.96 -56.05
N LYS A 1153 -45.80 -0.77 -56.48
CA LYS A 1153 -46.51 -0.60 -57.73
C LYS A 1153 -45.53 -0.37 -58.87
N ASN A 1154 -45.81 -1.00 -60.02
CA ASN A 1154 -44.96 -0.80 -61.19
C ASN A 1154 -45.08 0.60 -61.75
N GLY A 1155 -46.26 1.21 -61.65
CA GLY A 1155 -46.50 2.53 -62.19
C GLY A 1155 -47.86 2.62 -62.86
N SER A 1156 -48.38 1.47 -63.30
CA SER A 1156 -49.69 1.35 -63.91
C SER A 1156 -50.68 0.68 -62.97
N ASP A 1157 -50.53 0.96 -61.66
CA ASP A 1157 -51.33 0.36 -60.59
C ASP A 1157 -51.22 -1.16 -60.57
N ASP A 1158 -50.10 -1.69 -61.03
CA ASP A 1158 -49.83 -3.13 -61.03
C ASP A 1158 -48.97 -3.43 -59.81
N TRP A 1159 -49.63 -3.85 -58.73
CA TRP A 1159 -48.92 -4.13 -57.49
C TRP A 1159 -48.09 -5.40 -57.62
N MET A 1160 -46.88 -5.38 -57.07
CA MET A 1160 -46.00 -6.52 -57.07
C MET A 1160 -45.38 -6.69 -55.69
N PHE A 1161 -45.00 -7.91 -55.39
CA PHE A 1161 -44.32 -8.22 -54.13
C PHE A 1161 -42.82 -8.13 -54.33
N THR A 1162 -42.14 -7.56 -53.34
CA THR A 1162 -40.69 -7.42 -53.38
C THR A 1162 -40.10 -7.91 -52.06
N GLY A 1163 -38.83 -8.31 -52.13
CA GLY A 1163 -38.14 -8.75 -50.95
C GLY A 1163 -37.76 -7.60 -50.03
N SER A 1164 -37.58 -7.93 -48.75
CA SER A 1164 -37.20 -6.92 -47.76
C SER A 1164 -35.72 -6.55 -47.84
N SER A 1165 -34.92 -7.27 -48.61
CA SER A 1165 -33.51 -6.97 -48.77
C SER A 1165 -33.04 -6.95 -50.22
N TYR A 1166 -33.87 -7.38 -51.17
CA TYR A 1166 -33.53 -7.40 -52.58
C TYR A 1166 -34.69 -6.85 -53.40
N TYR A 1167 -34.39 -5.98 -54.36
CA TYR A 1167 -35.41 -5.35 -55.18
C TYR A 1167 -35.57 -6.11 -56.49
N GLN A 1168 -36.12 -7.32 -56.38
CA GLN A 1168 -36.49 -8.13 -57.54
C GLN A 1168 -37.97 -8.43 -57.45
N PRO A 1169 -38.82 -7.67 -58.14
CA PRO A 1169 -40.27 -7.83 -57.98
C PRO A 1169 -40.78 -9.15 -58.52
N GLU A 1170 -41.81 -9.69 -57.86
CA GLU A 1170 -42.47 -10.93 -58.22
C GLU A 1170 -43.96 -10.75 -58.00
N PRO A 1171 -44.79 -11.53 -58.70
CA PRO A 1171 -46.25 -11.39 -58.54
C PRO A 1171 -46.71 -11.80 -57.14
N ILE A 1172 -47.78 -11.15 -56.70
CA ILE A 1172 -48.33 -11.38 -55.37
C ILE A 1172 -49.15 -12.67 -55.37
N THR A 1173 -48.84 -13.57 -54.46
CA THR A 1173 -49.58 -14.81 -54.29
C THR A 1173 -50.06 -14.90 -52.85
N ASN A 1174 -50.77 -15.99 -52.54
CA ASN A 1174 -51.18 -16.27 -51.18
C ASN A 1174 -50.03 -16.77 -50.31
N PHE A 1175 -48.89 -17.10 -50.91
CA PHE A 1175 -47.79 -17.72 -50.18
C PHE A 1175 -46.83 -16.69 -49.60
N ASN A 1176 -47.03 -15.40 -49.87
CA ASN A 1176 -46.19 -14.35 -49.29
C ASN A 1176 -47.02 -13.18 -48.78
N SER A 1177 -48.34 -13.30 -48.72
CA SER A 1177 -49.21 -12.21 -48.31
C SER A 1177 -50.31 -12.79 -47.41
N ARG A 1178 -50.12 -12.64 -46.10
CA ARG A 1178 -51.12 -13.10 -45.15
C ARG A 1178 -52.32 -12.17 -45.14
N SER A 1179 -53.39 -12.60 -44.48
CA SER A 1179 -54.60 -11.82 -44.37
C SER A 1179 -54.58 -10.99 -43.09
N VAL A 1180 -54.93 -9.71 -43.20
CA VAL A 1180 -54.87 -8.78 -42.08
C VAL A 1180 -56.25 -8.13 -41.94
N GLU A 1181 -56.53 -7.67 -40.72
CA GLU A 1181 -57.83 -7.08 -40.41
C GLU A 1181 -58.02 -5.79 -41.18
N PRO A 1182 -59.23 -5.56 -41.73
CA PRO A 1182 -59.49 -4.31 -42.45
C PRO A 1182 -59.33 -3.08 -41.56
N GLU A 1183 -58.80 -2.02 -42.15
CA GLU A 1183 -58.52 -0.79 -41.43
C GLU A 1183 -58.72 0.39 -42.37
N VAL A 1184 -58.84 1.57 -41.78
CA VAL A 1184 -59.03 2.78 -42.58
C VAL A 1184 -57.74 3.25 -43.22
N THR A 1185 -56.59 2.76 -42.76
CA THR A 1185 -55.31 3.18 -43.29
C THR A 1185 -54.99 2.56 -44.65
N PHE A 1186 -55.56 1.40 -44.95
CA PHE A 1186 -55.27 0.72 -46.21
C PHE A 1186 -55.89 1.48 -47.38
N GLN A 1187 -55.22 1.41 -48.52
CA GLN A 1187 -55.74 1.99 -49.75
C GLN A 1187 -56.61 0.96 -50.47
N ASN A 1188 -57.73 1.42 -51.00
CA ASN A 1188 -58.69 0.57 -51.70
C ASN A 1188 -58.44 0.68 -53.19
N LEU A 1189 -58.19 -0.46 -53.83
CA LEU A 1189 -57.86 -0.50 -55.26
C LEU A 1189 -59.02 -1.09 -56.05
N THR A 1190 -59.17 -0.65 -57.29
CA THR A 1190 -60.28 -1.02 -58.14
C THR A 1190 -59.78 -1.52 -59.49
N ASN A 1191 -60.63 -2.33 -60.13
CA ASN A 1191 -60.45 -2.99 -61.44
C ASN A 1191 -59.05 -3.55 -61.67
N ASN A 1192 -58.43 -4.10 -60.62
CA ASN A 1192 -57.17 -4.83 -60.74
C ASN A 1192 -57.04 -5.68 -59.49
N LEU A 1193 -57.17 -6.99 -59.63
CA LEU A 1193 -57.25 -7.87 -58.47
C LEU A 1193 -56.09 -8.87 -58.47
N PRO A 1194 -55.20 -8.81 -57.48
CA PRO A 1194 -54.30 -9.94 -57.24
C PRO A 1194 -55.08 -11.17 -56.83
N PRO A 1195 -54.56 -12.36 -57.11
CA PRO A 1195 -55.31 -13.61 -56.84
C PRO A 1195 -55.69 -13.82 -55.38
N PRO A 1196 -54.91 -13.33 -54.38
CA PRO A 1196 -55.49 -13.29 -53.03
C PRO A 1196 -56.73 -12.41 -52.90
N LEU A 1197 -56.81 -11.32 -53.66
CA LEU A 1197 -57.88 -10.35 -53.50
C LEU A 1197 -59.08 -10.61 -54.41
N SER A 1198 -59.03 -11.64 -55.24
CA SER A 1198 -60.15 -11.92 -56.14
C SER A 1198 -61.06 -13.00 -55.56
N CYS B 22 -10.04 48.42 59.93
CA CYS B 22 -9.97 48.52 58.48
C CYS B 22 -11.33 48.94 57.93
N ILE B 23 -11.93 48.10 57.09
CA ILE B 23 -13.27 48.33 56.56
C ILE B 23 -14.06 47.04 56.75
N VAL B 24 -14.97 47.03 57.72
CA VAL B 24 -15.89 45.91 57.85
C VAL B 24 -16.93 46.00 56.73
N VAL B 25 -17.38 44.84 56.25
CA VAL B 25 -18.09 44.81 54.97
C VAL B 25 -19.42 44.07 55.04
N ASP B 26 -19.71 43.43 56.18
CA ASP B 26 -20.98 42.74 56.44
C ASP B 26 -21.28 41.70 55.36
N MET B 27 -20.42 40.68 55.34
CA MET B 27 -20.54 39.58 54.38
C MET B 27 -21.86 38.84 54.57
N GLN B 28 -22.64 38.76 53.49
CA GLN B 28 -23.92 38.05 53.52
C GLN B 28 -24.23 37.55 52.12
N PRO B 29 -23.87 36.31 51.80
CA PRO B 29 -24.14 35.75 50.47
C PRO B 29 -25.50 35.04 50.40
N SER B 30 -26.57 35.79 50.66
CA SER B 30 -27.90 35.23 50.59
C SER B 30 -28.77 35.87 49.53
N TYR B 31 -28.50 37.12 49.16
CA TYR B 31 -29.24 37.81 48.12
C TYR B 31 -28.61 37.64 46.74
N PHE B 32 -27.52 36.89 46.66
CA PHE B 32 -26.74 36.76 45.42
C PHE B 32 -27.06 35.48 44.66
N GLN B 33 -28.12 34.78 45.03
CA GLN B 33 -28.52 33.55 44.35
C GLN B 33 -29.47 33.80 43.19
N ARG B 34 -29.56 35.04 42.72
CA ARG B 34 -30.47 35.41 41.62
C ARG B 34 -29.90 34.87 40.32
N ASP B 35 -30.19 33.61 40.04
CA ASP B 35 -29.63 32.94 38.88
C ASP B 35 -30.30 33.39 37.60
N TRP B 36 -29.48 33.78 36.61
CA TRP B 36 -29.94 34.03 35.25
C TRP B 36 -29.05 33.26 34.29
N PRO B 37 -29.53 32.16 33.74
CA PRO B 37 -28.65 31.26 32.96
C PRO B 37 -28.27 31.85 31.62
N ARG B 38 -26.97 31.87 31.34
CA ARG B 38 -26.43 32.33 30.06
C ARG B 38 -25.45 31.29 29.55
N PRO B 39 -25.95 30.15 29.07
CA PRO B 39 -25.07 29.05 28.69
C PRO B 39 -24.39 29.32 27.36
N ILE B 40 -23.37 28.51 27.07
CA ILE B 40 -22.60 28.69 25.85
C ILE B 40 -23.41 28.25 24.66
N ASN B 41 -23.54 29.13 23.67
CA ASN B 41 -24.24 28.84 22.43
C ASN B 41 -23.20 28.60 21.35
N MET B 42 -23.01 27.33 20.99
CA MET B 42 -21.99 26.97 20.00
C MET B 42 -22.35 27.41 18.59
N SER B 43 -23.60 27.77 18.33
CA SER B 43 -24.01 28.28 17.03
C SER B 43 -23.75 29.76 16.88
N ALA B 44 -22.98 30.36 17.79
CA ALA B 44 -22.60 31.76 17.67
C ALA B 44 -21.14 32.01 18.02
N ALA B 45 -20.39 30.98 18.44
CA ALA B 45 -18.99 31.06 18.82
C ALA B 45 -18.79 32.07 19.96
N ASP B 46 -19.38 31.74 21.11
CA ASP B 46 -19.38 32.64 22.24
C ASP B 46 -17.98 32.79 22.83
N GLY B 47 -17.41 31.70 23.34
CA GLY B 47 -16.12 31.77 24.00
C GLY B 47 -15.02 31.08 23.23
N ILE B 48 -14.98 31.26 21.91
CA ILE B 48 -14.03 30.58 21.06
C ILE B 48 -12.82 31.48 20.86
N ILE B 49 -11.64 30.97 21.21
CA ILE B 49 -10.40 31.72 21.06
C ILE B 49 -9.94 31.63 19.61
N TYR B 50 -9.65 32.79 19.01
CA TYR B 50 -9.19 32.82 17.64
C TYR B 50 -7.82 32.17 17.52
N PRO B 51 -7.52 31.56 16.36
CA PRO B 51 -6.16 31.05 16.13
C PRO B 51 -5.13 32.17 16.20
N VAL B 52 -3.96 31.83 16.75
CA VAL B 52 -2.92 32.81 17.03
C VAL B 52 -1.89 32.78 15.91
N GLY B 53 -1.57 33.96 15.38
CA GLY B 53 -0.55 34.09 14.37
C GLY B 53 -1.04 34.05 12.94
N ARG B 54 -2.29 33.69 12.70
CA ARG B 54 -2.80 33.61 11.34
C ARG B 54 -4.31 33.79 11.36
N THR B 55 -4.91 33.80 10.18
CA THR B 55 -6.35 33.91 10.05
C THR B 55 -6.82 33.18 8.81
N TYR B 56 -8.10 32.84 8.79
CA TYR B 56 -8.72 32.07 7.72
C TYR B 56 -9.92 32.85 7.19
N ALA B 57 -10.10 32.82 5.86
CA ALA B 57 -11.16 33.58 5.22
C ALA B 57 -12.03 32.67 4.38
N ASN B 58 -13.35 32.76 4.59
CA ASN B 58 -14.37 32.19 3.71
C ASN B 58 -14.28 30.66 3.63
N ILE B 59 -13.73 30.02 4.66
CA ILE B 59 -13.48 28.59 4.64
C ILE B 59 -13.91 28.00 5.97
N THR B 60 -14.23 26.71 5.96
CA THR B 60 -14.71 25.99 7.14
C THR B 60 -13.71 24.88 7.45
N ILE B 61 -13.02 25.01 8.58
CA ILE B 61 -11.93 24.11 8.93
C ILE B 61 -12.23 23.43 10.26
N MET B 62 -11.40 22.45 10.59
CA MET B 62 -11.41 21.77 11.88
C MET B 62 -10.11 22.13 12.59
N LEU B 63 -10.21 22.43 13.88
CA LEU B 63 -9.05 22.82 14.66
C LEU B 63 -9.18 22.27 16.08
N SER B 64 -8.03 22.12 16.74
CA SER B 64 -7.96 21.59 18.10
C SER B 64 -7.27 22.60 19.01
N GLY B 65 -7.81 22.76 20.22
CA GLY B 65 -7.23 23.67 21.17
C GLY B 65 -7.97 23.70 22.49
N LEU B 66 -8.00 24.87 23.13
CA LEU B 66 -8.67 25.04 24.42
C LEU B 66 -10.00 25.74 24.17
N PHE B 67 -11.09 24.99 24.31
CA PHE B 67 -12.42 25.50 24.04
C PHE B 67 -13.37 25.10 25.15
N PRO B 68 -14.40 25.90 25.42
CA PRO B 68 -15.46 25.46 26.33
C PRO B 68 -16.49 24.61 25.62
N HIS B 69 -17.07 23.68 26.36
CA HIS B 69 -17.98 22.70 25.78
C HIS B 69 -19.41 23.24 25.77
N GLN B 70 -20.33 22.39 25.32
CA GLN B 70 -21.74 22.75 25.24
C GLN B 70 -22.34 22.95 26.62
N ALA B 71 -23.39 23.78 26.66
CA ALA B 71 -24.11 24.16 27.89
C ALA B 71 -23.08 24.80 28.82
N ASP B 72 -22.90 24.29 30.05
CA ASP B 72 -21.87 24.74 30.98
C ASP B 72 -21.98 26.23 31.26
N LYS B 73 -23.09 26.58 31.92
CA LYS B 73 -23.34 27.97 32.30
C LYS B 73 -22.28 28.51 33.24
N GLY B 74 -21.61 27.63 33.98
CA GLY B 74 -20.47 28.02 34.78
C GLY B 74 -20.86 28.79 36.01
N LYS B 75 -19.84 29.31 36.69
CA LYS B 75 -20.08 30.10 37.88
C LYS B 75 -20.65 31.45 37.51
N GLN B 76 -21.52 31.97 38.37
CA GLN B 76 -22.16 33.27 38.18
C GLN B 76 -21.75 34.18 39.31
N TYR B 77 -21.17 35.33 38.97
CA TYR B 77 -20.64 36.25 39.95
C TYR B 77 -21.33 37.61 39.81
N ILE B 78 -21.67 38.22 40.95
CA ILE B 78 -22.48 39.43 40.99
C ILE B 78 -21.84 40.42 41.95
N TYR B 79 -21.65 41.66 41.49
CA TYR B 79 -21.24 42.76 42.35
C TYR B 79 -22.43 43.64 42.70
N SER B 80 -22.27 44.43 43.76
CA SER B 80 -23.36 45.27 44.25
C SER B 80 -22.77 46.43 45.05
N MET B 81 -23.65 47.39 45.38
CA MET B 81 -23.27 48.55 46.18
C MET B 81 -23.20 48.19 47.66
N TYR B 82 -23.10 49.23 48.49
CA TYR B 82 -23.20 49.08 49.93
C TYR B 82 -24.65 48.92 50.39
N HIS B 83 -24.81 48.54 51.65
CA HIS B 83 -26.13 48.49 52.26
C HIS B 83 -26.62 49.92 52.47
N MET B 84 -27.82 50.22 51.98
CA MET B 84 -28.33 51.58 52.03
C MET B 84 -28.82 51.96 53.42
N VAL B 90 -24.81 52.65 52.16
CA VAL B 90 -23.79 53.61 51.76
C VAL B 90 -22.63 53.56 52.75
N ASN B 91 -22.96 53.37 54.03
CA ASN B 91 -21.94 53.36 55.07
C ASN B 91 -21.18 52.04 55.15
N ASP B 92 -21.73 50.95 54.59
CA ASP B 92 -21.10 49.65 54.78
C ASP B 92 -21.44 48.72 53.63
N PRO B 93 -20.43 48.02 53.05
CA PRO B 93 -20.66 47.27 51.81
C PRO B 93 -21.55 46.04 51.92
N PHE B 94 -21.69 45.32 50.80
CA PHE B 94 -22.54 44.14 50.73
C PHE B 94 -22.00 43.27 49.60
N ILE B 95 -21.38 42.14 49.95
CA ILE B 95 -20.69 41.29 49.00
C ILE B 95 -21.08 39.83 49.28
N SER B 96 -20.57 38.93 48.45
CA SER B 96 -20.94 37.52 48.47
C SER B 96 -19.78 36.64 48.93
N ASN B 97 -20.00 35.32 48.89
CA ASN B 97 -19.01 34.34 49.32
C ASN B 97 -18.08 34.01 48.14
N TYR B 98 -17.31 35.02 47.75
CA TYR B 98 -16.40 34.89 46.62
C TYR B 98 -14.95 34.72 47.02
N SER B 99 -14.49 35.46 48.02
CA SER B 99 -13.09 35.40 48.41
C SER B 99 -12.73 34.09 49.09
N TYR B 100 -13.71 33.36 49.63
CA TYR B 100 -13.43 32.10 50.29
C TYR B 100 -13.29 30.94 49.32
N TYR B 101 -13.58 31.15 48.05
CA TYR B 101 -13.57 30.09 47.04
C TYR B 101 -12.30 30.18 46.21
N THR B 102 -11.56 29.08 46.13
CA THR B 102 -10.38 28.98 45.26
C THR B 102 -10.68 27.90 44.22
N GLU B 103 -11.30 28.32 43.12
CA GLU B 103 -11.66 27.39 42.07
C GLU B 103 -10.41 26.88 41.36
N PRO B 104 -10.39 25.62 40.92
CA PRO B 104 -9.18 25.08 40.29
C PRO B 104 -8.96 25.68 38.91
N PHE B 105 -7.71 26.01 38.62
CA PHE B 105 -7.33 26.59 37.35
C PHE B 105 -6.77 25.46 36.47
N ASP B 106 -7.55 25.05 35.48
CA ASP B 106 -7.13 24.07 34.49
C ASP B 106 -6.27 24.74 33.43
N ASN B 107 -6.17 24.09 32.26
CA ASN B 107 -5.46 24.64 31.10
C ASN B 107 -5.81 26.09 30.81
N GLY B 108 -7.04 26.50 31.07
CA GLY B 108 -7.39 27.91 30.99
C GLY B 108 -8.81 28.12 31.45
N PHE B 109 -9.22 29.39 31.41
CA PHE B 109 -10.61 29.74 31.63
C PHE B 109 -10.96 30.95 30.76
N VAL B 110 -12.22 31.01 30.35
CA VAL B 110 -12.74 32.11 29.54
C VAL B 110 -13.93 32.69 30.28
N VAL B 111 -13.87 33.99 30.55
CA VAL B 111 -14.91 34.70 31.29
C VAL B 111 -15.62 35.67 30.36
N ARG B 112 -16.95 35.57 30.30
CA ARG B 112 -17.75 36.56 29.59
C ARG B 112 -17.94 37.78 30.47
N ILE B 113 -17.72 38.96 29.90
CA ILE B 113 -17.91 40.20 30.64
C ILE B 113 -19.36 40.37 31.05
N GLY B 114 -20.27 40.06 30.13
CA GLY B 114 -21.68 40.00 30.47
C GLY B 114 -22.57 40.83 29.58
N ALA B 115 -23.57 40.19 28.96
CA ALA B 115 -24.58 40.89 28.18
C ALA B 115 -25.91 40.68 28.90
N ASN B 116 -26.13 41.49 29.92
CA ASN B 116 -27.43 41.64 30.56
C ASN B 116 -27.63 43.07 31.02
N SER B 117 -26.95 44.01 30.35
CA SER B 117 -26.85 45.39 30.82
C SER B 117 -28.02 46.25 30.35
N ASN B 118 -28.31 46.24 29.04
CA ASN B 118 -29.29 47.15 28.48
C ASN B 118 -30.70 46.89 29.01
N ILE B 119 -31.02 45.63 29.27
CA ILE B 119 -32.31 45.31 29.87
C ILE B 119 -32.30 45.76 31.33
N THR B 120 -33.48 46.04 31.86
CA THR B 120 -33.59 46.52 33.22
C THR B 120 -33.38 45.37 34.21
N GLY B 121 -33.08 45.74 35.45
CA GLY B 121 -32.80 44.74 36.47
C GLY B 121 -32.86 45.34 37.86
N SER B 122 -32.85 44.46 38.84
CA SER B 122 -32.99 44.84 40.23
C SER B 122 -31.63 44.92 40.91
N SER B 123 -31.53 45.80 41.90
CA SER B 123 -30.36 45.82 42.76
C SER B 123 -30.31 44.58 43.63
N VAL B 124 -29.11 44.23 44.08
CA VAL B 124 -28.93 43.01 44.85
C VAL B 124 -29.25 43.25 46.32
N VAL B 125 -28.52 44.16 46.95
CA VAL B 125 -28.83 44.52 48.33
C VAL B 125 -30.14 45.31 48.40
N GLY B 126 -30.45 46.09 47.37
CA GLY B 126 -31.67 46.85 47.33
C GLY B 126 -32.88 46.01 46.99
N SER B 127 -34.01 46.69 46.84
CA SER B 127 -35.28 46.03 46.51
C SER B 127 -36.02 46.79 45.41
N ALA B 128 -35.30 47.52 44.57
CA ALA B 128 -35.93 48.31 43.52
C ALA B 128 -35.26 48.03 42.18
N ASN B 129 -36.05 48.12 41.12
CA ASN B 129 -35.59 47.89 39.76
C ASN B 129 -34.82 49.10 39.25
N ALA B 130 -33.94 48.86 38.27
CA ALA B 130 -33.11 49.91 37.71
C ALA B 130 -32.55 49.46 36.36
N THR B 131 -31.62 50.25 35.83
CA THR B 131 -30.94 49.96 34.58
C THR B 131 -29.51 49.50 34.90
N VAL B 132 -29.15 48.33 34.37
CA VAL B 132 -27.88 47.68 34.68
C VAL B 132 -26.78 48.26 33.79
N LYS B 133 -25.57 48.37 34.33
CA LYS B 133 -24.42 48.83 33.55
C LYS B 133 -23.30 47.80 33.63
N LYS B 134 -22.43 47.85 32.63
CA LYS B 134 -21.33 46.90 32.53
C LYS B 134 -20.29 47.18 33.61
N ILE B 135 -19.83 46.11 34.27
CA ILE B 135 -18.85 46.21 35.35
C ILE B 135 -17.71 45.26 35.02
N TYR B 136 -16.48 45.75 35.14
CA TYR B 136 -15.29 44.94 34.92
C TYR B 136 -14.94 44.15 36.17
N PRO B 137 -14.56 42.89 36.03
CA PRO B 137 -14.18 42.08 37.19
C PRO B 137 -12.70 42.22 37.53
N ALA B 138 -12.37 41.78 38.75
CA ALA B 138 -11.00 41.69 39.21
C ALA B 138 -10.67 40.24 39.50
N LEU B 139 -9.63 39.72 38.84
CA LEU B 139 -9.27 38.31 38.94
C LEU B 139 -7.94 38.16 39.66
N MET B 140 -7.86 37.15 40.51
CA MET B 140 -6.65 36.81 41.24
C MET B 140 -6.17 35.45 40.77
N LEU B 141 -4.89 35.33 40.45
CA LEU B 141 -4.33 34.07 39.99
C LEU B 141 -3.00 33.83 40.70
N GLY B 142 -2.93 32.76 41.48
CA GLY B 142 -1.72 32.40 42.19
C GLY B 142 -1.36 30.94 41.97
N SER B 143 -0.25 30.55 42.58
CA SER B 143 0.30 29.20 42.41
C SER B 143 -0.06 28.27 43.56
N VAL B 144 0.16 28.70 44.79
CA VAL B 144 -0.09 27.88 45.98
C VAL B 144 -0.98 28.67 46.93
N VAL B 145 -2.03 28.02 47.43
CA VAL B 145 -2.96 28.63 48.37
C VAL B 145 -2.85 27.92 49.70
N GLY B 146 -3.37 28.55 50.73
CA GLY B 146 -3.33 28.00 52.07
C GLY B 146 -4.41 28.60 52.91
N LYS B 147 -4.17 28.67 54.22
CA LYS B 147 -5.12 29.19 55.17
C LYS B 147 -4.65 30.52 55.74
N PHE B 148 -5.59 31.41 56.03
CA PHE B 148 -5.29 32.63 56.73
C PHE B 148 -4.91 32.33 58.18
N PRO B 149 -4.20 33.25 58.85
CA PRO B 149 -3.99 33.10 60.29
C PRO B 149 -5.27 33.13 61.10
N SER B 150 -6.36 33.69 60.55
CA SER B 150 -7.66 33.69 61.19
C SER B 150 -8.50 32.47 60.82
N ASN B 151 -7.85 31.38 60.38
CA ASN B 151 -8.49 30.11 60.06
C ASN B 151 -9.56 30.25 58.97
N LYS B 152 -9.26 31.04 57.95
CA LYS B 152 -10.12 31.21 56.79
C LYS B 152 -9.40 30.70 55.54
N THR B 153 -10.05 30.85 54.39
CA THR B 153 -9.52 30.37 53.13
C THR B 153 -9.43 31.51 52.13
N GLY B 154 -8.31 31.56 51.39
CA GLY B 154 -8.13 32.59 50.40
C GLY B 154 -6.77 33.27 50.44
N ARG B 155 -5.84 32.72 51.20
CA ARG B 155 -4.49 33.26 51.29
C ARG B 155 -3.61 32.62 50.22
N TYR B 156 -2.87 33.46 49.50
CA TYR B 156 -1.96 33.01 48.45
C TYR B 156 -0.53 33.28 48.92
N PHE B 157 0.29 32.23 48.96
CA PHE B 157 1.52 32.25 49.71
C PHE B 157 2.75 32.65 48.91
N ASN B 158 2.61 32.94 47.62
CA ASN B 158 3.76 33.32 46.79
C ASN B 158 3.27 34.33 45.77
N HIS B 159 4.03 34.50 44.70
CA HIS B 159 3.72 35.51 43.68
C HIS B 159 2.36 35.23 43.04
N THR B 160 1.53 36.25 42.95
CA THR B 160 0.19 36.16 42.39
C THR B 160 0.04 37.14 41.24
N LEU B 161 -0.68 36.73 40.21
CA LEU B 161 -1.09 37.63 39.13
C LEU B 161 -2.41 38.25 39.54
N VAL B 162 -2.38 39.55 39.84
CA VAL B 162 -3.58 40.29 40.25
C VAL B 162 -3.97 41.20 39.10
N ILE B 163 -5.17 41.00 38.57
CA ILE B 163 -5.70 41.82 37.48
C ILE B 163 -6.71 42.80 38.07
N LEU B 164 -6.45 44.09 37.90
CA LEU B 164 -7.30 45.13 38.47
C LEU B 164 -7.74 46.08 37.36
N PRO B 165 -9.04 46.25 37.15
CA PRO B 165 -9.52 47.38 36.34
C PRO B 165 -9.57 48.64 37.20
N GLU B 166 -9.11 49.75 36.63
CA GLU B 166 -8.91 50.97 37.40
C GLU B 166 -9.50 52.17 36.67
N LYS B 167 -9.77 53.21 37.47
CA LYS B 167 -10.19 54.53 37.00
C LYS B 167 -11.47 54.46 36.19
N CYS B 168 -12.52 53.97 36.85
CA CYS B 168 -13.88 53.86 36.28
C CYS B 168 -13.90 53.04 34.99
N GLY B 169 -13.08 51.99 34.96
CA GLY B 169 -13.07 51.09 33.81
C GLY B 169 -12.32 51.59 32.59
N THR B 170 -11.57 52.68 32.70
CA THR B 170 -10.79 53.16 31.57
C THR B 170 -9.39 52.57 31.51
N GLN B 171 -8.93 51.92 32.58
CA GLN B 171 -7.63 51.28 32.61
C GLN B 171 -7.74 49.92 33.28
N ILE B 172 -7.00 48.95 32.76
CA ILE B 172 -6.89 47.63 33.37
C ILE B 172 -5.41 47.31 33.53
N THR B 173 -5.05 46.84 34.72
CA THR B 173 -3.65 46.55 35.04
C THR B 173 -3.50 45.11 35.49
N ALA B 174 -2.28 44.61 35.39
CA ALA B 174 -1.97 43.23 35.77
C ALA B 174 -0.58 43.23 36.39
N LEU B 175 -0.50 43.03 37.69
CA LEU B 175 0.76 43.06 38.42
C LEU B 175 1.02 41.72 39.07
N TYR B 176 2.24 41.21 38.89
CA TYR B 176 2.65 39.91 39.40
C TYR B 176 3.35 40.09 40.74
N CYS B 177 2.55 40.38 41.76
CA CYS B 177 3.12 40.97 42.97
C CYS B 177 2.75 40.17 44.20
N VAL B 178 3.71 40.04 45.11
CA VAL B 178 3.52 39.24 46.32
C VAL B 178 2.60 39.97 47.27
N LEU B 179 1.58 39.27 47.78
CA LEU B 179 0.68 39.81 48.78
C LEU B 179 0.97 39.21 50.15
N GLN B 180 1.06 40.07 51.16
CA GLN B 180 1.27 39.67 52.54
C GLN B 180 0.10 40.13 53.40
N PRO B 181 -0.35 39.31 54.34
CA PRO B 181 -1.34 39.77 55.31
C PRO B 181 -0.73 40.80 56.25
N LYS B 182 -1.57 41.74 56.68
CA LYS B 182 -1.14 42.82 57.56
C LYS B 182 -1.83 42.68 58.90
N ASN B 183 -1.06 42.84 59.99
CA ASN B 183 -1.59 42.72 61.34
C ASN B 183 -2.32 44.01 61.70
N GLN B 184 -3.54 44.12 61.18
CA GLN B 184 -4.42 45.26 61.46
C GLN B 184 -5.67 44.73 62.15
N THR B 185 -6.48 45.68 62.65
CA THR B 185 -7.54 45.38 63.62
C THR B 185 -8.58 44.42 63.04
N ASN B 186 -9.02 44.67 61.81
CA ASN B 186 -9.91 43.74 61.13
C ASN B 186 -9.50 43.55 59.67
N CYS B 187 -8.27 43.91 59.32
CA CYS B 187 -7.83 43.95 57.93
C CYS B 187 -6.77 42.85 57.76
N THR B 188 -7.25 41.62 57.57
CA THR B 188 -6.42 40.42 57.43
C THR B 188 -5.43 40.28 58.60
N GLY B 189 -5.92 40.55 59.80
CA GLY B 189 -5.09 40.51 60.98
C GLY B 189 -5.82 39.92 62.17
N HIS B 190 -5.05 39.37 63.10
CA HIS B 190 -5.54 38.58 64.24
C HIS B 190 -6.51 37.48 63.84
N THR B 191 -7.33 37.04 64.80
CA THR B 191 -8.27 35.96 64.58
C THR B 191 -9.61 36.44 64.03
N THR B 192 -9.97 37.70 64.25
CA THR B 192 -11.17 38.26 63.67
C THR B 192 -10.90 38.70 62.24
N TYR B 193 -11.83 38.36 61.34
CA TYR B 193 -11.57 38.57 59.92
C TYR B 193 -12.90 38.59 59.16
N THR B 194 -12.92 39.39 58.10
CA THR B 194 -13.97 39.33 57.08
C THR B 194 -13.30 39.46 55.72
N SER B 195 -14.06 39.18 54.67
CA SER B 195 -13.51 39.14 53.32
C SER B 195 -13.06 40.51 52.86
N TYR B 196 -11.92 40.55 52.18
CA TYR B 196 -11.41 41.80 51.61
C TYR B 196 -12.30 42.25 50.46
N VAL B 197 -12.57 43.55 50.41
CA VAL B 197 -13.37 44.16 49.35
C VAL B 197 -12.63 45.40 48.86
N LEU B 198 -12.51 45.52 47.55
CA LEU B 198 -11.90 46.70 46.94
C LEU B 198 -12.98 47.77 46.77
N VAL B 199 -12.83 48.89 47.47
CA VAL B 199 -13.82 49.96 47.48
C VAL B 199 -13.23 51.19 46.79
N GLU B 200 -14.06 51.86 45.99
CA GLU B 200 -13.62 53.05 45.28
C GLU B 200 -14.85 53.91 44.98
N ASN B 201 -14.59 55.13 44.52
CA ASN B 201 -15.64 56.12 44.32
C ASN B 201 -16.41 55.80 43.02
N LYS B 202 -17.33 56.70 42.66
CA LYS B 202 -18.20 56.50 41.50
C LYS B 202 -17.42 56.56 40.19
N ASN B 211 -7.90 54.88 42.93
CA ASN B 211 -7.32 53.65 42.40
C ASN B 211 -7.55 52.48 43.34
N LEU B 212 -7.95 51.33 42.77
CA LEU B 212 -8.20 50.14 43.57
C LEU B 212 -6.91 49.52 44.08
N LYS B 213 -5.76 49.88 43.49
CA LYS B 213 -4.48 49.47 44.03
C LYS B 213 -4.25 50.03 45.43
N GLN B 214 -4.79 51.21 45.71
CA GLN B 214 -4.74 51.75 47.07
C GLN B 214 -5.53 50.89 48.05
N SER B 215 -6.72 50.44 47.64
CA SER B 215 -7.50 49.54 48.48
C SER B 215 -6.78 48.21 48.68
N LEU B 216 -6.09 47.73 47.64
CA LEU B 216 -5.26 46.54 47.77
C LEU B 216 -4.13 46.77 48.76
N GLN B 217 -3.56 47.99 48.77
CA GLN B 217 -2.51 48.31 49.73
C GLN B 217 -3.04 48.36 51.16
N THR B 218 -4.28 48.81 51.35
CA THR B 218 -4.88 48.71 52.68
C THR B 218 -5.12 47.26 53.07
N TRP B 219 -5.58 46.42 52.14
CA TRP B 219 -5.91 45.04 52.50
C TRP B 219 -4.71 44.11 52.49
N PHE B 220 -3.69 44.40 51.68
CA PHE B 220 -2.54 43.52 51.54
C PHE B 220 -1.27 44.36 51.42
N ASP B 221 -0.13 43.70 51.62
CA ASP B 221 1.17 44.35 51.54
C ASP B 221 1.95 43.78 50.36
N LEU B 222 2.59 44.65 49.59
CA LEU B 222 3.35 44.26 48.42
C LEU B 222 4.84 44.28 48.76
N LYS B 223 5.48 43.11 48.72
CA LYS B 223 6.89 43.02 49.06
C LYS B 223 7.78 43.39 47.87
N ASP B 224 7.71 42.60 46.81
CA ASP B 224 8.52 42.85 45.62
C ASP B 224 7.77 42.34 44.40
N CYS B 225 7.95 43.05 43.28
CA CYS B 225 7.34 42.66 42.02
C CYS B 225 7.97 43.39 40.85
N LEU B 226 7.76 42.80 39.67
CA LEU B 226 8.57 43.05 38.48
C LEU B 226 7.88 43.96 37.47
N PHE B 227 6.57 43.83 37.28
CA PHE B 227 5.91 44.59 36.24
C PHE B 227 4.49 44.89 36.66
N GLU B 228 4.01 46.07 36.25
CA GLU B 228 2.61 46.48 36.39
C GLU B 228 2.20 46.97 35.01
N LYS B 229 1.80 46.04 34.14
CA LYS B 229 1.46 46.39 32.78
C LYS B 229 0.13 47.15 32.74
N LYS B 230 0.11 48.27 32.04
CA LYS B 230 -1.07 49.10 31.93
C LYS B 230 -1.59 49.06 30.50
N TYR B 231 -2.90 48.91 30.35
CA TYR B 231 -3.55 48.88 29.05
C TYR B 231 -4.65 49.94 29.02
N ASN B 232 -4.74 50.63 27.88
CA ASN B 232 -5.80 51.60 27.65
C ASN B 232 -7.00 50.90 27.04
N VAL B 233 -8.17 51.08 27.65
CA VAL B 233 -9.42 50.54 27.13
C VAL B 233 -10.44 51.67 27.09
N SER B 234 -11.49 51.46 26.31
CA SER B 234 -12.57 52.42 26.16
C SER B 234 -13.80 51.94 26.89
N ALA B 235 -14.51 52.87 27.52
CA ALA B 235 -15.71 52.55 28.30
C ALA B 235 -16.91 52.49 27.37
N ASP B 236 -17.42 51.27 27.14
CA ASP B 236 -18.58 51.06 26.29
C ASP B 236 -19.42 49.95 26.89
N GLU B 237 -20.74 50.02 26.67
CA GLU B 237 -21.67 49.11 27.31
C GLU B 237 -21.88 47.82 26.53
N ARG B 238 -21.19 47.64 25.41
CA ARG B 238 -21.25 46.38 24.68
C ARG B 238 -20.52 45.28 25.44
N GLU B 239 -21.00 44.05 25.29
CA GLU B 239 -20.37 42.91 25.94
C GLU B 239 -18.99 42.62 25.35
N GLU B 240 -18.12 42.05 26.18
CA GLU B 240 -16.78 41.66 25.75
C GLU B 240 -16.49 40.23 26.18
N TRP B 241 -15.25 39.81 25.97
CA TRP B 241 -14.79 38.49 26.36
C TRP B 241 -13.35 38.59 26.85
N PHE B 242 -13.05 37.89 27.92
CA PHE B 242 -11.71 37.85 28.48
C PHE B 242 -11.32 36.40 28.72
N GLY B 243 -10.06 36.07 28.46
CA GLY B 243 -9.60 34.71 28.60
C GLY B 243 -8.14 34.59 28.94
N ILE B 244 -7.79 33.64 29.82
CA ILE B 244 -6.42 33.39 30.22
C ILE B 244 -6.11 31.93 29.94
N THR B 245 -5.05 31.68 29.17
CA THR B 245 -4.53 30.35 28.95
C THR B 245 -3.07 30.31 29.35
N GLN B 246 -2.63 29.20 29.93
CA GLN B 246 -1.26 29.02 30.36
C GLN B 246 -0.56 28.08 29.39
N ASP B 247 0.59 28.51 28.87
CA ASP B 247 1.36 27.68 27.95
C ASP B 247 2.82 27.66 28.38
N GLN B 248 3.70 27.11 27.54
CA GLN B 248 5.12 27.10 27.87
C GLN B 248 5.76 28.47 27.78
N GLN B 249 5.14 29.40 27.07
CA GLN B 249 5.64 30.77 26.95
C GLN B 249 5.13 31.68 28.05
N GLY B 250 4.38 31.15 29.02
CA GLY B 250 3.77 31.95 30.05
C GLY B 250 2.27 32.00 29.90
N VAL B 251 1.67 32.98 30.55
CA VAL B 251 0.23 33.17 30.42
C VAL B 251 -0.05 33.92 29.13
N HIS B 252 -1.24 33.72 28.59
CA HIS B 252 -1.70 34.44 27.42
C HIS B 252 -3.04 35.07 27.75
N LEU B 253 -3.12 36.39 27.63
CA LEU B 253 -4.35 37.12 27.91
C LEU B 253 -5.05 37.40 26.59
N TYR B 254 -6.35 37.13 26.55
CA TYR B 254 -7.15 37.32 25.35
C TYR B 254 -8.27 38.30 25.63
N THR B 255 -8.53 39.18 24.65
CA THR B 255 -9.62 40.14 24.73
C THR B 255 -10.31 40.22 23.38
N SER B 256 -11.49 40.84 23.38
CA SER B 256 -12.28 40.99 22.17
C SER B 256 -12.17 42.37 21.55
N ARG B 257 -11.35 43.25 22.12
CA ARG B 257 -11.28 44.63 21.66
C ARG B 257 -10.27 44.86 20.55
N LYS B 258 -9.47 43.85 20.20
CA LYS B 258 -8.50 44.03 19.14
C LYS B 258 -9.14 43.85 17.77
N ASN B 259 -8.50 44.43 16.75
CA ASN B 259 -8.96 44.45 15.36
C ASN B 259 -10.36 45.03 15.27
N GLY B 260 -10.57 46.17 15.93
CA GLY B 260 -11.90 46.71 16.06
C GLY B 260 -12.67 45.97 17.15
N PHE B 261 -13.99 46.17 17.12
CA PHE B 261 -14.88 45.53 18.09
C PHE B 261 -16.09 44.97 17.35
N LYS B 262 -15.83 44.26 16.25
CA LYS B 262 -16.91 43.83 15.38
C LYS B 262 -17.72 42.69 15.99
N SER B 263 -17.06 41.70 16.58
CA SER B 263 -17.76 40.51 17.05
C SER B 263 -17.18 40.11 18.40
N ASN B 264 -17.53 38.89 18.83
CA ASN B 264 -17.19 38.37 20.14
C ASN B 264 -16.01 37.41 20.11
N ASN B 265 -15.23 37.41 19.03
CA ASN B 265 -14.05 36.57 19.00
C ASN B 265 -12.95 37.13 19.90
N MET B 266 -12.04 36.26 20.30
CA MET B 266 -11.04 36.55 21.32
C MET B 266 -9.66 36.50 20.70
N PHE B 267 -8.91 37.60 20.82
CA PHE B 267 -7.60 37.72 20.20
C PHE B 267 -6.54 37.94 21.25
N LEU B 268 -5.34 37.43 20.96
CA LEU B 268 -4.20 37.60 21.86
C LEU B 268 -3.76 39.06 21.87
N PHE B 269 -3.52 39.61 23.07
CA PHE B 269 -3.06 40.98 23.19
C PHE B 269 -1.94 41.17 24.20
N ALA B 270 -1.66 40.19 25.06
CA ALA B 270 -0.58 40.33 26.04
C ALA B 270 -0.08 38.94 26.41
N THR B 271 1.23 38.84 26.63
CA THR B 271 1.87 37.60 27.06
C THR B 271 2.77 37.95 28.24
N LEU B 272 2.21 37.92 29.44
CA LEU B 272 2.98 38.26 30.63
C LEU B 272 3.98 37.15 30.94
N PRO B 273 5.20 37.49 31.32
CA PRO B 273 6.20 36.45 31.59
C PRO B 273 5.98 35.74 32.92
N ILE B 274 4.97 34.89 32.98
CA ILE B 274 4.68 34.11 34.18
C ILE B 274 5.10 32.67 33.93
N TYR B 275 6.33 32.33 34.30
CA TYR B 275 6.85 31.00 34.06
C TYR B 275 6.53 30.03 35.19
N GLU B 276 5.91 30.50 36.26
CA GLU B 276 5.41 29.60 37.30
C GLU B 276 4.12 28.96 36.85
N ARG B 277 3.87 27.75 37.35
CA ARG B 277 2.62 27.08 37.08
C ARG B 277 1.50 27.71 37.89
N LEU B 278 0.40 28.04 37.23
CA LEU B 278 -0.77 28.60 37.88
C LEU B 278 -1.80 27.51 38.06
N ARG B 279 -2.29 27.35 39.29
CA ARG B 279 -3.19 26.25 39.62
C ARG B 279 -4.49 26.67 40.28
N TYR B 280 -4.63 27.92 40.72
CA TYR B 280 -5.83 28.35 41.40
C TYR B 280 -6.19 29.77 40.96
N TYR B 281 -7.47 30.10 41.08
CA TYR B 281 -7.91 31.47 40.84
C TYR B 281 -9.12 31.76 41.72
N THR B 282 -9.34 33.05 41.95
CA THR B 282 -10.48 33.52 42.73
C THR B 282 -10.83 34.92 42.27
N VAL B 283 -12.02 35.38 42.66
CA VAL B 283 -12.56 36.66 42.25
C VAL B 283 -12.69 37.55 43.47
N MET B 284 -12.00 38.69 43.45
CA MET B 284 -12.11 39.62 44.57
C MET B 284 -13.46 40.32 44.53
N PRO B 285 -14.13 40.46 45.67
CA PRO B 285 -15.36 41.25 45.70
C PRO B 285 -15.08 42.73 45.49
N ARG B 286 -16.08 43.43 44.96
CA ARG B 286 -15.90 44.82 44.56
C ARG B 286 -17.23 45.57 44.70
N SER B 287 -17.19 46.76 45.30
CA SER B 287 -18.38 47.57 45.51
C SER B 287 -18.10 49.01 45.10
N ILE B 288 -19.15 49.69 44.63
CA ILE B 288 -19.03 50.99 43.98
C ILE B 288 -19.76 52.01 44.85
N LYS B 289 -19.15 53.20 45.00
CA LYS B 289 -19.80 54.29 45.73
C LYS B 289 -21.08 54.74 45.03
N THR B 290 -22.12 54.94 45.83
CA THR B 290 -23.41 55.37 45.33
C THR B 290 -23.40 56.85 44.96
N ASN B 294 -30.79 56.38 48.17
CA ASN B 294 -31.13 57.41 47.20
C ASN B 294 -31.03 56.89 45.78
N ASP B 295 -29.85 56.38 45.41
CA ASP B 295 -29.56 55.94 44.06
C ASP B 295 -29.50 54.42 44.02
N HIS B 296 -30.33 53.82 43.17
CA HIS B 296 -30.38 52.36 43.04
C HIS B 296 -29.56 51.92 41.82
N MET B 297 -28.25 52.06 41.92
CA MET B 297 -27.38 51.52 40.88
C MET B 297 -27.37 49.99 40.89
N ALA B 298 -27.25 49.41 39.70
CA ALA B 298 -27.14 47.96 39.54
C ALA B 298 -25.87 47.64 38.74
N TRP B 299 -25.46 46.37 38.82
CA TRP B 299 -24.19 45.96 38.22
C TRP B 299 -24.34 44.58 37.61
N SER B 300 -23.81 44.41 36.41
CA SER B 300 -24.02 43.21 35.61
C SER B 300 -23.30 42.01 36.23
N ALA B 301 -23.71 40.83 35.77
CA ALA B 301 -23.13 39.57 36.21
C ALA B 301 -22.21 39.04 35.12
N PHE B 302 -21.00 38.63 35.52
CA PHE B 302 -20.03 38.05 34.61
C PHE B 302 -19.86 36.58 34.93
N TYR B 303 -19.82 35.76 33.88
CA TYR B 303 -19.81 34.31 34.00
C TYR B 303 -18.46 33.76 33.58
N ILE B 304 -17.93 32.82 34.34
CA ILE B 304 -16.62 32.23 34.10
C ILE B 304 -16.83 30.80 33.60
N TYR B 305 -16.28 30.50 32.44
CA TYR B 305 -16.34 29.17 31.85
C TYR B 305 -14.94 28.56 31.83
N GLN B 306 -14.84 27.31 32.26
CA GLN B 306 -13.57 26.61 32.28
C GLN B 306 -13.29 25.97 30.94
N LEU B 307 -12.01 25.94 30.56
CA LEU B 307 -11.59 25.42 29.28
C LEU B 307 -11.28 23.93 29.37
N HIS B 308 -11.23 23.29 28.21
CA HIS B 308 -10.90 21.88 28.12
C HIS B 308 -10.10 21.62 26.85
N LYS B 309 -9.43 20.47 26.81
CA LYS B 309 -8.67 20.05 25.64
C LYS B 309 -9.61 19.30 24.69
N LEU B 310 -10.39 20.07 23.94
CA LEU B 310 -11.37 19.54 23.00
C LEU B 310 -10.99 19.91 21.57
N ASN B 311 -11.78 19.41 20.64
CA ASN B 311 -11.65 19.74 19.22
C ASN B 311 -12.97 20.33 18.74
N TYR B 312 -12.87 21.31 17.84
CA TYR B 312 -14.04 22.03 17.37
C TYR B 312 -14.12 22.00 15.85
N LEU B 313 -15.06 22.74 15.28
CA LEU B 313 -15.15 22.89 13.83
C LEU B 313 -15.71 24.28 13.56
N VAL B 314 -14.83 25.23 13.34
CA VAL B 314 -15.23 26.61 13.19
C VAL B 314 -15.51 26.90 11.72
N GLU B 315 -16.31 27.94 11.48
CA GLU B 315 -16.65 28.40 10.13
C GLU B 315 -16.37 29.88 10.05
N PHE B 316 -15.65 30.30 9.02
CA PHE B 316 -15.25 31.69 8.84
C PHE B 316 -16.10 32.32 7.74
N ASP B 317 -16.38 33.61 7.90
CA ASP B 317 -17.04 34.40 6.87
C ASP B 317 -15.98 35.00 5.96
N VAL B 318 -16.37 35.98 5.14
CA VAL B 318 -15.41 36.65 4.25
C VAL B 318 -14.34 37.38 5.06
N GLU B 319 -14.75 38.04 6.14
CA GLU B 319 -13.77 38.64 7.04
C GLU B 319 -13.14 37.57 7.92
N GLY B 320 -12.23 37.99 8.78
CA GLY B 320 -11.54 37.05 9.65
C GLY B 320 -12.21 36.86 10.99
N TYR B 321 -13.42 36.31 10.98
CA TYR B 321 -14.16 36.09 12.21
C TYR B 321 -14.84 34.74 12.16
N ILE B 322 -15.07 34.15 13.33
CA ILE B 322 -15.75 32.87 13.44
C ILE B 322 -17.23 33.15 13.67
N VAL B 323 -18.05 32.81 12.68
CA VAL B 323 -19.49 33.06 12.79
C VAL B 323 -20.13 32.02 13.70
N ARG B 324 -20.03 30.75 13.34
CA ARG B 324 -20.67 29.69 14.10
C ARG B 324 -19.87 28.40 13.99
N ALA B 325 -19.80 27.66 15.10
CA ALA B 325 -18.94 26.49 15.20
C ALA B 325 -19.70 25.27 15.69
N SER B 326 -18.98 24.18 15.94
CA SER B 326 -19.56 22.96 16.46
C SER B 326 -18.58 22.32 17.43
N ASP B 327 -19.11 21.72 18.50
CA ASP B 327 -18.29 21.07 19.52
C ASP B 327 -18.38 19.56 19.32
N CYS B 328 -17.26 18.94 18.96
CA CYS B 328 -17.20 17.51 18.69
C CYS B 328 -17.19 16.77 20.01
N GLY B 329 -18.35 16.34 20.47
CA GLY B 329 -18.42 15.59 21.71
C GLY B 329 -19.64 15.89 22.56
N ALA B 330 -20.39 16.92 22.20
CA ALA B 330 -21.64 17.21 22.91
C ALA B 330 -22.64 16.09 22.71
N ASN B 331 -22.81 15.64 21.47
CA ASN B 331 -23.62 14.47 21.17
C ASN B 331 -23.05 13.82 19.91
N ASP B 332 -23.61 12.65 19.57
CA ASP B 332 -23.04 11.84 18.50
C ASP B 332 -23.23 12.47 17.13
N TYR B 333 -24.29 13.26 16.95
CA TYR B 333 -24.47 13.95 15.67
C TYR B 333 -23.36 14.97 15.44
N THR B 334 -22.93 15.68 16.49
CA THR B 334 -21.78 16.56 16.36
C THR B 334 -20.50 15.76 16.11
N GLN B 335 -20.41 14.55 16.65
CA GLN B 335 -19.28 13.69 16.31
C GLN B 335 -19.28 13.35 14.83
N LEU B 336 -20.45 13.10 14.24
CA LEU B 336 -20.52 12.90 12.79
C LEU B 336 -20.14 14.17 12.04
N GLN B 337 -20.66 15.31 12.49
CA GLN B 337 -20.43 16.56 11.79
C GLN B 337 -18.96 16.96 11.83
N CYS B 338 -18.23 16.53 12.85
CA CYS B 338 -16.78 16.76 12.90
C CYS B 338 -15.98 15.67 12.21
N SER B 339 -16.49 14.43 12.19
CA SER B 339 -15.80 13.35 11.49
C SER B 339 -15.79 13.58 9.99
N TYR B 340 -16.92 13.99 9.43
CA TYR B 340 -16.97 14.25 8.00
C TYR B 340 -16.36 15.61 7.66
N GLY B 341 -16.53 16.60 8.52
CA GLY B 341 -15.87 17.88 8.35
C GLY B 341 -16.68 18.97 7.69
N GLN B 342 -17.98 18.78 7.50
CA GLN B 342 -18.84 19.81 6.91
C GLN B 342 -20.14 19.87 7.68
N PHE B 343 -20.81 21.02 7.60
CA PHE B 343 -22.03 21.24 8.36
C PHE B 343 -23.24 20.62 7.68
N ASP B 344 -23.50 20.99 6.43
CA ASP B 344 -24.66 20.52 5.70
C ASP B 344 -24.45 19.05 5.32
N MET B 345 -25.35 18.19 5.79
CA MET B 345 -25.22 16.74 5.66
C MET B 345 -26.48 16.16 5.05
N ASN B 346 -26.30 15.21 4.14
CA ASN B 346 -27.44 14.51 3.56
C ASN B 346 -28.09 13.61 4.61
N SER B 347 -29.41 13.47 4.50
CA SER B 347 -30.15 12.64 5.45
C SER B 347 -29.86 11.17 5.21
N GLY B 348 -29.57 10.45 6.29
CA GLY B 348 -29.30 9.04 6.19
C GLY B 348 -28.79 8.51 7.52
N VAL B 349 -28.72 7.19 7.60
CA VAL B 349 -28.20 6.52 8.78
C VAL B 349 -26.70 6.31 8.60
N TYR B 350 -25.93 6.70 9.61
CA TYR B 350 -24.48 6.65 9.54
C TYR B 350 -23.95 5.72 10.63
N SER B 351 -22.63 5.70 10.78
CA SER B 351 -21.96 5.07 11.91
C SER B 351 -21.05 6.12 12.53
N ALA B 352 -21.19 6.33 13.84
CA ALA B 352 -20.55 7.48 14.47
C ALA B 352 -19.58 7.08 15.57
N SER B 353 -18.79 6.03 15.32
CA SER B 353 -17.70 5.55 16.16
C SER B 353 -18.17 4.97 17.49
N TYR B 354 -17.41 4.01 18.02
CA TYR B 354 -17.76 3.33 19.24
C TYR B 354 -17.42 4.20 20.45
N PHE B 355 -17.96 3.84 21.60
CA PHE B 355 -17.51 4.37 22.87
C PHE B 355 -17.20 3.23 23.82
N ASN B 356 -16.04 3.26 24.45
CA ASN B 356 -15.60 2.24 25.38
C ASN B 356 -16.00 2.60 26.81
N ALA B 357 -16.03 1.58 27.66
CA ALA B 357 -16.29 1.77 29.07
C ALA B 357 -14.98 2.07 29.79
N GLN B 358 -14.94 3.19 30.50
CA GLN B 358 -13.73 3.55 31.22
C GLN B 358 -13.49 2.61 32.40
N PRO B 359 -12.25 2.24 32.69
CA PRO B 359 -11.98 1.26 33.75
C PRO B 359 -12.16 1.89 35.12
N ARG B 360 -13.10 1.35 35.90
CA ARG B 360 -13.43 1.86 37.22
C ARG B 360 -12.90 0.88 38.26
N GLY B 361 -11.72 1.18 38.80
CA GLY B 361 -11.14 0.40 39.88
C GLY B 361 -9.72 0.03 39.58
N TYR B 362 -9.18 -0.88 40.40
CA TYR B 362 -7.80 -1.30 40.32
C TYR B 362 -7.68 -2.68 40.92
N TYR B 363 -6.80 -3.51 40.35
CA TYR B 363 -6.48 -4.81 40.90
C TYR B 363 -4.98 -5.00 40.89
N TYR B 364 -4.48 -5.76 41.87
CA TYR B 364 -3.05 -5.86 42.11
C TYR B 364 -2.79 -7.08 42.96
N VAL B 365 -1.99 -8.03 42.45
CA VAL B 365 -1.64 -9.20 43.23
C VAL B 365 -0.17 -9.13 43.60
N ALA B 366 0.71 -9.24 42.59
CA ALA B 366 2.16 -9.11 42.70
C ALA B 366 2.72 -9.92 43.87
N ASN B 367 2.67 -11.24 43.71
CA ASN B 367 3.09 -12.18 44.74
C ASN B 367 4.51 -11.89 45.20
N GLU B 368 4.71 -11.90 46.52
CA GLU B 368 5.92 -11.35 47.11
C GLU B 368 7.14 -12.17 46.76
N LEU B 369 8.27 -11.48 46.58
CA LEU B 369 9.51 -12.14 46.19
C LEU B 369 10.64 -11.72 47.12
N GLU B 370 11.86 -12.13 46.79
CA GLU B 370 13.03 -11.81 47.60
C GLU B 370 13.78 -10.63 47.01
N GLU B 371 14.47 -9.91 47.88
CA GLU B 371 15.32 -8.80 47.43
C GLU B 371 16.51 -9.34 46.64
N CYS B 372 16.94 -8.56 45.66
CA CYS B 372 18.00 -9.00 44.76
C CYS B 372 19.35 -9.05 45.46
N ALA B 373 20.28 -9.76 44.83
CA ALA B 373 21.66 -9.89 45.30
C ALA B 373 22.59 -8.98 44.51
N LEU B 374 22.13 -7.77 44.18
CA LEU B 374 22.91 -6.85 43.37
C LEU B 374 24.11 -6.25 44.11
N ASP B 375 24.21 -6.46 45.43
CA ASP B 375 25.38 -6.00 46.16
C ASP B 375 26.65 -6.70 45.69
N VAL B 376 26.51 -7.91 45.14
CA VAL B 376 27.64 -8.63 44.53
C VAL B 376 28.23 -7.86 43.36
N LEU B 377 27.43 -6.99 42.72
CA LEU B 377 27.98 -6.12 41.68
C LEU B 377 29.01 -5.12 42.21
N PHE B 378 29.00 -4.86 43.53
CA PHE B 378 29.95 -3.92 44.11
C PHE B 378 30.72 -4.52 45.29
N LYS B 379 30.71 -5.85 45.45
CA LYS B 379 31.24 -6.45 46.68
C LYS B 379 32.67 -6.95 46.53
N ASN B 380 32.95 -7.78 45.54
CA ASN B 380 34.23 -8.44 45.44
C ASN B 380 35.15 -7.67 44.48
N ILE B 381 36.28 -8.29 44.12
CA ILE B 381 37.22 -7.69 43.19
C ILE B 381 36.56 -7.51 41.83
N ALA B 382 36.84 -6.37 41.19
CA ALA B 382 36.25 -6.07 39.89
C ALA B 382 36.82 -6.99 38.82
N PRO B 383 36.01 -7.74 38.11
CA PRO B 383 36.54 -8.68 37.12
C PRO B 383 37.05 -7.96 35.88
N GLN B 384 38.05 -8.57 35.24
CA GLN B 384 38.59 -8.01 34.01
C GLN B 384 37.74 -8.44 32.81
N ILE B 385 37.98 -7.78 31.69
CA ILE B 385 37.20 -8.03 30.48
C ILE B 385 37.46 -9.43 29.93
N ALA B 386 38.69 -9.94 30.07
CA ALA B 386 39.03 -11.26 29.55
C ALA B 386 38.25 -12.36 30.24
N ASN B 387 38.07 -12.24 31.56
CA ASN B 387 37.30 -13.20 32.35
C ASN B 387 36.27 -12.40 33.14
N TYR B 388 35.14 -12.11 32.51
CA TYR B 388 34.13 -11.25 33.10
C TYR B 388 33.00 -12.08 33.69
N SER B 389 32.48 -11.62 34.81
CA SER B 389 31.45 -12.36 35.53
C SER B 389 30.07 -12.06 34.95
N ARG B 390 29.19 -13.05 35.06
CA ARG B 390 27.82 -12.92 34.60
C ARG B 390 26.89 -13.54 35.63
N ARG B 391 25.81 -12.83 35.97
CA ARG B 391 24.81 -13.35 36.88
C ARG B 391 23.44 -13.21 36.24
N VAL B 392 22.57 -14.18 36.52
CA VAL B 392 21.19 -14.19 36.02
C VAL B 392 20.26 -14.10 37.21
N PHE B 393 19.37 -13.11 37.19
CA PHE B 393 18.46 -12.85 38.30
C PHE B 393 17.04 -13.17 37.87
N THR B 394 16.38 -14.04 38.62
CA THR B 394 15.00 -14.42 38.36
C THR B 394 14.27 -14.51 39.70
N ASN B 395 12.99 -14.16 39.68
CA ASN B 395 12.13 -14.05 40.87
C ASN B 395 12.76 -13.12 41.90
N CYS B 396 12.94 -11.87 41.48
CA CYS B 396 13.77 -10.92 42.22
C CYS B 396 13.08 -9.57 42.31
N ASN B 397 13.46 -8.80 43.31
CA ASN B 397 13.04 -7.41 43.47
C ASN B 397 14.26 -6.56 43.76
N TYR B 398 14.33 -5.39 43.13
CA TYR B 398 15.49 -4.52 43.28
C TYR B 398 15.04 -3.08 43.47
N ASN B 399 15.84 -2.35 44.25
CA ASN B 399 15.57 -0.95 44.60
C ASN B 399 16.65 -0.11 43.94
N LEU B 400 16.27 0.68 42.94
CA LEU B 400 17.27 1.34 42.10
C LEU B 400 17.96 2.50 42.80
N THR B 401 17.29 3.13 43.76
CA THR B 401 17.89 4.27 44.45
C THR B 401 19.12 3.86 45.24
N LYS B 402 19.07 2.71 45.92
CA LYS B 402 20.21 2.25 46.71
C LYS B 402 21.39 1.88 45.84
N LEU B 403 21.14 1.32 44.65
CA LEU B 403 22.24 1.03 43.73
C LEU B 403 22.82 2.32 43.15
N LEU B 404 21.96 3.20 42.65
CA LEU B 404 22.40 4.41 41.97
C LEU B 404 22.94 5.46 42.93
N SER B 405 22.79 5.26 44.24
CA SER B 405 23.52 6.07 45.20
C SER B 405 25.01 5.75 45.22
N LEU B 406 25.43 4.67 44.57
CA LEU B 406 26.82 4.23 44.63
C LEU B 406 27.60 4.47 43.34
N VAL B 407 26.94 4.71 42.21
CA VAL B 407 27.62 4.82 40.94
C VAL B 407 27.36 6.20 40.33
N GLU B 408 28.25 6.59 39.41
CA GLU B 408 28.11 7.79 38.62
C GLU B 408 28.10 7.37 37.16
N VAL B 409 26.94 7.47 36.52
CA VAL B 409 26.77 6.99 35.16
C VAL B 409 27.34 8.01 34.19
N ASP B 410 28.26 7.56 33.33
CA ASP B 410 28.88 8.45 32.35
C ASP B 410 28.16 8.43 31.00
N GLU B 411 27.71 7.26 30.56
CA GLU B 411 26.95 7.13 29.33
C GLU B 411 26.23 5.79 29.35
N PHE B 412 24.96 5.78 28.94
CA PHE B 412 24.21 4.56 28.76
C PHE B 412 23.76 4.46 27.32
N VAL B 413 23.92 3.28 26.72
CA VAL B 413 23.48 3.00 25.36
C VAL B 413 22.46 1.88 25.44
N CYS B 414 21.21 2.19 25.12
CA CYS B 414 20.11 1.25 25.27
C CYS B 414 19.33 1.14 23.97
N ASP B 415 18.91 -0.08 23.66
CA ASP B 415 18.06 -0.34 22.50
C ASP B 415 16.87 -1.18 22.94
N LYS B 416 15.70 -0.87 22.36
CA LYS B 416 14.42 -1.51 22.63
C LYS B 416 13.93 -1.34 24.07
N THR B 417 14.64 -0.56 24.88
CA THR B 417 14.26 -0.32 26.26
C THR B 417 14.96 0.94 26.73
N THR B 418 14.54 1.44 27.89
CA THR B 418 15.11 2.64 28.47
C THR B 418 15.32 2.42 29.95
N PRO B 419 16.32 3.08 30.55
CA PRO B 419 16.50 2.99 32.01
C PRO B 419 15.31 3.49 32.81
N GLU B 420 14.55 4.45 32.28
CA GLU B 420 13.32 4.87 32.94
C GLU B 420 12.29 3.76 32.95
N SER B 421 12.26 2.93 31.90
CA SER B 421 11.35 1.80 31.88
C SER B 421 11.84 0.64 32.75
N LEU B 422 13.16 0.51 32.92
CA LEU B 422 13.69 -0.59 33.73
C LEU B 422 13.37 -0.41 35.21
N ALA B 423 13.26 0.83 35.67
CA ALA B 423 12.94 1.11 37.07
C ALA B 423 11.45 1.23 37.33
N THR B 424 10.61 1.04 36.31
CA THR B 424 9.17 1.17 36.48
C THR B 424 8.43 -0.08 36.02
N GLY B 425 8.94 -0.73 34.98
CA GLY B 425 8.29 -1.89 34.41
C GLY B 425 8.88 -3.19 34.91
N CYS B 426 8.08 -4.25 34.81
CA CYS B 426 8.48 -5.59 35.22
C CYS B 426 8.72 -6.45 34.00
N TYR B 427 9.82 -7.18 34.00
CA TYR B 427 10.18 -8.05 32.89
C TYR B 427 10.43 -9.46 33.42
N SER B 428 10.56 -10.41 32.49
CA SER B 428 10.60 -11.82 32.87
C SER B 428 11.92 -12.20 33.51
N SER B 429 13.04 -11.77 32.93
CA SER B 429 14.35 -12.18 33.42
C SER B 429 15.35 -11.06 33.24
N LEU B 430 16.39 -11.09 34.06
CA LEU B 430 17.44 -10.07 34.05
C LEU B 430 18.79 -10.74 33.98
N VAL B 431 19.59 -10.37 32.99
CA VAL B 431 20.93 -10.92 32.79
C VAL B 431 21.92 -9.75 32.81
N VAL B 432 22.87 -9.81 33.73
CA VAL B 432 23.82 -8.72 33.94
C VAL B 432 25.23 -9.24 33.73
N ASP B 433 26.00 -8.56 32.88
CA ASP B 433 27.43 -8.79 32.74
C ASP B 433 28.16 -7.52 33.17
N TRP B 434 29.29 -7.67 33.84
CA TRP B 434 30.04 -6.50 34.27
C TRP B 434 31.53 -6.79 34.25
N PHE B 435 32.31 -5.79 33.87
CA PHE B 435 33.75 -5.89 33.84
C PHE B 435 34.32 -4.48 33.97
N ALA B 436 35.64 -4.40 34.06
CA ALA B 436 36.34 -3.14 34.21
C ALA B 436 36.89 -2.68 32.88
N LEU B 437 36.63 -1.43 32.53
CA LEU B 437 37.09 -0.86 31.27
C LEU B 437 37.14 0.66 31.38
N PRO B 438 38.25 1.29 30.99
CA PRO B 438 38.35 2.74 31.11
C PRO B 438 37.45 3.45 30.10
N LEU B 439 37.12 4.69 30.43
CA LEU B 439 36.28 5.50 29.54
C LEU B 439 37.02 5.99 28.32
N SER B 440 38.36 5.89 28.29
CA SER B 440 39.11 6.27 27.11
C SER B 440 38.88 5.32 25.95
N MET B 441 38.42 4.10 26.23
CA MET B 441 38.07 3.12 25.21
C MET B 441 36.59 2.76 25.30
N LYS B 442 35.76 3.77 25.56
CA LYS B 442 34.32 3.56 25.63
C LYS B 442 33.70 3.29 24.28
N SER B 443 34.39 3.62 23.19
CA SER B 443 33.93 3.35 21.83
C SER B 443 34.39 2.01 21.31
N THR B 444 35.19 1.28 22.08
CA THR B 444 35.58 -0.06 21.68
C THR B 444 34.40 -1.02 21.72
N LEU B 445 33.52 -0.83 22.70
CA LEU B 445 32.31 -1.63 22.83
C LEU B 445 31.16 -1.11 21.98
N ALA B 446 31.37 -0.04 21.21
CA ALA B 446 30.32 0.49 20.36
C ALA B 446 30.01 -0.49 19.23
N ILE B 447 28.78 -0.42 18.74
CA ILE B 447 28.32 -1.35 17.72
C ILE B 447 29.02 -1.08 16.40
N GLY B 448 29.61 -2.12 15.82
CA GLY B 448 30.31 -2.00 14.57
C GLY B 448 31.80 -1.75 14.67
N SER B 449 32.36 -1.73 15.87
CA SER B 449 33.79 -1.49 16.03
C SER B 449 34.59 -2.69 15.55
N ALA B 450 35.87 -2.44 15.25
CA ALA B 450 36.74 -3.46 14.68
C ALA B 450 37.98 -3.69 15.53
N GLU B 451 37.90 -3.42 16.83
CA GLU B 451 39.03 -3.64 17.71
C GLU B 451 39.07 -5.11 18.16
N ALA B 452 40.05 -5.42 19.02
CA ALA B 452 40.22 -6.77 19.51
C ALA B 452 39.19 -7.15 20.58
N ILE B 453 38.64 -6.17 21.29
CA ILE B 453 37.68 -6.48 22.34
C ILE B 453 36.36 -6.97 21.74
N SER B 454 35.89 -6.32 20.67
CA SER B 454 34.62 -6.69 20.07
C SER B 454 34.68 -8.02 19.32
N MET B 455 35.86 -8.59 19.11
CA MET B 455 35.98 -9.84 18.37
C MET B 455 36.70 -10.95 19.11
N PHE B 456 37.50 -10.66 20.14
CA PHE B 456 38.15 -11.69 20.94
C PHE B 456 37.77 -11.64 22.41
N ASN B 457 37.00 -10.63 22.83
CA ASN B 457 36.51 -10.51 24.18
C ASN B 457 35.00 -10.42 24.09
N TYR B 458 34.35 -9.95 25.17
CA TYR B 458 32.89 -9.87 25.23
C TYR B 458 32.29 -9.17 24.01
N ASN B 459 31.53 -9.93 23.23
CA ASN B 459 30.82 -9.44 22.06
C ASN B 459 29.35 -9.36 22.40
N GLN B 460 28.77 -8.17 22.28
CA GLN B 460 27.41 -7.95 22.73
C GLN B 460 26.41 -8.61 21.78
N ASP B 461 25.33 -9.13 22.37
CA ASP B 461 24.25 -9.75 21.61
C ASP B 461 23.07 -8.78 21.54
N TYR B 462 22.62 -8.50 20.32
CA TYR B 462 21.48 -7.61 20.10
C TYR B 462 20.33 -8.44 19.55
N SER B 463 19.60 -9.09 20.46
CA SER B 463 18.34 -9.74 20.16
C SER B 463 17.29 -9.51 21.23
N ASN B 464 17.68 -9.17 22.44
CA ASN B 464 16.83 -8.82 23.56
C ASN B 464 17.13 -7.38 23.96
N PRO B 465 16.20 -6.70 24.65
CA PRO B 465 16.47 -5.33 25.10
C PRO B 465 17.66 -5.25 26.03
N THR B 466 18.63 -4.41 25.67
CA THR B 466 19.88 -4.30 26.40
C THR B 466 20.10 -2.87 26.88
N CYS B 467 21.01 -2.71 27.83
CA CYS B 467 21.40 -1.40 28.33
C CYS B 467 22.85 -1.49 28.78
N ARG B 468 23.76 -1.02 27.95
CA ARG B 468 25.17 -0.94 28.31
C ARG B 468 25.42 0.39 29.02
N ILE B 469 25.85 0.32 30.27
CA ILE B 469 26.03 1.50 31.11
C ILE B 469 27.50 1.62 31.48
N HIS B 470 28.08 2.78 31.26
CA HIS B 470 29.46 3.06 31.65
C HIS B 470 29.41 3.85 32.95
N ALA B 471 29.75 3.17 34.05
CA ALA B 471 29.65 3.76 35.38
C ALA B 471 31.02 3.89 36.00
N THR B 472 31.21 4.99 36.75
CA THR B 472 32.46 5.26 37.46
C THR B 472 32.17 5.23 38.95
N ILE B 473 32.90 4.40 39.68
CA ILE B 473 32.73 4.26 41.13
C ILE B 473 33.85 5.03 41.82
N ASN B 474 33.47 6.03 42.62
CA ASN B 474 34.45 6.90 43.25
C ASN B 474 35.14 6.17 44.42
N SER B 475 36.15 6.83 44.98
CA SER B 475 37.05 6.16 45.92
C SER B 475 36.37 5.87 47.26
N ASN B 476 35.51 6.78 47.73
CA ASN B 476 34.90 6.63 49.05
C ASN B 476 33.95 5.43 49.09
N VAL B 477 33.06 5.33 48.10
CA VAL B 477 32.13 4.21 48.08
C VAL B 477 32.86 2.92 47.76
N SER B 478 33.95 2.98 46.98
CA SER B 478 34.73 1.78 46.70
C SER B 478 35.42 1.27 47.94
N SER B 479 35.91 2.17 48.80
CA SER B 479 36.49 1.73 50.06
C SER B 479 35.43 1.28 51.05
N SER B 480 34.21 1.82 50.93
CA SER B 480 33.13 1.42 51.83
C SER B 480 32.70 -0.02 51.59
N LEU B 481 32.57 -0.42 50.33
CA LEU B 481 32.07 -1.74 49.98
C LEU B 481 33.19 -2.72 49.63
N ASN B 482 34.42 -2.42 50.05
CA ASN B 482 35.60 -3.27 49.82
C ASN B 482 35.83 -3.54 48.35
N PHE B 483 35.63 -2.53 47.52
CA PHE B 483 35.93 -2.63 46.10
C PHE B 483 37.41 -2.32 45.88
N THR B 484 38.14 -3.26 45.28
CA THR B 484 39.57 -3.11 45.09
C THR B 484 39.94 -3.48 43.66
N ALA B 485 41.11 -3.01 43.25
CA ALA B 485 41.69 -3.34 41.96
C ALA B 485 42.94 -4.19 42.17
N ASN B 486 43.09 -5.23 41.35
CA ASN B 486 44.21 -6.15 41.46
C ASN B 486 45.41 -5.67 40.66
N ASN B 487 45.25 -4.59 39.88
CA ASN B 487 46.29 -3.97 39.06
C ASN B 487 46.85 -4.91 37.99
N ASN B 488 46.13 -6.00 37.67
CA ASN B 488 46.49 -6.92 36.59
C ASN B 488 45.25 -7.10 35.73
N TYR B 489 45.06 -6.21 34.77
CA TYR B 489 43.91 -6.23 33.89
C TYR B 489 44.38 -6.30 32.45
N ALA B 490 43.80 -7.23 31.68
CA ALA B 490 44.24 -7.44 30.31
C ALA B 490 43.08 -7.98 29.48
N TYR B 491 43.22 -7.88 28.17
CA TYR B 491 42.23 -8.40 27.24
C TYR B 491 42.93 -9.17 26.14
N ILE B 492 42.20 -10.11 25.54
CA ILE B 492 42.75 -10.95 24.48
C ILE B 492 42.86 -10.13 23.21
N SER B 493 44.06 -10.07 22.64
CA SER B 493 44.29 -9.32 21.42
C SER B 493 44.47 -10.19 20.19
N ARG B 494 44.65 -11.50 20.36
CA ARG B 494 44.73 -12.43 19.25
C ARG B 494 44.37 -13.82 19.76
N CYS B 495 43.51 -14.52 19.03
CA CYS B 495 43.12 -15.89 19.37
C CYS B 495 43.08 -16.68 18.07
N GLN B 496 44.22 -17.28 17.72
CA GLN B 496 44.36 -18.02 16.48
C GLN B 496 44.49 -19.51 16.77
N GLY B 497 43.97 -20.32 15.86
CA GLY B 497 44.10 -21.76 15.93
C GLY B 497 45.41 -22.24 15.34
N THR B 498 45.46 -23.53 15.05
CA THR B 498 46.66 -24.12 14.47
C THR B 498 46.84 -23.73 13.01
N ASP B 499 45.77 -23.34 12.32
CA ASP B 499 45.80 -23.07 10.89
C ASP B 499 46.09 -21.61 10.57
N GLY B 500 46.39 -20.80 11.58
CA GLY B 500 46.66 -19.38 11.34
C GLY B 500 45.47 -18.57 10.91
N LYS B 501 44.30 -18.80 11.51
CA LYS B 501 43.11 -18.00 11.28
C LYS B 501 42.50 -17.59 12.61
N PRO B 502 41.94 -16.39 12.70
CA PRO B 502 41.37 -15.95 13.98
C PRO B 502 40.09 -16.70 14.31
N ILE B 503 39.83 -16.83 15.61
CA ILE B 503 38.64 -17.48 16.12
C ILE B 503 37.67 -16.37 16.54
N LEU B 504 36.66 -16.14 15.70
CA LEU B 504 35.65 -15.14 16.02
C LEU B 504 34.78 -15.66 17.17
N LEU B 505 34.33 -14.74 18.01
CA LEU B 505 33.48 -15.08 19.14
C LEU B 505 32.02 -14.85 18.78
N GLN B 506 31.17 -15.83 19.09
CA GLN B 506 29.74 -15.69 18.85
C GLN B 506 29.14 -14.68 19.81
N LYS B 507 28.00 -14.13 19.41
CA LYS B 507 27.37 -13.07 20.17
C LYS B 507 26.83 -13.58 21.50
N GLY B 508 27.06 -12.81 22.55
CA GLY B 508 26.53 -13.10 23.87
C GLY B 508 27.07 -14.36 24.50
N GLN B 509 28.36 -14.63 24.34
CA GLN B 509 28.98 -15.80 24.93
C GLN B 509 30.25 -15.40 25.66
N LEU B 510 30.65 -16.25 26.60
CA LEU B 510 31.93 -16.06 27.27
C LEU B 510 33.06 -16.32 26.29
N PRO B 511 34.25 -15.75 26.52
CA PRO B 511 35.36 -15.92 25.57
C PRO B 511 35.82 -17.37 25.50
N ASN B 512 36.64 -17.66 24.49
CA ASN B 512 37.11 -19.01 24.25
C ASN B 512 37.97 -19.47 25.42
N ILE B 513 37.67 -20.66 25.93
CA ILE B 513 38.20 -21.10 27.22
C ILE B 513 39.72 -21.31 27.14
N ALA B 514 40.21 -21.80 26.00
CA ALA B 514 41.65 -21.96 25.84
C ALA B 514 42.36 -20.62 25.80
N CYS B 515 41.83 -19.68 25.01
CA CYS B 515 42.46 -18.36 24.91
C CYS B 515 42.29 -17.59 26.21
N ARG B 516 41.16 -17.73 26.88
CA ARG B 516 40.97 -17.06 28.17
C ARG B 516 41.93 -17.58 29.21
N SER B 517 42.12 -18.91 29.28
CA SER B 517 43.06 -19.48 30.23
C SER B 517 44.50 -19.08 29.90
N GLY B 518 44.83 -19.04 28.61
CA GLY B 518 46.18 -18.63 28.23
C GLY B 518 46.47 -17.18 28.53
N VAL B 519 45.48 -16.30 28.32
CA VAL B 519 45.65 -14.89 28.67
C VAL B 519 45.75 -14.72 30.18
N LEU B 520 44.93 -15.46 30.93
CA LEU B 520 44.92 -15.34 32.38
C LEU B 520 46.21 -15.86 33.01
N GLY B 521 46.82 -16.88 32.39
CA GLY B 521 48.02 -17.48 32.96
C GLY B 521 49.27 -16.64 32.82
N LEU B 522 49.31 -15.74 31.85
CA LEU B 522 50.52 -14.97 31.59
C LEU B 522 50.67 -13.85 32.62
N SER B 523 51.87 -13.27 32.67
CA SER B 523 52.18 -12.20 33.59
C SER B 523 52.72 -10.95 32.90
N ASN B 524 52.82 -10.94 31.57
CA ASN B 524 53.35 -9.81 30.83
C ASN B 524 52.45 -9.56 29.63
N ASP B 525 52.92 -8.72 28.71
CA ASP B 525 52.20 -8.43 27.47
C ASP B 525 52.94 -9.06 26.31
N VAL B 526 52.24 -9.91 25.56
CA VAL B 526 52.78 -10.53 24.36
C VAL B 526 51.77 -10.34 23.24
N ASP B 527 52.27 -10.36 22.01
CA ASP B 527 51.41 -10.11 20.86
C ASP B 527 51.19 -11.34 19.99
N TYR B 528 52.16 -12.26 19.93
CA TYR B 528 51.97 -13.52 19.22
C TYR B 528 52.75 -14.57 20.01
N PHE B 529 52.05 -15.31 20.86
CA PHE B 529 52.68 -16.24 21.79
C PHE B 529 52.01 -17.60 21.67
N GLY B 530 52.81 -18.64 21.48
CA GLY B 530 52.27 -19.99 21.41
C GLY B 530 51.78 -20.46 22.76
N TYR B 531 50.82 -21.38 22.73
CA TYR B 531 50.21 -21.91 23.94
C TYR B 531 49.89 -23.37 23.73
N ASN B 532 50.17 -24.18 24.75
CA ASN B 532 49.96 -25.62 24.71
C ASN B 532 48.77 -25.94 25.59
N PHE B 533 47.59 -26.06 24.97
CA PHE B 533 46.35 -26.35 25.68
C PHE B 533 46.07 -27.84 25.55
N ASN B 534 46.70 -28.60 26.46
CA ASN B 534 46.64 -30.07 26.57
C ASN B 534 46.70 -30.77 25.21
N GLY B 535 47.71 -30.41 24.43
CA GLY B 535 47.91 -31.02 23.14
C GLY B 535 47.72 -30.06 21.99
N ARG B 536 46.70 -29.21 22.08
CA ARG B 536 46.45 -28.21 21.05
C ARG B 536 47.50 -27.11 21.11
N ILE B 537 47.89 -26.62 19.94
CA ILE B 537 48.85 -25.52 19.82
C ILE B 537 48.06 -24.28 19.45
N PHE B 538 47.85 -23.40 20.42
CA PHE B 538 47.12 -22.16 20.22
C PHE B 538 48.07 -20.98 20.25
N TYR B 539 47.73 -19.94 19.51
CA TYR B 539 48.48 -18.69 19.48
C TYR B 539 47.62 -17.61 20.11
N ILE B 540 48.15 -16.96 21.15
CA ILE B 540 47.39 -16.02 21.95
C ILE B 540 48.16 -14.71 22.04
N GLY B 541 47.43 -13.65 22.38
CA GLY B 541 48.04 -12.35 22.59
C GLY B 541 47.41 -11.60 23.74
N ARG B 542 48.22 -11.19 24.70
CA ARG B 542 47.76 -10.50 25.90
C ARG B 542 48.20 -9.05 25.86
N LYS B 543 47.25 -8.13 26.03
CA LYS B 543 47.53 -6.70 26.09
C LYS B 543 46.82 -6.12 27.30
N SER B 544 47.56 -5.38 28.12
CA SER B 544 47.06 -4.90 29.40
C SER B 544 46.47 -3.51 29.29
N TYR B 545 45.79 -3.08 30.35
CA TYR B 545 45.25 -1.74 30.45
C TYR B 545 45.07 -1.40 31.92
N THR B 546 44.92 -0.10 32.19
CA THR B 546 44.75 0.40 33.55
C THR B 546 43.32 0.88 33.75
N PRO B 547 42.54 0.27 34.64
CA PRO B 547 41.14 0.67 34.82
C PRO B 547 40.90 1.74 35.87
N ARG B 548 41.93 2.24 36.55
CA ARG B 548 41.78 3.25 37.57
C ARG B 548 42.05 4.63 37.00
N THR B 549 42.14 5.63 37.87
CA THR B 549 42.47 6.99 37.47
C THR B 549 43.46 7.56 38.48
N SER B 550 43.75 8.86 38.35
CA SER B 550 44.69 9.51 39.26
C SER B 550 44.14 9.57 40.69
N GLU B 551 42.84 9.76 40.83
CA GLU B 551 42.21 9.86 42.13
C GLU B 551 41.85 8.50 42.72
N GLY B 552 42.05 7.42 41.98
CA GLY B 552 41.75 6.09 42.48
C GLY B 552 40.35 5.59 42.20
N SER B 553 39.50 6.39 41.56
CA SER B 553 38.16 5.94 41.22
C SER B 553 38.22 4.94 40.08
N ILE B 554 37.49 3.84 40.22
CA ILE B 554 37.55 2.72 39.28
C ILE B 554 36.37 2.82 38.31
N GLN B 555 36.67 2.69 37.02
CA GLN B 555 35.67 2.77 35.97
C GLN B 555 35.20 1.37 35.58
N MET B 556 33.89 1.23 35.39
CA MET B 556 33.28 -0.07 35.16
C MET B 556 32.31 0.02 34.01
N VAL B 557 31.99 -1.13 33.41
CA VAL B 557 31.01 -1.24 32.35
C VAL B 557 29.97 -2.25 32.78
N TYR B 558 28.70 -1.84 32.78
CA TYR B 558 27.59 -2.67 33.23
C TYR B 558 26.65 -2.90 32.07
N VAL B 559 26.70 -4.09 31.48
CA VAL B 559 25.77 -4.47 30.42
C VAL B 559 24.61 -5.22 31.04
N ILE B 560 23.40 -4.75 30.75
CA ILE B 560 22.19 -5.29 31.37
C ILE B 560 21.24 -5.70 30.26
N THR B 561 20.89 -6.99 30.22
CA THR B 561 19.97 -7.52 29.24
C THR B 561 18.69 -7.93 29.95
N ALA B 562 17.56 -7.39 29.50
CA ALA B 562 16.26 -7.66 30.10
C ALA B 562 15.40 -8.43 29.12
N ASN B 563 14.86 -9.56 29.55
CA ASN B 563 14.05 -10.43 28.70
C ASN B 563 12.57 -10.12 28.96
N TYR B 564 11.90 -9.56 27.96
CA TYR B 564 10.45 -9.38 28.03
C TYR B 564 9.80 -10.59 27.37
N ALA B 565 9.29 -11.50 28.18
CA ALA B 565 8.66 -12.72 27.68
C ALA B 565 7.15 -12.64 27.85
N GLU B 566 6.49 -13.66 27.29
CA GLU B 566 5.03 -13.65 27.25
C GLU B 566 4.41 -14.02 28.59
N GLY B 567 5.12 -14.76 29.42
CA GLY B 567 4.57 -15.23 30.68
C GLY B 567 4.52 -14.15 31.75
N PRO B 568 4.33 -14.56 33.00
CA PRO B 568 4.37 -13.59 34.10
C PRO B 568 5.76 -13.01 34.27
N ASN B 569 5.80 -11.77 34.73
CA ASN B 569 7.06 -11.06 34.96
C ASN B 569 7.40 -11.13 36.44
N ASN B 570 8.53 -11.75 36.75
CA ASN B 570 8.91 -11.99 38.14
C ASN B 570 10.10 -11.15 38.59
N VAL B 571 10.61 -10.26 37.75
CA VAL B 571 11.65 -9.32 38.15
C VAL B 571 11.02 -7.94 38.13
N CYS B 572 10.83 -7.35 39.30
CA CYS B 572 10.12 -6.10 39.43
C CYS B 572 10.92 -5.11 40.25
N PRO B 573 10.79 -3.82 39.98
CA PRO B 573 11.40 -2.81 40.84
C PRO B 573 10.55 -2.56 42.08
N LEU B 574 11.24 -2.25 43.18
CA LEU B 574 10.53 -1.95 44.42
C LEU B 574 9.86 -0.59 44.34
N LYS B 575 8.60 -0.53 44.73
CA LYS B 575 7.83 0.70 44.69
C LYS B 575 6.97 0.84 45.94
N THR B 581 -5.31 -3.52 46.41
CA THR B 581 -6.62 -2.88 46.32
C THR B 581 -7.71 -3.92 46.07
N ASP B 582 -8.60 -4.06 47.06
CA ASP B 582 -9.76 -4.94 47.02
C ASP B 582 -9.40 -6.40 46.76
N ASN B 583 -10.40 -7.20 46.39
CA ASN B 583 -10.22 -8.60 46.07
C ASN B 583 -11.18 -8.95 44.94
N LEU B 584 -10.89 -10.04 44.25
CA LEU B 584 -11.75 -10.49 43.16
C LEU B 584 -13.08 -11.00 43.72
N ASP B 585 -14.08 -11.03 42.84
CA ASP B 585 -15.51 -11.31 43.06
C ASP B 585 -16.21 -10.15 43.78
N SER B 586 -15.45 -9.15 44.23
CA SER B 586 -16.01 -7.82 44.47
C SER B 586 -16.12 -7.04 43.17
N LEU B 587 -15.43 -7.49 42.14
CA LEU B 587 -15.54 -6.97 40.79
C LEU B 587 -15.69 -8.15 39.82
N LEU B 588 -16.71 -8.07 38.97
CA LEU B 588 -17.01 -9.07 37.96
C LEU B 588 -17.86 -8.42 36.89
N GLY B 589 -17.45 -8.55 35.63
CA GLY B 589 -18.18 -7.92 34.56
C GLY B 589 -17.92 -6.44 34.39
N GLN B 590 -16.94 -5.89 35.11
CA GLN B 590 -16.55 -4.50 34.99
C GLN B 590 -15.16 -4.42 34.38
N CYS B 591 -14.97 -3.49 33.44
CA CYS B 591 -13.67 -3.30 32.83
C CYS B 591 -12.69 -2.81 33.88
N ILE B 592 -11.60 -3.55 34.06
CA ILE B 592 -10.70 -3.35 35.20
C ILE B 592 -9.27 -3.50 34.71
N ASP B 593 -8.41 -2.54 35.09
CA ASP B 593 -6.99 -2.62 34.79
C ASP B 593 -6.29 -3.59 35.74
N TYR B 594 -5.29 -4.28 35.21
CA TYR B 594 -4.58 -5.29 36.00
C TYR B 594 -3.24 -4.75 36.47
N ASP B 595 -2.71 -5.41 37.50
CA ASP B 595 -1.31 -5.30 37.89
C ASP B 595 -0.78 -6.65 38.33
N ILE B 596 -1.30 -7.72 37.75
CA ILE B 596 -1.03 -9.08 38.22
C ILE B 596 0.27 -9.58 37.60
N ASN B 597 1.26 -9.87 38.48
CA ASN B 597 2.55 -10.44 38.09
C ASN B 597 3.27 -9.59 37.05
N GLY B 598 3.18 -8.28 37.21
CA GLY B 598 3.85 -7.36 36.31
C GLY B 598 3.17 -7.13 34.98
N VAL B 599 2.01 -7.75 34.75
CA VAL B 599 1.27 -7.58 33.50
C VAL B 599 0.12 -6.60 33.75
N VAL B 600 0.06 -5.56 32.93
CA VAL B 600 -0.97 -4.54 33.06
C VAL B 600 -1.82 -4.53 31.80
N GLY B 601 -3.01 -3.96 31.93
CA GLY B 601 -3.92 -3.87 30.79
C GLY B 601 -5.29 -3.36 31.18
N GLN B 602 -6.33 -3.99 30.62
CA GLN B 602 -7.71 -3.69 30.95
C GLN B 602 -8.56 -4.87 30.52
N GLY B 603 -9.71 -5.05 31.16
CA GLY B 603 -10.64 -6.08 30.75
C GLY B 603 -11.50 -6.55 31.91
N VAL B 604 -12.31 -7.55 31.60
CA VAL B 604 -13.30 -8.11 32.52
C VAL B 604 -12.86 -9.51 32.92
N PHE B 605 -13.03 -9.82 34.20
CA PHE B 605 -12.84 -11.14 34.75
C PHE B 605 -14.17 -11.86 34.85
N GLN B 606 -14.14 -13.18 34.67
CA GLN B 606 -15.30 -14.02 34.93
C GLN B 606 -14.81 -15.35 35.49
N LYS B 607 -15.69 -16.03 36.22
CA LYS B 607 -15.37 -17.33 36.81
C LYS B 607 -15.72 -18.43 35.82
N CYS B 608 -14.74 -18.85 35.04
CA CYS B 608 -14.92 -19.94 34.09
C CYS B 608 -14.39 -21.24 34.68
N ASN B 609 -14.71 -22.34 34.00
CA ASN B 609 -14.16 -23.62 34.38
C ASN B 609 -12.66 -23.66 34.08
N SER B 610 -11.93 -24.45 34.87
CA SER B 610 -10.48 -24.51 34.75
C SER B 610 -10.08 -25.12 33.42
N THR B 611 -9.18 -24.44 32.71
CA THR B 611 -8.78 -24.83 31.37
C THR B 611 -7.31 -24.47 31.20
N GLY B 612 -6.51 -25.44 30.77
CA GLY B 612 -5.07 -25.29 30.68
C GLY B 612 -4.37 -25.92 31.88
N ILE B 613 -3.04 -25.80 31.87
CA ILE B 613 -2.22 -26.41 32.90
C ILE B 613 -2.32 -25.54 34.15
N PRO B 614 -2.32 -26.13 35.36
CA PRO B 614 -2.48 -25.30 36.57
C PRO B 614 -1.24 -24.56 37.01
N SER B 615 -0.05 -24.92 36.53
CA SER B 615 1.17 -24.31 37.07
C SER B 615 1.40 -22.91 36.52
N GLN B 616 1.54 -22.80 35.20
CA GLN B 616 1.78 -21.51 34.59
C GLN B 616 0.55 -20.64 34.72
N VAL B 617 0.75 -19.37 35.08
CA VAL B 617 -0.34 -18.55 35.58
C VAL B 617 -1.28 -18.14 34.45
N PHE B 618 -0.74 -17.69 33.33
CA PHE B 618 -1.56 -17.06 32.29
C PHE B 618 -1.79 -18.02 31.12
N VAL B 619 -2.91 -17.80 30.44
CA VAL B 619 -3.34 -18.63 29.31
C VAL B 619 -3.53 -17.72 28.10
N TYR B 620 -2.94 -18.10 26.97
CA TYR B 620 -2.93 -17.26 25.77
C TYR B 620 -3.68 -17.94 24.63
N ASP B 621 -4.09 -17.13 23.66
CA ASP B 621 -4.73 -17.63 22.45
C ASP B 621 -3.75 -17.60 21.29
N SER B 622 -4.25 -17.82 20.08
CA SER B 622 -3.39 -17.85 18.90
C SER B 622 -2.80 -16.48 18.56
N PHE B 623 -3.55 -15.41 18.81
CA PHE B 623 -3.12 -14.06 18.47
C PHE B 623 -2.29 -13.40 19.57
N HIS B 624 -1.66 -14.19 20.44
CA HIS B 624 -0.80 -13.72 21.53
C HIS B 624 -1.52 -12.78 22.47
N ASN B 625 -2.82 -12.99 22.66
CA ASN B 625 -3.63 -12.17 23.54
C ASN B 625 -4.00 -12.98 24.77
N ILE B 626 -3.70 -12.43 25.95
CA ILE B 626 -3.91 -13.15 27.19
C ILE B 626 -5.40 -13.19 27.50
N ILE B 627 -5.91 -14.39 27.78
CA ILE B 627 -7.34 -14.59 28.01
C ILE B 627 -7.60 -15.31 29.33
N GLY B 628 -6.55 -15.83 29.94
CA GLY B 628 -6.69 -16.65 31.12
C GLY B 628 -5.83 -16.16 32.27
N TYR B 629 -6.13 -16.67 33.45
CA TYR B 629 -5.40 -16.32 34.66
C TYR B 629 -5.67 -17.38 35.72
N HIS B 630 -4.63 -18.07 36.17
CA HIS B 630 -4.73 -19.04 37.25
C HIS B 630 -4.30 -18.38 38.54
N SER B 631 -5.21 -18.30 39.51
CA SER B 631 -4.89 -17.65 40.77
C SER B 631 -4.02 -18.55 41.64
N LYS B 632 -3.57 -18.00 42.76
CA LYS B 632 -2.80 -18.78 43.72
C LYS B 632 -3.68 -19.75 44.50
N ASN B 633 -4.98 -19.50 44.57
CA ASN B 633 -5.92 -20.39 45.24
C ASN B 633 -6.49 -21.45 44.30
N GLY B 634 -6.01 -21.53 43.07
CA GLY B 634 -6.48 -22.51 42.12
C GLY B 634 -7.73 -22.12 41.36
N THR B 635 -8.23 -20.91 41.54
CA THR B 635 -9.42 -20.45 40.83
C THR B 635 -9.00 -19.87 39.48
N TYR B 636 -9.60 -20.38 38.41
CA TYR B 636 -9.30 -19.93 37.06
C TYR B 636 -10.25 -18.80 36.68
N TYR B 637 -9.69 -17.62 36.44
CA TYR B 637 -10.47 -16.47 36.01
C TYR B 637 -10.27 -16.30 34.51
N CYS B 638 -11.34 -16.46 33.74
CA CYS B 638 -11.27 -16.21 32.31
C CYS B 638 -11.40 -14.73 32.05
N MET B 639 -10.54 -14.22 31.17
CA MET B 639 -10.37 -12.78 30.96
C MET B 639 -10.79 -12.40 29.56
N ALA B 640 -11.44 -11.25 29.43
CA ALA B 640 -11.88 -10.76 28.14
C ALA B 640 -11.65 -9.27 28.08
N PRO B 641 -11.54 -8.69 26.88
CA PRO B 641 -11.55 -7.23 26.78
C PRO B 641 -12.93 -6.68 27.11
N CYS B 642 -12.96 -5.48 27.69
CA CYS B 642 -14.23 -4.80 27.90
C CYS B 642 -14.72 -4.26 26.56
N VAL B 643 -15.88 -4.73 26.14
CA VAL B 643 -16.32 -4.61 24.74
C VAL B 643 -17.09 -3.30 24.57
N SER B 644 -16.77 -2.58 23.50
CA SER B 644 -17.43 -1.32 23.19
C SER B 644 -18.87 -1.58 22.74
N VAL B 645 -19.66 -0.50 22.69
CA VAL B 645 -21.05 -0.56 22.28
C VAL B 645 -21.17 -0.01 20.87
N PRO B 646 -21.63 -0.80 19.90
CA PRO B 646 -21.77 -0.31 18.52
C PRO B 646 -22.97 0.62 18.38
N VAL B 647 -22.73 1.85 17.93
CA VAL B 647 -23.79 2.84 17.82
C VAL B 647 -23.89 3.33 16.39
N SER B 648 -25.01 3.98 16.11
CA SER B 648 -25.31 4.57 14.81
C SER B 648 -26.19 5.78 15.02
N VAL B 649 -26.16 6.70 14.07
CA VAL B 649 -26.88 7.97 14.17
C VAL B 649 -27.79 8.10 12.95
N ILE B 650 -29.05 8.38 13.19
CA ILE B 650 -30.02 8.65 12.14
C ILE B 650 -30.23 10.15 12.10
N TYR B 651 -29.85 10.79 11.01
CA TYR B 651 -29.95 12.24 10.86
C TYR B 651 -30.98 12.59 9.80
N ASP B 652 -31.74 13.65 10.06
CA ASP B 652 -32.80 14.09 9.16
C ASP B 652 -32.64 15.59 8.90
N LYS B 653 -32.21 15.92 7.69
CA LYS B 653 -32.27 17.27 7.16
C LYS B 653 -33.69 17.57 6.68
N SER B 654 -34.00 18.87 6.60
CA SER B 654 -35.33 19.48 6.41
C SER B 654 -36.22 19.30 7.63
N SER B 655 -35.77 18.55 8.64
CA SER B 655 -36.36 18.54 9.96
C SER B 655 -35.33 18.77 11.05
N ASN B 656 -34.04 18.60 10.74
CA ASN B 656 -32.92 18.85 11.67
C ASN B 656 -33.06 18.02 12.95
N SER B 657 -33.23 16.71 12.77
CA SER B 657 -33.45 15.83 13.92
C SER B 657 -32.46 14.69 13.90
N HIS B 658 -31.84 14.42 15.05
CA HIS B 658 -30.86 13.36 15.18
C HIS B 658 -31.32 12.35 16.23
N ALA B 659 -31.20 11.07 15.92
CA ALA B 659 -31.54 9.99 16.84
C ALA B 659 -30.40 9.00 16.89
N THR B 660 -30.37 8.21 17.96
CA THR B 660 -29.29 7.26 18.19
C THR B 660 -29.86 5.84 18.23
N LEU B 661 -29.24 4.95 17.48
CA LEU B 661 -29.56 3.53 17.48
C LEU B 661 -28.35 2.76 17.95
N TYR B 662 -28.57 1.59 18.55
CA TYR B 662 -27.49 0.73 18.99
C TYR B 662 -27.51 -0.55 18.15
N GLY B 663 -26.33 -1.01 17.74
CA GLY B 663 -26.24 -2.01 16.70
C GLY B 663 -26.82 -3.35 17.11
N SER B 664 -26.41 -3.87 18.26
CA SER B 664 -26.99 -5.10 18.78
C SER B 664 -27.14 -5.04 20.29
N VAL B 665 -27.11 -3.84 20.86
CA VAL B 665 -27.05 -3.68 22.31
C VAL B 665 -28.47 -3.76 22.86
N ALA B 666 -28.66 -4.61 23.86
CA ALA B 666 -29.96 -4.73 24.50
C ALA B 666 -30.18 -3.56 25.47
N CYS B 667 -31.43 -3.35 25.86
CA CYS B 667 -31.75 -2.30 26.80
C CYS B 667 -31.19 -2.59 28.18
N ASP B 668 -30.97 -3.86 28.51
CA ASP B 668 -30.32 -4.21 29.77
C ASP B 668 -28.92 -3.62 29.84
N HIS B 669 -28.08 -3.91 28.84
CA HIS B 669 -26.73 -3.36 28.82
C HIS B 669 -26.71 -1.85 28.63
N ILE B 670 -27.80 -1.28 28.12
CA ILE B 670 -27.97 0.18 28.21
C ILE B 670 -28.10 0.59 29.67
N LYS B 671 -28.86 -0.15 30.46
CA LYS B 671 -29.11 0.28 31.83
C LYS B 671 -27.91 0.03 32.75
N MET B 672 -27.16 -1.07 32.56
CA MET B 672 -26.07 -1.37 33.49
C MET B 672 -24.90 -0.40 33.32
N ILE B 673 -24.47 -0.15 32.09
CA ILE B 673 -23.27 0.65 31.88
C ILE B 673 -23.66 2.01 31.31
N PRO B 674 -22.85 3.05 31.50
CA PRO B 674 -23.11 4.32 30.82
C PRO B 674 -22.96 4.19 29.31
N SER B 675 -23.71 5.01 28.58
CA SER B 675 -23.63 4.99 27.13
C SER B 675 -22.29 5.49 26.63
N VAL B 676 -21.67 6.42 27.36
CA VAL B 676 -20.37 7.03 27.04
C VAL B 676 -20.40 7.68 25.65
N GLY B 691 -38.06 7.47 24.50
CA GLY B 691 -37.77 6.38 25.40
C GLY B 691 -36.90 5.30 24.79
N LEU B 692 -36.45 4.37 25.62
CA LEU B 692 -35.60 3.27 25.16
C LEU B 692 -36.50 2.16 24.64
N LEU B 693 -36.82 2.24 23.35
CA LEU B 693 -37.68 1.24 22.72
C LEU B 693 -36.82 0.08 22.23
N GLN B 694 -37.12 -1.11 22.73
CA GLN B 694 -36.41 -2.30 22.25
C GLN B 694 -36.86 -2.62 20.83
N THR B 695 -35.89 -2.88 19.96
CA THR B 695 -36.14 -3.06 18.54
C THR B 695 -35.33 -4.27 18.10
N ALA B 696 -35.77 -4.91 17.00
CA ALA B 696 -35.05 -6.05 16.44
C ALA B 696 -33.61 -5.75 16.07
N VAL B 697 -33.29 -4.48 15.78
CA VAL B 697 -31.91 -4.08 15.60
C VAL B 697 -31.26 -3.79 16.96
N GLY B 698 -31.83 -2.86 17.71
CA GLY B 698 -31.30 -2.55 19.03
C GLY B 698 -32.07 -1.40 19.63
N CYS B 699 -31.82 -1.17 20.92
CA CYS B 699 -32.50 -0.12 21.65
C CYS B 699 -32.10 1.25 21.13
N VAL B 700 -33.08 2.14 21.02
CA VAL B 700 -32.87 3.49 20.50
C VAL B 700 -33.19 4.49 21.60
N ILE B 701 -32.39 5.56 21.68
CA ILE B 701 -32.63 6.56 22.72
C ILE B 701 -33.64 7.60 22.28
N GLY B 702 -33.92 7.69 20.99
CA GLY B 702 -34.96 8.57 20.47
C GLY B 702 -36.21 7.80 20.12
N PHE B 703 -36.88 8.25 19.06
CA PHE B 703 -37.98 7.56 18.39
C PHE B 703 -39.26 7.49 19.22
N HIS B 704 -40.38 7.31 18.53
CA HIS B 704 -41.65 7.01 19.19
C HIS B 704 -42.33 5.90 18.40
N ASN B 705 -43.01 5.01 19.12
CA ASN B 705 -43.66 3.88 18.46
C ASN B 705 -44.86 4.36 17.67
N THR B 706 -45.12 3.70 16.54
CA THR B 706 -46.30 4.00 15.75
C THR B 706 -46.80 2.71 15.10
N SER B 707 -48.13 2.53 15.10
CA SER B 707 -48.76 1.39 14.45
C SER B 707 -49.00 1.74 12.98
N ASP B 708 -47.91 1.78 12.23
CA ASP B 708 -47.92 2.26 10.86
C ASP B 708 -47.10 1.33 9.98
N THR B 709 -47.37 1.39 8.68
CA THR B 709 -46.59 0.69 7.68
C THR B 709 -46.31 1.63 6.51
N VAL B 710 -45.22 1.37 5.80
CA VAL B 710 -44.81 2.20 4.68
C VAL B 710 -44.31 1.28 3.57
N GLU B 711 -44.66 1.62 2.32
CA GLU B 711 -44.33 0.76 1.20
C GLU B 711 -42.83 0.77 0.90
N ASP B 712 -42.17 1.92 1.05
CA ASP B 712 -40.73 2.03 0.85
C ASP B 712 -40.22 3.22 1.64
N CYS B 713 -38.98 3.12 2.10
CA CYS B 713 -38.41 4.13 2.97
C CYS B 713 -37.04 4.54 2.43
N ASN B 714 -36.81 5.86 2.37
CA ASN B 714 -35.49 6.36 2.01
C ASN B 714 -34.53 6.42 3.19
N LEU B 715 -35.00 6.05 4.39
CA LEU B 715 -34.18 6.07 5.60
C LEU B 715 -34.30 4.70 6.27
N PRO B 716 -33.64 3.68 5.73
CA PRO B 716 -33.76 2.34 6.31
C PRO B 716 -33.03 2.25 7.64
N LEU B 717 -33.54 1.35 8.50
CA LEU B 717 -32.96 1.15 9.81
C LEU B 717 -32.35 -0.22 10.00
N GLY B 718 -32.64 -1.17 9.12
CA GLY B 718 -32.20 -2.53 9.32
C GLY B 718 -33.14 -3.52 8.68
N GLN B 719 -33.61 -4.50 9.46
CA GLN B 719 -34.44 -5.57 8.93
C GLN B 719 -35.87 -5.07 8.75
N SER B 720 -36.11 -4.45 7.59
CA SER B 720 -37.43 -3.97 7.17
C SER B 720 -38.03 -2.97 8.15
N LEU B 721 -37.21 -2.08 8.67
CA LEU B 721 -37.64 -1.03 9.58
C LEU B 721 -37.28 0.33 8.99
N CYS B 722 -38.20 1.27 9.07
CA CYS B 722 -38.01 2.60 8.53
C CYS B 722 -38.03 3.63 9.65
N ALA B 723 -37.56 4.83 9.32
CA ALA B 723 -37.55 5.98 10.23
C ALA B 723 -38.17 7.15 9.48
N LYS B 724 -39.48 7.33 9.64
CA LYS B 724 -40.15 8.43 8.97
C LYS B 724 -39.76 9.76 9.61
N PRO B 725 -39.79 10.85 8.84
CA PRO B 725 -39.40 12.15 9.40
C PRO B 725 -40.34 12.60 10.49
N PRO B 726 -39.85 13.37 11.47
CA PRO B 726 -40.70 13.82 12.60
C PRO B 726 -41.51 15.07 12.27
N SER B 727 -42.39 14.95 11.28
CA SER B 727 -43.22 16.07 10.87
C SER B 727 -44.53 16.10 11.65
N ASN B 733 -44.66 14.12 16.86
CA ASN B 733 -44.64 15.01 18.00
C ASN B 733 -43.32 15.77 18.09
N ASN B 734 -42.29 15.12 18.67
CA ASN B 734 -41.00 15.77 18.83
C ASN B 734 -39.83 14.84 18.50
N THR B 735 -40.09 13.63 18.01
CA THR B 735 -39.02 12.68 17.72
C THR B 735 -39.43 11.81 16.53
N PHE B 736 -38.53 10.90 16.16
CA PHE B 736 -38.73 10.05 15.00
C PHE B 736 -39.85 9.04 15.23
N GLY B 737 -40.34 8.47 14.13
CA GLY B 737 -41.36 7.46 14.21
C GLY B 737 -40.90 6.12 13.66
N LEU B 738 -40.86 5.10 14.53
CA LEU B 738 -40.37 3.79 14.14
C LEU B 738 -41.42 3.10 13.27
N ALA B 739 -41.26 3.20 11.95
CA ALA B 739 -42.17 2.58 11.00
C ALA B 739 -41.61 1.25 10.54
N VAL B 740 -42.48 0.28 10.33
CA VAL B 740 -42.10 -1.06 9.91
C VAL B 740 -42.63 -1.30 8.51
N MET B 741 -41.72 -1.57 7.57
CA MET B 741 -42.12 -1.90 6.21
C MET B 741 -42.58 -3.34 6.14
N LYS B 742 -43.73 -3.56 5.51
CA LYS B 742 -44.23 -4.91 5.30
C LYS B 742 -44.75 -5.04 3.88
N TYR B 743 -44.80 -6.28 3.41
CA TYR B 743 -45.15 -6.56 2.03
C TYR B 743 -46.64 -6.32 1.77
N GLU B 744 -46.92 -5.69 0.63
CA GLU B 744 -48.29 -5.64 0.12
C GLU B 744 -48.51 -6.83 -0.80
N ASN B 745 -49.76 -7.29 -0.84
CA ASN B 745 -49.85 -8.54 -1.59
C ASN B 745 -50.40 -8.29 -2.98
N PRO B 746 -49.90 -9.03 -3.97
CA PRO B 746 -50.48 -8.94 -5.32
C PRO B 746 -51.88 -9.53 -5.37
N LEU B 747 -52.60 -9.19 -6.42
CA LEU B 747 -53.99 -9.62 -6.59
C LEU B 747 -54.04 -11.12 -6.77
N LYS B 748 -54.52 -11.84 -5.75
CA LYS B 748 -54.54 -13.28 -5.79
C LYS B 748 -55.57 -13.79 -6.78
N VAL B 749 -55.20 -14.83 -7.52
CA VAL B 749 -56.08 -15.48 -8.47
C VAL B 749 -56.20 -16.95 -8.08
N GLU B 750 -57.44 -17.43 -7.99
CA GLU B 750 -57.68 -18.80 -7.58
C GLU B 750 -57.50 -19.76 -8.75
N VAL B 751 -57.04 -20.97 -8.43
CA VAL B 751 -56.91 -22.03 -9.42
C VAL B 751 -58.22 -22.81 -9.46
N LEU B 752 -58.71 -23.07 -10.67
CA LEU B 752 -60.00 -23.73 -10.86
C LEU B 752 -59.77 -25.11 -11.47
N ASN B 753 -60.44 -26.12 -10.90
CA ASN B 753 -60.30 -27.47 -11.41
C ASN B 753 -61.06 -27.67 -12.71
N SER B 754 -62.11 -26.88 -12.94
CA SER B 754 -62.96 -27.03 -14.11
C SER B 754 -62.26 -26.49 -15.36
N SER B 755 -62.92 -26.65 -16.50
CA SER B 755 -62.37 -26.20 -17.78
C SER B 755 -62.36 -24.69 -17.92
N GLU B 756 -63.08 -23.96 -17.07
CA GLU B 756 -63.08 -22.51 -17.08
C GLU B 756 -62.18 -21.99 -15.97
N PHE B 757 -61.24 -21.13 -16.33
CA PHE B 757 -60.27 -20.59 -15.40
C PHE B 757 -60.46 -19.09 -15.22
N GLU B 758 -60.13 -18.60 -14.03
CA GLU B 758 -60.30 -17.19 -13.71
C GLU B 758 -59.21 -16.37 -14.39
N ILE B 759 -59.61 -15.29 -15.06
CA ILE B 759 -58.67 -14.36 -15.68
C ILE B 759 -58.90 -12.98 -15.10
N SER B 760 -57.93 -12.09 -15.34
CA SER B 760 -57.99 -10.71 -14.86
C SER B 760 -57.63 -9.80 -16.03
N VAL B 761 -58.64 -9.38 -16.79
CA VAL B 761 -58.43 -8.48 -17.91
C VAL B 761 -58.60 -7.06 -17.40
N PRO B 762 -57.64 -6.17 -17.65
CA PRO B 762 -57.75 -4.79 -17.15
C PRO B 762 -58.81 -4.00 -17.90
N THR B 763 -59.28 -2.94 -17.25
CA THR B 763 -60.23 -2.02 -17.85
C THR B 763 -59.74 -0.58 -17.94
N ASN B 764 -58.72 -0.21 -17.18
CA ASN B 764 -58.14 1.13 -17.26
C ASN B 764 -56.64 1.02 -17.06
N PHE B 765 -55.92 2.03 -17.57
CA PHE B 765 -54.46 2.01 -17.55
C PHE B 765 -53.94 3.43 -17.58
N SER B 766 -52.65 3.58 -17.25
CA SER B 766 -51.97 4.86 -17.31
C SER B 766 -50.48 4.59 -17.49
N PHE B 767 -49.84 5.42 -18.32
CA PHE B 767 -48.42 5.25 -18.58
C PHE B 767 -47.58 5.59 -17.36
N ARG B 768 -46.53 4.82 -17.14
CA ARG B 768 -45.53 5.09 -16.10
C ARG B 768 -44.18 5.25 -16.78
N VAL B 769 -43.61 6.45 -16.68
CA VAL B 769 -42.31 6.72 -17.29
C VAL B 769 -41.22 6.21 -16.35
N THR B 770 -40.35 5.37 -16.89
CA THR B 770 -39.20 4.84 -16.16
C THR B 770 -37.94 5.53 -16.66
N GLU B 771 -37.18 6.12 -15.74
CA GLU B 771 -35.95 6.82 -16.06
C GLU B 771 -34.77 6.02 -15.50
N GLU B 772 -33.83 5.67 -16.35
CA GLU B 772 -32.65 4.92 -15.95
C GLU B 772 -31.41 5.62 -16.46
N PHE B 773 -30.41 5.77 -15.59
CA PHE B 773 -29.13 6.34 -15.94
C PHE B 773 -28.05 5.28 -15.78
N ILE B 774 -27.25 5.08 -16.82
CA ILE B 774 -26.18 4.09 -16.82
C ILE B 774 -24.87 4.81 -17.13
N GLU B 775 -24.02 4.97 -16.12
CA GLU B 775 -22.75 5.66 -16.28
C GLU B 775 -21.78 4.76 -17.05
N THR B 776 -21.40 5.18 -18.25
CA THR B 776 -20.56 4.37 -19.12
C THR B 776 -19.23 5.06 -19.45
N SER B 777 -18.79 6.00 -18.62
CA SER B 777 -17.54 6.69 -18.87
C SER B 777 -16.75 6.81 -17.57
N ILE B 778 -15.44 6.92 -17.71
CA ILE B 778 -14.54 7.22 -16.60
C ILE B 778 -13.83 8.53 -16.91
N GLN B 779 -13.39 9.21 -15.87
CA GLN B 779 -12.67 10.46 -16.05
C GLN B 779 -11.26 10.16 -16.52
N LYS B 780 -10.90 10.65 -17.70
CA LYS B 780 -9.60 10.37 -18.28
C LYS B 780 -8.58 11.31 -17.64
N VAL B 781 -7.78 10.77 -16.72
CA VAL B 781 -6.83 11.56 -15.94
C VAL B 781 -5.41 11.05 -16.23
N THR B 782 -4.48 11.98 -16.41
CA THR B 782 -3.06 11.67 -16.50
C THR B 782 -2.32 12.45 -15.42
N VAL B 783 -1.43 11.79 -14.70
CA VAL B 783 -0.71 12.37 -13.58
C VAL B 783 0.77 12.39 -13.91
N ASP B 784 1.40 13.55 -13.75
CA ASP B 784 2.86 13.64 -13.88
C ASP B 784 3.46 13.18 -12.56
N CYS B 785 4.20 12.08 -12.61
CA CYS B 785 4.72 11.47 -11.38
C CYS B 785 5.78 12.35 -10.72
N LYS B 786 6.66 12.96 -11.51
CA LYS B 786 7.70 13.82 -10.95
C LYS B 786 7.10 15.08 -10.33
N GLN B 787 6.08 15.64 -10.97
CA GLN B 787 5.41 16.82 -10.45
C GLN B 787 4.53 16.53 -9.24
N TYR B 788 4.14 15.27 -9.06
CA TYR B 788 3.26 14.91 -7.95
C TYR B 788 4.02 14.44 -6.73
N VAL B 789 4.98 13.52 -6.91
CA VAL B 789 5.74 13.00 -5.78
C VAL B 789 6.64 14.08 -5.20
N CYS B 790 7.36 14.78 -6.06
CA CYS B 790 8.19 15.91 -5.68
C CYS B 790 7.61 17.19 -6.24
N ASN B 791 8.19 18.32 -5.84
CA ASN B 791 7.78 19.62 -6.33
C ASN B 791 8.88 20.28 -7.15
N GLY B 792 9.60 19.46 -7.92
CA GLY B 792 10.67 19.96 -8.75
C GLY B 792 12.00 20.09 -8.06
N PHE B 793 12.08 19.79 -6.76
CA PHE B 793 13.35 19.86 -6.05
C PHE B 793 14.28 18.76 -6.53
N GLU B 794 15.56 19.10 -6.68
CA GLU B 794 16.52 18.12 -7.20
C GLU B 794 16.83 17.04 -6.17
N ARG B 795 16.71 17.36 -4.88
CA ARG B 795 16.97 16.37 -3.84
C ARG B 795 15.91 15.27 -3.86
N CYS B 796 14.64 15.66 -3.95
CA CYS B 796 13.57 14.68 -4.02
C CYS B 796 13.62 13.89 -5.32
N GLU B 797 14.01 14.55 -6.42
CA GLU B 797 14.15 13.84 -7.69
C GLU B 797 15.26 12.80 -7.62
N GLN B 798 16.40 13.14 -7.01
CA GLN B 798 17.48 12.17 -6.86
C GLN B 798 17.10 11.02 -5.93
N LEU B 799 16.35 11.32 -4.87
CA LEU B 799 15.93 10.26 -3.97
C LEU B 799 14.87 9.36 -4.61
N LEU B 800 14.04 9.91 -5.49
CA LEU B 800 13.10 9.08 -6.23
C LEU B 800 13.82 8.22 -7.27
N GLU B 801 14.89 8.76 -7.86
CA GLU B 801 15.68 7.97 -8.81
C GLU B 801 16.40 6.83 -8.12
N GLN B 802 16.97 7.09 -6.93
CA GLN B 802 17.61 6.04 -6.16
C GLN B 802 16.61 5.11 -5.49
N TYR B 803 15.35 5.54 -5.38
CA TYR B 803 14.27 4.76 -4.81
C TYR B 803 13.80 3.64 -5.73
N GLY B 804 14.24 3.63 -6.98
CA GLY B 804 13.70 2.71 -7.97
C GLY B 804 12.55 3.37 -8.68
N GLN B 805 12.54 3.30 -10.00
CA GLN B 805 11.59 4.09 -10.78
C GLN B 805 10.19 3.51 -10.69
N PHE B 806 9.21 4.39 -10.47
CA PHE B 806 7.80 4.02 -10.51
C PHE B 806 6.99 4.84 -11.50
N CYS B 807 7.53 5.97 -11.98
CA CYS B 807 6.73 6.88 -12.80
C CYS B 807 6.44 6.31 -14.19
N ALA B 808 7.35 5.49 -14.72
CA ALA B 808 7.12 4.86 -16.01
C ALA B 808 5.92 3.93 -15.97
N LYS B 809 5.81 3.14 -14.91
CA LYS B 809 4.69 2.21 -14.78
C LYS B 809 3.37 2.94 -14.60
N ILE B 810 3.37 4.03 -13.82
CA ILE B 810 2.17 4.82 -13.62
C ILE B 810 1.72 5.45 -14.94
N ASN B 811 2.67 6.01 -15.69
CA ASN B 811 2.33 6.63 -16.97
C ASN B 811 1.82 5.60 -17.97
N GLN B 812 2.43 4.42 -18.00
CA GLN B 812 1.97 3.36 -18.89
C GLN B 812 0.57 2.88 -18.52
N ALA B 813 0.30 2.74 -17.22
CA ALA B 813 -1.02 2.27 -16.78
C ALA B 813 -2.11 3.29 -17.10
N LEU B 814 -1.84 4.58 -16.85
CA LEU B 814 -2.85 5.58 -17.18
C LEU B 814 -3.06 5.72 -18.69
N HIS B 815 -1.97 5.60 -19.47
CA HIS B 815 -2.11 5.63 -20.92
C HIS B 815 -2.94 4.44 -21.42
N GLY B 816 -2.72 3.27 -20.82
CA GLY B 816 -3.50 2.11 -21.20
C GLY B 816 -4.98 2.24 -20.87
N VAL B 817 -5.30 2.73 -19.67
CA VAL B 817 -6.72 2.84 -19.33
C VAL B 817 -7.40 3.94 -20.13
N ASN B 818 -6.67 5.02 -20.47
CA ASN B 818 -7.27 6.07 -21.29
C ASN B 818 -7.50 5.59 -22.72
N LEU B 819 -6.54 4.83 -23.27
CA LEU B 819 -6.74 4.27 -24.61
C LEU B 819 -7.88 3.27 -24.64
N ARG B 820 -8.01 2.45 -23.58
CA ARG B 820 -9.12 1.51 -23.51
C ARG B 820 -10.46 2.24 -23.43
N GLN B 821 -10.53 3.32 -22.64
CA GLN B 821 -11.77 4.09 -22.56
C GLN B 821 -12.11 4.74 -23.89
N ASP B 822 -11.10 5.29 -24.59
CA ASP B 822 -11.34 5.89 -25.89
C ASP B 822 -11.84 4.88 -26.91
N ASP B 823 -11.22 3.70 -26.95
CA ASP B 823 -11.67 2.67 -27.89
C ASP B 823 -13.04 2.15 -27.54
N ALA B 824 -13.36 2.04 -26.25
CA ALA B 824 -14.69 1.61 -25.84
C ALA B 824 -15.76 2.63 -26.22
N THR B 825 -15.45 3.92 -26.05
CA THR B 825 -16.39 4.97 -26.45
C THR B 825 -16.61 4.97 -27.96
N LYS B 826 -15.53 4.82 -28.73
CA LYS B 826 -15.65 4.75 -30.19
C LYS B 826 -16.48 3.55 -30.62
N SER B 827 -16.26 2.39 -30.01
CA SER B 827 -17.02 1.20 -30.38
C SER B 827 -18.48 1.33 -30.00
N LEU B 828 -18.75 1.92 -28.83
CA LEU B 828 -20.14 2.14 -28.40
C LEU B 828 -20.87 3.07 -29.35
N PHE B 829 -20.23 4.15 -29.76
CA PHE B 829 -20.89 5.07 -30.68
C PHE B 829 -20.99 4.50 -32.09
N GLU B 830 -20.09 3.60 -32.47
CA GLU B 830 -20.25 2.91 -33.75
C GLU B 830 -21.42 1.95 -33.72
N SER B 831 -21.66 1.32 -32.56
CA SER B 831 -22.84 0.47 -32.43
C SER B 831 -24.12 1.25 -32.22
N ILE B 832 -24.03 2.53 -31.83
CA ILE B 832 -25.22 3.35 -31.65
C ILE B 832 -25.85 3.68 -32.99
N ARG B 833 -25.02 3.95 -34.01
CA ARG B 833 -25.46 4.56 -35.26
C ARG B 833 -26.46 3.69 -36.02
N VAL B 834 -27.52 4.33 -36.50
CA VAL B 834 -28.58 3.68 -37.26
C VAL B 834 -28.32 3.88 -38.75
N PRO B 835 -28.71 2.94 -39.62
CA PRO B 835 -28.49 3.14 -41.06
C PRO B 835 -29.48 4.11 -41.68
N GLN B 836 -30.70 4.19 -41.11
CA GLN B 836 -31.74 5.06 -41.62
C GLN B 836 -32.18 6.03 -40.54
N SER B 837 -32.72 7.17 -40.95
CA SER B 837 -33.13 8.20 -40.00
C SER B 837 -34.24 9.04 -40.64
N ALA B 838 -35.19 9.46 -39.81
CA ALA B 838 -36.30 10.30 -40.23
C ALA B 838 -36.38 11.50 -39.29
N PRO B 839 -35.57 12.54 -39.53
CA PRO B 839 -35.52 13.67 -38.60
C PRO B 839 -36.75 14.56 -38.64
N LEU B 840 -37.62 14.40 -39.63
CA LEU B 840 -38.81 15.24 -39.74
C LEU B 840 -39.87 14.86 -38.72
N MET B 841 -39.80 13.66 -38.15
CA MET B 841 -40.82 13.17 -37.23
C MET B 841 -40.65 13.70 -35.82
N ALA B 842 -39.58 14.44 -35.53
CA ALA B 842 -39.32 14.91 -34.18
C ALA B 842 -40.36 15.91 -33.71
N SER B 843 -40.73 16.86 -34.56
CA SER B 843 -41.80 17.79 -34.21
C SER B 843 -42.79 18.05 -35.33
N LEU B 844 -42.53 17.63 -36.56
CA LEU B 844 -43.40 17.92 -37.69
C LEU B 844 -44.26 16.73 -38.09
N SER B 845 -44.58 15.86 -37.13
CA SER B 845 -45.41 14.71 -37.41
C SER B 845 -46.10 14.26 -36.12
N GLY B 846 -47.37 13.92 -36.23
CA GLY B 846 -48.10 13.34 -35.13
C GLY B 846 -48.68 14.39 -34.19
N ASP B 847 -49.74 13.99 -33.49
CA ASP B 847 -50.37 14.83 -32.48
C ASP B 847 -49.64 14.78 -31.14
N TYR B 848 -48.69 13.87 -30.99
CA TYR B 848 -47.99 13.71 -29.71
C TYR B 848 -47.01 14.85 -29.50
N ASN B 849 -46.90 15.29 -28.24
CA ASN B 849 -45.99 16.37 -27.87
C ASN B 849 -44.76 15.75 -27.24
N LEU B 850 -43.80 15.39 -28.08
CA LEU B 850 -42.52 14.86 -27.62
C LEU B 850 -41.38 15.74 -28.08
N SER B 851 -41.55 17.06 -27.92
CA SER B 851 -40.54 18.04 -28.29
C SER B 851 -39.31 18.00 -27.40
N LEU B 852 -39.36 17.26 -26.29
CA LEU B 852 -38.20 17.09 -25.42
C LEU B 852 -37.06 16.37 -26.13
N PHE B 853 -37.33 15.61 -27.19
CA PHE B 853 -36.33 14.90 -27.95
C PHE B 853 -36.14 15.49 -29.35
N GLU B 854 -36.36 16.79 -29.48
CA GLU B 854 -36.26 17.47 -30.77
C GLU B 854 -34.96 18.26 -30.84
N THR B 855 -34.12 17.91 -31.80
CA THR B 855 -32.89 18.66 -32.02
C THR B 855 -33.19 19.97 -32.74
N PRO B 856 -32.71 21.12 -32.22
CA PRO B 856 -32.92 22.42 -32.88
C PRO B 856 -32.16 22.54 -34.19
N GLY B 864 -23.72 27.43 -30.98
CA GLY B 864 -25.02 26.85 -30.67
C GLY B 864 -24.94 25.39 -30.28
N ASN B 865 -25.99 24.89 -29.64
CA ASN B 865 -26.07 23.50 -29.21
C ASN B 865 -27.06 22.75 -30.09
N TYR B 866 -26.71 21.51 -30.43
CA TYR B 866 -27.60 20.64 -31.19
C TYR B 866 -28.28 19.61 -30.31
N ARG B 867 -28.15 19.72 -28.99
CA ARG B 867 -28.82 18.80 -28.10
C ARG B 867 -30.28 19.22 -27.91
N SER B 868 -31.10 18.26 -27.52
CA SER B 868 -32.53 18.47 -27.37
C SER B 868 -32.81 19.13 -26.03
N ALA B 869 -34.09 19.20 -25.65
CA ALA B 869 -34.46 19.83 -24.38
C ALA B 869 -34.02 18.99 -23.20
N LEU B 870 -34.09 17.66 -23.33
CA LEU B 870 -33.79 16.80 -22.20
C LEU B 870 -32.29 16.76 -21.90
N GLU B 871 -31.46 16.72 -22.93
CA GLU B 871 -30.01 16.70 -22.72
C GLU B 871 -29.52 18.02 -22.11
N ASP B 872 -30.05 19.14 -22.60
CA ASP B 872 -29.70 20.43 -22.02
C ASP B 872 -30.23 20.57 -20.60
N LEU B 873 -31.41 20.00 -20.34
CA LEU B 873 -31.95 19.99 -18.98
C LEU B 873 -31.06 19.20 -18.04
N LEU B 874 -30.58 18.03 -18.49
CA LEU B 874 -29.69 17.21 -17.68
C LEU B 874 -28.36 17.91 -17.43
N PHE B 875 -27.77 18.52 -18.46
CA PHE B 875 -26.49 19.20 -18.28
C PHE B 875 -26.63 20.49 -17.49
N ASP B 876 -27.83 21.08 -17.43
CA ASP B 876 -28.03 22.29 -16.66
C ASP B 876 -28.38 22.01 -15.20
N LYS B 877 -29.11 20.94 -14.92
CA LYS B 877 -29.55 20.67 -13.56
C LYS B 877 -28.52 19.93 -12.71
N VAL B 878 -27.34 19.63 -13.26
CA VAL B 878 -26.28 19.02 -12.49
C VAL B 878 -25.21 20.07 -12.20
N THR B 879 -24.45 19.85 -11.14
CA THR B 879 -23.36 20.74 -10.75
C THR B 879 -22.06 20.06 -11.16
N LEU B 880 -21.65 20.29 -12.41
CA LEU B 880 -20.40 19.76 -12.91
C LEU B 880 -19.30 20.81 -12.89
N GLY B 884 -15.84 23.79 -20.81
CA GLY B 884 -15.17 25.06 -20.98
C GLY B 884 -13.67 24.93 -21.18
N TYR B 885 -13.25 24.88 -22.44
CA TYR B 885 -11.86 24.73 -22.81
C TYR B 885 -11.35 26.02 -23.45
N MET B 886 -10.05 26.04 -23.75
CA MET B 886 -9.29 27.20 -24.22
C MET B 886 -9.22 28.35 -23.21
N LYS B 887 -9.73 28.14 -22.00
CA LYS B 887 -9.66 29.16 -20.96
C LYS B 887 -9.26 28.56 -19.61
N GLY B 888 -8.78 27.32 -19.58
CA GLY B 888 -8.41 26.70 -18.32
C GLY B 888 -7.22 27.37 -17.66
N TYR B 889 -6.21 27.74 -18.45
CA TYR B 889 -5.10 28.51 -17.91
C TYR B 889 -5.48 29.96 -17.67
N ASP B 890 -6.30 30.54 -18.56
CA ASP B 890 -6.68 31.93 -18.44
C ASP B 890 -7.68 32.18 -17.32
N GLU B 891 -8.24 31.11 -16.73
CA GLU B 891 -9.09 31.28 -15.55
C GLU B 891 -8.28 31.78 -14.36
N CYS B 892 -7.01 31.38 -14.26
CA CYS B 892 -6.14 31.81 -13.18
C CYS B 892 -5.83 33.31 -13.24
N LEU B 903 -10.22 25.51 -9.34
CA LEU B 903 -10.21 24.05 -9.30
C LEU B 903 -9.58 23.46 -10.55
N ILE B 904 -10.12 23.85 -11.71
CA ILE B 904 -9.58 23.35 -12.98
C ILE B 904 -8.19 23.91 -13.23
N CYS B 905 -7.98 25.19 -12.89
CA CYS B 905 -6.63 25.75 -12.97
C CYS B 905 -5.82 25.43 -11.72
N ALA B 906 -6.50 25.19 -10.59
CA ALA B 906 -5.82 24.87 -9.35
C ALA B 906 -5.36 23.42 -9.28
N GLN B 907 -5.81 22.57 -10.21
CA GLN B 907 -5.38 21.17 -10.21
C GLN B 907 -4.01 20.98 -10.85
N TYR B 908 -3.46 22.01 -11.49
CA TYR B 908 -2.14 21.91 -12.09
C TYR B 908 -1.02 22.22 -11.12
N VAL B 909 -1.35 22.64 -9.89
CA VAL B 909 -0.31 22.93 -8.90
C VAL B 909 0.35 21.65 -8.41
N ALA B 910 -0.33 20.52 -8.53
CA ALA B 910 0.24 19.19 -8.35
C ALA B 910 -0.23 18.38 -9.54
N GLY B 911 0.67 18.08 -10.46
CA GLY B 911 0.30 17.77 -11.84
C GLY B 911 -0.63 16.62 -12.09
N TYR B 912 -1.87 16.95 -12.42
CA TYR B 912 -2.83 16.01 -12.99
C TYR B 912 -3.85 16.82 -13.78
N LYS B 913 -4.26 16.29 -14.93
CA LYS B 913 -5.20 16.98 -15.80
C LYS B 913 -6.31 16.02 -16.18
N VAL B 914 -7.47 16.57 -16.51
CA VAL B 914 -8.61 15.80 -16.98
C VAL B 914 -8.60 15.87 -18.50
N LEU B 915 -8.37 14.74 -19.15
CA LEU B 915 -8.30 14.71 -20.60
C LEU B 915 -9.69 14.93 -21.20
N PRO B 916 -9.76 15.51 -22.40
CA PRO B 916 -11.06 15.71 -23.05
C PRO B 916 -11.64 14.40 -23.52
N PRO B 917 -12.97 14.33 -23.66
CA PRO B 917 -13.57 13.18 -24.34
C PRO B 917 -13.24 13.18 -25.82
N LEU B 918 -13.31 11.99 -26.42
CA LEU B 918 -12.95 11.83 -27.82
C LEU B 918 -13.93 12.57 -28.73
N TYR B 919 -15.23 12.34 -28.54
CA TYR B 919 -16.24 13.01 -29.32
C TYR B 919 -16.73 14.26 -28.59
N ASP B 920 -16.92 15.33 -29.36
CA ASP B 920 -17.45 16.57 -28.80
C ASP B 920 -18.90 16.36 -28.36
N SER B 921 -19.34 17.23 -27.45
CA SER B 921 -20.72 17.16 -26.96
C SER B 921 -21.73 17.37 -28.07
N ASN B 922 -21.40 18.24 -29.04
CA ASN B 922 -22.25 18.41 -30.21
C ASN B 922 -22.34 17.13 -31.03
N MET B 923 -21.22 16.43 -31.20
CA MET B 923 -21.21 15.20 -31.97
C MET B 923 -22.01 14.09 -31.27
N GLU B 924 -21.87 13.97 -29.94
CA GLU B 924 -22.65 12.98 -29.20
C GLU B 924 -24.13 13.31 -29.25
N ALA B 925 -24.49 14.59 -29.12
CA ALA B 925 -25.89 14.99 -29.21
C ALA B 925 -26.45 14.73 -30.60
N MET B 926 -25.62 14.91 -31.63
CA MET B 926 -26.07 14.65 -32.99
C MET B 926 -26.24 13.15 -33.24
N TYR B 927 -25.38 12.33 -32.66
CA TYR B 927 -25.56 10.87 -32.72
C TYR B 927 -26.85 10.45 -32.03
N THR B 928 -27.13 11.04 -30.87
CA THR B 928 -28.39 10.77 -30.17
C THR B 928 -29.59 11.21 -31.00
N ALA B 929 -29.49 12.38 -31.64
CA ALA B 929 -30.58 12.88 -32.47
C ALA B 929 -30.83 11.98 -33.66
N SER B 930 -29.77 11.46 -34.28
CA SER B 930 -29.94 10.50 -35.36
C SER B 930 -30.53 9.19 -34.85
N LEU B 931 -30.22 8.81 -33.61
CA LEU B 931 -30.81 7.62 -33.04
C LEU B 931 -32.31 7.80 -32.83
N THR B 932 -32.72 8.97 -32.36
CA THR B 932 -34.14 9.21 -32.07
C THR B 932 -34.98 9.44 -33.31
N GLY B 933 -34.37 9.47 -34.49
CA GLY B 933 -35.07 9.58 -35.75
C GLY B 933 -35.32 8.27 -36.47
N SER B 934 -35.02 7.13 -35.83
CA SER B 934 -35.27 5.81 -36.42
C SER B 934 -36.16 4.95 -35.56
N ILE B 935 -36.79 5.53 -34.53
CA ILE B 935 -37.59 4.74 -33.60
C ILE B 935 -38.87 4.25 -34.28
N ALA B 936 -39.51 5.12 -35.07
CA ALA B 936 -40.80 4.79 -35.66
C ALA B 936 -40.71 3.70 -36.71
N GLY B 937 -39.53 3.45 -37.28
CA GLY B 937 -39.39 2.39 -38.25
C GLY B 937 -39.44 1.01 -37.62
N ALA B 938 -40.52 0.28 -37.89
CA ALA B 938 -40.70 -1.06 -37.34
C ALA B 938 -41.48 -1.89 -38.34
N LEU B 939 -41.98 -3.04 -37.88
CA LEU B 939 -42.76 -4.00 -38.68
C LEU B 939 -42.00 -4.48 -39.92
N ALA B 947 -35.18 0.90 -44.45
CA ALA B 947 -36.41 0.22 -44.06
C ALA B 947 -37.64 1.07 -44.41
N ALA B 948 -38.46 1.35 -43.40
CA ALA B 948 -39.70 2.09 -43.59
C ALA B 948 -39.74 3.28 -42.65
N SER B 949 -40.32 4.38 -43.13
CA SER B 949 -40.52 5.59 -42.34
C SER B 949 -42.01 5.90 -42.28
N LEU B 950 -42.51 6.18 -41.09
CA LEU B 950 -43.95 6.36 -40.89
C LEU B 950 -44.16 7.20 -39.65
N PRO B 951 -45.29 7.91 -39.54
CA PRO B 951 -45.47 8.84 -38.42
C PRO B 951 -45.57 8.13 -37.08
N PHE B 952 -45.34 8.92 -36.02
CA PHE B 952 -45.27 8.37 -34.67
C PHE B 952 -46.61 7.82 -34.20
N ALA B 953 -47.72 8.38 -34.71
CA ALA B 953 -49.04 7.86 -34.35
C ALA B 953 -49.22 6.44 -34.85
N GLN B 954 -48.83 6.18 -36.11
CA GLN B 954 -48.92 4.83 -36.66
C GLN B 954 -47.93 3.89 -35.98
N SER B 955 -46.76 4.40 -35.59
CA SER B 955 -45.78 3.57 -34.91
C SER B 955 -46.27 3.12 -33.55
N ILE B 956 -46.86 4.04 -32.78
CA ILE B 956 -47.38 3.65 -31.48
C ILE B 956 -48.65 2.84 -31.63
N TYR B 957 -49.38 3.00 -32.74
CA TYR B 957 -50.46 2.07 -33.08
C TYR B 957 -49.94 0.65 -33.21
N TYR B 958 -48.90 0.46 -34.03
CA TYR B 958 -48.39 -0.88 -34.25
C TYR B 958 -47.68 -1.43 -33.01
N ARG B 959 -47.23 -0.56 -32.12
CA ARG B 959 -46.66 -1.02 -30.85
C ARG B 959 -47.73 -1.47 -29.88
N MET B 960 -48.82 -0.72 -29.74
CA MET B 960 -49.87 -1.12 -28.81
C MET B 960 -50.69 -2.29 -29.33
N ASN B 961 -50.76 -2.46 -30.65
CA ASN B 961 -51.58 -3.54 -31.20
C ASN B 961 -51.00 -4.91 -30.89
N GLY B 962 -49.68 -5.00 -30.71
CA GLY B 962 -49.06 -6.27 -30.38
C GLY B 962 -49.25 -6.72 -28.95
N ILE B 963 -49.55 -5.79 -28.04
CA ILE B 963 -49.76 -6.15 -26.65
C ILE B 963 -51.05 -6.94 -26.47
N GLY B 964 -52.12 -6.50 -27.12
CA GLY B 964 -53.42 -7.10 -26.92
C GLY B 964 -54.54 -6.08 -27.02
N ILE B 965 -54.18 -4.82 -27.10
CA ILE B 965 -55.17 -3.77 -27.38
C ILE B 965 -55.60 -3.91 -28.83
N THR B 966 -56.88 -4.23 -29.05
CA THR B 966 -57.36 -4.46 -30.40
C THR B 966 -57.54 -3.12 -31.13
N GLN B 967 -57.81 -3.23 -32.43
CA GLN B 967 -57.88 -2.05 -33.29
C GLN B 967 -59.07 -1.16 -32.93
N ASN B 968 -60.22 -1.77 -32.64
CA ASN B 968 -61.43 -0.99 -32.36
C ASN B 968 -61.29 -0.16 -31.10
N VAL B 969 -60.59 -0.71 -30.09
CA VAL B 969 -60.42 -0.03 -28.81
C VAL B 969 -59.68 1.30 -28.99
N LEU B 970 -58.53 1.25 -29.67
CA LEU B 970 -57.74 2.46 -29.82
C LEU B 970 -58.36 3.41 -30.84
N MET B 971 -58.98 2.86 -31.90
CA MET B 971 -59.66 3.74 -32.86
C MET B 971 -60.88 4.42 -32.26
N GLU B 972 -61.42 3.88 -31.16
CA GLU B 972 -62.48 4.58 -30.44
C GLU B 972 -61.94 5.75 -29.63
N ASN B 973 -60.77 5.59 -29.00
CA ASN B 973 -60.26 6.54 -28.00
C ASN B 973 -58.81 6.91 -28.27
N GLN B 974 -58.49 7.31 -29.51
CA GLN B 974 -57.12 7.71 -29.82
C GLN B 974 -56.75 9.03 -29.15
N LYS B 975 -57.71 9.95 -29.02
CA LYS B 975 -57.43 11.24 -28.41
C LYS B 975 -57.12 11.10 -26.93
N LEU B 976 -57.81 10.17 -26.25
CA LEU B 976 -57.48 9.87 -24.86
C LEU B 976 -56.07 9.32 -24.73
N ILE B 977 -55.65 8.50 -25.70
CA ILE B 977 -54.29 7.96 -25.69
C ILE B 977 -53.27 9.07 -25.86
N ALA B 978 -53.53 10.00 -26.77
CA ALA B 978 -52.60 11.12 -26.97
C ALA B 978 -52.52 12.01 -25.74
N ASN B 979 -53.67 12.28 -25.11
CA ASN B 979 -53.68 13.09 -23.90
C ASN B 979 -52.95 12.39 -22.76
N LYS B 980 -53.13 11.08 -22.63
CA LYS B 980 -52.43 10.33 -21.58
C LYS B 980 -50.93 10.33 -21.80
N PHE B 981 -50.49 10.16 -23.06
CA PHE B 981 -49.06 10.17 -23.36
C PHE B 981 -48.44 11.53 -23.08
N ASN B 982 -49.10 12.60 -23.53
CA ASN B 982 -48.57 13.94 -23.28
C ASN B 982 -48.60 14.29 -21.80
N GLN B 983 -49.62 13.83 -21.08
CA GLN B 983 -49.68 14.08 -19.64
C GLN B 983 -48.58 13.34 -18.89
N ALA B 984 -48.30 12.10 -19.28
CA ALA B 984 -47.21 11.35 -18.66
C ALA B 984 -45.86 12.00 -18.93
N LEU B 985 -45.63 12.45 -20.16
CA LEU B 985 -44.37 13.11 -20.49
C LEU B 985 -44.23 14.44 -19.76
N GLY B 986 -45.32 15.21 -19.66
CA GLY B 986 -45.27 16.46 -18.92
C GLY B 986 -45.05 16.27 -17.43
N ALA B 987 -45.65 15.22 -16.87
CA ALA B 987 -45.42 14.92 -15.46
C ALA B 987 -43.99 14.45 -15.22
N MET B 988 -43.40 13.74 -16.17
CA MET B 988 -42.00 13.36 -16.05
C MET B 988 -41.09 14.58 -16.11
N GLN B 989 -41.36 15.50 -17.03
CA GLN B 989 -40.43 16.61 -17.27
C GLN B 989 -40.47 17.63 -16.13
N THR B 990 -41.67 18.01 -15.69
CA THR B 990 -41.81 19.11 -14.74
C THR B 990 -41.90 18.66 -13.29
N GLY B 991 -41.71 17.37 -13.02
CA GLY B 991 -41.88 16.87 -11.67
C GLY B 991 -40.61 16.43 -10.98
N PHE B 992 -39.60 16.02 -11.75
CA PHE B 992 -38.40 15.47 -11.15
C PHE B 992 -37.53 16.57 -10.54
N THR B 993 -36.85 16.20 -9.45
CA THR B 993 -36.05 17.15 -8.67
C THR B 993 -34.80 16.42 -8.22
N THR B 994 -34.10 16.98 -7.23
CA THR B 994 -32.88 16.37 -6.73
C THR B 994 -33.12 15.06 -6.00
N THR B 995 -34.37 14.75 -5.62
CA THR B 995 -34.68 13.55 -4.86
C THR B 995 -35.79 12.74 -5.56
N ASN B 996 -35.39 11.96 -6.57
CA ASN B 996 -36.31 11.04 -7.22
C ASN B 996 -35.68 9.68 -7.49
N GLN B 997 -34.52 9.40 -6.90
CA GLN B 997 -33.77 8.14 -6.98
C GLN B 997 -33.29 7.80 -8.39
N ALA B 998 -33.44 8.71 -9.35
CA ALA B 998 -32.92 8.52 -10.69
C ALA B 998 -31.91 9.61 -11.07
N PHE B 999 -32.25 10.87 -10.80
CA PHE B 999 -31.29 11.95 -10.97
C PHE B 999 -30.18 11.87 -9.93
N GLN B 1000 -30.47 11.25 -8.79
CA GLN B 1000 -29.47 11.03 -7.77
C GLN B 1000 -28.32 10.17 -8.28
N LYS B 1001 -28.59 9.27 -9.23
CA LYS B 1001 -27.52 8.48 -9.84
C LYS B 1001 -26.56 9.37 -10.63
N VAL B 1002 -27.11 10.31 -11.41
CA VAL B 1002 -26.25 11.21 -12.19
C VAL B 1002 -25.42 12.09 -11.26
N GLN B 1003 -26.07 12.65 -10.23
CA GLN B 1003 -25.33 13.51 -9.32
C GLN B 1003 -24.33 12.72 -8.50
N ASP B 1004 -24.61 11.46 -8.20
CA ASP B 1004 -23.61 10.70 -7.50
C ASP B 1004 -22.45 10.58 -8.45
N ALA B 1005 -22.70 10.08 -9.64
CA ALA B 1005 -21.60 9.86 -10.58
C ALA B 1005 -20.68 11.08 -10.66
N VAL B 1006 -21.28 12.26 -10.81
CA VAL B 1006 -20.51 13.50 -10.88
C VAL B 1006 -19.76 13.74 -9.57
N ASN B 1007 -20.43 13.50 -8.43
CA ASN B 1007 -19.81 13.70 -7.13
C ASN B 1007 -18.66 12.74 -6.90
N ALA B 1008 -18.79 11.49 -7.36
CA ALA B 1008 -17.70 10.53 -7.21
C ALA B 1008 -16.52 10.88 -8.10
N ASN B 1009 -16.80 11.34 -9.33
CA ASN B 1009 -15.72 11.76 -10.21
C ASN B 1009 -15.01 13.00 -9.68
N ALA B 1010 -15.71 13.87 -8.96
CA ALA B 1010 -15.05 14.99 -8.31
C ALA B 1010 -14.30 14.55 -7.05
N GLN B 1011 -14.85 13.58 -6.31
CA GLN B 1011 -14.24 13.13 -5.07
C GLN B 1011 -12.95 12.37 -5.33
N ALA B 1012 -12.84 11.68 -6.46
CA ALA B 1012 -11.59 11.01 -6.81
C ALA B 1012 -10.46 12.03 -6.98
N LEU B 1013 -10.74 13.11 -7.71
CA LEU B 1013 -9.73 14.16 -7.90
C LEU B 1013 -9.44 14.88 -6.59
N SER B 1014 -10.46 15.08 -5.76
CA SER B 1014 -10.24 15.74 -4.47
C SER B 1014 -9.35 14.90 -3.56
N LYS B 1015 -9.59 13.59 -3.52
CA LYS B 1015 -8.74 12.70 -2.74
C LYS B 1015 -7.34 12.62 -3.32
N LEU B 1016 -7.21 12.71 -4.64
CA LEU B 1016 -5.88 12.72 -5.25
C LEU B 1016 -5.09 13.97 -4.89
N ALA B 1017 -5.75 15.13 -4.89
CA ALA B 1017 -5.06 16.39 -4.63
C ALA B 1017 -4.98 16.72 -3.14
N SER B 1018 -5.68 16.00 -2.28
CA SER B 1018 -5.61 16.25 -0.85
C SER B 1018 -4.50 15.47 -0.14
N GLU B 1019 -3.76 14.63 -0.86
CA GLU B 1019 -2.64 13.92 -0.27
C GLU B 1019 -1.35 14.71 -0.33
N LEU B 1020 -1.38 15.92 -0.88
CA LEU B 1020 -0.21 16.78 -0.86
C LEU B 1020 -0.03 17.48 0.48
N SER B 1021 -1.06 17.48 1.33
CA SER B 1021 -1.01 18.13 2.63
C SER B 1021 -0.90 17.14 3.77
N ASN B 1022 -0.51 15.91 3.48
CA ASN B 1022 -0.38 14.86 4.49
C ASN B 1022 1.08 14.76 4.89
N THR B 1023 1.36 14.92 6.18
CA THR B 1023 2.73 14.95 6.65
C THR B 1023 3.38 13.57 6.63
N PHE B 1024 2.56 12.52 6.73
CA PHE B 1024 3.03 11.12 6.71
C PHE B 1024 4.07 10.86 7.79
N GLY B 1025 3.86 11.42 8.96
CA GLY B 1025 4.81 11.29 10.05
C GLY B 1025 6.13 11.99 9.82
N ALA B 1026 6.10 13.13 9.14
CA ALA B 1026 7.28 13.97 8.98
C ALA B 1026 7.03 15.32 9.62
N ILE B 1027 8.05 16.18 9.59
CA ILE B 1027 7.93 17.48 10.23
C ILE B 1027 6.97 18.38 9.46
N SER B 1028 7.01 18.32 8.14
CA SER B 1028 6.06 19.08 7.33
C SER B 1028 5.87 18.40 5.99
N ALA B 1029 4.77 18.74 5.33
CA ALA B 1029 4.44 18.19 4.02
C ALA B 1029 5.06 18.98 2.88
N SER B 1030 5.78 20.05 3.18
CA SER B 1030 6.48 20.83 2.17
C SER B 1030 7.92 20.33 2.09
N ILE B 1031 8.35 19.93 0.90
CA ILE B 1031 9.71 19.41 0.73
C ILE B 1031 10.72 20.54 0.93
N GLY B 1032 10.38 21.76 0.55
CA GLY B 1032 11.27 22.88 0.79
C GLY B 1032 11.45 23.18 2.27
N ASP B 1033 10.38 23.01 3.05
CA ASP B 1033 10.48 23.19 4.50
C ASP B 1033 11.39 22.16 5.13
N ILE B 1034 11.30 20.90 4.70
CA ILE B 1034 12.19 19.86 5.17
C ILE B 1034 13.62 20.15 4.74
N LEU B 1035 13.80 20.67 3.53
CA LEU B 1035 15.13 21.01 3.04
C LEU B 1035 15.77 22.11 3.87
N LYS B 1036 14.98 23.11 4.26
CA LYS B 1036 15.53 24.22 5.04
C LYS B 1036 15.79 23.81 6.48
N ARG B 1037 14.88 23.06 7.10
CA ARG B 1037 14.96 22.84 8.54
C ARG B 1037 15.99 21.79 8.94
N LEU B 1038 16.23 20.77 8.11
CA LEU B 1038 16.88 19.57 8.59
C LEU B 1038 18.18 19.29 7.85
N ASP B 1039 19.06 18.53 8.51
CA ASP B 1039 20.33 18.11 7.95
C ASP B 1039 20.14 16.92 7.02
N THR B 1040 21.23 16.54 6.34
CA THR B 1040 21.14 15.66 5.18
C THR B 1040 20.73 14.23 5.55
N LEU B 1041 21.36 13.66 6.57
CA LEU B 1041 21.08 12.29 6.95
C LEU B 1041 19.68 12.09 7.49
N GLU B 1042 19.03 13.17 7.93
CA GLU B 1042 17.61 13.14 8.23
C GLU B 1042 16.76 13.66 7.07
N GLN B 1043 17.35 14.47 6.19
CA GLN B 1043 16.65 14.94 5.00
C GLN B 1043 16.22 13.77 4.13
N GLU B 1044 17.12 12.80 3.95
CA GLU B 1044 16.79 11.64 3.13
C GLU B 1044 15.70 10.80 3.78
N VAL B 1045 15.68 10.69 5.11
CA VAL B 1045 14.66 9.90 5.79
C VAL B 1045 13.29 10.55 5.65
N GLN B 1046 13.22 11.87 5.88
CA GLN B 1046 11.94 12.57 5.77
C GLN B 1046 11.42 12.56 4.34
N ILE B 1047 12.29 12.77 3.36
CA ILE B 1047 11.85 12.73 1.97
C ILE B 1047 11.49 11.30 1.56
N ASP B 1048 12.12 10.29 2.16
CA ASP B 1048 11.72 8.91 1.90
C ASP B 1048 10.31 8.63 2.41
N ARG B 1049 9.99 9.14 3.62
CA ARG B 1049 8.63 8.99 4.13
C ARG B 1049 7.61 9.68 3.25
N LEU B 1050 7.94 10.90 2.79
CA LEU B 1050 7.06 11.63 1.89
C LEU B 1050 6.85 10.89 0.58
N ILE B 1051 7.93 10.34 0.03
CA ILE B 1051 7.87 9.61 -1.25
C ILE B 1051 7.01 8.36 -1.09
N ASN B 1052 7.16 7.66 0.04
CA ASN B 1052 6.34 6.48 0.30
C ASN B 1052 4.86 6.84 0.33
N GLY B 1053 4.52 7.94 1.02
CA GLY B 1053 3.12 8.33 1.10
C GLY B 1053 2.54 8.73 -0.24
N ARG B 1054 3.27 9.55 -1.00
CA ARG B 1054 2.76 10.02 -2.28
C ARG B 1054 2.66 8.89 -3.29
N LEU B 1055 3.62 7.96 -3.30
CA LEU B 1055 3.54 6.84 -4.23
C LEU B 1055 2.44 5.86 -3.85
N THR B 1056 2.19 5.68 -2.54
CA THR B 1056 1.04 4.88 -2.12
C THR B 1056 -0.27 5.50 -2.59
N SER B 1057 -0.39 6.83 -2.48
CA SER B 1057 -1.58 7.51 -2.97
C SER B 1057 -1.75 7.37 -4.48
N LEU B 1058 -0.64 7.49 -5.22
CA LEU B 1058 -0.72 7.35 -6.67
C LEU B 1058 -1.11 5.94 -7.08
N ASN B 1059 -0.56 4.92 -6.42
CA ASN B 1059 -0.93 3.55 -6.74
C ASN B 1059 -2.38 3.27 -6.38
N ALA B 1060 -2.87 3.87 -5.29
CA ALA B 1060 -4.27 3.73 -4.93
C ALA B 1060 -5.17 4.34 -6.01
N PHE B 1061 -4.79 5.51 -6.53
CA PHE B 1061 -5.58 6.11 -7.61
C PHE B 1061 -5.53 5.29 -8.89
N VAL B 1062 -4.38 4.70 -9.20
CA VAL B 1062 -4.26 3.84 -10.38
C VAL B 1062 -5.17 2.63 -10.25
N SER B 1063 -5.18 1.99 -9.08
CA SER B 1063 -6.06 0.86 -8.85
C SER B 1063 -7.53 1.27 -8.90
N GLN B 1064 -7.84 2.48 -8.41
CA GLN B 1064 -9.22 2.97 -8.48
C GLN B 1064 -9.67 3.14 -9.93
N GLN B 1065 -8.82 3.75 -10.76
CA GLN B 1065 -9.16 3.91 -12.17
C GLN B 1065 -9.30 2.57 -12.87
N LEU B 1066 -8.41 1.62 -12.56
CA LEU B 1066 -8.47 0.30 -13.19
C LEU B 1066 -9.72 -0.46 -12.77
N VAL B 1067 -10.15 -0.30 -11.51
CA VAL B 1067 -11.39 -0.93 -11.07
C VAL B 1067 -12.59 -0.31 -11.76
N ARG B 1068 -12.63 1.02 -11.85
CA ARG B 1068 -13.78 1.68 -12.47
C ARG B 1068 -13.85 1.44 -13.98
N SER B 1069 -12.73 1.10 -14.61
CA SER B 1069 -12.75 0.80 -16.04
C SER B 1069 -13.60 -0.43 -16.35
N GLU B 1070 -13.53 -1.45 -15.50
CA GLU B 1070 -14.32 -2.67 -15.72
C GLU B 1070 -15.82 -2.39 -15.58
N ALA B 1071 -16.20 -1.59 -14.58
CA ALA B 1071 -17.59 -1.22 -14.42
C ALA B 1071 -18.08 -0.38 -15.60
N ALA B 1072 -17.23 0.52 -16.10
CA ALA B 1072 -17.59 1.30 -17.28
C ALA B 1072 -17.76 0.42 -18.51
N ALA B 1073 -16.90 -0.59 -18.67
CA ALA B 1073 -17.03 -1.50 -19.81
C ALA B 1073 -18.31 -2.32 -19.73
N ARG B 1074 -18.62 -2.85 -18.54
CA ARG B 1074 -19.85 -3.62 -18.37
C ARG B 1074 -21.09 -2.75 -18.61
N SER B 1075 -21.06 -1.50 -18.12
CA SER B 1075 -22.15 -0.59 -18.37
C SER B 1075 -22.27 -0.21 -19.84
N SER B 1076 -21.14 -0.13 -20.55
CA SER B 1076 -21.18 0.12 -21.99
C SER B 1076 -21.84 -1.02 -22.73
N GLN B 1077 -21.52 -2.26 -22.35
CA GLN B 1077 -22.19 -3.42 -22.94
C GLN B 1077 -23.69 -3.40 -22.64
N LEU B 1078 -24.06 -3.03 -21.41
CA LEU B 1078 -25.47 -2.96 -21.06
C LEU B 1078 -26.20 -1.88 -21.85
N VAL B 1079 -25.55 -0.73 -22.07
CA VAL B 1079 -26.16 0.35 -22.84
C VAL B 1079 -26.35 -0.08 -24.29
N LYS B 1080 -25.36 -0.78 -24.85
CA LYS B 1080 -25.50 -1.31 -26.21
C LYS B 1080 -26.67 -2.28 -26.31
N ASP B 1081 -26.81 -3.16 -25.31
CA ASP B 1081 -27.92 -4.12 -25.33
C ASP B 1081 -29.27 -3.41 -25.21
N LYS B 1082 -29.37 -2.42 -24.32
CA LYS B 1082 -30.64 -1.71 -24.13
C LYS B 1082 -31.02 -0.92 -25.37
N VAL B 1083 -30.03 -0.31 -26.03
CA VAL B 1083 -30.33 0.43 -27.26
C VAL B 1083 -30.76 -0.50 -28.37
N ASN B 1084 -30.07 -1.64 -28.52
CA ASN B 1084 -30.42 -2.57 -29.59
C ASN B 1084 -31.68 -3.38 -29.29
N GLU B 1085 -32.18 -3.38 -28.05
CA GLU B 1085 -33.38 -4.14 -27.72
C GLU B 1085 -34.60 -3.26 -27.52
N CYS B 1086 -34.54 -2.28 -26.61
CA CYS B 1086 -35.73 -1.53 -26.23
C CYS B 1086 -35.99 -0.30 -27.06
N VAL B 1087 -34.97 0.25 -27.73
CA VAL B 1087 -35.12 1.51 -28.45
C VAL B 1087 -35.52 1.26 -29.90
N LYS B 1088 -34.69 0.54 -30.63
CA LYS B 1088 -34.96 0.26 -32.04
C LYS B 1088 -36.08 -0.74 -32.25
N SER B 1089 -36.51 -1.44 -31.20
CA SER B 1089 -37.54 -2.46 -31.33
C SER B 1089 -38.36 -2.49 -30.04
N GLN B 1090 -39.50 -3.17 -30.10
CA GLN B 1090 -40.33 -3.37 -28.93
C GLN B 1090 -39.96 -4.71 -28.29
N SER B 1091 -39.57 -4.68 -27.03
CA SER B 1091 -39.06 -5.87 -26.35
C SER B 1091 -40.20 -6.80 -25.98
N SER B 1092 -40.05 -8.09 -26.32
CA SER B 1092 -41.05 -9.07 -25.93
C SER B 1092 -40.98 -9.37 -24.45
N ARG B 1093 -39.77 -9.54 -23.91
CA ARG B 1093 -39.61 -9.83 -22.49
C ARG B 1093 -39.85 -8.58 -21.67
N ASN B 1094 -40.32 -8.79 -20.44
CA ASN B 1094 -40.70 -7.72 -19.54
C ASN B 1094 -39.69 -7.59 -18.42
N GLY B 1095 -39.46 -6.34 -17.99
CA GLY B 1095 -38.55 -6.04 -16.91
C GLY B 1095 -37.18 -5.60 -17.36
N PHE B 1096 -36.78 -5.93 -18.60
CA PHE B 1096 -35.48 -5.49 -19.08
C PHE B 1096 -35.48 -4.04 -19.54
N CYS B 1097 -36.65 -3.47 -19.80
CA CYS B 1097 -36.79 -2.09 -20.28
C CYS B 1097 -37.76 -1.33 -19.40
N GLY B 1098 -37.57 -1.43 -18.09
CA GLY B 1098 -38.41 -0.71 -17.15
C GLY B 1098 -39.59 -1.51 -16.67
N GLN B 1099 -40.32 -0.92 -15.73
CA GLN B 1099 -41.46 -1.57 -15.10
C GLN B 1099 -42.65 -1.58 -16.05
N GLY B 1100 -43.29 -2.74 -16.17
CA GLY B 1100 -44.49 -2.88 -16.99
C GLY B 1100 -44.18 -3.43 -18.36
N THR B 1101 -45.20 -3.37 -19.21
CA THR B 1101 -45.08 -3.80 -20.59
C THR B 1101 -44.58 -2.64 -21.45
N HIS B 1102 -43.52 -2.89 -22.19
CA HIS B 1102 -42.80 -1.83 -22.88
C HIS B 1102 -43.58 -1.33 -24.09
N ILE B 1103 -43.53 -0.01 -24.34
CA ILE B 1103 -44.17 0.59 -25.49
C ILE B 1103 -43.11 1.20 -26.40
N VAL B 1104 -42.30 2.11 -25.86
CA VAL B 1104 -41.32 2.84 -26.65
C VAL B 1104 -40.21 3.29 -25.71
N SER B 1105 -39.04 3.58 -26.27
CA SER B 1105 -37.89 4.01 -25.48
C SER B 1105 -37.08 5.04 -26.25
N PHE B 1106 -36.72 6.13 -25.57
CA PHE B 1106 -35.89 7.18 -26.15
C PHE B 1106 -34.59 7.26 -25.36
N ALA B 1107 -33.47 7.33 -26.09
CA ALA B 1107 -32.15 7.40 -25.50
C ALA B 1107 -31.57 8.79 -25.71
N VAL B 1108 -31.08 9.40 -24.62
CA VAL B 1108 -30.52 10.74 -24.67
C VAL B 1108 -29.18 10.75 -23.95
N ASN B 1109 -28.41 11.78 -24.20
CA ASN B 1109 -27.11 11.93 -23.56
C ASN B 1109 -27.28 12.32 -22.09
N ALA B 1110 -26.18 12.18 -21.35
CA ALA B 1110 -26.17 12.44 -19.91
C ALA B 1110 -24.74 12.75 -19.51
N PRO B 1111 -24.55 13.40 -18.35
CA PRO B 1111 -23.18 13.56 -17.83
C PRO B 1111 -22.50 12.23 -17.54
N ASN B 1112 -21.44 11.93 -18.32
CA ASN B 1112 -20.64 10.71 -18.16
C ASN B 1112 -21.48 9.44 -18.26
N GLY B 1113 -22.41 9.42 -19.21
CA GLY B 1113 -23.23 8.22 -19.38
C GLY B 1113 -24.38 8.47 -20.32
N PHE B 1114 -25.36 7.58 -20.25
CA PHE B 1114 -26.56 7.65 -21.08
C PHE B 1114 -27.79 7.69 -20.19
N TYR B 1115 -28.79 8.46 -20.62
CA TYR B 1115 -30.07 8.55 -19.92
C TYR B 1115 -31.13 7.86 -20.76
N PHE B 1116 -31.88 6.95 -20.14
CA PHE B 1116 -32.88 6.15 -20.83
C PHE B 1116 -34.26 6.52 -20.34
N VAL B 1117 -35.20 6.68 -21.27
CA VAL B 1117 -36.58 6.99 -20.95
C VAL B 1117 -37.42 5.85 -21.50
N HIS B 1118 -37.89 4.97 -20.62
CA HIS B 1118 -38.76 3.87 -21.00
C HIS B 1118 -40.20 4.22 -20.66
N VAL B 1119 -41.10 3.94 -21.60
CA VAL B 1119 -42.52 4.22 -21.44
C VAL B 1119 -43.24 2.89 -21.31
N GLY B 1120 -43.66 2.56 -20.10
CA GLY B 1120 -44.36 1.31 -19.85
C GLY B 1120 -45.84 1.43 -20.17
N TYR B 1121 -46.57 0.38 -19.82
CA TYR B 1121 -48.01 0.34 -20.02
C TYR B 1121 -48.79 0.48 -18.72
N HIS B 1122 -48.51 -0.37 -17.73
CA HIS B 1122 -49.04 -0.31 -16.36
C HIS B 1122 -50.57 -0.26 -16.29
N PRO B 1123 -51.26 -1.39 -16.47
CA PRO B 1123 -52.71 -1.41 -16.27
C PRO B 1123 -53.10 -0.99 -14.87
N THR B 1124 -54.21 -0.27 -14.76
CA THR B 1124 -54.63 0.34 -13.49
C THR B 1124 -55.72 -0.46 -12.79
N ASP B 1125 -56.86 -0.67 -13.45
CA ASP B 1125 -58.03 -1.28 -12.82
C ASP B 1125 -58.36 -2.58 -13.51
N TYR B 1126 -58.64 -3.60 -12.72
CA TYR B 1126 -58.80 -4.97 -13.22
C TYR B 1126 -60.23 -5.46 -12.99
N VAL B 1127 -60.63 -6.42 -13.82
CA VAL B 1127 -61.95 -7.05 -13.74
C VAL B 1127 -61.74 -8.54 -13.61
N ASN B 1128 -62.42 -9.15 -12.64
CA ASN B 1128 -62.36 -10.60 -12.43
C ASN B 1128 -63.33 -11.30 -13.37
N GLN B 1129 -62.82 -12.16 -14.23
CA GLN B 1129 -63.62 -12.84 -15.23
C GLN B 1129 -63.11 -14.26 -15.44
N THR B 1130 -63.92 -15.08 -16.08
CA THR B 1130 -63.58 -16.46 -16.35
C THR B 1130 -63.50 -16.71 -17.85
N SER B 1131 -62.69 -17.69 -18.24
CA SER B 1131 -62.49 -18.02 -19.64
C SER B 1131 -62.11 -19.49 -19.77
N ALA B 1132 -62.30 -20.03 -20.97
CA ALA B 1132 -62.01 -21.42 -21.26
C ALA B 1132 -60.77 -21.52 -22.14
N TYR B 1133 -60.29 -22.76 -22.29
CA TYR B 1133 -59.11 -23.00 -23.11
C TYR B 1133 -59.42 -22.84 -24.59
N GLY B 1134 -60.67 -23.07 -24.99
CA GLY B 1134 -61.06 -22.93 -26.37
C GLY B 1134 -62.47 -23.41 -26.57
N LEU B 1135 -63.02 -23.05 -27.72
CA LEU B 1135 -64.40 -23.33 -28.06
C LEU B 1135 -64.46 -24.34 -29.21
N CYS B 1136 -65.22 -25.41 -29.02
CA CYS B 1136 -65.35 -26.44 -30.03
C CYS B 1136 -66.81 -26.86 -30.11
N ASP B 1137 -67.19 -27.38 -31.28
CA ASP B 1137 -68.59 -27.65 -31.60
C ASP B 1137 -68.88 -29.14 -31.51
N SER B 1138 -69.92 -29.47 -30.74
CA SER B 1138 -70.53 -30.80 -30.68
C SER B 1138 -69.54 -31.90 -30.30
N SER B 1139 -69.17 -32.73 -31.27
CA SER B 1139 -68.37 -33.93 -31.05
C SER B 1139 -66.90 -33.70 -31.38
N ASN B 1140 -66.40 -32.50 -31.08
CA ASN B 1140 -65.01 -32.09 -31.33
C ASN B 1140 -64.66 -32.20 -32.81
N THR B 1141 -65.48 -31.57 -33.65
CA THR B 1141 -65.24 -31.58 -35.09
C THR B 1141 -64.05 -30.71 -35.46
N LYS B 1142 -64.14 -29.41 -35.18
CA LYS B 1142 -63.03 -28.49 -35.35
C LYS B 1142 -63.09 -27.46 -34.24
N CYS B 1143 -61.97 -27.23 -33.57
CA CYS B 1143 -61.92 -26.38 -32.40
C CYS B 1143 -61.05 -25.17 -32.68
N ILE B 1144 -61.30 -24.08 -31.97
CA ILE B 1144 -60.57 -22.84 -32.14
C ILE B 1144 -59.94 -22.44 -30.81
N ALA B 1145 -59.00 -21.50 -30.89
CA ALA B 1145 -58.33 -20.95 -29.72
C ALA B 1145 -58.08 -19.47 -29.96
N ALA B 1146 -57.92 -18.75 -28.85
CA ALA B 1146 -57.78 -17.30 -28.93
C ALA B 1146 -56.40 -16.90 -29.42
N LYS B 1147 -56.35 -15.82 -30.21
CA LYS B 1147 -55.11 -15.25 -30.71
C LYS B 1147 -54.97 -13.86 -30.11
N ASN B 1148 -54.05 -13.72 -29.14
CA ASN B 1148 -53.80 -12.48 -28.41
C ASN B 1148 -55.08 -11.95 -27.75
N GLY B 1149 -55.81 -12.85 -27.11
CA GLY B 1149 -57.03 -12.46 -26.45
C GLY B 1149 -57.56 -13.56 -25.55
N TYR B 1150 -58.78 -13.35 -25.08
CA TYR B 1150 -59.46 -14.34 -24.25
C TYR B 1150 -60.93 -14.37 -24.64
N PHE B 1151 -61.57 -15.50 -24.37
CA PHE B 1151 -62.97 -15.70 -24.70
C PHE B 1151 -63.83 -15.40 -23.48
N ILE B 1152 -64.86 -14.58 -23.67
CA ILE B 1152 -65.68 -14.11 -22.56
C ILE B 1152 -67.14 -14.43 -22.87
N LYS B 1153 -67.94 -14.52 -21.81
CA LYS B 1153 -69.36 -14.84 -21.91
C LYS B 1153 -70.18 -13.71 -21.30
N ASN B 1154 -71.28 -13.36 -21.97
CA ASN B 1154 -72.20 -12.36 -21.44
C ASN B 1154 -73.03 -12.88 -20.27
N GLY B 1155 -73.12 -14.20 -20.11
CA GLY B 1155 -73.95 -14.82 -19.10
C GLY B 1155 -75.04 -15.72 -19.65
N SER B 1156 -75.30 -15.69 -20.95
CA SER B 1156 -76.30 -16.52 -21.59
C SER B 1156 -75.65 -17.45 -22.62
N ASP B 1157 -74.44 -17.92 -22.28
CA ASP B 1157 -73.61 -18.76 -23.16
C ASP B 1157 -73.33 -18.10 -24.50
N ASP B 1158 -73.27 -16.77 -24.52
CA ASP B 1158 -72.93 -16.00 -25.71
C ASP B 1158 -71.45 -15.67 -25.62
N TRP B 1159 -70.64 -16.46 -26.32
CA TRP B 1159 -69.19 -16.28 -26.27
C TRP B 1159 -68.78 -15.09 -27.12
N MET B 1160 -67.94 -14.23 -26.55
CA MET B 1160 -67.40 -13.08 -27.25
C MET B 1160 -65.89 -13.05 -27.04
N PHE B 1161 -65.24 -12.12 -27.75
CA PHE B 1161 -63.80 -11.98 -27.75
C PHE B 1161 -63.40 -10.67 -27.08
N THR B 1162 -62.32 -10.70 -26.30
CA THR B 1162 -61.81 -9.52 -25.65
C THR B 1162 -60.29 -9.46 -25.80
N GLY B 1163 -59.74 -8.27 -25.60
CA GLY B 1163 -58.31 -8.09 -25.70
C GLY B 1163 -57.58 -8.61 -24.47
N SER B 1164 -56.29 -8.89 -24.66
CA SER B 1164 -55.46 -9.42 -23.58
C SER B 1164 -55.01 -8.34 -22.60
N SER B 1165 -55.25 -7.07 -22.91
CA SER B 1165 -54.79 -5.99 -22.03
C SER B 1165 -55.84 -4.89 -21.84
N TYR B 1166 -57.05 -5.08 -22.36
CA TYR B 1166 -58.11 -4.09 -22.20
C TYR B 1166 -59.45 -4.80 -22.35
N TYR B 1167 -60.45 -4.32 -21.61
CA TYR B 1167 -61.78 -4.90 -21.62
C TYR B 1167 -62.69 -4.09 -22.53
N GLN B 1168 -62.98 -4.64 -23.70
CA GLN B 1168 -64.00 -4.13 -24.60
C GLN B 1168 -64.43 -5.28 -25.51
N PRO B 1169 -65.48 -6.01 -25.14
CA PRO B 1169 -65.82 -7.24 -25.87
C PRO B 1169 -66.32 -6.95 -27.28
N GLU B 1170 -65.93 -7.82 -28.20
CA GLU B 1170 -66.32 -7.78 -29.60
C GLU B 1170 -66.66 -9.19 -30.05
N PRO B 1171 -67.50 -9.35 -31.08
CA PRO B 1171 -67.85 -10.70 -31.53
C PRO B 1171 -66.66 -11.44 -32.11
N ILE B 1172 -66.67 -12.75 -31.94
CA ILE B 1172 -65.58 -13.61 -32.39
C ILE B 1172 -65.66 -13.75 -33.90
N THR B 1173 -64.56 -13.49 -34.58
CA THR B 1173 -64.43 -13.70 -36.00
C THR B 1173 -63.31 -14.70 -36.26
N ASN B 1174 -63.10 -15.01 -37.53
CA ASN B 1174 -62.01 -15.92 -37.92
C ASN B 1174 -60.65 -15.26 -37.86
N PHE B 1175 -60.58 -13.96 -37.58
CA PHE B 1175 -59.33 -13.23 -37.68
C PHE B 1175 -58.59 -13.19 -36.35
N ASN B 1176 -59.32 -13.07 -35.24
CA ASN B 1176 -58.73 -13.15 -33.91
C ASN B 1176 -58.80 -14.57 -33.34
N SER B 1177 -59.28 -15.53 -34.12
CA SER B 1177 -59.38 -16.92 -33.69
C SER B 1177 -58.47 -17.78 -34.56
N ARG B 1178 -57.69 -18.65 -33.91
CA ARG B 1178 -56.76 -19.54 -34.60
C ARG B 1178 -57.19 -20.97 -34.35
N SER B 1179 -57.24 -21.77 -35.42
CA SER B 1179 -57.63 -23.17 -35.30
C SER B 1179 -56.56 -23.97 -34.56
N VAL B 1180 -57.00 -24.87 -33.69
CA VAL B 1180 -56.10 -25.65 -32.84
C VAL B 1180 -56.58 -27.10 -32.84
N GLU B 1181 -55.67 -27.99 -32.43
CA GLU B 1181 -56.00 -29.41 -32.33
C GLU B 1181 -57.02 -29.65 -31.22
N PRO B 1182 -58.03 -30.51 -31.46
CA PRO B 1182 -58.98 -30.83 -30.40
C PRO B 1182 -58.33 -31.53 -29.21
N GLU B 1183 -58.88 -31.26 -28.03
CA GLU B 1183 -58.42 -31.85 -26.78
C GLU B 1183 -59.64 -32.29 -25.98
N VAL B 1184 -59.42 -32.63 -24.72
CA VAL B 1184 -60.51 -33.05 -23.83
C VAL B 1184 -60.85 -31.88 -22.91
N THR B 1185 -59.87 -31.00 -22.69
CA THR B 1185 -60.04 -29.91 -21.73
C THR B 1185 -60.85 -28.74 -22.29
N PHE B 1186 -61.21 -28.77 -23.57
CA PHE B 1186 -61.95 -27.66 -24.14
C PHE B 1186 -63.41 -27.68 -23.67
N GLN B 1187 -64.10 -26.58 -23.92
CA GLN B 1187 -65.50 -26.44 -23.55
C GLN B 1187 -66.35 -26.68 -24.80
N ASN B 1188 -67.27 -27.63 -24.71
CA ASN B 1188 -68.14 -27.98 -25.82
C ASN B 1188 -69.41 -27.15 -25.76
N LEU B 1189 -69.85 -26.65 -26.92
CA LEU B 1189 -71.04 -25.81 -26.97
C LEU B 1189 -72.09 -26.44 -27.88
N THR B 1190 -73.34 -26.04 -27.65
CA THR B 1190 -74.49 -26.61 -28.34
C THR B 1190 -75.23 -25.60 -29.22
N ASN B 1191 -75.61 -24.45 -28.67
CA ASN B 1191 -76.41 -23.47 -29.39
C ASN B 1191 -75.70 -22.12 -29.45
N ASN B 1192 -76.09 -21.32 -30.44
CA ASN B 1192 -75.54 -19.98 -30.68
C ASN B 1192 -74.02 -20.01 -30.86
N LEU B 1193 -73.57 -20.88 -31.75
CA LEU B 1193 -72.14 -21.06 -31.96
C LEU B 1193 -71.56 -19.89 -32.76
N PRO B 1194 -70.29 -19.56 -32.55
CA PRO B 1194 -69.65 -18.47 -33.30
C PRO B 1194 -69.47 -18.83 -34.76
N PRO B 1195 -69.39 -17.83 -35.64
CA PRO B 1195 -69.28 -18.09 -37.09
C PRO B 1195 -68.02 -18.87 -37.49
N PRO B 1196 -66.87 -18.76 -36.80
CA PRO B 1196 -65.80 -19.72 -37.10
C PRO B 1196 -66.17 -21.18 -36.87
N LEU B 1197 -67.03 -21.47 -35.91
CA LEU B 1197 -67.39 -22.85 -35.62
C LEU B 1197 -68.54 -23.35 -36.48
N SER B 1198 -69.22 -22.48 -37.22
CA SER B 1198 -70.34 -22.90 -38.04
C SER B 1198 -69.86 -23.57 -39.33
N CYS C 22 41.10 -50.57 42.95
CA CYS C 22 40.32 -50.29 41.76
C CYS C 22 39.34 -51.42 41.46
N ILE C 23 38.55 -51.26 40.40
CA ILE C 23 37.58 -52.25 39.97
C ILE C 23 37.92 -52.65 38.55
N VAL C 24 38.10 -53.93 38.31
CA VAL C 24 38.42 -54.46 36.98
C VAL C 24 37.13 -54.99 36.37
N VAL C 25 36.75 -54.42 35.22
CA VAL C 25 35.48 -54.72 34.59
C VAL C 25 35.73 -55.38 33.23
N ASP C 26 34.67 -55.95 32.67
CA ASP C 26 34.71 -56.57 31.36
C ASP C 26 34.07 -55.65 30.33
N MET C 27 34.80 -55.37 29.26
CA MET C 27 34.36 -54.44 28.22
C MET C 27 34.22 -55.21 26.92
N GLN C 28 32.98 -55.47 26.51
CA GLN C 28 32.69 -56.20 25.28
C GLN C 28 31.53 -55.54 24.57
N PRO C 29 31.78 -54.73 23.55
CA PRO C 29 30.69 -54.03 22.85
C PRO C 29 29.85 -54.92 21.95
N SER C 30 30.25 -56.18 21.74
CA SER C 30 29.60 -57.00 20.73
C SER C 30 28.19 -57.43 21.13
N TYR C 31 27.93 -57.55 22.44
CA TYR C 31 26.62 -57.99 22.90
C TYR C 31 25.63 -56.85 23.06
N PHE C 32 26.08 -55.61 22.97
CA PHE C 32 25.24 -54.44 23.16
C PHE C 32 24.75 -53.84 21.85
N GLN C 33 24.96 -54.53 20.73
CA GLN C 33 24.62 -54.00 19.42
C GLN C 33 23.20 -54.33 18.98
N ARG C 34 22.40 -54.92 19.86
CA ARG C 34 21.02 -55.26 19.53
C ARG C 34 20.21 -53.98 19.35
N ASP C 35 19.27 -54.00 18.40
CA ASP C 35 18.49 -52.83 18.06
C ASP C 35 17.01 -53.09 18.34
N TRP C 36 16.37 -52.15 19.04
CA TRP C 36 14.92 -52.09 19.19
C TRP C 36 14.51 -50.66 18.86
N PRO C 37 14.31 -50.34 17.58
CA PRO C 37 14.18 -48.93 17.18
C PRO C 37 12.83 -48.34 17.57
N ARG C 38 12.87 -47.19 18.23
CA ARG C 38 11.68 -46.41 18.57
C ARG C 38 11.88 -44.99 18.05
N PRO C 39 11.64 -44.75 16.76
CA PRO C 39 11.85 -43.43 16.20
C PRO C 39 10.78 -42.45 16.69
N ILE C 40 11.03 -41.17 16.43
CA ILE C 40 10.13 -40.12 16.90
C ILE C 40 8.84 -40.17 16.10
N ASN C 41 7.71 -40.24 16.79
CA ASN C 41 6.40 -40.24 16.18
C ASN C 41 5.80 -38.85 16.41
N MET C 42 5.79 -38.03 15.35
CA MET C 42 5.36 -36.65 15.48
C MET C 42 3.85 -36.52 15.72
N SER C 43 3.09 -37.56 15.43
CA SER C 43 1.64 -37.52 15.66
C SER C 43 1.28 -37.64 17.14
N ALA C 44 2.25 -37.96 18.00
CA ALA C 44 2.00 -38.09 19.43
C ALA C 44 2.79 -37.10 20.27
N ALA C 45 3.62 -36.26 19.65
CA ALA C 45 4.45 -35.26 20.32
C ALA C 45 5.37 -35.92 21.35
N ASP C 46 6.29 -36.74 20.84
CA ASP C 46 7.16 -37.53 21.69
C ASP C 46 8.13 -36.66 22.46
N GLY C 47 8.97 -35.91 21.75
CA GLY C 47 9.99 -35.11 22.40
C GLY C 47 9.82 -33.63 22.23
N ILE C 48 8.59 -33.14 22.34
CA ILE C 48 8.29 -31.73 22.14
C ILE C 48 8.39 -31.00 23.46
N ILE C 49 9.25 -29.99 23.51
CA ILE C 49 9.43 -29.19 24.73
C ILE C 49 8.27 -28.21 24.83
N TYR C 50 7.64 -28.17 26.01
CA TYR C 50 6.53 -27.27 26.25
C TYR C 50 7.01 -25.82 26.23
N PRO C 51 6.16 -24.89 25.79
CA PRO C 51 6.50 -23.46 25.91
C PRO C 51 6.71 -23.07 27.37
N VAL C 52 7.67 -22.18 27.59
CA VAL C 52 8.08 -21.82 28.93
C VAL C 52 7.35 -20.55 29.38
N GLY C 53 6.71 -20.64 30.54
CA GLY C 53 6.09 -19.49 31.17
C GLY C 53 4.66 -19.20 30.77
N ARG C 54 4.12 -19.88 29.76
CA ARG C 54 2.76 -19.60 29.34
C ARG C 54 2.06 -20.90 28.95
N THR C 55 0.74 -20.83 28.87
CA THR C 55 -0.10 -21.97 28.56
C THR C 55 -1.03 -21.62 27.41
N TYR C 56 -1.21 -22.55 26.48
CA TYR C 56 -2.22 -22.41 25.46
C TYR C 56 -3.26 -23.51 25.63
N ALA C 57 -4.42 -23.32 25.03
CA ALA C 57 -5.53 -24.25 25.26
C ALA C 57 -6.45 -24.29 24.05
N ASN C 58 -6.68 -25.51 23.54
CA ASN C 58 -7.65 -25.80 22.49
C ASN C 58 -7.41 -24.95 21.23
N ILE C 59 -6.14 -24.84 20.84
CA ILE C 59 -5.75 -24.07 19.66
C ILE C 59 -4.61 -24.78 18.96
N THR C 60 -4.34 -24.35 17.74
CA THR C 60 -3.26 -24.91 16.92
C THR C 60 -2.36 -23.76 16.48
N ILE C 61 -1.08 -23.84 16.82
CA ILE C 61 -0.15 -22.73 16.68
C ILE C 61 1.02 -23.16 15.80
N MET C 62 1.45 -22.26 14.93
CA MET C 62 2.72 -22.36 14.22
C MET C 62 3.77 -21.65 15.09
N LEU C 63 4.51 -22.43 15.89
CA LEU C 63 5.55 -21.89 16.76
C LEU C 63 6.88 -22.59 16.46
N SER C 64 7.96 -21.83 16.55
CA SER C 64 9.29 -22.32 16.19
C SER C 64 10.19 -22.32 17.41
N GLY C 65 11.04 -23.33 17.51
CA GLY C 65 11.94 -23.47 18.64
C GLY C 65 12.99 -24.55 18.41
N LEU C 66 13.27 -25.36 19.43
CA LEU C 66 14.24 -26.44 19.34
C LEU C 66 13.50 -27.76 19.53
N PHE C 67 13.36 -28.52 18.46
CA PHE C 67 12.63 -29.77 18.46
C PHE C 67 13.40 -30.84 17.68
N PRO C 68 13.26 -32.11 18.05
CA PRO C 68 13.78 -33.17 17.19
C PRO C 68 12.90 -33.34 15.96
N HIS C 69 13.50 -33.88 14.91
CA HIS C 69 12.80 -34.02 13.64
C HIS C 69 12.17 -35.40 13.51
N GLN C 70 11.55 -35.64 12.35
CA GLN C 70 10.88 -36.90 12.08
C GLN C 70 11.91 -38.04 11.98
N ALA C 71 11.44 -39.26 12.28
CA ALA C 71 12.26 -40.48 12.34
C ALA C 71 13.34 -40.22 13.37
N ASP C 72 14.62 -40.34 13.04
CA ASP C 72 15.75 -40.01 13.91
C ASP C 72 15.69 -40.83 15.20
N LYS C 73 15.88 -42.14 15.04
CA LYS C 73 15.88 -43.05 16.18
C LYS C 73 17.00 -42.74 17.16
N GLY C 74 18.07 -42.08 16.72
CA GLY C 74 19.11 -41.63 17.61
C GLY C 74 19.97 -42.78 18.11
N LYS C 75 20.87 -42.43 19.02
CA LYS C 75 21.71 -43.45 19.63
C LYS C 75 20.90 -44.28 20.61
N GLN C 76 21.16 -45.58 20.64
CA GLN C 76 20.47 -46.52 21.50
C GLN C 76 21.46 -47.02 22.54
N TYR C 77 21.13 -46.82 23.82
CA TYR C 77 22.02 -47.15 24.91
C TYR C 77 21.36 -48.15 25.84
N ILE C 78 22.12 -49.14 26.28
CA ILE C 78 21.64 -50.18 27.17
C ILE C 78 22.67 -50.48 28.24
N TYR C 79 22.21 -50.63 29.47
CA TYR C 79 23.01 -51.07 30.60
C TYR C 79 22.76 -52.54 30.88
N SER C 80 23.60 -53.13 31.74
CA SER C 80 23.53 -54.56 31.97
C SER C 80 23.96 -54.89 33.39
N MET C 81 23.62 -56.10 33.80
CA MET C 81 23.96 -56.64 35.11
C MET C 81 25.45 -57.00 35.20
N TYR C 82 25.87 -57.37 36.42
CA TYR C 82 27.19 -57.96 36.64
C TYR C 82 27.28 -59.32 35.96
N HIS C 83 28.48 -59.65 35.48
CA HIS C 83 28.67 -60.90 34.75
C HIS C 83 28.41 -62.10 35.65
N MET C 84 27.55 -63.00 35.18
CA MET C 84 27.09 -64.14 35.97
C MET C 84 28.08 -65.30 35.92
N VAL C 90 27.76 -61.55 39.42
CA VAL C 90 28.74 -61.97 40.41
C VAL C 90 29.88 -60.96 40.49
N ASN C 91 30.87 -61.14 39.62
CA ASN C 91 32.04 -60.28 39.55
C ASN C 91 32.21 -59.79 38.12
N ASP C 92 33.13 -58.83 37.95
CA ASP C 92 33.50 -58.23 36.67
C ASP C 92 32.28 -57.67 35.94
N PRO C 93 31.76 -56.52 36.38
CA PRO C 93 30.52 -55.98 35.78
C PRO C 93 30.64 -55.73 34.29
N PHE C 94 29.59 -56.08 33.56
CA PHE C 94 29.60 -56.04 32.11
C PHE C 94 29.12 -54.69 31.62
N ILE C 95 29.89 -54.07 30.72
CA ILE C 95 29.62 -52.74 30.20
C ILE C 95 29.89 -52.71 28.70
N SER C 96 29.44 -51.63 28.07
CA SER C 96 29.49 -51.47 26.63
C SER C 96 30.62 -50.52 26.22
N ASN C 97 30.63 -50.15 24.94
CA ASN C 97 31.69 -49.31 24.39
C ASN C 97 31.57 -47.86 24.84
N TYR C 98 30.51 -47.49 25.54
CA TYR C 98 30.35 -46.06 25.86
C TYR C 98 31.55 -45.52 26.61
N SER C 99 31.64 -44.20 26.76
CA SER C 99 32.74 -43.54 27.48
C SER C 99 34.01 -43.33 26.65
N TYR C 100 33.96 -43.62 25.37
CA TYR C 100 35.09 -43.35 24.50
C TYR C 100 34.50 -42.55 23.39
N TYR C 101 33.21 -42.30 23.47
CA TYR C 101 32.47 -41.53 22.48
C TYR C 101 32.07 -40.20 23.11
N THR C 102 32.46 -39.10 22.46
CA THR C 102 32.11 -37.76 22.91
C THR C 102 31.29 -37.10 21.81
N GLU C 103 29.98 -37.33 21.85
CA GLU C 103 29.09 -36.78 20.84
C GLU C 103 28.92 -35.28 21.03
N PRO C 104 28.72 -34.53 19.95
CA PRO C 104 28.59 -33.07 20.08
C PRO C 104 27.28 -32.69 20.73
N PHE C 105 27.33 -31.67 21.60
CA PHE C 105 26.14 -31.24 22.32
C PHE C 105 25.19 -30.49 21.39
N ASP C 106 25.74 -29.64 20.53
CA ASP C 106 25.00 -28.80 19.57
C ASP C 106 24.04 -27.90 20.36
N ASN C 107 22.79 -27.76 19.91
CA ASN C 107 21.84 -26.95 20.66
C ASN C 107 21.38 -27.65 21.94
N GLY C 108 21.27 -28.97 21.90
CA GLY C 108 20.85 -29.71 23.07
C GLY C 108 20.44 -31.12 22.66
N PHE C 109 19.83 -31.81 23.61
CA PHE C 109 19.31 -33.14 23.32
C PHE C 109 18.15 -33.45 24.26
N VAL C 110 17.34 -34.42 23.84
CA VAL C 110 16.21 -34.90 24.61
C VAL C 110 16.26 -36.43 24.60
N VAL C 111 16.06 -37.04 25.76
CA VAL C 111 16.13 -38.49 25.89
C VAL C 111 14.74 -39.03 26.20
N ARG C 112 14.50 -40.27 25.76
CA ARG C 112 13.28 -40.98 26.14
C ARG C 112 13.63 -41.83 27.35
N ILE C 113 13.07 -41.46 28.51
CA ILE C 113 13.51 -42.03 29.78
C ILE C 113 12.71 -43.30 30.00
N GLY C 114 13.42 -44.43 30.14
CA GLY C 114 12.81 -45.67 30.59
C GLY C 114 11.72 -46.24 29.72
N ALA C 115 11.84 -46.09 28.40
CA ALA C 115 10.92 -46.79 27.52
C ALA C 115 11.27 -48.28 27.50
N ASN C 116 10.36 -49.07 26.92
CA ASN C 116 10.48 -50.53 26.86
C ASN C 116 10.64 -51.13 28.26
N SER C 117 9.73 -50.76 29.14
CA SER C 117 9.70 -51.26 30.50
C SER C 117 8.37 -51.96 30.73
N ASN C 118 8.28 -52.64 31.87
CA ASN C 118 7.12 -53.40 32.36
C ASN C 118 6.82 -54.64 31.52
N ILE C 119 7.66 -54.96 30.54
CA ILE C 119 7.45 -56.08 29.64
C ILE C 119 8.56 -57.10 29.88
N THR C 120 8.45 -58.22 29.16
CA THR C 120 9.46 -59.27 29.21
C THR C 120 10.50 -59.01 28.12
N GLY C 121 11.77 -58.93 28.50
CA GLY C 121 12.83 -58.69 27.55
C GLY C 121 13.91 -59.75 27.58
N SER C 122 15.16 -59.31 27.62
CA SER C 122 16.30 -60.24 27.66
C SER C 122 17.49 -59.53 28.29
N SER C 123 18.25 -60.26 29.09
CA SER C 123 19.49 -59.73 29.63
C SER C 123 20.52 -59.60 28.50
N VAL C 124 21.32 -58.52 28.57
CA VAL C 124 22.31 -58.30 27.54
C VAL C 124 23.44 -59.31 27.64
N VAL C 125 23.93 -59.56 28.85
CA VAL C 125 24.99 -60.54 29.06
C VAL C 125 24.43 -61.92 29.44
N GLY C 126 23.21 -61.98 29.98
CA GLY C 126 22.63 -63.27 30.29
C GLY C 126 22.21 -64.02 29.05
N SER C 127 22.14 -65.34 29.20
CA SER C 127 21.73 -66.22 28.11
C SER C 127 20.24 -66.54 28.14
N ALA C 128 19.51 -66.01 29.12
CA ALA C 128 18.09 -66.26 29.24
C ALA C 128 17.33 -64.92 29.28
N ASN C 129 16.01 -65.04 29.23
CA ASN C 129 15.13 -63.88 29.16
C ASN C 129 14.63 -63.48 30.54
N ALA C 130 14.44 -62.18 30.73
CA ALA C 130 13.93 -61.65 31.98
C ALA C 130 13.21 -60.33 31.71
N THR C 131 12.37 -59.93 32.65
CA THR C 131 11.62 -58.69 32.50
C THR C 131 12.54 -57.48 32.69
N VAL C 132 12.11 -56.35 32.11
CA VAL C 132 12.90 -55.12 32.08
C VAL C 132 12.17 -54.01 32.82
N LYS C 133 12.93 -53.24 33.60
CA LYS C 133 12.43 -52.13 34.40
C LYS C 133 13.14 -50.84 33.99
N LYS C 134 12.57 -49.71 34.38
CA LYS C 134 13.15 -48.41 34.06
C LYS C 134 14.44 -48.20 34.85
N ILE C 135 15.50 -47.80 34.15
CA ILE C 135 16.78 -47.49 34.77
C ILE C 135 17.24 -46.12 34.29
N TYR C 136 17.64 -45.26 35.23
CA TYR C 136 17.91 -43.87 34.93
C TYR C 136 19.34 -43.70 34.43
N PRO C 137 19.55 -43.09 33.27
CA PRO C 137 20.92 -42.84 32.80
C PRO C 137 21.65 -41.80 33.63
N ALA C 138 22.97 -41.91 33.64
CA ALA C 138 23.84 -40.92 34.23
C ALA C 138 24.68 -40.30 33.13
N LEU C 139 24.62 -38.97 33.01
CA LEU C 139 25.19 -38.26 31.88
C LEU C 139 26.36 -37.38 32.32
N MET C 140 27.36 -37.27 31.43
CA MET C 140 28.47 -36.36 31.59
C MET C 140 28.31 -35.23 30.59
N LEU C 141 28.52 -33.99 31.03
CA LEU C 141 28.51 -32.85 30.13
C LEU C 141 29.66 -31.93 30.49
N GLY C 142 30.42 -31.50 29.49
CA GLY C 142 31.56 -30.65 29.72
C GLY C 142 31.82 -29.76 28.53
N SER C 143 32.87 -28.95 28.65
CA SER C 143 33.21 -27.96 27.63
C SER C 143 34.32 -28.41 26.70
N VAL C 144 35.44 -28.88 27.25
CA VAL C 144 36.61 -29.28 26.47
C VAL C 144 36.96 -30.72 26.79
N VAL C 145 37.14 -31.53 25.76
CA VAL C 145 37.53 -32.92 25.90
C VAL C 145 38.94 -33.09 25.35
N GLY C 146 39.63 -34.10 25.84
CA GLY C 146 41.00 -34.38 25.46
C GLY C 146 41.27 -35.86 25.47
N LYS C 147 42.54 -36.21 25.67
CA LYS C 147 42.99 -37.60 25.65
C LYS C 147 43.54 -37.97 27.03
N PHE C 148 43.27 -39.21 27.43
CA PHE C 148 43.82 -39.72 28.68
C PHE C 148 45.31 -40.03 28.48
N PRO C 149 46.06 -40.18 29.58
CA PRO C 149 47.45 -40.65 29.45
C PRO C 149 47.59 -42.03 28.84
N SER C 150 46.54 -42.85 28.88
CA SER C 150 46.54 -44.15 28.22
C SER C 150 46.05 -44.06 26.77
N ASN C 151 46.09 -42.85 26.17
CA ASN C 151 45.69 -42.60 24.79
C ASN C 151 44.24 -43.03 24.52
N LYS C 152 43.36 -42.80 25.50
CA LYS C 152 41.95 -43.08 25.36
C LYS C 152 41.15 -41.78 25.48
N THR C 153 40.02 -41.74 24.79
CA THR C 153 39.17 -40.55 24.76
C THR C 153 38.14 -40.60 25.87
N GLY C 154 37.82 -39.43 26.44
CA GLY C 154 36.81 -39.35 27.47
C GLY C 154 37.19 -38.50 28.66
N ARG C 155 38.34 -37.84 28.60
CA ARG C 155 38.77 -36.96 29.68
C ARG C 155 38.26 -35.55 29.45
N TYR C 156 37.75 -34.93 30.51
CA TYR C 156 37.22 -33.58 30.47
C TYR C 156 38.14 -32.68 31.26
N PHE C 157 38.70 -31.67 30.61
CA PHE C 157 39.85 -30.95 31.15
C PHE C 157 39.48 -29.71 31.95
N ASN C 158 38.20 -29.39 32.10
CA ASN C 158 37.80 -28.23 32.89
C ASN C 158 36.48 -28.57 33.57
N HIS C 159 35.77 -27.54 34.04
CA HIS C 159 34.55 -27.73 34.81
C HIS C 159 33.49 -28.47 34.00
N THR C 160 33.11 -29.65 34.49
CA THR C 160 32.15 -30.50 33.81
C THR C 160 30.93 -30.70 34.68
N LEU C 161 29.79 -30.88 34.03
CA LEU C 161 28.53 -31.15 34.71
C LEU C 161 28.20 -32.63 34.58
N VAL C 162 28.04 -33.30 35.71
CA VAL C 162 27.59 -34.69 35.73
C VAL C 162 26.19 -34.73 36.30
N ILE C 163 25.42 -35.72 35.88
CA ILE C 163 24.09 -35.96 36.40
C ILE C 163 24.04 -37.39 36.89
N LEU C 164 23.70 -37.59 38.16
CA LEU C 164 23.71 -38.91 38.77
C LEU C 164 22.38 -39.18 39.46
N PRO C 165 21.70 -40.27 39.13
CA PRO C 165 20.57 -40.70 39.97
C PRO C 165 21.08 -41.48 41.17
N GLU C 166 20.46 -41.24 42.31
CA GLU C 166 20.95 -41.76 43.58
C GLU C 166 19.87 -42.53 44.32
N LYS C 167 20.32 -43.55 45.06
CA LYS C 167 19.51 -44.31 46.02
C LYS C 167 18.28 -44.94 45.35
N CYS C 168 18.57 -45.85 44.41
CA CYS C 168 17.56 -46.64 43.70
C CYS C 168 16.56 -45.75 42.96
N GLY C 169 17.05 -44.66 42.39
CA GLY C 169 16.22 -43.78 41.59
C GLY C 169 15.34 -42.84 42.38
N THR C 170 15.52 -42.74 43.71
CA THR C 170 14.72 -41.81 44.48
C THR C 170 15.21 -40.38 44.33
N GLN C 171 16.51 -40.17 44.19
CA GLN C 171 17.09 -38.84 44.10
C GLN C 171 17.96 -38.73 42.86
N ILE C 172 18.01 -37.54 42.29
CA ILE C 172 18.87 -37.23 41.16
C ILE C 172 19.64 -35.95 41.48
N THR C 173 20.95 -35.96 41.24
CA THR C 173 21.81 -34.83 41.58
C THR C 173 22.51 -34.32 40.34
N ALA C 174 22.87 -33.04 40.36
CA ALA C 174 23.63 -32.42 39.27
C ALA C 174 24.86 -31.77 39.87
N LEU C 175 26.02 -32.40 39.65
CA LEU C 175 27.27 -31.90 40.20
C LEU C 175 28.02 -31.16 39.09
N TYR C 176 28.47 -29.95 39.40
CA TYR C 176 29.30 -29.18 38.49
C TYR C 176 30.70 -29.28 39.09
N CYS C 177 31.37 -30.39 38.76
CA CYS C 177 32.47 -30.86 39.60
C CYS C 177 33.63 -31.32 38.73
N VAL C 178 34.66 -30.49 38.64
CA VAL C 178 35.76 -30.77 37.74
C VAL C 178 36.62 -31.91 38.26
N LEU C 179 36.85 -32.90 37.40
CA LEU C 179 37.44 -34.17 37.79
C LEU C 179 38.90 -34.24 37.36
N GLN C 180 39.78 -34.52 38.31
CA GLN C 180 41.16 -34.91 38.07
C GLN C 180 41.26 -36.42 38.00
N PRO C 181 42.03 -36.96 37.05
CA PRO C 181 42.20 -38.43 36.97
C PRO C 181 43.08 -38.92 38.11
N LYS C 182 42.52 -39.81 38.93
CA LYS C 182 43.29 -40.37 40.05
C LYS C 182 44.36 -41.31 39.53
N ASN C 183 45.53 -41.26 40.16
CA ASN C 183 46.65 -42.11 39.80
C ASN C 183 46.61 -43.36 40.67
N GLN C 184 46.26 -44.49 40.06
CA GLN C 184 46.13 -45.75 40.78
C GLN C 184 46.69 -46.86 39.92
N THR C 185 46.41 -48.11 40.31
CA THR C 185 46.92 -49.27 39.56
C THR C 185 46.20 -49.40 38.23
N ASN C 186 44.87 -49.54 38.26
CA ASN C 186 44.07 -49.68 37.06
C ASN C 186 43.02 -48.59 36.89
N CYS C 187 42.76 -47.79 37.92
CA CYS C 187 41.75 -46.73 37.85
C CYS C 187 42.41 -45.48 37.30
N THR C 188 42.42 -45.38 35.98
CA THR C 188 42.93 -44.22 35.23
C THR C 188 44.39 -43.93 35.59
N GLY C 189 45.22 -44.97 35.54
CA GLY C 189 46.63 -44.83 35.83
C GLY C 189 47.45 -44.55 34.59
N HIS C 190 48.61 -45.18 34.46
CA HIS C 190 49.44 -45.07 33.27
C HIS C 190 49.29 -46.35 32.46
N THR C 191 48.61 -46.23 31.31
CA THR C 191 48.47 -47.29 30.30
C THR C 191 47.80 -48.53 30.90
N THR C 192 46.98 -48.33 31.92
CA THR C 192 46.22 -49.40 32.57
C THR C 192 44.82 -48.82 32.79
N TYR C 193 43.95 -49.00 31.81
CA TYR C 193 42.65 -48.34 31.85
C TYR C 193 41.58 -49.23 31.24
N THR C 194 40.45 -49.30 31.93
CA THR C 194 39.17 -49.68 31.37
C THR C 194 38.19 -48.59 31.75
N SER C 195 37.06 -48.54 31.05
CA SER C 195 36.12 -47.44 31.23
C SER C 195 35.56 -47.42 32.64
N TYR C 196 35.52 -46.23 33.24
CA TYR C 196 34.93 -46.05 34.56
C TYR C 196 33.48 -46.52 34.57
N VAL C 197 33.11 -47.23 35.63
CA VAL C 197 31.79 -47.83 35.76
C VAL C 197 31.18 -47.36 37.08
N LEU C 198 29.96 -46.85 37.01
CA LEU C 198 29.24 -46.44 38.21
C LEU C 198 28.43 -47.64 38.71
N VAL C 199 28.76 -48.12 39.90
CA VAL C 199 28.19 -49.35 40.43
C VAL C 199 27.33 -49.03 41.65
N GLU C 200 26.36 -49.89 41.90
CA GLU C 200 25.50 -49.76 43.08
C GLU C 200 24.92 -51.12 43.39
N ASN C 201 24.53 -51.29 44.66
CA ASN C 201 23.94 -52.54 45.11
C ASN C 201 22.48 -52.64 44.64
N LYS C 202 21.91 -53.82 44.86
CA LYS C 202 20.54 -54.10 44.42
C LYS C 202 19.51 -53.32 45.23
N ASN C 211 24.30 -44.25 46.88
CA ASN C 211 25.12 -43.11 46.49
C ASN C 211 26.17 -43.52 45.47
N LEU C 212 25.94 -43.15 44.21
CA LEU C 212 26.88 -43.45 43.14
C LEU C 212 28.10 -42.55 43.16
N LYS C 213 28.10 -41.51 43.99
CA LYS C 213 29.24 -40.59 44.07
C LYS C 213 30.48 -41.27 44.66
N GLN C 214 30.31 -42.34 45.42
CA GLN C 214 31.47 -43.06 45.95
C GLN C 214 32.22 -43.78 44.84
N SER C 215 31.49 -44.38 43.89
CA SER C 215 32.14 -44.97 42.73
C SER C 215 32.82 -43.91 41.87
N LEU C 216 32.19 -42.75 41.74
CA LEU C 216 32.78 -41.65 40.99
C LEU C 216 34.06 -41.15 41.64
N GLN C 217 34.06 -41.03 42.97
CA GLN C 217 35.26 -40.62 43.68
C GLN C 217 36.32 -41.73 43.71
N THR C 218 35.90 -42.98 43.51
CA THR C 218 36.88 -44.04 43.30
C THR C 218 37.50 -43.94 41.92
N TRP C 219 36.73 -43.51 40.92
CA TRP C 219 37.24 -43.42 39.56
C TRP C 219 37.84 -42.05 39.22
N PHE C 220 37.48 -41.00 39.97
CA PHE C 220 37.92 -39.64 39.67
C PHE C 220 38.17 -38.90 40.96
N ASP C 221 38.83 -37.75 40.86
CA ASP C 221 39.13 -36.90 42.02
C ASP C 221 38.33 -35.61 41.86
N LEU C 222 37.67 -35.20 42.95
CA LEU C 222 36.70 -34.11 42.91
C LEU C 222 37.29 -32.88 43.58
N LYS C 223 37.24 -31.73 42.88
CA LYS C 223 37.90 -30.52 43.33
C LYS C 223 37.10 -29.30 42.86
N ASP C 224 37.16 -28.18 43.58
CA ASP C 224 36.37 -27.00 43.20
C ASP C 224 34.90 -27.28 42.93
N CYS C 225 34.33 -28.25 43.60
CA CYS C 225 32.95 -28.61 43.33
C CYS C 225 31.99 -27.47 43.67
N LEU C 226 30.99 -27.22 42.83
CA LEU C 226 29.98 -26.19 43.13
C LEU C 226 28.59 -26.78 43.38
N PHE C 227 27.54 -25.97 43.38
CA PHE C 227 26.20 -26.45 43.70
C PHE C 227 25.98 -27.94 43.42
N GLU C 228 25.53 -28.66 44.44
CA GLU C 228 25.09 -30.05 44.31
C GLU C 228 23.58 -29.99 44.48
N LYS C 229 22.87 -29.59 43.43
CA LYS C 229 21.42 -29.52 43.50
C LYS C 229 20.84 -30.92 43.50
N LYS C 230 19.92 -31.17 44.42
CA LYS C 230 19.28 -32.46 44.57
C LYS C 230 17.78 -32.29 44.35
N TYR C 231 17.20 -33.19 43.58
CA TYR C 231 15.78 -33.17 43.26
C TYR C 231 15.17 -34.49 43.67
N ASN C 232 13.93 -34.44 44.13
CA ASN C 232 13.20 -35.64 44.54
C ASN C 232 12.34 -36.11 43.39
N VAL C 233 12.53 -37.35 42.98
CA VAL C 233 11.72 -38.00 41.96
C VAL C 233 11.12 -39.27 42.53
N SER C 234 9.85 -39.51 42.22
CA SER C 234 9.17 -40.68 42.73
C SER C 234 9.63 -41.94 42.01
N ALA C 235 9.54 -43.07 42.72
CA ALA C 235 9.92 -44.36 42.17
C ALA C 235 8.72 -44.99 41.49
N ASP C 236 8.82 -45.19 40.17
CA ASP C 236 7.74 -45.73 39.38
C ASP C 236 8.35 -46.40 38.15
N GLU C 237 7.53 -47.15 37.42
CA GLU C 237 7.96 -47.82 36.21
C GLU C 237 7.36 -47.22 34.95
N ARG C 238 6.70 -46.08 35.05
CA ARG C 238 6.18 -45.38 33.88
C ARG C 238 7.30 -44.66 33.14
N GLU C 239 7.19 -44.62 31.82
CA GLU C 239 8.21 -43.95 31.02
C GLU C 239 8.12 -42.44 31.19
N GLU C 240 9.26 -41.77 31.09
CA GLU C 240 9.31 -40.31 31.16
C GLU C 240 10.13 -39.73 30.01
N TRP C 241 10.40 -38.43 30.08
CA TRP C 241 11.27 -37.77 29.13
C TRP C 241 12.16 -36.79 29.89
N PHE C 242 13.30 -36.46 29.29
CA PHE C 242 14.27 -35.58 29.92
C PHE C 242 15.07 -34.88 28.84
N GLY C 243 15.11 -33.55 28.89
CA GLY C 243 15.80 -32.78 27.88
C GLY C 243 16.69 -31.71 28.50
N ILE C 244 17.81 -31.46 27.84
CA ILE C 244 18.78 -30.46 28.25
C ILE C 244 18.92 -29.44 27.12
N THR C 245 18.77 -28.17 27.45
CA THR C 245 18.90 -27.09 26.48
C THR C 245 19.73 -25.98 27.10
N GLN C 246 20.62 -25.39 26.32
CA GLN C 246 21.46 -24.29 26.77
C GLN C 246 21.03 -23.00 26.10
N ASP C 247 20.91 -21.94 26.91
CA ASP C 247 20.61 -20.61 26.40
C ASP C 247 21.60 -19.62 27.00
N GLN C 248 21.41 -18.33 26.78
CA GLN C 248 22.30 -17.34 27.38
C GLN C 248 22.01 -17.11 28.86
N GLN C 249 20.89 -17.61 29.37
CA GLN C 249 20.61 -17.58 30.80
C GLN C 249 21.26 -18.73 31.55
N GLY C 250 21.93 -19.65 30.86
CA GLY C 250 22.55 -20.80 31.46
C GLY C 250 22.05 -22.05 30.80
N VAL C 251 22.08 -23.15 31.53
CA VAL C 251 21.56 -24.41 31.03
C VAL C 251 20.18 -24.63 31.62
N HIS C 252 19.31 -25.25 30.82
CA HIS C 252 17.95 -25.57 31.25
C HIS C 252 17.76 -27.07 31.22
N LEU C 253 17.20 -27.62 32.29
CA LEU C 253 16.83 -29.02 32.34
C LEU C 253 15.31 -29.13 32.27
N TYR C 254 14.83 -30.09 31.48
CA TYR C 254 13.41 -30.33 31.31
C TYR C 254 13.09 -31.75 31.73
N THR C 255 11.94 -31.93 32.38
CA THR C 255 11.47 -33.25 32.78
C THR C 255 9.96 -33.30 32.68
N SER C 256 9.43 -34.52 32.63
CA SER C 256 8.00 -34.75 32.48
C SER C 256 7.26 -34.90 33.79
N ARG C 257 7.97 -34.93 34.92
CA ARG C 257 7.33 -35.19 36.20
C ARG C 257 6.59 -33.98 36.79
N LYS C 258 6.88 -32.77 36.32
CA LYS C 258 6.25 -31.60 36.90
C LYS C 258 4.86 -31.40 36.32
N ASN C 259 4.00 -30.70 37.10
CA ASN C 259 2.60 -30.40 36.78
C ASN C 259 1.75 -31.67 36.77
N GLY C 260 1.94 -32.51 37.78
CA GLY C 260 1.42 -33.85 37.73
C GLY C 260 2.24 -34.68 36.77
N PHE C 261 1.76 -35.89 36.51
CA PHE C 261 2.37 -36.73 35.50
C PHE C 261 1.22 -37.24 34.65
N LYS C 262 1.01 -36.61 33.52
CA LYS C 262 -0.10 -36.98 32.65
C LYS C 262 0.33 -37.34 31.24
N SER C 263 1.31 -36.64 30.69
CA SER C 263 1.72 -36.88 29.31
C SER C 263 3.23 -37.00 29.18
N ASN C 264 3.71 -37.04 27.95
CA ASN C 264 5.12 -37.15 27.65
C ASN C 264 5.81 -35.81 27.45
N ASN C 265 5.09 -34.71 27.64
CA ASN C 265 5.69 -33.39 27.49
C ASN C 265 6.59 -33.06 28.67
N MET C 266 7.61 -32.25 28.42
CA MET C 266 8.56 -31.84 29.45
C MET C 266 8.44 -30.35 29.72
N PHE C 267 8.63 -29.98 30.98
CA PHE C 267 8.54 -28.60 31.43
C PHE C 267 9.83 -28.21 32.13
N LEU C 268 10.09 -26.91 32.17
CA LEU C 268 11.30 -26.41 32.81
C LEU C 268 11.22 -26.60 34.31
N PHE C 269 12.25 -27.20 34.89
CA PHE C 269 12.29 -27.43 36.33
C PHE C 269 13.60 -27.07 37.00
N ALA C 270 14.64 -26.76 36.24
CA ALA C 270 15.93 -26.37 36.82
C ALA C 270 16.66 -25.48 35.85
N THR C 271 17.38 -24.50 36.38
CA THR C 271 18.22 -23.61 35.57
C THR C 271 19.56 -23.49 36.30
N LEU C 272 20.47 -24.40 35.99
CA LEU C 272 21.77 -24.37 36.63
C LEU C 272 22.63 -23.26 36.02
N PRO C 273 23.35 -22.50 36.84
CA PRO C 273 24.18 -21.42 36.29
C PRO C 273 25.45 -21.92 35.61
N ILE C 274 25.30 -22.48 34.41
CA ILE C 274 26.43 -22.92 33.62
C ILE C 274 26.64 -21.92 32.49
N TYR C 275 27.52 -20.96 32.68
CA TYR C 275 27.72 -19.92 31.68
C TYR C 275 28.80 -20.26 30.67
N GLU C 276 29.55 -21.34 30.88
CA GLU C 276 30.42 -21.85 29.84
C GLU C 276 29.60 -22.62 28.83
N ARG C 277 29.95 -22.49 27.55
CA ARG C 277 29.19 -23.16 26.50
C ARG C 277 29.53 -24.65 26.51
N LEU C 278 28.53 -25.48 26.82
CA LEU C 278 28.72 -26.92 26.76
C LEU C 278 28.77 -27.37 25.30
N ARG C 279 29.77 -28.16 24.95
CA ARG C 279 29.96 -28.60 23.57
C ARG C 279 30.02 -30.10 23.39
N TYR C 280 30.24 -30.87 24.44
CA TYR C 280 30.34 -32.32 24.33
C TYR C 280 29.56 -32.97 25.46
N TYR C 281 29.09 -34.18 25.21
CA TYR C 281 28.43 -34.97 26.24
C TYR C 281 28.72 -36.44 25.99
N THR C 282 28.71 -37.22 27.06
CA THR C 282 28.87 -38.66 26.97
C THR C 282 28.09 -39.31 28.09
N VAL C 283 27.77 -40.59 27.90
CA VAL C 283 26.93 -41.34 28.81
C VAL C 283 27.82 -42.29 29.59
N MET C 284 27.96 -42.05 30.88
CA MET C 284 28.85 -42.87 31.69
C MET C 284 28.22 -44.23 31.94
N PRO C 285 28.99 -45.32 31.82
CA PRO C 285 28.42 -46.66 32.02
C PRO C 285 27.99 -46.89 33.45
N ARG C 286 26.95 -47.70 33.60
CA ARG C 286 26.39 -47.99 34.91
C ARG C 286 25.88 -49.42 34.92
N SER C 287 26.26 -50.17 35.95
CA SER C 287 25.82 -51.55 36.12
C SER C 287 25.39 -51.76 37.55
N ILE C 288 24.58 -52.80 37.76
CA ILE C 288 23.95 -53.06 39.05
C ILE C 288 24.39 -54.44 39.53
N LYS C 289 24.89 -54.51 40.76
CA LYS C 289 25.26 -55.79 41.36
C LYS C 289 24.01 -56.60 41.66
N THR C 290 24.05 -57.88 41.32
CA THR C 290 22.92 -58.77 41.56
C THR C 290 23.40 -60.14 42.01
N ASN C 294 22.03 -68.07 38.30
CA ASN C 294 21.73 -67.37 39.55
C ASN C 294 20.50 -66.49 39.37
N ASP C 295 20.67 -65.18 39.49
CA ASP C 295 19.59 -64.21 39.34
C ASP C 295 19.67 -63.58 37.95
N HIS C 296 18.52 -63.29 37.37
CA HIS C 296 18.45 -62.74 36.02
C HIS C 296 17.58 -61.49 36.03
N MET C 297 18.25 -60.34 35.98
CA MET C 297 17.65 -59.02 36.07
C MET C 297 18.13 -58.20 34.88
N ALA C 298 17.21 -57.68 34.08
CA ALA C 298 17.57 -56.96 32.87
C ALA C 298 17.08 -55.52 32.94
N TRP C 299 17.72 -54.64 32.18
CA TRP C 299 17.46 -53.22 32.27
C TRP C 299 17.05 -52.65 30.92
N SER C 300 16.29 -51.56 30.98
CA SER C 300 15.64 -50.99 29.82
C SER C 300 16.62 -50.19 28.96
N ALA C 301 16.09 -49.56 27.91
CA ALA C 301 16.87 -48.79 26.96
C ALA C 301 16.38 -47.36 26.94
N PHE C 302 17.31 -46.41 26.87
CA PHE C 302 17.00 -45.00 26.74
C PHE C 302 17.67 -44.48 25.48
N TYR C 303 16.94 -43.71 24.70
CA TYR C 303 17.38 -43.25 23.39
C TYR C 303 17.62 -41.75 23.43
N ILE C 304 18.75 -41.32 22.86
CA ILE C 304 19.14 -39.92 22.86
C ILE C 304 18.83 -39.34 21.48
N TYR C 305 18.04 -38.26 21.47
CA TYR C 305 17.69 -37.56 20.24
C TYR C 305 18.28 -36.16 20.30
N GLN C 306 18.94 -35.75 19.21
CA GLN C 306 19.54 -34.43 19.13
C GLN C 306 18.54 -33.41 18.63
N LEU C 307 18.55 -32.23 19.23
CA LEU C 307 17.65 -31.16 18.85
C LEU C 307 18.17 -30.45 17.59
N HIS C 308 17.28 -29.65 17.00
CA HIS C 308 17.63 -28.86 15.82
C HIS C 308 16.86 -27.54 15.89
N LYS C 309 17.36 -26.56 15.14
CA LYS C 309 16.67 -25.27 14.99
C LYS C 309 15.60 -25.43 13.91
N LEU C 310 14.47 -25.99 14.30
CA LEU C 310 13.38 -26.29 13.37
C LEU C 310 12.12 -25.56 13.81
N ASN C 311 11.04 -25.82 13.07
CA ASN C 311 9.75 -25.22 13.33
C ASN C 311 8.68 -26.31 13.32
N TYR C 312 7.68 -26.15 14.18
CA TYR C 312 6.65 -27.16 14.38
C TYR C 312 5.29 -26.47 14.40
N LEU C 313 4.25 -27.29 14.27
CA LEU C 313 2.86 -26.83 14.40
C LEU C 313 2.15 -27.80 15.31
N VAL C 314 1.83 -27.36 16.51
CA VAL C 314 1.34 -28.23 17.56
C VAL C 314 -0.15 -28.01 17.74
N GLU C 315 -0.79 -28.91 18.48
CA GLU C 315 -2.20 -28.81 18.82
C GLU C 315 -2.40 -29.04 20.30
N PHE C 316 -3.17 -28.17 20.95
CA PHE C 316 -3.44 -28.26 22.37
C PHE C 316 -4.85 -28.78 22.61
N ASP C 317 -5.00 -29.57 23.67
CA ASP C 317 -6.30 -30.04 24.13
C ASP C 317 -6.84 -29.05 25.15
N VAL C 318 -7.89 -29.45 25.87
CA VAL C 318 -8.45 -28.59 26.92
C VAL C 318 -7.43 -28.37 28.03
N GLU C 319 -6.78 -29.45 28.46
CA GLU C 319 -5.68 -29.29 29.39
C GLU C 319 -4.46 -28.73 28.67
N GLY C 320 -3.51 -28.23 29.46
CA GLY C 320 -2.29 -27.69 28.89
C GLY C 320 -1.32 -28.75 28.44
N TYR C 321 -1.66 -29.47 27.37
CA TYR C 321 -0.82 -30.54 26.84
C TYR C 321 -0.91 -30.52 25.32
N ILE C 322 0.03 -31.21 24.69
CA ILE C 322 0.13 -31.28 23.24
C ILE C 322 -0.24 -32.69 22.80
N VAL C 323 -1.13 -32.79 21.81
CA VAL C 323 -1.57 -34.09 21.32
C VAL C 323 -0.74 -34.49 20.10
N ARG C 324 -0.79 -33.68 19.05
CA ARG C 324 -0.07 -33.97 17.82
C ARG C 324 0.72 -32.73 17.38
N ALA C 325 1.80 -32.96 16.65
CA ALA C 325 2.72 -31.89 16.29
C ALA C 325 3.42 -32.25 14.98
N SER C 326 2.96 -31.66 13.89
CA SER C 326 3.63 -31.88 12.61
C SER C 326 4.95 -31.14 12.57
N ASP C 327 5.92 -31.69 11.84
CA ASP C 327 7.23 -31.09 11.68
C ASP C 327 7.32 -30.43 10.31
N CYS C 328 7.50 -29.11 10.29
CA CYS C 328 7.53 -28.34 9.06
C CYS C 328 8.87 -28.58 8.38
N GLY C 329 8.92 -29.60 7.54
CA GLY C 329 10.13 -29.87 6.79
C GLY C 329 10.47 -31.33 6.60
N ALA C 330 9.68 -32.23 7.19
CA ALA C 330 9.88 -33.66 6.96
C ALA C 330 9.59 -34.02 5.51
N ASN C 331 8.47 -33.55 4.97
CA ASN C 331 8.16 -33.68 3.57
C ASN C 331 7.31 -32.49 3.15
N ASP C 332 7.00 -32.42 1.86
CA ASP C 332 6.37 -31.25 1.28
C ASP C 332 4.95 -31.05 1.80
N TYR C 333 4.23 -32.15 2.05
CA TYR C 333 2.88 -32.07 2.60
C TYR C 333 2.90 -31.45 3.99
N THR C 334 3.92 -31.76 4.79
CA THR C 334 4.02 -31.10 6.10
C THR C 334 4.42 -29.63 5.96
N GLN C 335 5.18 -29.27 4.92
CA GLN C 335 5.44 -27.86 4.65
C GLN C 335 4.15 -27.12 4.37
N LEU C 336 3.25 -27.72 3.58
CA LEU C 336 1.93 -27.12 3.38
C LEU C 336 1.13 -27.08 4.68
N GLN C 337 1.16 -28.16 5.46
CA GLN C 337 0.39 -28.23 6.69
C GLN C 337 0.85 -27.18 7.69
N CYS C 338 2.10 -26.77 7.63
CA CYS C 338 2.57 -25.66 8.45
C CYS C 338 2.36 -24.31 7.79
N SER C 339 2.35 -24.26 6.46
CA SER C 339 2.15 -23.00 5.75
C SER C 339 0.73 -22.49 5.91
N TYR C 340 -0.25 -23.39 5.88
CA TYR C 340 -1.65 -23.00 6.01
C TYR C 340 -2.10 -22.92 7.46
N GLY C 341 -1.33 -23.43 8.40
CA GLY C 341 -1.62 -23.22 9.81
C GLY C 341 -2.67 -24.12 10.41
N GLN C 342 -3.08 -25.19 9.72
CA GLN C 342 -4.04 -26.13 10.29
C GLN C 342 -3.70 -27.54 9.83
N PHE C 343 -4.13 -28.52 10.64
CA PHE C 343 -3.81 -29.91 10.38
C PHE C 343 -4.52 -30.44 9.15
N ASP C 344 -5.73 -29.95 8.86
CA ASP C 344 -6.60 -30.54 7.86
C ASP C 344 -6.64 -29.62 6.65
N MET C 345 -6.32 -30.18 5.48
CA MET C 345 -6.28 -29.45 4.23
C MET C 345 -7.29 -30.08 3.28
N ASN C 346 -8.12 -29.24 2.65
CA ASN C 346 -9.04 -29.73 1.64
C ASN C 346 -8.28 -30.35 0.48
N SER C 347 -8.90 -31.34 -0.15
CA SER C 347 -8.23 -32.09 -1.21
C SER C 347 -8.11 -31.22 -2.46
N GLY C 348 -6.89 -31.12 -2.98
CA GLY C 348 -6.63 -30.29 -4.14
C GLY C 348 -5.15 -30.19 -4.42
N VAL C 349 -4.79 -29.77 -5.62
CA VAL C 349 -3.39 -29.59 -5.98
C VAL C 349 -2.93 -28.23 -5.49
N TYR C 350 -1.81 -28.20 -4.79
CA TYR C 350 -1.26 -26.97 -4.25
C TYR C 350 0.05 -26.63 -4.95
N SER C 351 0.68 -25.55 -4.51
CA SER C 351 1.97 -25.14 -5.05
C SER C 351 2.67 -24.29 -4.00
N ALA C 352 3.73 -24.83 -3.39
CA ALA C 352 4.44 -24.11 -2.36
C ALA C 352 5.85 -24.68 -2.23
N SER C 353 6.70 -23.92 -1.54
CA SER C 353 8.02 -24.35 -1.08
C SER C 353 8.93 -24.75 -2.24
N TYR C 354 9.33 -23.74 -3.00
CA TYR C 354 10.45 -23.91 -3.93
C TYR C 354 11.69 -24.32 -3.16
N PHE C 355 12.39 -25.34 -3.64
CA PHE C 355 13.67 -25.72 -3.08
C PHE C 355 14.79 -25.16 -3.95
N ASN C 356 15.71 -24.44 -3.33
CA ASN C 356 16.88 -23.90 -3.99
C ASN C 356 18.10 -24.74 -3.65
N ALA C 357 18.91 -25.05 -4.66
CA ALA C 357 20.10 -25.86 -4.45
C ALA C 357 21.15 -25.07 -3.67
N GLN C 358 21.73 -25.70 -2.67
CA GLN C 358 22.77 -25.05 -1.88
C GLN C 358 24.05 -24.90 -2.71
N PRO C 359 24.81 -23.83 -2.48
CA PRO C 359 26.10 -23.68 -3.16
C PRO C 359 27.06 -24.79 -2.76
N ARG C 360 27.84 -25.26 -3.73
CA ARG C 360 28.69 -26.44 -3.56
C ARG C 360 30.05 -26.16 -4.19
N GLY C 361 30.98 -25.67 -3.38
CA GLY C 361 32.31 -25.34 -3.83
C GLY C 361 32.71 -23.95 -3.39
N TYR C 362 33.90 -23.55 -3.84
CA TYR C 362 34.43 -22.23 -3.55
C TYR C 362 35.41 -21.85 -4.64
N TYR C 363 35.39 -20.58 -5.02
CA TYR C 363 36.29 -20.06 -6.03
C TYR C 363 36.89 -18.75 -5.55
N TYR C 364 38.12 -18.47 -5.97
CA TYR C 364 38.83 -17.29 -5.49
C TYR C 364 39.90 -16.92 -6.51
N VAL C 365 39.85 -15.68 -7.00
CA VAL C 365 40.84 -15.19 -7.95
C VAL C 365 41.61 -14.03 -7.32
N ALA C 366 40.89 -12.98 -6.95
CA ALA C 366 41.41 -11.72 -6.43
C ALA C 366 42.42 -11.16 -7.42
N ASN C 367 43.47 -10.51 -6.94
CA ASN C 367 44.55 -10.00 -7.79
C ASN C 367 45.78 -9.84 -6.93
N GLU C 368 46.92 -9.66 -7.58
CA GLU C 368 48.17 -9.37 -6.88
C GLU C 368 48.28 -7.87 -6.72
N LEU C 369 47.93 -7.37 -5.53
CA LEU C 369 47.89 -5.94 -5.27
C LEU C 369 49.12 -5.52 -4.47
N GLU C 370 49.46 -4.24 -4.60
CA GLU C 370 50.54 -3.68 -3.79
C GLU C 370 50.06 -3.45 -2.37
N GLU C 371 51.01 -3.44 -1.45
CA GLU C 371 50.72 -3.02 -0.09
C GLU C 371 50.38 -1.54 -0.07
N CYS C 372 49.34 -1.18 0.66
CA CYS C 372 48.82 0.18 0.63
C CYS C 372 49.72 1.09 1.45
N ALA C 373 50.15 2.20 0.85
CA ALA C 373 51.11 3.11 1.48
C ALA C 373 50.38 4.02 2.48
N LEU C 374 49.93 3.41 3.56
CA LEU C 374 49.19 4.12 4.60
C LEU C 374 50.10 4.66 5.71
N ASP C 375 51.40 4.35 5.65
CA ASP C 375 52.33 4.93 6.61
C ASP C 375 52.46 6.43 6.46
N VAL C 376 52.13 6.97 5.27
CA VAL C 376 52.10 8.41 5.09
C VAL C 376 50.96 9.04 5.87
N LEU C 377 50.00 8.25 6.35
CA LEU C 377 49.02 8.78 7.30
C LEU C 377 49.65 9.10 8.65
N PHE C 378 50.80 8.50 8.98
CA PHE C 378 51.51 8.79 10.21
C PHE C 378 52.91 9.31 9.98
N LYS C 379 53.24 9.73 8.77
CA LYS C 379 54.58 10.23 8.46
C LYS C 379 54.58 11.76 8.40
N ASN C 380 55.78 12.33 8.55
CA ASN C 380 56.07 13.77 8.51
C ASN C 380 55.28 14.47 9.61
N ILE C 381 54.99 15.76 9.42
CA ILE C 381 54.29 16.53 10.45
C ILE C 381 52.79 16.30 10.33
N ALA C 382 52.07 16.68 11.38
CA ALA C 382 50.62 16.58 11.38
C ALA C 382 50.02 17.77 10.65
N PRO C 383 49.24 17.57 9.60
CA PRO C 383 48.70 18.71 8.85
C PRO C 383 47.57 19.39 9.61
N GLN C 384 47.58 20.72 9.56
CA GLN C 384 46.53 21.49 10.21
C GLN C 384 45.25 21.44 9.38
N ILE C 385 44.14 21.84 10.01
CA ILE C 385 42.84 21.68 9.39
C ILE C 385 42.66 22.62 8.20
N ALA C 386 43.22 23.84 8.29
CA ALA C 386 43.08 24.82 7.21
C ALA C 386 43.77 24.39 5.93
N ASN C 387 44.79 23.53 6.02
CA ASN C 387 45.50 22.98 4.87
C ASN C 387 45.57 21.46 5.01
N TYR C 388 44.42 20.84 5.26
CA TYR C 388 44.36 19.40 5.46
C TYR C 388 44.67 18.66 4.16
N SER C 389 45.37 17.54 4.29
CA SER C 389 45.83 16.77 3.14
C SER C 389 44.88 15.63 2.85
N ARG C 390 44.81 15.24 1.58
CA ARG C 390 43.94 14.18 1.12
C ARG C 390 44.73 13.23 0.24
N ARG C 391 44.52 11.93 0.43
CA ARG C 391 45.13 10.91 -0.41
C ARG C 391 44.06 9.94 -0.88
N VAL C 392 44.19 9.50 -2.13
CA VAL C 392 43.25 8.55 -2.73
C VAL C 392 44.01 7.27 -3.01
N PHE C 393 43.52 6.16 -2.44
CA PHE C 393 44.19 4.87 -2.56
C PHE C 393 43.34 3.94 -3.41
N THR C 394 43.92 3.44 -4.49
CA THR C 394 43.27 2.50 -5.39
C THR C 394 44.25 1.38 -5.73
N ASN C 395 43.70 0.17 -5.91
CA ASN C 395 44.47 -1.05 -6.17
C ASN C 395 45.53 -1.27 -5.09
N CYS C 396 45.09 -1.22 -3.83
CA CYS C 396 45.99 -1.39 -2.71
C CYS C 396 45.37 -2.30 -1.66
N ASN C 397 46.22 -2.96 -0.89
CA ASN C 397 45.81 -3.85 0.20
C ASN C 397 46.41 -3.34 1.50
N TYR C 398 45.58 -3.25 2.54
CA TYR C 398 45.99 -2.69 3.81
C TYR C 398 45.76 -3.69 4.93
N ASN C 399 46.74 -3.81 5.83
CA ASN C 399 46.68 -4.69 6.98
C ASN C 399 46.28 -3.84 8.19
N LEU C 400 45.06 -4.04 8.68
CA LEU C 400 44.52 -3.13 9.69
C LEU C 400 45.08 -3.36 11.08
N THR C 401 45.57 -4.56 11.39
CA THR C 401 46.17 -4.81 12.69
C THR C 401 47.45 -3.99 12.87
N LYS C 402 48.26 -3.88 11.82
CA LYS C 402 49.48 -3.08 11.87
C LYS C 402 49.19 -1.59 11.95
N LEU C 403 47.97 -1.16 11.63
CA LEU C 403 47.58 0.24 11.68
C LEU C 403 46.95 0.61 13.03
N LEU C 404 45.92 -0.13 13.43
CA LEU C 404 45.17 0.19 14.64
C LEU C 404 45.93 -0.10 15.91
N SER C 405 47.08 -0.77 15.83
CA SER C 405 47.96 -0.87 16.99
C SER C 405 48.69 0.44 17.25
N LEU C 406 48.70 1.34 16.27
CA LEU C 406 49.42 2.61 16.40
C LEU C 406 48.55 3.73 16.98
N VAL C 407 47.23 3.65 16.84
CA VAL C 407 46.35 4.72 17.27
C VAL C 407 45.47 4.22 18.40
N GLU C 408 44.86 5.18 19.09
CA GLU C 408 43.90 4.92 20.16
C GLU C 408 42.59 5.60 19.77
N VAL C 409 41.63 4.80 19.33
CA VAL C 409 40.39 5.34 18.76
C VAL C 409 39.53 5.93 19.88
N ASP C 410 38.70 6.91 19.51
CA ASP C 410 37.80 7.55 20.47
C ASP C 410 36.60 8.10 19.70
N GLU C 411 35.47 7.40 19.81
CA GLU C 411 34.15 7.87 19.35
C GLU C 411 34.14 8.16 17.85
N PHE C 412 34.34 7.12 17.06
CA PHE C 412 34.00 7.17 15.64
C PHE C 412 32.49 7.23 15.48
N VAL C 413 32.03 7.96 14.47
CA VAL C 413 30.61 8.02 14.15
C VAL C 413 30.44 8.11 12.65
N CYS C 414 29.58 7.24 12.08
CA CYS C 414 29.43 7.14 10.64
C CYS C 414 28.23 6.31 10.25
N ASP C 415 27.81 6.53 9.00
CA ASP C 415 26.62 5.94 8.42
C ASP C 415 26.96 5.29 7.08
N LYS C 416 26.08 4.39 6.66
CA LYS C 416 26.10 3.58 5.43
C LYS C 416 27.21 2.53 5.41
N THR C 417 28.08 2.50 6.41
CA THR C 417 29.14 1.49 6.49
C THR C 417 29.62 1.42 7.93
N THR C 418 30.38 0.38 8.23
CA THR C 418 30.91 0.14 9.56
C THR C 418 32.39 -0.21 9.47
N PRO C 419 33.16 0.07 10.53
CA PRO C 419 34.58 -0.30 10.51
C PRO C 419 34.85 -1.78 10.33
N GLU C 420 33.96 -2.64 10.83
CA GLU C 420 34.11 -4.07 10.61
C GLU C 420 33.97 -4.41 9.12
N SER C 421 33.08 -3.72 8.43
CA SER C 421 32.93 -3.92 6.99
C SER C 421 34.15 -3.43 6.22
N LEU C 422 34.78 -2.34 6.68
CA LEU C 422 36.01 -1.89 6.04
C LEU C 422 37.15 -2.87 6.30
N ALA C 423 37.20 -3.47 7.49
CA ALA C 423 38.23 -4.44 7.80
C ALA C 423 37.97 -5.79 7.18
N THR C 424 36.75 -6.06 6.69
CA THR C 424 36.43 -7.35 6.10
C THR C 424 36.08 -7.25 4.62
N GLY C 425 35.13 -6.39 4.25
CA GLY C 425 34.68 -6.33 2.88
C GLY C 425 35.64 -5.59 1.97
N CYS C 426 35.37 -5.71 0.67
CA CYS C 426 36.18 -5.06 -0.36
C CYS C 426 35.33 -4.06 -1.12
N TYR C 427 35.91 -2.89 -1.39
CA TYR C 427 35.23 -1.82 -2.08
C TYR C 427 36.06 -1.36 -3.27
N SER C 428 35.60 -0.31 -3.93
CA SER C 428 36.23 0.13 -5.17
C SER C 428 37.34 1.16 -4.95
N SER C 429 37.07 2.21 -4.19
CA SER C 429 38.04 3.26 -3.97
C SER C 429 37.99 3.71 -2.53
N LEU C 430 39.12 4.25 -2.05
CA LEU C 430 39.25 4.69 -0.66
C LEU C 430 39.88 6.06 -0.65
N VAL C 431 39.16 7.05 -0.13
CA VAL C 431 39.64 8.42 -0.04
C VAL C 431 39.75 8.78 1.43
N VAL C 432 40.95 9.16 1.85
CA VAL C 432 41.24 9.40 3.27
C VAL C 432 41.71 10.84 3.44
N ASP C 433 41.02 11.57 4.30
CA ASP C 433 41.46 12.89 4.76
C ASP C 433 41.87 12.80 6.21
N TRP C 434 42.85 13.61 6.60
CA TRP C 434 43.28 13.64 7.99
C TRP C 434 43.82 15.01 8.35
N PHE C 435 43.54 15.44 9.57
CA PHE C 435 44.01 16.72 10.08
C PHE C 435 43.97 16.66 11.61
N ALA C 436 44.60 17.64 12.23
CA ALA C 436 44.70 17.69 13.68
C ALA C 436 43.57 18.54 14.26
N LEU C 437 42.88 18.00 15.25
CA LEU C 437 41.79 18.70 15.91
C LEU C 437 41.64 18.11 17.30
N PRO C 438 41.55 18.93 18.34
CA PRO C 438 41.43 18.40 19.69
C PRO C 438 40.08 17.74 19.92
N LEU C 439 40.07 16.83 20.90
CA LEU C 439 38.83 16.14 21.24
C LEU C 439 37.85 17.05 21.99
N SER C 440 38.30 18.21 22.47
CA SER C 440 37.39 19.15 23.12
C SER C 440 36.42 19.77 22.13
N MET C 441 36.74 19.77 20.83
CA MET C 441 35.85 20.27 19.80
C MET C 441 35.48 19.17 18.82
N LYS C 442 35.20 17.98 19.34
CA LYS C 442 34.75 16.89 18.49
C LYS C 442 33.34 17.10 17.98
N SER C 443 32.53 17.91 18.66
CA SER C 443 31.19 18.21 18.23
C SER C 443 31.13 19.28 17.14
N THR C 444 32.27 19.92 16.85
CA THR C 444 32.30 20.91 15.78
C THR C 444 32.11 20.27 14.42
N LEU C 445 32.65 19.07 14.24
CA LEU C 445 32.50 18.33 12.98
C LEU C 445 31.21 17.53 12.92
N ALA C 446 30.39 17.55 13.96
CA ALA C 446 29.13 16.85 13.92
C ALA C 446 28.19 17.49 12.91
N ILE C 447 27.31 16.67 12.34
CA ILE C 447 26.45 17.11 11.26
C ILE C 447 25.40 18.10 11.79
N GLY C 448 25.25 19.22 11.10
CA GLY C 448 24.33 20.25 11.51
C GLY C 448 24.93 21.34 12.39
N SER C 449 26.20 21.24 12.76
CA SER C 449 26.83 22.26 13.58
C SER C 449 26.99 23.56 12.80
N ALA C 450 27.02 24.66 13.54
CA ALA C 450 27.04 26.00 12.94
C ALA C 450 28.30 26.78 13.28
N GLU C 451 29.38 26.10 13.65
CA GLU C 451 30.61 26.80 13.95
C GLU C 451 31.38 27.09 12.66
N ALA C 452 32.53 27.75 12.81
CA ALA C 452 33.30 28.20 11.67
C ALA C 452 34.05 27.08 10.96
N ILE C 453 34.29 25.95 11.64
CA ILE C 453 35.03 24.85 11.03
C ILE C 453 34.17 24.17 9.97
N SER C 454 32.91 23.89 10.29
CA SER C 454 32.03 23.23 9.34
C SER C 454 31.59 24.14 8.21
N MET C 455 31.83 25.45 8.30
CA MET C 455 31.41 26.40 7.29
C MET C 455 32.53 26.75 6.33
N PHE C 456 33.66 27.23 6.85
CA PHE C 456 34.77 27.70 6.02
C PHE C 456 35.89 26.67 5.86
N ASN C 457 36.20 25.92 6.91
CA ASN C 457 37.16 24.83 6.82
C ASN C 457 36.48 23.59 6.25
N TYR C 458 37.10 22.43 6.43
CA TYR C 458 36.63 21.16 5.87
C TYR C 458 35.18 20.86 6.23
N ASN C 459 34.35 20.75 5.19
CA ASN C 459 32.94 20.39 5.31
C ASN C 459 32.74 19.01 4.73
N GLN C 460 32.17 18.10 5.52
CA GLN C 460 32.10 16.70 5.13
C GLN C 460 31.03 16.47 4.07
N ASP C 461 31.34 15.58 3.13
CA ASP C 461 30.39 15.14 2.12
C ASP C 461 29.76 13.83 2.58
N TYR C 462 28.42 13.81 2.62
CA TYR C 462 27.68 12.66 3.15
C TYR C 462 26.96 11.87 2.07
N SER C 463 27.25 12.13 0.80
CA SER C 463 26.61 11.39 -0.28
C SER C 463 27.23 10.02 -0.51
N ASN C 464 28.37 9.75 0.11
CA ASN C 464 29.09 8.49 -0.02
C ASN C 464 29.34 7.93 1.37
N PRO C 465 29.53 6.60 1.49
CA PRO C 465 29.80 6.02 2.81
C PRO C 465 31.10 6.52 3.42
N THR C 466 30.98 7.33 4.46
CA THR C 466 32.13 7.92 5.14
C THR C 466 32.34 7.22 6.47
N CYS C 467 33.49 7.46 7.08
CA CYS C 467 33.67 7.14 8.50
C CYS C 467 34.67 8.08 9.12
N ARG C 468 34.17 9.03 9.91
CA ARG C 468 35.02 9.93 10.68
C ARG C 468 35.53 9.23 11.92
N ILE C 469 36.85 9.29 12.13
CA ILE C 469 37.50 8.64 13.26
C ILE C 469 38.30 9.69 14.01
N HIS C 470 38.04 9.83 15.30
CA HIS C 470 38.82 10.71 16.17
C HIS C 470 39.80 9.83 16.93
N ALA C 471 41.04 9.81 16.47
CA ALA C 471 42.07 8.95 17.04
C ALA C 471 43.13 9.79 17.75
N THR C 472 43.62 9.26 18.87
CA THR C 472 44.68 9.91 19.65
C THR C 472 45.94 9.07 19.53
N ILE C 473 46.99 9.66 18.97
CA ILE C 473 48.27 8.98 18.81
C ILE C 473 49.13 9.26 20.03
N ASN C 474 49.51 8.20 20.74
CA ASN C 474 50.22 8.36 22.01
C ASN C 474 51.65 8.82 21.75
N SER C 475 52.30 9.29 22.81
CA SER C 475 53.56 10.01 22.67
C SER C 475 54.71 9.10 22.28
N ASN C 476 54.73 7.87 22.80
CA ASN C 476 55.83 6.95 22.51
C ASN C 476 55.85 6.55 21.05
N VAL C 477 54.70 6.12 20.52
CA VAL C 477 54.65 5.72 19.12
C VAL C 477 54.75 6.94 18.20
N SER C 478 54.42 8.14 18.69
CA SER C 478 54.60 9.33 17.88
C SER C 478 56.07 9.69 17.77
N SER C 479 56.82 9.55 18.87
CA SER C 479 58.26 9.77 18.82
C SER C 479 58.99 8.66 18.08
N SER C 480 58.37 7.49 17.95
CA SER C 480 59.03 6.40 17.23
C SER C 480 59.09 6.68 15.73
N LEU C 481 57.96 7.02 15.11
CA LEU C 481 57.89 7.16 13.66
C LEU C 481 57.95 8.62 13.20
N ASN C 482 58.63 9.49 13.96
CA ASN C 482 58.88 10.89 13.60
C ASN C 482 57.60 11.67 13.37
N PHE C 483 56.77 11.76 14.40
CA PHE C 483 55.51 12.50 14.37
C PHE C 483 55.64 13.69 15.31
N THR C 484 55.64 14.89 14.76
CA THR C 484 55.84 16.11 15.52
C THR C 484 54.70 17.08 15.27
N ALA C 485 54.62 18.11 16.12
CA ALA C 485 53.67 19.19 15.98
C ALA C 485 54.42 20.51 15.97
N ASN C 486 54.10 21.36 14.99
CA ASN C 486 54.80 22.62 14.79
C ASN C 486 54.23 23.78 15.60
N ASN C 487 53.06 23.58 16.23
CA ASN C 487 52.36 24.61 17.02
C ASN C 487 52.09 25.87 16.19
N ASN C 488 51.71 25.66 14.94
CA ASN C 488 51.23 26.74 14.08
C ASN C 488 49.87 26.36 13.51
N TYR C 489 49.01 25.84 14.37
CA TYR C 489 47.75 25.21 13.95
C TYR C 489 46.62 26.20 14.10
N ALA C 490 45.91 26.46 13.00
CA ALA C 490 44.82 27.42 13.01
C ALA C 490 43.79 27.03 11.97
N TYR C 491 42.58 27.54 12.14
CA TYR C 491 41.49 27.31 11.20
C TYR C 491 40.92 28.64 10.77
N ILE C 492 40.24 28.64 9.63
CA ILE C 492 39.67 29.86 9.07
C ILE C 492 38.39 30.19 9.82
N SER C 493 38.32 31.38 10.41
CA SER C 493 37.15 31.81 11.15
C SER C 493 36.27 32.77 10.38
N ARG C 494 36.75 33.33 9.28
CA ARG C 494 35.94 34.19 8.42
C ARG C 494 36.53 34.15 7.02
N CYS C 495 35.65 34.13 6.02
CA CYS C 495 36.07 34.13 4.62
C CYS C 495 35.01 34.91 3.84
N GLN C 496 35.24 36.19 3.65
CA GLN C 496 34.28 37.09 3.03
C GLN C 496 34.82 37.59 1.70
N GLY C 497 33.90 37.92 0.80
CA GLY C 497 34.24 38.55 -0.45
C GLY C 497 34.29 40.06 -0.31
N THR C 498 34.31 40.73 -1.47
CA THR C 498 34.31 42.18 -1.47
C THR C 498 32.96 42.75 -1.06
N ASP C 499 31.86 42.05 -1.37
CA ASP C 499 30.54 42.58 -1.10
C ASP C 499 30.20 42.56 0.39
N GLY C 500 30.76 41.62 1.13
CA GLY C 500 30.44 41.51 2.55
C GLY C 500 29.52 40.35 2.86
N LYS C 501 29.75 39.21 2.20
CA LYS C 501 29.01 37.99 2.45
C LYS C 501 29.98 36.84 2.62
N PRO C 502 29.66 35.87 3.49
CA PRO C 502 30.56 34.73 3.68
C PRO C 502 30.55 33.82 2.46
N ILE C 503 31.68 33.12 2.28
CA ILE C 503 31.85 32.19 1.18
C ILE C 503 31.82 30.79 1.77
N LEU C 504 30.65 30.17 1.75
CA LEU C 504 30.50 28.81 2.25
C LEU C 504 31.21 27.83 1.32
N LEU C 505 31.85 26.84 1.91
CA LEU C 505 32.61 25.86 1.14
C LEU C 505 31.68 24.70 0.76
N GLN C 506 31.73 24.31 -0.51
CA GLN C 506 30.94 23.18 -0.98
C GLN C 506 31.42 21.88 -0.33
N LYS C 507 30.51 20.91 -0.26
CA LYS C 507 30.77 19.68 0.47
C LYS C 507 31.85 18.85 -0.21
N GLY C 508 32.76 18.32 0.61
CA GLY C 508 33.81 17.45 0.12
C GLY C 508 34.83 18.11 -0.78
N GLN C 509 35.21 19.34 -0.46
CA GLN C 509 36.22 20.05 -1.24
C GLN C 509 37.20 20.73 -0.30
N LEU C 510 38.40 20.97 -0.81
CA LEU C 510 39.41 21.70 -0.08
C LEU C 510 38.98 23.17 0.05
N PRO C 511 39.44 23.88 1.10
CA PRO C 511 38.96 25.24 1.32
C PRO C 511 39.36 26.20 0.21
N ASN C 512 38.77 27.39 0.26
CA ASN C 512 39.02 28.40 -0.76
C ASN C 512 40.49 28.82 -0.73
N ILE C 513 41.10 28.86 -1.92
CA ILE C 513 42.55 29.02 -2.00
C ILE C 513 42.98 30.40 -1.53
N ALA C 514 42.14 31.42 -1.72
CA ALA C 514 42.48 32.76 -1.25
C ALA C 514 42.49 32.82 0.27
N CYS C 515 41.43 32.32 0.90
CA CYS C 515 41.36 32.35 2.36
C CYS C 515 42.36 31.40 2.98
N ARG C 516 42.62 30.26 2.32
CA ARG C 516 43.63 29.33 2.83
C ARG C 516 45.03 29.96 2.78
N SER C 517 45.37 30.61 1.66
CA SER C 517 46.67 31.26 1.55
C SER C 517 46.80 32.41 2.54
N GLY C 518 45.72 33.17 2.74
CA GLY C 518 45.77 34.26 3.70
C GLY C 518 45.90 33.78 5.14
N VAL C 519 45.21 32.69 5.48
CA VAL C 519 45.32 32.15 6.83
C VAL C 519 46.72 31.58 7.07
N LEU C 520 47.27 30.87 6.08
CA LEU C 520 48.60 30.29 6.25
C LEU C 520 49.67 31.37 6.24
N GLY C 521 49.42 32.51 5.60
CA GLY C 521 50.41 33.58 5.58
C GLY C 521 50.62 34.23 6.94
N LEU C 522 49.53 34.43 7.68
CA LEU C 522 49.59 35.17 8.94
C LEU C 522 50.28 34.36 10.03
N SER C 523 50.76 35.07 11.04
CA SER C 523 51.44 34.46 12.17
C SER C 523 50.73 34.71 13.50
N ASN C 524 49.59 35.40 13.50
CA ASN C 524 48.88 35.69 14.73
C ASN C 524 47.41 35.31 14.60
N ASP C 525 46.58 35.74 15.54
CA ASP C 525 45.15 35.51 15.51
C ASP C 525 44.45 36.84 15.25
N VAL C 526 43.64 36.88 14.19
CA VAL C 526 42.87 38.07 13.83
C VAL C 526 41.43 37.65 13.57
N ASP C 527 40.53 38.63 13.67
CA ASP C 527 39.11 38.38 13.44
C ASP C 527 38.64 38.91 12.10
N TYR C 528 39.02 40.13 11.75
CA TYR C 528 38.63 40.76 10.48
C TYR C 528 39.88 41.40 9.93
N PHE C 529 40.50 40.75 8.94
CA PHE C 529 41.76 41.21 8.37
C PHE C 529 41.64 41.25 6.86
N GLY C 530 42.01 42.39 6.27
CA GLY C 530 41.99 42.51 4.83
C GLY C 530 43.21 41.84 4.21
N TYR C 531 42.97 41.09 3.13
CA TYR C 531 44.02 40.38 2.43
C TYR C 531 43.90 40.68 0.94
N ASN C 532 45.04 40.92 0.30
CA ASN C 532 45.08 41.24 -1.13
C ASN C 532 45.62 40.03 -1.86
N PHE C 533 44.72 39.11 -2.22
CA PHE C 533 45.07 37.93 -2.99
C PHE C 533 44.84 38.24 -4.46
N ASN C 534 45.91 38.15 -5.26
CA ASN C 534 45.88 38.21 -6.73
C ASN C 534 45.52 39.61 -7.25
N GLY C 535 45.18 40.52 -6.34
CA GLY C 535 44.64 41.81 -6.71
C GLY C 535 43.20 42.03 -6.29
N ARG C 536 42.62 41.11 -5.52
CA ARG C 536 41.25 41.23 -5.02
C ARG C 536 41.29 41.32 -3.50
N ILE C 537 40.31 42.04 -2.94
CA ILE C 537 40.21 42.23 -1.51
C ILE C 537 39.46 41.05 -0.91
N PHE C 538 40.07 40.38 0.06
CA PHE C 538 39.46 39.25 0.76
C PHE C 538 39.58 39.50 2.25
N TYR C 539 38.46 39.66 2.92
CA TYR C 539 38.43 39.84 4.37
C TYR C 539 38.42 38.46 5.02
N ILE C 540 39.50 38.13 5.73
CA ILE C 540 39.69 36.79 6.28
C ILE C 540 39.81 36.87 7.79
N GLY C 541 39.95 35.71 8.43
CA GLY C 541 40.14 35.64 9.87
C GLY C 541 40.78 34.34 10.31
N ARG C 542 41.83 34.42 11.11
CA ARG C 542 42.59 33.25 11.54
C ARG C 542 42.47 33.10 13.04
N LYS C 543 42.15 31.89 13.50
CA LYS C 543 42.03 31.58 14.92
C LYS C 543 42.79 30.30 15.21
N SER C 544 43.73 30.37 16.14
CA SER C 544 44.60 29.24 16.45
C SER C 544 43.94 28.28 17.42
N TYR C 545 44.56 27.11 17.59
CA TYR C 545 44.12 26.14 18.58
C TYR C 545 45.30 25.25 18.95
N THR C 546 45.18 24.59 20.10
CA THR C 546 46.24 23.70 20.57
C THR C 546 46.14 22.36 19.85
N PRO C 547 47.18 21.93 19.14
CA PRO C 547 47.05 20.70 18.34
C PRO C 547 47.10 19.42 19.17
N ARG C 548 47.84 19.42 20.27
CA ARG C 548 48.05 18.22 21.05
C ARG C 548 47.83 18.50 22.52
N THR C 549 47.68 17.41 23.29
CA THR C 549 47.43 17.51 24.72
C THR C 549 48.70 17.86 25.47
N SER C 550 48.59 17.95 26.80
CA SER C 550 49.71 18.39 27.62
C SER C 550 50.83 17.34 27.65
N GLU C 551 50.48 16.07 27.73
CA GLU C 551 51.48 15.01 27.85
C GLU C 551 52.20 14.72 26.54
N GLY C 552 51.74 15.26 25.43
CA GLY C 552 52.40 15.09 24.16
C GLY C 552 51.74 14.14 23.18
N SER C 553 50.44 13.89 23.31
CA SER C 553 49.71 13.01 22.41
C SER C 553 48.94 13.86 21.41
N ILE C 554 49.23 13.67 20.13
CA ILE C 554 48.58 14.43 19.06
C ILE C 554 47.19 13.84 18.83
N GLN C 555 46.16 14.67 18.90
CA GLN C 555 44.78 14.25 18.72
C GLN C 555 44.41 14.41 17.24
N MET C 556 44.36 13.30 16.52
CA MET C 556 44.02 13.30 15.11
C MET C 556 42.52 13.19 14.88
N VAL C 557 42.11 13.57 13.67
CA VAL C 557 40.79 13.28 13.15
C VAL C 557 40.96 12.67 11.77
N TYR C 558 40.50 11.43 11.61
CA TYR C 558 40.68 10.67 10.37
C TYR C 558 39.34 10.45 9.71
N VAL C 559 39.16 10.98 8.51
CA VAL C 559 37.94 10.80 7.74
C VAL C 559 38.24 9.81 6.63
N ILE C 560 37.43 8.76 6.55
CA ILE C 560 37.63 7.68 5.60
C ILE C 560 36.36 7.56 4.77
N THR C 561 36.49 7.76 3.46
CA THR C 561 35.38 7.64 2.53
C THR C 561 35.60 6.42 1.65
N ALA C 562 34.67 5.48 1.70
CA ALA C 562 34.78 4.25 0.92
C ALA C 562 33.72 4.25 -0.17
N ASN C 563 34.14 4.06 -1.40
CA ASN C 563 33.25 4.05 -2.55
C ASN C 563 32.94 2.61 -2.93
N TYR C 564 31.67 2.23 -2.84
CA TYR C 564 31.20 0.94 -3.32
C TYR C 564 30.62 1.14 -4.71
N ALA C 565 31.36 0.72 -5.73
CA ALA C 565 30.94 0.88 -7.12
C ALA C 565 30.50 -0.46 -7.67
N GLU C 566 29.90 -0.40 -8.87
CA GLU C 566 29.36 -1.60 -9.50
C GLU C 566 30.43 -2.45 -10.15
N GLY C 567 31.63 -1.91 -10.38
CA GLY C 567 32.68 -2.66 -11.03
C GLY C 567 33.35 -3.64 -10.09
N PRO C 568 34.50 -4.18 -10.51
CA PRO C 568 35.28 -5.02 -9.59
C PRO C 568 35.80 -4.19 -8.44
N ASN C 569 35.88 -4.82 -7.27
CA ASN C 569 36.32 -4.17 -6.06
C ASN C 569 37.81 -4.45 -5.88
N ASN C 570 38.64 -3.42 -6.07
CA ASN C 570 40.08 -3.59 -5.98
C ASN C 570 40.58 -3.52 -4.54
N VAL C 571 40.28 -2.41 -3.86
CA VAL C 571 40.81 -2.18 -2.52
C VAL C 571 40.22 -3.21 -1.56
N CYS C 572 41.09 -3.91 -0.85
CA CYS C 572 40.71 -5.04 -0.02
C CYS C 572 41.55 -5.02 1.25
N PRO C 573 41.05 -5.59 2.34
CA PRO C 573 41.92 -5.83 3.49
C PRO C 573 42.80 -7.04 3.27
N LEU C 574 43.97 -7.01 3.90
CA LEU C 574 45.00 -8.02 3.68
C LEU C 574 44.74 -9.19 4.62
N LYS C 575 44.27 -10.31 4.08
CA LYS C 575 43.96 -11.48 4.89
C LYS C 575 44.81 -12.68 4.46
N THR C 581 41.49 -21.63 -4.97
CA THR C 581 40.92 -22.96 -4.81
C THR C 581 40.35 -23.47 -6.12
N ASP C 582 40.93 -24.58 -6.60
CA ASP C 582 40.51 -25.28 -7.82
C ASP C 582 40.52 -24.38 -9.05
N ASN C 583 39.72 -24.73 -10.05
CA ASN C 583 39.63 -23.98 -11.29
C ASN C 583 38.18 -23.94 -11.73
N LEU C 584 37.89 -23.06 -12.69
CA LEU C 584 36.50 -22.88 -13.13
C LEU C 584 36.00 -24.05 -13.97
N ASP C 585 36.87 -24.67 -14.77
CA ASP C 585 36.43 -25.74 -15.65
C ASP C 585 36.01 -26.99 -14.88
N SER C 586 36.59 -27.21 -13.69
CA SER C 586 36.21 -28.35 -12.88
C SER C 586 34.88 -28.15 -12.16
N LEU C 587 34.43 -26.91 -12.02
CA LEU C 587 33.19 -26.58 -11.32
C LEU C 587 32.23 -25.80 -12.23
N LEU C 588 32.18 -26.15 -13.52
CA LEU C 588 31.33 -25.41 -14.44
C LEU C 588 29.86 -25.67 -14.19
N GLY C 589 29.47 -26.95 -14.07
CA GLY C 589 28.07 -27.29 -13.98
C GLY C 589 27.43 -26.99 -12.63
N GLN C 590 28.24 -26.86 -11.58
CA GLN C 590 27.72 -26.69 -10.24
C GLN C 590 27.37 -25.22 -10.00
N CYS C 591 27.03 -24.88 -8.76
CA CYS C 591 26.69 -23.52 -8.37
C CYS C 591 27.66 -23.10 -7.27
N ILE C 592 28.56 -22.18 -7.59
CA ILE C 592 29.69 -21.87 -6.74
C ILE C 592 29.41 -20.57 -5.98
N ASP C 593 30.25 -20.27 -5.00
CA ASP C 593 30.25 -18.99 -4.31
C ASP C 593 31.42 -18.15 -4.85
N TYR C 594 31.13 -16.92 -5.26
CA TYR C 594 32.16 -16.07 -5.83
C TYR C 594 33.07 -15.51 -4.74
N ASP C 595 34.31 -15.26 -5.11
CA ASP C 595 35.19 -14.36 -4.38
C ASP C 595 36.05 -13.56 -5.34
N ILE C 596 35.56 -13.40 -6.57
CA ILE C 596 36.37 -12.87 -7.67
C ILE C 596 36.42 -11.35 -7.58
N ASN C 597 37.61 -10.81 -7.37
CA ASN C 597 37.86 -9.36 -7.35
C ASN C 597 36.99 -8.63 -6.34
N GLY C 598 36.84 -9.22 -5.16
CA GLY C 598 36.10 -8.59 -4.09
C GLY C 598 34.60 -8.69 -4.19
N VAL C 599 34.08 -9.34 -5.23
CA VAL C 599 32.64 -9.51 -5.41
C VAL C 599 32.29 -10.93 -5.00
N VAL C 600 31.37 -11.07 -4.05
CA VAL C 600 30.94 -12.36 -3.56
C VAL C 600 29.48 -12.56 -3.92
N GLY C 601 29.05 -13.82 -3.91
CA GLY C 601 27.68 -14.15 -4.25
C GLY C 601 27.51 -15.62 -4.53
N GLN C 602 26.65 -15.95 -5.48
CA GLN C 602 26.46 -17.33 -5.89
C GLN C 602 26.02 -17.38 -7.34
N GLY C 603 26.26 -18.50 -7.98
CA GLY C 603 25.85 -18.68 -9.36
C GLY C 603 26.65 -19.75 -10.04
N VAL C 604 26.28 -20.01 -11.30
CA VAL C 604 26.93 -21.01 -12.12
C VAL C 604 27.82 -20.31 -13.14
N PHE C 605 28.69 -21.09 -13.77
CA PHE C 605 29.63 -20.57 -14.77
C PHE C 605 29.52 -21.41 -16.03
N GLN C 606 29.46 -20.76 -17.18
CA GLN C 606 29.47 -21.46 -18.46
C GLN C 606 30.35 -20.69 -19.45
N LYS C 607 30.97 -21.43 -20.36
CA LYS C 607 31.88 -20.85 -21.34
C LYS C 607 31.07 -20.30 -22.51
N CYS C 608 30.48 -19.13 -22.31
CA CYS C 608 29.74 -18.47 -23.36
C CYS C 608 30.68 -17.74 -24.30
N ASN C 609 30.13 -17.28 -25.42
CA ASN C 609 30.90 -16.46 -26.35
C ASN C 609 31.15 -15.08 -25.77
N SER C 610 32.29 -14.50 -26.10
CA SER C 610 32.74 -13.27 -25.46
C SER C 610 31.92 -12.08 -25.97
N THR C 611 31.19 -11.45 -25.06
CA THR C 611 30.48 -10.20 -25.33
C THR C 611 30.99 -9.12 -24.39
N GLY C 612 30.85 -7.87 -24.81
CA GLY C 612 31.31 -6.76 -24.01
C GLY C 612 32.78 -6.46 -24.25
N ILE C 613 33.26 -5.43 -23.56
CA ILE C 613 34.65 -5.01 -23.66
C ILE C 613 35.50 -6.03 -22.90
N PRO C 614 36.74 -6.30 -23.33
CA PRO C 614 37.54 -7.31 -22.63
C PRO C 614 38.16 -6.85 -21.32
N SER C 615 38.61 -5.59 -21.26
CA SER C 615 39.46 -5.18 -20.15
C SER C 615 38.66 -5.01 -18.86
N GLN C 616 37.51 -4.36 -18.92
CA GLN C 616 36.65 -4.27 -17.74
C GLN C 616 36.03 -5.65 -17.48
N VAL C 617 36.11 -6.09 -16.22
CA VAL C 617 36.02 -7.51 -15.91
C VAL C 617 34.58 -8.01 -16.01
N PHE C 618 33.64 -7.32 -15.37
CA PHE C 618 32.29 -7.83 -15.23
C PHE C 618 31.34 -7.15 -16.21
N VAL C 619 30.45 -7.93 -16.81
CA VAL C 619 29.41 -7.41 -17.69
C VAL C 619 28.07 -7.55 -16.98
N TYR C 620 27.20 -6.55 -17.16
CA TYR C 620 25.98 -6.42 -16.38
C TYR C 620 24.75 -6.48 -17.28
N ASP C 621 23.58 -6.47 -16.64
CA ASP C 621 22.31 -6.37 -17.33
C ASP C 621 21.62 -5.06 -16.92
N SER C 622 20.38 -4.89 -17.38
CA SER C 622 19.65 -3.65 -17.12
C SER C 622 19.22 -3.52 -15.66
N PHE C 623 19.08 -4.64 -14.94
CA PHE C 623 18.62 -4.64 -13.56
C PHE C 623 19.76 -4.62 -12.56
N HIS C 624 20.95 -4.19 -12.97
CA HIS C 624 22.15 -4.10 -12.13
C HIS C 624 22.53 -5.45 -11.52
N ASN C 625 22.24 -6.53 -12.24
CA ASN C 625 22.57 -7.88 -11.81
C ASN C 625 23.72 -8.40 -12.65
N ILE C 626 24.77 -8.89 -11.99
CA ILE C 626 25.97 -9.32 -12.68
C ILE C 626 25.68 -10.63 -13.43
N ILE C 627 26.05 -10.67 -14.72
CA ILE C 627 25.74 -11.82 -15.55
C ILE C 627 26.97 -12.48 -16.14
N GLY C 628 28.15 -11.88 -16.05
CA GLY C 628 29.32 -12.45 -16.68
C GLY C 628 30.60 -12.02 -16.01
N TYR C 629 31.71 -12.52 -16.52
CA TYR C 629 33.02 -12.30 -15.92
C TYR C 629 34.10 -12.57 -16.97
N HIS C 630 34.90 -11.55 -17.26
CA HIS C 630 36.03 -11.69 -18.17
C HIS C 630 37.25 -12.08 -17.37
N SER C 631 37.76 -13.29 -17.60
CA SER C 631 38.95 -13.73 -16.89
C SER C 631 40.19 -13.03 -17.43
N LYS C 632 41.28 -13.13 -16.68
CA LYS C 632 42.53 -12.53 -17.12
C LYS C 632 43.20 -13.35 -18.22
N ASN C 633 42.79 -14.61 -18.40
CA ASN C 633 43.31 -15.45 -19.48
C ASN C 633 42.54 -15.30 -20.77
N GLY C 634 41.77 -14.23 -20.91
CA GLY C 634 40.98 -14.00 -22.11
C GLY C 634 39.85 -14.99 -22.31
N THR C 635 39.21 -15.41 -21.22
CA THR C 635 38.09 -16.35 -21.28
C THR C 635 36.87 -15.68 -20.66
N TYR C 636 35.73 -15.78 -21.34
CA TYR C 636 34.49 -15.16 -20.89
C TYR C 636 33.59 -16.24 -20.29
N TYR C 637 33.17 -16.02 -19.05
CA TYR C 637 32.28 -16.94 -18.35
C TYR C 637 30.94 -16.25 -18.12
N CYS C 638 29.90 -16.74 -18.77
CA CYS C 638 28.56 -16.23 -18.52
C CYS C 638 28.01 -16.86 -17.25
N MET C 639 27.26 -16.07 -16.47
CA MET C 639 26.83 -16.49 -15.15
C MET C 639 25.32 -16.36 -15.00
N ALA C 640 24.78 -17.16 -14.08
CA ALA C 640 23.36 -17.21 -13.77
C ALA C 640 23.23 -17.83 -12.39
N PRO C 641 22.27 -17.41 -11.57
CA PRO C 641 22.24 -17.87 -10.17
C PRO C 641 21.81 -19.33 -10.00
N CYS C 642 21.84 -19.82 -8.76
CA CYS C 642 21.31 -21.15 -8.46
C CYS C 642 19.82 -21.13 -8.72
N VAL C 643 19.39 -21.82 -9.77
CA VAL C 643 18.00 -21.81 -10.18
C VAL C 643 17.22 -22.87 -9.42
N SER C 644 16.05 -22.49 -8.90
CA SER C 644 15.26 -23.37 -8.06
C SER C 644 14.46 -24.34 -8.91
N VAL C 645 13.75 -25.25 -8.24
CA VAL C 645 12.88 -26.22 -8.90
C VAL C 645 11.44 -25.88 -8.54
N PRO C 646 10.59 -25.53 -9.52
CA PRO C 646 9.18 -25.24 -9.21
C PRO C 646 8.43 -26.53 -8.96
N VAL C 647 7.87 -26.67 -7.76
CA VAL C 647 7.27 -27.93 -7.33
C VAL C 647 5.81 -27.70 -6.98
N SER C 648 5.10 -28.81 -6.83
CA SER C 648 3.69 -28.80 -6.46
C SER C 648 3.43 -30.02 -5.60
N VAL C 649 2.38 -29.92 -4.78
CA VAL C 649 1.98 -31.01 -3.89
C VAL C 649 0.52 -31.35 -4.19
N ILE C 650 0.25 -32.63 -4.34
CA ILE C 650 -1.09 -33.14 -4.65
C ILE C 650 -1.56 -33.90 -3.42
N TYR C 651 -2.58 -33.38 -2.75
CA TYR C 651 -3.11 -33.97 -1.52
C TYR C 651 -4.50 -34.52 -1.77
N ASP C 652 -4.82 -35.64 -1.14
CA ASP C 652 -6.12 -36.29 -1.28
C ASP C 652 -6.69 -36.57 0.09
N LYS C 653 -7.70 -35.81 0.49
CA LYS C 653 -8.39 -36.08 1.74
C LYS C 653 -9.22 -37.35 1.60
N SER C 654 -9.52 -37.96 2.76
CA SER C 654 -10.17 -39.27 2.91
C SER C 654 -9.36 -40.41 2.31
N SER C 655 -8.08 -40.17 1.98
CA SER C 655 -7.16 -41.22 1.58
C SER C 655 -5.79 -41.09 2.25
N ASN C 656 -5.43 -39.90 2.74
CA ASN C 656 -4.17 -39.63 3.44
C ASN C 656 -2.95 -40.02 2.61
N SER C 657 -2.97 -39.61 1.34
CA SER C 657 -1.87 -39.83 0.42
C SER C 657 -1.44 -38.51 -0.18
N HIS C 658 -0.13 -38.31 -0.30
CA HIS C 658 0.41 -37.09 -0.89
C HIS C 658 1.48 -37.47 -1.91
N ALA C 659 1.48 -36.77 -3.04
CA ALA C 659 2.47 -36.97 -4.08
C ALA C 659 3.15 -35.64 -4.37
N THR C 660 4.20 -35.68 -5.18
CA THR C 660 4.95 -34.49 -5.55
C THR C 660 4.97 -34.34 -7.05
N LEU C 661 4.64 -33.15 -7.54
CA LEU C 661 4.68 -32.81 -8.94
C LEU C 661 5.65 -31.67 -9.14
N TYR C 662 6.35 -31.67 -10.27
CA TYR C 662 7.35 -30.66 -10.58
C TYR C 662 6.88 -29.83 -11.76
N GLY C 663 7.12 -28.51 -11.67
CA GLY C 663 6.46 -27.59 -12.59
C GLY C 663 6.92 -27.73 -14.03
N SER C 664 8.23 -27.74 -14.24
CA SER C 664 8.77 -27.97 -15.57
C SER C 664 10.05 -28.80 -15.52
N VAL C 665 10.23 -29.60 -14.48
CA VAL C 665 11.50 -30.28 -14.24
C VAL C 665 11.52 -31.56 -15.06
N ALA C 666 12.59 -31.75 -15.84
CA ALA C 666 12.80 -33.02 -16.51
C ALA C 666 13.51 -34.00 -15.58
N CYS C 667 13.36 -35.29 -15.89
CA CYS C 667 13.90 -36.31 -15.01
C CYS C 667 15.42 -36.30 -14.96
N ASP C 668 16.07 -35.85 -16.05
CA ASP C 668 17.52 -35.70 -16.03
C ASP C 668 17.95 -34.66 -15.01
N HIS C 669 17.25 -33.51 -14.97
CA HIS C 669 17.61 -32.47 -14.02
C HIS C 669 17.25 -32.85 -12.59
N ILE C 670 16.24 -33.71 -12.40
CA ILE C 670 15.93 -34.16 -11.05
C ILE C 670 16.83 -35.30 -10.61
N LYS C 671 17.53 -35.94 -11.55
CA LYS C 671 18.47 -36.99 -11.18
C LYS C 671 19.91 -36.51 -11.06
N MET C 672 20.29 -35.42 -11.73
CA MET C 672 21.66 -34.95 -11.59
C MET C 672 21.87 -34.20 -10.27
N ILE C 673 20.85 -33.51 -9.78
CA ILE C 673 20.97 -32.72 -8.55
C ILE C 673 20.02 -33.29 -7.52
N PRO C 674 20.26 -33.09 -6.22
CA PRO C 674 19.25 -33.46 -5.22
C PRO C 674 18.04 -32.56 -5.31
N SER C 675 16.91 -33.10 -4.84
CA SER C 675 15.67 -32.33 -4.84
C SER C 675 15.74 -31.16 -3.87
N VAL C 676 16.50 -31.31 -2.78
CA VAL C 676 16.68 -30.29 -1.72
C VAL C 676 15.35 -29.86 -1.14
N GLY C 691 7.03 -44.68 -9.08
CA GLY C 691 8.39 -44.24 -9.30
C GLY C 691 8.48 -42.88 -9.96
N LEU C 692 9.50 -42.70 -10.80
CA LEU C 692 9.71 -41.45 -11.51
C LEU C 692 9.00 -41.54 -12.86
N LEU C 693 7.83 -40.91 -12.95
CA LEU C 693 7.04 -40.91 -14.17
C LEU C 693 7.10 -39.52 -14.79
N GLN C 694 7.39 -39.46 -16.08
CA GLN C 694 7.42 -38.20 -16.80
C GLN C 694 6.06 -37.94 -17.42
N THR C 695 5.44 -36.83 -17.04
CA THR C 695 4.15 -36.44 -17.58
C THR C 695 4.37 -35.35 -18.63
N ALA C 696 3.25 -34.75 -19.09
CA ALA C 696 3.36 -33.64 -20.03
C ALA C 696 3.83 -32.36 -19.35
N VAL C 697 3.76 -32.29 -18.02
CA VAL C 697 4.17 -31.10 -17.30
C VAL C 697 5.48 -31.26 -16.53
N GLY C 698 5.88 -32.49 -16.22
CA GLY C 698 7.13 -32.69 -15.51
C GLY C 698 7.12 -33.99 -14.74
N CYS C 699 8.30 -34.36 -14.26
CA CYS C 699 8.47 -35.63 -13.57
C CYS C 699 7.81 -35.56 -12.19
N VAL C 700 7.22 -36.68 -11.78
CA VAL C 700 6.64 -36.82 -10.46
C VAL C 700 7.40 -37.90 -9.70
N ILE C 701 7.28 -37.88 -8.38
CA ILE C 701 7.95 -38.87 -7.54
C ILE C 701 6.98 -39.91 -6.99
N GLY C 702 5.69 -39.65 -7.00
CA GLY C 702 4.69 -40.62 -6.60
C GLY C 702 4.05 -41.27 -7.82
N PHE C 703 2.74 -41.50 -7.71
CA PHE C 703 1.87 -41.92 -8.80
C PHE C 703 2.19 -43.31 -9.36
N HIS C 704 1.28 -43.83 -10.18
CA HIS C 704 1.51 -45.03 -10.95
C HIS C 704 0.72 -44.89 -12.25
N ASN C 705 1.29 -45.35 -13.35
CA ASN C 705 0.62 -45.19 -14.64
C ASN C 705 -0.56 -46.14 -14.74
N THR C 706 -1.59 -45.69 -15.46
CA THR C 706 -2.77 -46.50 -15.69
C THR C 706 -3.33 -46.18 -17.06
N SER C 707 -4.16 -47.08 -17.56
CA SER C 707 -4.87 -46.91 -18.84
C SER C 707 -6.32 -46.58 -18.50
N ASP C 708 -6.61 -45.29 -18.34
CA ASP C 708 -7.94 -44.87 -17.93
C ASP C 708 -8.23 -43.51 -18.54
N THR C 709 -9.52 -43.20 -18.65
CA THR C 709 -9.98 -41.90 -19.10
C THR C 709 -11.17 -41.47 -18.26
N VAL C 710 -11.19 -40.19 -17.91
CA VAL C 710 -12.29 -39.59 -17.16
C VAL C 710 -12.68 -38.28 -17.82
N GLU C 711 -13.99 -38.00 -17.84
CA GLU C 711 -14.45 -36.77 -18.46
C GLU C 711 -14.39 -35.58 -17.51
N ASP C 712 -14.22 -35.84 -16.21
CA ASP C 712 -13.99 -34.79 -15.23
C ASP C 712 -13.18 -35.38 -14.10
N CYS C 713 -12.49 -34.52 -13.36
CA CYS C 713 -11.66 -34.95 -12.26
C CYS C 713 -11.85 -34.03 -11.07
N ASN C 714 -12.01 -34.62 -9.88
CA ASN C 714 -12.05 -33.83 -8.66
C ASN C 714 -10.68 -33.25 -8.33
N LEU C 715 -9.61 -33.88 -8.82
CA LEU C 715 -8.24 -33.47 -8.53
C LEU C 715 -7.50 -33.25 -9.84
N PRO C 716 -7.79 -32.16 -10.54
CA PRO C 716 -7.15 -31.94 -11.84
C PRO C 716 -5.75 -31.37 -11.69
N LEU C 717 -4.92 -31.65 -12.69
CA LEU C 717 -3.56 -31.13 -12.72
C LEU C 717 -3.12 -31.02 -14.17
N GLY C 718 -2.28 -30.03 -14.45
CA GLY C 718 -1.66 -29.88 -15.74
C GLY C 718 -2.70 -29.64 -16.84
N GLN C 719 -2.37 -30.13 -18.03
CA GLN C 719 -3.25 -30.02 -19.19
C GLN C 719 -3.81 -31.41 -19.51
N SER C 720 -5.13 -31.56 -19.33
CA SER C 720 -5.87 -32.78 -19.63
C SER C 720 -5.32 -33.99 -18.87
N LEU C 721 -4.89 -33.76 -17.63
CA LEU C 721 -4.41 -34.81 -16.76
C LEU C 721 -5.19 -34.79 -15.45
N CYS C 722 -5.32 -35.97 -14.84
CA CYS C 722 -6.10 -36.11 -13.62
C CYS C 722 -5.38 -37.05 -12.67
N ALA C 723 -5.77 -36.98 -11.40
CA ALA C 723 -5.23 -37.85 -10.36
C ALA C 723 -6.38 -38.52 -9.63
N LYS C 724 -6.58 -39.80 -9.88
CA LYS C 724 -7.63 -40.51 -9.15
C LYS C 724 -7.13 -40.88 -7.76
N PRO C 725 -8.04 -40.98 -6.79
CA PRO C 725 -7.61 -41.32 -5.42
C PRO C 725 -7.06 -42.74 -5.37
N PRO C 726 -6.12 -43.00 -4.45
CA PRO C 726 -5.50 -44.34 -4.35
C PRO C 726 -6.33 -45.31 -3.53
N SER C 727 -7.47 -45.73 -4.09
CA SER C 727 -8.35 -46.65 -3.39
C SER C 727 -7.85 -48.08 -3.50
N ASN C 733 -3.85 -48.81 -5.46
CA ASN C 733 -2.88 -49.62 -4.73
C ASN C 733 -2.30 -48.85 -3.53
N ASN C 734 -1.05 -48.42 -3.67
CA ASN C 734 -0.37 -47.67 -2.62
C ASN C 734 -0.03 -46.24 -3.01
N THR C 735 -0.38 -45.81 -4.22
CA THR C 735 -0.05 -44.47 -4.67
C THR C 735 -1.10 -44.01 -5.67
N PHE C 736 -0.96 -42.76 -6.12
CA PHE C 736 -1.95 -42.11 -6.98
C PHE C 736 -1.96 -42.75 -8.36
N GLY C 737 -3.06 -42.51 -9.08
CA GLY C 737 -3.21 -43.03 -10.42
C GLY C 737 -3.25 -41.93 -11.47
N LEU C 738 -2.25 -41.87 -12.32
CA LEU C 738 -2.18 -40.84 -13.36
C LEU C 738 -3.20 -41.14 -14.45
N ALA C 739 -4.26 -40.34 -14.51
CA ALA C 739 -5.31 -40.51 -15.50
C ALA C 739 -5.29 -39.34 -16.46
N VAL C 740 -5.52 -39.63 -17.74
CA VAL C 740 -5.49 -38.62 -18.80
C VAL C 740 -6.91 -38.36 -19.26
N MET C 741 -7.33 -37.11 -19.18
CA MET C 741 -8.65 -36.72 -19.65
C MET C 741 -8.72 -36.81 -21.18
N LYS C 742 -9.85 -37.30 -21.68
CA LYS C 742 -10.07 -37.37 -23.12
C LYS C 742 -11.48 -36.89 -23.43
N TYR C 743 -11.71 -36.59 -24.70
CA TYR C 743 -12.97 -36.02 -25.15
C TYR C 743 -14.05 -37.11 -25.15
N GLU C 744 -15.24 -36.76 -24.63
CA GLU C 744 -16.43 -37.55 -24.90
C GLU C 744 -17.02 -37.03 -26.22
N ASN C 745 -16.93 -37.85 -27.26
CA ASN C 745 -17.29 -37.41 -28.59
C ASN C 745 -18.80 -37.20 -28.70
N PRO C 746 -19.26 -36.09 -29.26
CA PRO C 746 -20.69 -35.95 -29.54
C PRO C 746 -21.15 -36.94 -30.59
N LEU C 747 -22.43 -37.29 -30.51
CA LEU C 747 -23.01 -38.25 -31.44
C LEU C 747 -22.92 -37.74 -32.87
N LYS C 748 -22.31 -38.55 -33.74
CA LYS C 748 -21.94 -38.10 -35.08
C LYS C 748 -23.08 -38.36 -36.06
N VAL C 749 -23.46 -37.31 -36.78
CA VAL C 749 -24.48 -37.40 -37.82
C VAL C 749 -23.80 -37.02 -39.15
N GLU C 750 -24.09 -37.79 -40.18
CA GLU C 750 -23.47 -37.59 -41.49
C GLU C 750 -24.40 -36.78 -42.39
N VAL C 751 -23.80 -35.96 -43.24
CA VAL C 751 -24.57 -35.20 -44.21
C VAL C 751 -24.86 -36.07 -45.42
N LEU C 752 -26.01 -35.84 -46.05
CA LEU C 752 -26.44 -36.61 -47.21
C LEU C 752 -26.63 -35.67 -48.39
N ASN C 753 -26.09 -36.06 -49.55
CA ASN C 753 -26.22 -35.23 -50.75
C ASN C 753 -27.61 -35.30 -51.36
N SER C 754 -28.37 -36.36 -51.09
CA SER C 754 -29.67 -36.55 -51.70
C SER C 754 -30.72 -35.66 -51.04
N SER C 755 -31.96 -35.79 -51.51
CA SER C 755 -33.05 -34.98 -50.99
C SER C 755 -33.51 -35.43 -49.61
N GLU C 756 -33.03 -36.56 -49.12
CA GLU C 756 -33.38 -37.05 -47.79
C GLU C 756 -32.15 -36.96 -46.89
N PHE C 757 -32.33 -36.35 -45.72
CA PHE C 757 -31.26 -36.16 -44.76
C PHE C 757 -31.55 -36.95 -43.49
N GLU C 758 -30.49 -37.36 -42.80
CA GLU C 758 -30.64 -38.13 -41.58
C GLU C 758 -30.99 -37.21 -40.42
N ILE C 759 -32.02 -37.58 -39.66
CA ILE C 759 -32.43 -36.86 -38.46
C ILE C 759 -32.28 -37.79 -37.27
N SER C 760 -32.05 -37.20 -36.09
CA SER C 760 -31.88 -37.95 -34.86
C SER C 760 -33.04 -37.58 -33.93
N VAL C 761 -34.10 -38.38 -33.96
CA VAL C 761 -35.28 -38.16 -33.13
C VAL C 761 -35.15 -39.05 -31.89
N PRO C 762 -35.27 -38.50 -30.68
CA PRO C 762 -35.17 -39.32 -29.49
C PRO C 762 -36.37 -40.24 -29.32
N THR C 763 -36.16 -41.34 -28.60
CA THR C 763 -37.23 -42.25 -28.25
C THR C 763 -37.52 -42.33 -26.77
N ASN C 764 -36.57 -41.97 -25.90
CA ASN C 764 -36.79 -41.95 -24.47
C ASN C 764 -35.90 -40.87 -23.85
N PHE C 765 -36.34 -40.37 -22.69
CA PHE C 765 -35.66 -39.26 -22.04
C PHE C 765 -35.71 -39.43 -20.53
N SER C 766 -35.14 -38.46 -19.83
CA SER C 766 -35.18 -38.40 -18.37
C SER C 766 -34.89 -36.97 -17.95
N PHE C 767 -35.70 -36.44 -17.04
CA PHE C 767 -35.47 -35.10 -16.52
C PHE C 767 -34.20 -35.07 -15.69
N ARG C 768 -33.42 -34.00 -15.84
CA ARG C 768 -32.28 -33.75 -14.98
C ARG C 768 -32.39 -32.34 -14.41
N VAL C 769 -31.82 -32.17 -13.22
CA VAL C 769 -31.92 -30.91 -12.48
C VAL C 769 -30.56 -30.26 -12.46
N THR C 770 -30.49 -29.03 -12.94
CA THR C 770 -29.29 -28.20 -12.87
C THR C 770 -29.52 -27.11 -11.85
N GLU C 771 -28.65 -27.04 -10.84
CA GLU C 771 -28.76 -26.05 -9.78
C GLU C 771 -27.66 -25.01 -9.96
N GLU C 772 -28.05 -23.74 -9.96
CA GLU C 772 -27.11 -22.64 -10.12
C GLU C 772 -27.29 -21.65 -8.97
N PHE C 773 -26.16 -21.20 -8.42
CA PHE C 773 -26.15 -20.21 -7.35
C PHE C 773 -25.41 -18.98 -7.84
N ILE C 774 -26.02 -17.81 -7.67
CA ILE C 774 -25.42 -16.54 -8.04
C ILE C 774 -25.38 -15.66 -6.80
N GLU C 775 -24.18 -15.36 -6.33
CA GLU C 775 -23.99 -14.57 -5.12
C GLU C 775 -24.17 -13.10 -5.46
N THR C 776 -25.30 -12.53 -5.07
CA THR C 776 -25.64 -11.15 -5.39
C THR C 776 -25.59 -10.22 -4.17
N SER C 777 -24.83 -10.58 -3.16
CA SER C 777 -24.75 -9.77 -1.96
C SER C 777 -23.31 -9.61 -1.51
N ILE C 778 -23.04 -8.50 -0.80
CA ILE C 778 -21.78 -8.25 -0.15
C ILE C 778 -22.05 -7.94 1.31
N GLN C 779 -21.04 -8.16 2.15
CA GLN C 779 -21.18 -7.88 3.57
C GLN C 779 -21.12 -6.38 3.81
N LYS C 780 -22.11 -5.86 4.53
CA LYS C 780 -22.15 -4.45 4.89
C LYS C 780 -21.35 -4.28 6.17
N VAL C 781 -20.09 -3.86 6.04
CA VAL C 781 -19.16 -3.76 7.15
C VAL C 781 -18.68 -2.32 7.26
N THR C 782 -18.76 -1.75 8.46
CA THR C 782 -18.30 -0.39 8.73
C THR C 782 -17.19 -0.42 9.77
N VAL C 783 -16.10 0.29 9.48
CA VAL C 783 -14.97 0.44 10.40
C VAL C 783 -14.79 1.93 10.68
N ASP C 784 -14.46 2.27 11.92
CA ASP C 784 -14.29 3.65 12.33
C ASP C 784 -12.81 4.04 12.33
N CYS C 785 -12.53 5.26 12.80
CA CYS C 785 -11.17 5.79 12.77
C CYS C 785 -10.24 5.19 13.80
N LYS C 786 -10.54 5.46 15.07
CA LYS C 786 -9.53 5.33 16.12
C LYS C 786 -9.60 3.99 16.85
N GLN C 787 -10.70 3.25 16.72
CA GLN C 787 -10.78 1.96 17.38
C GLN C 787 -9.97 0.89 16.66
N TYR C 788 -9.69 1.07 15.37
CA TYR C 788 -8.92 0.11 14.61
C TYR C 788 -7.45 0.48 14.51
N VAL C 789 -7.15 1.72 14.11
CA VAL C 789 -5.76 2.15 14.00
C VAL C 789 -5.12 2.21 15.37
N CYS C 790 -5.81 2.78 16.35
CA CYS C 790 -5.37 2.83 17.73
C CYS C 790 -6.25 1.94 18.60
N ASN C 791 -5.99 1.98 19.89
CA ASN C 791 -6.81 1.27 20.87
C ASN C 791 -7.40 2.23 21.90
N GLY C 792 -7.50 3.51 21.55
CA GLY C 792 -8.03 4.51 22.44
C GLY C 792 -6.98 5.37 23.13
N PHE C 793 -5.71 5.07 22.93
CA PHE C 793 -4.65 5.88 23.53
C PHE C 793 -4.61 7.26 22.89
N GLU C 794 -4.42 8.28 23.73
CA GLU C 794 -4.39 9.64 23.21
C GLU C 794 -3.11 9.90 22.41
N ARG C 795 -2.03 9.16 22.70
CA ARG C 795 -0.79 9.33 21.95
C ARG C 795 -0.95 8.86 20.51
N CYS C 796 -1.58 7.71 20.32
CA CYS C 796 -1.80 7.21 18.96
C CYS C 796 -2.79 8.09 18.20
N GLU C 797 -3.81 8.61 18.89
CA GLU C 797 -4.76 9.51 18.25
C GLU C 797 -4.09 10.80 17.82
N GLN C 798 -3.21 11.35 18.67
CA GLN C 798 -2.48 12.56 18.32
C GLN C 798 -1.52 12.32 17.18
N LEU C 799 -0.85 11.16 17.17
CA LEU C 799 0.06 10.86 16.07
C LEU C 799 -0.69 10.54 14.77
N LEU C 800 -1.93 10.08 14.85
CA LEU C 800 -2.75 9.91 13.66
C LEU C 800 -3.26 11.25 13.13
N GLU C 801 -3.57 12.19 14.03
CA GLU C 801 -4.00 13.51 13.58
C GLU C 801 -2.87 14.27 12.93
N GLN C 802 -1.64 14.09 13.42
CA GLN C 802 -0.47 14.66 12.77
C GLN C 802 -0.09 13.89 11.51
N TYR C 803 -0.52 12.63 11.40
CA TYR C 803 -0.25 11.81 10.23
C TYR C 803 -1.06 12.22 9.01
N GLY C 804 -2.02 13.12 9.15
CA GLY C 804 -2.94 13.43 8.08
C GLY C 804 -4.26 12.71 8.25
N GLN C 805 -5.27 13.23 7.57
CA GLN C 805 -6.64 12.74 7.74
C GLN C 805 -6.93 11.72 6.65
N PHE C 806 -7.04 10.45 7.05
CA PHE C 806 -7.43 9.38 6.14
C PHE C 806 -8.73 8.69 6.50
N CYS C 807 -9.03 8.54 7.79
CA CYS C 807 -10.07 7.57 8.15
C CYS C 807 -11.46 8.09 7.85
N ALA C 808 -11.62 9.42 7.73
CA ALA C 808 -12.90 9.97 7.29
C ALA C 808 -13.21 9.53 5.87
N LYS C 809 -12.16 9.43 5.03
CA LYS C 809 -12.34 8.90 3.68
C LYS C 809 -12.79 7.45 3.71
N ILE C 810 -12.24 6.67 4.65
CA ILE C 810 -12.64 5.28 4.82
C ILE C 810 -14.12 5.17 5.15
N ASN C 811 -14.58 6.00 6.10
CA ASN C 811 -15.98 5.98 6.49
C ASN C 811 -16.88 6.44 5.35
N GLN C 812 -16.47 7.45 4.59
CA GLN C 812 -17.25 7.90 3.45
C GLN C 812 -17.36 6.81 2.39
N ALA C 813 -16.25 6.12 2.09
CA ALA C 813 -16.27 5.07 1.08
C ALA C 813 -17.13 3.89 1.52
N LEU C 814 -17.03 3.50 2.79
CA LEU C 814 -17.85 2.39 3.28
C LEU C 814 -19.32 2.75 3.31
N HIS C 815 -19.66 3.99 3.70
CA HIS C 815 -21.04 4.42 3.65
C HIS C 815 -21.57 4.45 2.23
N GLY C 816 -20.73 4.86 1.28
CA GLY C 816 -21.14 4.85 -0.12
C GLY C 816 -21.41 3.46 -0.66
N VAL C 817 -20.53 2.49 -0.34
CA VAL C 817 -20.76 1.15 -0.87
C VAL C 817 -21.95 0.48 -0.17
N ASN C 818 -22.20 0.80 1.11
CA ASN C 818 -23.36 0.25 1.78
C ASN C 818 -24.66 0.81 1.20
N LEU C 819 -24.68 2.12 0.91
CA LEU C 819 -25.85 2.72 0.28
C LEU C 819 -26.07 2.16 -1.12
N ARG C 820 -24.98 1.95 -1.87
CA ARG C 820 -25.10 1.35 -3.20
C ARG C 820 -25.66 -0.06 -3.13
N GLN C 821 -25.21 -0.86 -2.15
CA GLN C 821 -25.72 -2.22 -2.01
C GLN C 821 -27.18 -2.23 -1.60
N ASP C 822 -27.59 -1.34 -0.68
CA ASP C 822 -28.99 -1.29 -0.27
C ASP C 822 -29.89 -0.87 -1.43
N ASP C 823 -29.47 0.11 -2.22
CA ASP C 823 -30.25 0.50 -3.39
C ASP C 823 -30.31 -0.61 -4.42
N ALA C 824 -29.20 -1.35 -4.61
CA ALA C 824 -29.21 -2.47 -5.53
C ALA C 824 -30.16 -3.58 -5.07
N THR C 825 -30.18 -3.86 -3.77
CA THR C 825 -31.11 -4.87 -3.23
C THR C 825 -32.56 -4.43 -3.40
N LYS C 826 -32.83 -3.15 -3.15
CA LYS C 826 -34.19 -2.62 -3.34
C LYS C 826 -34.63 -2.73 -4.79
N SER C 827 -33.74 -2.38 -5.73
CA SER C 827 -34.08 -2.48 -7.15
C SER C 827 -34.25 -3.93 -7.58
N LEU C 828 -33.41 -4.84 -7.07
CA LEU C 828 -33.53 -6.25 -7.40
C LEU C 828 -34.85 -6.83 -6.93
N PHE C 829 -35.25 -6.53 -5.69
CA PHE C 829 -36.51 -7.04 -5.21
C PHE C 829 -37.71 -6.32 -5.79
N GLU C 830 -37.52 -5.10 -6.31
CA GLU C 830 -38.59 -4.49 -7.10
C GLU C 830 -38.77 -5.21 -8.43
N SER C 831 -37.67 -5.64 -9.04
CA SER C 831 -37.78 -6.39 -10.29
C SER C 831 -38.24 -7.83 -10.05
N ILE C 832 -38.08 -8.35 -8.84
CA ILE C 832 -38.56 -9.70 -8.54
C ILE C 832 -40.08 -9.75 -8.53
N ARG C 833 -40.72 -8.67 -8.06
CA ARG C 833 -42.15 -8.65 -7.76
C ARG C 833 -43.00 -8.89 -9.00
N VAL C 834 -44.00 -9.76 -8.86
CA VAL C 834 -44.93 -10.09 -9.93
C VAL C 834 -46.23 -9.33 -9.71
N PRO C 835 -46.95 -8.97 -10.77
CA PRO C 835 -48.24 -8.29 -10.56
C PRO C 835 -49.33 -9.21 -10.07
N GLN C 836 -49.35 -10.46 -10.50
CA GLN C 836 -50.37 -11.43 -10.11
C GLN C 836 -49.70 -12.67 -9.56
N SER C 837 -50.43 -13.38 -8.69
CA SER C 837 -49.88 -14.56 -8.04
C SER C 837 -51.01 -15.49 -7.65
N ALA C 838 -50.71 -16.79 -7.64
CA ALA C 838 -51.67 -17.82 -7.24
C ALA C 838 -51.11 -18.60 -6.06
N PRO C 839 -51.43 -18.22 -4.82
CA PRO C 839 -50.85 -18.93 -3.66
C PRO C 839 -51.27 -20.38 -3.56
N LEU C 840 -52.48 -20.73 -4.01
CA LEU C 840 -52.99 -22.08 -3.82
C LEU C 840 -52.35 -23.08 -4.76
N MET C 841 -51.77 -22.62 -5.87
CA MET C 841 -51.34 -23.52 -6.94
C MET C 841 -50.15 -24.38 -6.52
N ALA C 842 -49.17 -23.78 -5.84
CA ALA C 842 -47.96 -24.51 -5.49
C ALA C 842 -48.21 -25.52 -4.39
N SER C 843 -49.20 -25.27 -3.54
CA SER C 843 -49.38 -26.10 -2.35
C SER C 843 -49.95 -27.47 -2.68
N LEU C 844 -51.07 -27.52 -3.40
CA LEU C 844 -51.85 -28.74 -3.51
C LEU C 844 -52.06 -29.21 -4.95
N SER C 845 -52.31 -28.28 -5.88
CA SER C 845 -52.85 -28.61 -7.20
C SER C 845 -51.97 -29.55 -8.00
N GLY C 846 -50.65 -29.37 -7.92
CA GLY C 846 -49.75 -30.19 -8.72
C GLY C 846 -49.71 -31.62 -8.22
N ASP C 847 -49.93 -32.57 -9.14
CA ASP C 847 -49.74 -33.98 -8.82
C ASP C 847 -48.27 -34.26 -8.55
N TYR C 848 -47.38 -33.52 -9.16
CA TYR C 848 -45.96 -33.61 -8.87
C TYR C 848 -45.68 -33.11 -7.45
N ASN C 849 -44.70 -33.73 -6.80
CA ASN C 849 -44.37 -33.43 -5.41
C ASN C 849 -43.47 -32.19 -5.35
N LEU C 850 -44.08 -31.04 -5.65
CA LEU C 850 -43.39 -29.76 -5.64
C LEU C 850 -43.44 -29.08 -4.27
N SER C 851 -43.61 -29.85 -3.20
CA SER C 851 -43.74 -29.32 -1.85
C SER C 851 -42.46 -28.67 -1.33
N LEU C 852 -41.33 -28.84 -2.02
CA LEU C 852 -40.10 -28.16 -1.64
C LEU C 852 -40.25 -26.64 -1.77
N PHE C 853 -41.04 -26.18 -2.71
CA PHE C 853 -41.26 -24.76 -2.94
C PHE C 853 -42.56 -24.25 -2.34
N GLU C 854 -43.21 -25.05 -1.50
CA GLU C 854 -44.47 -24.66 -0.88
C GLU C 854 -44.19 -23.90 0.41
N THR C 855 -44.75 -22.71 0.51
CA THR C 855 -44.52 -21.96 1.73
C THR C 855 -45.65 -22.21 2.74
N PRO C 856 -45.32 -22.24 4.05
CA PRO C 856 -46.35 -22.35 5.08
C PRO C 856 -47.21 -21.12 5.19
N GLY C 864 -43.42 -18.87 12.77
CA GLY C 864 -42.01 -18.59 12.85
C GLY C 864 -41.43 -18.02 11.56
N ASN C 865 -41.19 -18.90 10.59
CA ASN C 865 -40.60 -18.51 9.32
C ASN C 865 -41.52 -18.90 8.18
N TYR C 866 -41.76 -17.96 7.26
CA TYR C 866 -42.50 -18.25 6.03
C TYR C 866 -41.53 -18.68 4.94
N ARG C 867 -40.87 -19.80 5.21
CA ARG C 867 -39.68 -20.22 4.48
C ARG C 867 -39.95 -21.60 3.89
N SER C 868 -39.63 -21.74 2.59
CA SER C 868 -39.84 -23.01 1.91
C SER C 868 -38.87 -24.07 2.42
N ALA C 869 -39.11 -25.31 2.01
CA ALA C 869 -38.26 -26.42 2.43
C ALA C 869 -36.84 -26.29 1.88
N LEU C 870 -36.71 -25.85 0.63
CA LEU C 870 -35.39 -25.72 0.02
C LEU C 870 -34.58 -24.62 0.69
N GLU C 871 -35.22 -23.51 1.04
CA GLU C 871 -34.51 -22.43 1.72
C GLU C 871 -34.08 -22.85 3.13
N ASP C 872 -34.90 -23.64 3.80
CA ASP C 872 -34.52 -24.18 5.10
C ASP C 872 -33.35 -25.15 4.98
N LEU C 873 -33.34 -25.96 3.92
CA LEU C 873 -32.21 -26.86 3.67
C LEU C 873 -30.94 -26.06 3.38
N LEU C 874 -31.06 -24.95 2.66
CA LEU C 874 -29.90 -24.13 2.33
C LEU C 874 -29.35 -23.44 3.57
N PHE C 875 -30.22 -22.80 4.36
CA PHE C 875 -29.76 -22.10 5.55
C PHE C 875 -29.43 -23.03 6.70
N ASP C 876 -29.80 -24.31 6.62
CA ASP C 876 -29.50 -25.25 7.68
C ASP C 876 -28.21 -26.01 7.44
N LYS C 877 -27.91 -26.34 6.19
CA LYS C 877 -26.77 -27.19 5.86
C LYS C 877 -25.52 -26.40 5.50
N VAL C 878 -25.43 -25.13 5.92
CA VAL C 878 -24.23 -24.34 5.73
C VAL C 878 -23.77 -23.81 7.09
N THR C 879 -22.48 -23.49 7.17
CA THR C 879 -21.89 -22.93 8.38
C THR C 879 -21.83 -21.42 8.21
N LEU C 880 -22.98 -20.78 8.37
CA LEU C 880 -23.08 -19.33 8.25
C LEU C 880 -23.12 -18.68 9.63
N GLY C 884 -29.77 -13.37 16.79
CA GLY C 884 -29.38 -12.74 15.54
C GLY C 884 -28.92 -11.31 15.71
N TYR C 885 -29.89 -10.39 15.83
CA TYR C 885 -29.59 -8.98 16.00
C TYR C 885 -30.26 -8.34 17.21
N MET C 886 -31.28 -8.96 17.79
CA MET C 886 -32.00 -8.32 18.89
C MET C 886 -31.19 -8.31 20.18
N LYS C 887 -30.37 -9.34 20.42
CA LYS C 887 -29.57 -9.42 21.63
C LYS C 887 -28.18 -9.95 21.30
N GLY C 888 -27.62 -9.51 20.18
CA GLY C 888 -26.30 -9.99 19.76
C GLY C 888 -25.16 -9.50 20.64
N TYR C 889 -25.36 -8.43 21.39
CA TYR C 889 -24.31 -7.96 22.29
C TYR C 889 -24.23 -8.81 23.55
N ASP C 890 -25.37 -9.24 24.08
CA ASP C 890 -25.39 -9.95 25.36
C ASP C 890 -24.86 -11.37 25.24
N GLU C 891 -24.72 -11.90 24.03
CA GLU C 891 -24.21 -13.24 23.79
C GLU C 891 -22.83 -13.45 24.39
N CYS C 892 -21.95 -12.47 24.22
CA CYS C 892 -20.58 -12.57 24.70
C CYS C 892 -20.10 -11.27 25.33
N LEU C 903 -17.79 -14.48 18.77
CA LEU C 903 -17.19 -14.11 17.49
C LEU C 903 -17.56 -12.70 17.09
N ILE C 904 -18.84 -12.36 17.23
CA ILE C 904 -19.29 -11.00 16.91
C ILE C 904 -18.72 -10.00 17.91
N CYS C 905 -18.58 -10.40 19.18
CA CYS C 905 -17.96 -9.53 20.16
C CYS C 905 -16.49 -9.28 19.84
N ALA C 906 -15.84 -10.24 19.19
CA ALA C 906 -14.47 -10.01 18.71
C ALA C 906 -14.46 -8.91 17.65
N GLN C 907 -15.48 -8.88 16.79
CA GLN C 907 -15.60 -7.77 15.86
C GLN C 907 -15.85 -6.46 16.59
N TYR C 908 -16.66 -6.50 17.65
CA TYR C 908 -16.99 -5.27 18.37
C TYR C 908 -15.78 -4.70 19.12
N VAL C 909 -14.88 -5.57 19.61
CA VAL C 909 -13.69 -5.02 20.26
C VAL C 909 -12.66 -4.63 19.19
N ALA C 910 -12.60 -5.37 18.09
CA ALA C 910 -11.65 -5.06 17.02
C ALA C 910 -11.96 -3.72 16.36
N GLY C 911 -13.24 -3.36 16.26
CA GLY C 911 -13.60 -2.03 15.79
C GLY C 911 -14.41 -2.01 14.51
N TYR C 912 -15.17 -3.07 14.23
CA TYR C 912 -16.01 -3.10 13.06
C TYR C 912 -17.25 -3.96 13.33
N LYS C 913 -18.31 -3.68 12.59
CA LYS C 913 -19.57 -4.39 12.76
C LYS C 913 -20.12 -4.76 11.39
N VAL C 914 -21.00 -5.75 11.38
CA VAL C 914 -21.69 -6.19 10.18
C VAL C 914 -23.12 -5.65 10.24
N LEU C 915 -23.47 -4.77 9.30
CA LEU C 915 -24.80 -4.19 9.30
C LEU C 915 -25.85 -5.22 8.90
N PRO C 916 -27.07 -5.09 9.41
CA PRO C 916 -28.13 -6.01 9.00
C PRO C 916 -28.57 -5.72 7.58
N PRO C 917 -29.13 -6.73 6.89
CA PRO C 917 -29.65 -6.49 5.53
C PRO C 917 -30.89 -5.61 5.54
N LEU C 918 -31.15 -5.00 4.38
CA LEU C 918 -32.28 -4.09 4.24
C LEU C 918 -33.62 -4.80 4.40
N TYR C 919 -33.75 -5.98 3.83
CA TYR C 919 -34.98 -6.75 3.96
C TYR C 919 -34.78 -7.87 4.96
N ASP C 920 -35.80 -8.11 5.78
CA ASP C 920 -35.77 -9.19 6.74
C ASP C 920 -35.78 -10.54 6.03
N SER C 921 -35.34 -11.57 6.74
CA SER C 921 -35.34 -12.92 6.17
C SER C 921 -36.75 -13.38 5.85
N ASN C 922 -37.72 -13.04 6.70
CA ASN C 922 -39.11 -13.36 6.43
C ASN C 922 -39.63 -12.62 5.20
N MET C 923 -39.29 -11.33 5.08
CA MET C 923 -39.73 -10.54 3.94
C MET C 923 -39.07 -11.03 2.64
N GLU C 924 -37.78 -11.39 2.70
CA GLU C 924 -37.11 -11.96 1.53
C GLU C 924 -37.73 -13.28 1.12
N ALA C 925 -38.03 -14.14 2.09
CA ALA C 925 -38.67 -15.41 1.78
C ALA C 925 -40.08 -15.22 1.23
N MET C 926 -40.79 -14.20 1.70
CA MET C 926 -42.14 -13.97 1.19
C MET C 926 -42.11 -13.36 -0.21
N TYR C 927 -41.12 -12.51 -0.49
CA TYR C 927 -40.91 -12.02 -1.85
C TYR C 927 -40.57 -13.16 -2.80
N THR C 928 -39.76 -14.11 -2.33
CA THR C 928 -39.47 -15.31 -3.11
C THR C 928 -40.73 -16.15 -3.33
N ALA C 929 -41.53 -16.33 -2.28
CA ALA C 929 -42.72 -17.17 -2.38
C ALA C 929 -43.79 -16.54 -3.25
N SER C 930 -43.80 -15.22 -3.37
CA SER C 930 -44.73 -14.57 -4.29
C SER C 930 -44.37 -14.85 -5.75
N LEU C 931 -43.09 -15.12 -6.03
CA LEU C 931 -42.69 -15.45 -7.40
C LEU C 931 -43.31 -16.76 -7.84
N THR C 932 -43.34 -17.76 -6.96
CA THR C 932 -44.16 -18.93 -7.20
C THR C 932 -45.62 -18.54 -7.09
N GLY C 933 -46.45 -19.09 -7.97
CA GLY C 933 -47.79 -18.61 -8.15
C GLY C 933 -47.97 -17.72 -9.36
N SER C 934 -46.87 -17.36 -10.02
CA SER C 934 -46.91 -16.70 -11.31
C SER C 934 -46.10 -17.46 -12.35
N ILE C 935 -45.43 -18.55 -11.97
CA ILE C 935 -44.64 -19.32 -12.91
C ILE C 935 -45.53 -20.07 -13.88
N ALA C 936 -46.60 -20.68 -13.38
CA ALA C 936 -47.47 -21.53 -14.18
C ALA C 936 -48.63 -20.77 -14.78
N GLY C 937 -48.63 -19.44 -14.71
CA GLY C 937 -49.77 -18.67 -15.15
C GLY C 937 -50.02 -18.57 -16.64
N ALA C 938 -49.19 -17.83 -17.35
CA ALA C 938 -49.50 -17.44 -18.71
C ALA C 938 -48.92 -18.44 -19.72
N LEU C 939 -49.39 -18.33 -20.96
CA LEU C 939 -48.91 -19.17 -22.05
C LEU C 939 -47.64 -18.59 -22.66
N ALA C 947 -53.19 -11.89 -16.54
CA ALA C 947 -52.73 -13.28 -16.53
C ALA C 947 -53.88 -14.22 -16.16
N ALA C 948 -53.64 -15.53 -16.29
CA ALA C 948 -54.64 -16.54 -16.01
C ALA C 948 -54.06 -17.60 -15.08
N SER C 949 -54.77 -17.88 -14.00
CA SER C 949 -54.33 -18.93 -13.08
C SER C 949 -54.56 -20.30 -13.69
N LEU C 950 -53.55 -21.17 -13.58
CA LEU C 950 -53.60 -22.48 -14.19
C LEU C 950 -53.11 -23.53 -13.21
N PRO C 951 -53.62 -24.75 -13.29
CA PRO C 951 -53.01 -25.85 -12.53
C PRO C 951 -51.64 -26.20 -13.09
N PHE C 952 -50.81 -26.79 -12.23
CA PHE C 952 -49.42 -27.05 -12.61
C PHE C 952 -49.32 -28.16 -13.66
N ALA C 953 -50.22 -29.14 -13.63
CA ALA C 953 -50.17 -30.23 -14.61
C ALA C 953 -50.46 -29.71 -16.02
N GLN C 954 -51.50 -28.88 -16.15
CA GLN C 954 -51.82 -28.30 -17.46
C GLN C 954 -50.71 -27.37 -17.92
N SER C 955 -50.09 -26.63 -17.00
CA SER C 955 -48.99 -25.76 -17.37
C SER C 955 -47.78 -26.56 -17.84
N ILE C 956 -47.49 -27.68 -17.19
CA ILE C 956 -46.39 -28.55 -17.63
C ILE C 956 -46.70 -29.14 -18.99
N TYR C 957 -47.97 -29.48 -19.24
CA TYR C 957 -48.38 -29.94 -20.56
C TYR C 957 -48.14 -28.88 -21.62
N TYR C 958 -48.44 -27.62 -21.30
CA TYR C 958 -48.21 -26.55 -22.25
C TYR C 958 -46.73 -26.24 -22.44
N ARG C 959 -45.91 -26.44 -21.40
CA ARG C 959 -44.47 -26.30 -21.55
C ARG C 959 -43.93 -27.36 -22.50
N MET C 960 -44.31 -28.62 -22.28
CA MET C 960 -43.77 -29.72 -23.07
C MET C 960 -44.39 -29.81 -24.45
N ASN C 961 -45.52 -29.15 -24.69
CA ASN C 961 -46.12 -29.18 -26.02
C ASN C 961 -45.31 -28.38 -27.03
N GLY C 962 -44.73 -27.26 -26.60
CA GLY C 962 -43.95 -26.42 -27.49
C GLY C 962 -42.53 -26.89 -27.71
N ILE C 963 -42.04 -27.82 -26.90
CA ILE C 963 -40.69 -28.35 -27.10
C ILE C 963 -40.63 -29.21 -28.35
N GLY C 964 -41.68 -29.99 -28.60
CA GLY C 964 -41.70 -30.89 -29.73
C GLY C 964 -42.41 -32.19 -29.42
N ILE C 965 -42.83 -32.34 -28.17
CA ILE C 965 -43.65 -33.49 -27.76
C ILE C 965 -45.09 -33.18 -28.10
N THR C 966 -45.71 -34.04 -28.90
CA THR C 966 -47.04 -33.78 -29.41
C THR C 966 -48.09 -34.06 -28.34
N GLN C 967 -49.36 -33.85 -28.70
CA GLN C 967 -50.44 -34.01 -27.74
C GLN C 967 -50.68 -35.48 -27.40
N ASN C 968 -50.63 -36.36 -28.40
CA ASN C 968 -50.87 -37.77 -28.16
C ASN C 968 -49.77 -38.39 -27.31
N VAL C 969 -48.54 -37.93 -27.49
CA VAL C 969 -47.41 -38.43 -26.70
C VAL C 969 -47.62 -38.11 -25.22
N LEU C 970 -47.97 -36.87 -24.92
CA LEU C 970 -48.08 -36.45 -23.53
C LEU C 970 -49.35 -36.98 -22.89
N MET C 971 -50.44 -37.11 -23.66
CA MET C 971 -51.65 -37.68 -23.10
C MET C 971 -51.59 -39.20 -23.01
N GLU C 972 -50.62 -39.84 -23.68
CA GLU C 972 -50.50 -41.29 -23.58
C GLU C 972 -49.90 -41.71 -22.24
N ASN C 973 -48.86 -41.03 -21.78
CA ASN C 973 -48.06 -41.47 -20.65
C ASN C 973 -47.82 -40.32 -19.67
N GLN C 974 -48.88 -39.61 -19.30
CA GLN C 974 -48.74 -38.48 -18.38
C GLN C 974 -48.32 -38.93 -16.98
N LYS C 975 -48.73 -40.13 -16.55
CA LYS C 975 -48.31 -40.64 -15.26
C LYS C 975 -46.82 -40.92 -15.23
N LEU C 976 -46.27 -41.41 -16.34
CA LEU C 976 -44.83 -41.58 -16.45
C LEU C 976 -44.11 -40.24 -16.36
N ILE C 977 -44.71 -39.18 -16.93
CA ILE C 977 -44.13 -37.84 -16.84
C ILE C 977 -44.11 -37.36 -15.40
N ALA C 978 -45.21 -37.58 -14.67
CA ALA C 978 -45.26 -37.19 -13.26
C ALA C 978 -44.26 -37.98 -12.44
N ASN C 979 -44.11 -39.28 -12.72
CA ASN C 979 -43.14 -40.09 -12.01
C ASN C 979 -41.72 -39.63 -12.27
N LYS C 980 -41.40 -39.28 -13.53
CA LYS C 980 -40.07 -38.78 -13.86
C LYS C 980 -39.79 -37.44 -13.18
N PHE C 981 -40.78 -36.55 -13.15
CA PHE C 981 -40.62 -35.26 -12.49
C PHE C 981 -40.40 -35.43 -10.99
N ASN C 982 -41.18 -36.30 -10.35
CA ASN C 982 -41.03 -36.53 -8.93
C ASN C 982 -39.71 -37.21 -8.61
N GLN C 983 -39.26 -38.12 -9.48
CA GLN C 983 -37.97 -38.78 -9.28
C GLN C 983 -36.83 -37.79 -9.41
N ALA C 984 -36.89 -36.88 -10.38
CA ALA C 984 -35.85 -35.85 -10.52
C ALA C 984 -35.83 -34.92 -9.32
N LEU C 985 -37.01 -34.51 -8.84
CA LEU C 985 -37.08 -33.62 -7.67
C LEU C 985 -36.56 -34.31 -6.42
N GLY C 986 -36.92 -35.58 -6.22
CA GLY C 986 -36.40 -36.32 -5.09
C GLY C 986 -34.90 -36.58 -5.17
N ALA C 987 -34.38 -36.80 -6.38
CA ALA C 987 -32.94 -36.96 -6.54
C ALA C 987 -32.20 -35.66 -6.25
N MET C 988 -32.80 -34.52 -6.60
CA MET C 988 -32.20 -33.24 -6.23
C MET C 988 -32.23 -33.02 -4.73
N GLN C 989 -33.36 -33.37 -4.08
CA GLN C 989 -33.53 -33.03 -2.67
C GLN C 989 -32.59 -33.82 -1.77
N THR C 990 -32.38 -35.10 -2.07
CA THR C 990 -31.55 -35.96 -1.24
C THR C 990 -30.19 -36.18 -1.92
N GLY C 991 -29.12 -35.99 -1.16
CA GLY C 991 -27.78 -36.18 -1.68
C GLY C 991 -27.15 -34.94 -2.28
N PHE C 992 -27.71 -33.76 -2.04
CA PHE C 992 -27.18 -32.52 -2.58
C PHE C 992 -26.29 -31.78 -1.59
N THR C 993 -26.01 -32.38 -0.44
CA THR C 993 -25.21 -31.73 0.59
C THR C 993 -23.75 -32.20 0.61
N THR C 994 -23.37 -33.10 -0.29
CA THR C 994 -22.01 -33.62 -0.22
C THR C 994 -21.23 -33.49 -1.53
N THR C 995 -21.90 -33.65 -2.69
CA THR C 995 -21.20 -33.65 -3.98
C THR C 995 -22.07 -32.91 -5.00
N ASN C 996 -21.83 -31.60 -5.11
CA ASN C 996 -22.41 -30.75 -6.14
C ASN C 996 -21.64 -29.45 -6.16
N GLN C 997 -21.56 -28.83 -7.34
CA GLN C 997 -20.79 -27.61 -7.49
C GLN C 997 -21.52 -26.40 -6.91
N ALA C 998 -22.85 -26.39 -6.96
CA ALA C 998 -23.60 -25.22 -6.51
C ALA C 998 -23.51 -25.04 -5.00
N PHE C 999 -23.68 -26.13 -4.24
CA PHE C 999 -23.56 -26.04 -2.79
C PHE C 999 -22.13 -25.74 -2.37
N GLN C 1000 -21.16 -26.26 -3.13
CA GLN C 1000 -19.76 -25.90 -2.89
C GLN C 1000 -19.54 -24.41 -3.13
N LYS C 1001 -20.21 -23.84 -4.13
CA LYS C 1001 -20.10 -22.40 -4.37
C LYS C 1001 -20.74 -21.58 -3.25
N VAL C 1002 -21.86 -22.07 -2.71
CA VAL C 1002 -22.50 -21.40 -1.57
C VAL C 1002 -21.57 -21.39 -0.37
N GLN C 1003 -20.99 -22.55 -0.05
CA GLN C 1003 -20.07 -22.65 1.07
C GLN C 1003 -18.80 -21.83 0.82
N ASP C 1004 -18.34 -21.75 -0.43
CA ASP C 1004 -17.17 -20.95 -0.74
C ASP C 1004 -17.45 -19.46 -0.56
N ALA C 1005 -18.64 -19.00 -0.96
CA ALA C 1005 -18.98 -17.60 -0.76
C ALA C 1005 -19.09 -17.26 0.72
N VAL C 1006 -19.71 -18.14 1.50
CA VAL C 1006 -19.82 -17.90 2.94
C VAL C 1006 -18.44 -17.91 3.59
N ASN C 1007 -17.58 -18.85 3.17
CA ASN C 1007 -16.24 -18.94 3.71
C ASN C 1007 -15.40 -17.72 3.35
N ALA C 1008 -15.58 -17.18 2.14
CA ALA C 1008 -14.83 -15.97 1.75
C ALA C 1008 -15.31 -14.76 2.52
N ASN C 1009 -16.63 -14.65 2.74
CA ASN C 1009 -17.16 -13.55 3.54
C ASN C 1009 -16.70 -13.64 4.99
N ALA C 1010 -16.50 -14.86 5.50
CA ALA C 1010 -15.94 -15.00 6.84
C ALA C 1010 -14.44 -14.70 6.85
N GLN C 1011 -13.73 -15.08 5.80
CA GLN C 1011 -12.29 -14.91 5.75
C GLN C 1011 -11.90 -13.45 5.62
N ALA C 1012 -12.73 -12.63 4.97
CA ALA C 1012 -12.45 -11.20 4.90
C ALA C 1012 -12.42 -10.57 6.30
N LEU C 1013 -13.44 -10.86 7.10
CA LEU C 1013 -13.46 -10.35 8.47
C LEU C 1013 -12.37 -10.97 9.33
N SER C 1014 -12.05 -12.24 9.08
CA SER C 1014 -10.96 -12.89 9.83
C SER C 1014 -9.64 -12.20 9.56
N LYS C 1015 -9.37 -11.86 8.30
CA LYS C 1015 -8.14 -11.13 7.99
C LYS C 1015 -8.16 -9.73 8.58
N LEU C 1016 -9.32 -9.06 8.52
CA LEU C 1016 -9.43 -7.71 9.08
C LEU C 1016 -9.18 -7.68 10.58
N ALA C 1017 -9.59 -8.74 11.29
CA ALA C 1017 -9.28 -8.83 12.71
C ALA C 1017 -7.89 -9.37 13.00
N SER C 1018 -7.30 -10.13 12.06
CA SER C 1018 -5.99 -10.72 12.29
C SER C 1018 -4.84 -9.78 11.93
N GLU C 1019 -5.09 -8.70 11.20
CA GLU C 1019 -4.04 -7.70 11.01
C GLU C 1019 -3.90 -6.74 12.19
N LEU C 1020 -4.45 -7.08 13.36
CA LEU C 1020 -4.22 -6.31 14.57
C LEU C 1020 -3.02 -6.82 15.36
N SER C 1021 -2.66 -8.09 15.20
CA SER C 1021 -1.57 -8.69 15.95
C SER C 1021 -0.23 -8.61 15.24
N ASN C 1022 -0.18 -7.99 14.05
CA ASN C 1022 1.09 -7.86 13.34
C ASN C 1022 1.91 -6.75 13.96
N THR C 1023 3.17 -7.06 14.27
CA THR C 1023 4.04 -6.07 14.90
C THR C 1023 4.49 -5.01 13.91
N PHE C 1024 4.51 -5.34 12.61
CA PHE C 1024 4.88 -4.43 11.52
C PHE C 1024 6.28 -3.85 11.73
N GLY C 1025 7.19 -4.67 12.25
CA GLY C 1025 8.54 -4.24 12.52
C GLY C 1025 8.73 -3.53 13.83
N ALA C 1026 7.66 -3.26 14.58
CA ALA C 1026 7.78 -2.61 15.87
C ALA C 1026 8.13 -3.62 16.94
N ILE C 1027 8.37 -3.12 18.16
CA ILE C 1027 8.74 -4.01 19.25
C ILE C 1027 7.55 -4.79 19.80
N SER C 1028 6.33 -4.32 19.56
CA SER C 1028 5.14 -5.03 20.02
C SER C 1028 3.95 -4.57 19.20
N ALA C 1029 2.92 -5.40 19.17
CA ALA C 1029 1.68 -5.09 18.47
C ALA C 1029 0.70 -4.31 19.33
N SER C 1030 1.03 -4.05 20.59
CA SER C 1030 0.19 -3.31 21.50
C SER C 1030 0.79 -1.93 21.73
N ILE C 1031 -0.02 -0.89 21.58
CA ILE C 1031 0.48 0.47 21.76
C ILE C 1031 0.76 0.74 23.23
N GLY C 1032 0.11 0.00 24.14
CA GLY C 1032 0.42 0.15 25.55
C GLY C 1032 1.83 -0.29 25.90
N ASP C 1033 2.28 -1.39 25.31
CA ASP C 1033 3.64 -1.87 25.56
C ASP C 1033 4.68 -0.91 24.98
N ILE C 1034 4.41 -0.36 23.80
CA ILE C 1034 5.33 0.61 23.20
C ILE C 1034 5.37 1.88 24.03
N LEU C 1035 4.21 2.30 24.56
CA LEU C 1035 4.17 3.49 25.41
C LEU C 1035 4.93 3.27 26.72
N LYS C 1036 4.80 2.09 27.32
CA LYS C 1036 5.44 1.84 28.59
C LYS C 1036 6.94 1.58 28.45
N ARG C 1037 7.36 0.95 27.35
CA ARG C 1037 8.73 0.47 27.23
C ARG C 1037 9.70 1.54 26.73
N LEU C 1038 9.30 2.34 25.75
CA LEU C 1038 10.21 3.26 25.09
C LEU C 1038 9.97 4.69 25.54
N ASP C 1039 10.91 5.57 25.20
CA ASP C 1039 10.85 6.96 25.57
C ASP C 1039 9.94 7.73 24.61
N THR C 1040 9.79 9.03 24.85
CA THR C 1040 8.87 9.85 24.07
C THR C 1040 9.37 10.16 22.67
N LEU C 1041 10.64 9.90 22.37
CA LEU C 1041 11.18 10.16 21.04
C LEU C 1041 11.16 8.93 20.15
N GLU C 1042 11.38 7.74 20.71
CA GLU C 1042 11.28 6.51 19.94
C GLU C 1042 9.87 5.94 19.92
N GLN C 1043 8.95 6.50 20.71
CA GLN C 1043 7.55 6.08 20.63
C GLN C 1043 6.95 6.49 19.29
N GLU C 1044 7.36 7.66 18.78
CA GLU C 1044 6.80 8.19 17.55
C GLU C 1044 7.08 7.28 16.36
N VAL C 1045 8.29 6.74 16.28
CA VAL C 1045 8.66 5.91 15.14
C VAL C 1045 7.86 4.60 15.13
N GLN C 1046 7.78 3.94 16.28
CA GLN C 1046 7.06 2.66 16.34
C GLN C 1046 5.57 2.85 16.15
N ILE C 1047 4.99 3.90 16.74
CA ILE C 1047 3.57 4.15 16.52
C ILE C 1047 3.32 4.55 15.07
N ASP C 1048 4.27 5.23 14.42
CA ASP C 1048 4.13 5.53 13.00
C ASP C 1048 4.13 4.26 12.16
N ARG C 1049 5.00 3.30 12.48
CA ARG C 1049 5.00 2.03 11.74
C ARG C 1049 3.70 1.27 11.95
N LEU C 1050 3.19 1.27 13.19
CA LEU C 1050 1.92 0.61 13.47
C LEU C 1050 0.77 1.27 12.72
N ILE C 1051 0.75 2.60 12.68
CA ILE C 1051 -0.30 3.33 11.99
C ILE C 1051 -0.24 3.05 10.49
N ASN C 1052 0.97 2.97 9.94
CA ASN C 1052 1.15 2.61 8.53
C ASN C 1052 0.56 1.23 8.25
N GLY C 1053 0.85 0.27 9.12
CA GLY C 1053 0.33 -1.08 8.90
C GLY C 1053 -1.19 -1.15 8.97
N ARG C 1054 -1.77 -0.52 9.99
CA ARG C 1054 -3.22 -0.59 10.15
C ARG C 1054 -3.93 0.16 9.02
N LEU C 1055 -3.40 1.30 8.59
CA LEU C 1055 -4.03 2.05 7.51
C LEU C 1055 -3.90 1.31 6.18
N THR C 1056 -2.77 0.63 5.96
CA THR C 1056 -2.64 -0.20 4.77
C THR C 1056 -3.66 -1.32 4.77
N SER C 1057 -3.86 -1.96 5.92
CA SER C 1057 -4.87 -3.03 6.01
C SER C 1057 -6.27 -2.50 5.76
N LEU C 1058 -6.59 -1.32 6.32
CA LEU C 1058 -7.91 -0.73 6.09
C LEU C 1058 -8.14 -0.37 4.63
N ASN C 1059 -7.12 0.20 3.97
CA ASN C 1059 -7.25 0.54 2.56
C ASN C 1059 -7.41 -0.70 1.69
N ALA C 1060 -6.69 -1.78 2.04
CA ALA C 1060 -6.85 -3.04 1.32
C ALA C 1060 -8.25 -3.60 1.48
N PHE C 1061 -8.82 -3.50 2.70
CA PHE C 1061 -10.19 -3.97 2.90
C PHE C 1061 -11.19 -3.12 2.13
N VAL C 1062 -10.97 -1.80 2.05
CA VAL C 1062 -11.87 -0.92 1.31
C VAL C 1062 -11.84 -1.26 -0.18
N SER C 1063 -10.63 -1.49 -0.72
CA SER C 1063 -10.52 -1.87 -2.13
C SER C 1063 -11.18 -3.23 -2.38
N GLN C 1064 -11.04 -4.17 -1.45
CA GLN C 1064 -11.70 -5.45 -1.57
C GLN C 1064 -13.23 -5.30 -1.58
N GLN C 1065 -13.75 -4.42 -0.73
CA GLN C 1065 -15.19 -4.17 -0.72
C GLN C 1065 -15.66 -3.55 -2.03
N LEU C 1066 -14.86 -2.64 -2.60
CA LEU C 1066 -15.23 -2.06 -3.90
C LEU C 1066 -15.26 -3.11 -5.01
N VAL C 1067 -14.26 -4.00 -5.04
CA VAL C 1067 -14.22 -5.03 -6.07
C VAL C 1067 -15.39 -5.99 -5.91
N ARG C 1068 -15.70 -6.37 -4.67
CA ARG C 1068 -16.83 -7.27 -4.44
C ARG C 1068 -18.16 -6.61 -4.79
N SER C 1069 -18.29 -5.30 -4.57
CA SER C 1069 -19.49 -4.60 -5.00
C SER C 1069 -19.62 -4.56 -6.51
N GLU C 1070 -18.50 -4.36 -7.22
CA GLU C 1070 -18.54 -4.36 -8.68
C GLU C 1070 -18.87 -5.73 -9.23
N ALA C 1071 -18.49 -6.80 -8.53
CA ALA C 1071 -18.91 -8.14 -8.94
C ALA C 1071 -20.38 -8.38 -8.62
N ALA C 1072 -20.84 -7.90 -7.46
CA ALA C 1072 -22.21 -8.15 -7.04
C ALA C 1072 -23.22 -7.40 -7.89
N ALA C 1073 -22.84 -6.25 -8.45
CA ALA C 1073 -23.74 -5.54 -9.36
C ALA C 1073 -24.03 -6.36 -10.62
N ARG C 1074 -22.99 -6.94 -11.20
CA ARG C 1074 -23.14 -7.82 -12.36
C ARG C 1074 -23.94 -9.06 -12.00
N SER C 1075 -23.69 -9.61 -10.81
CA SER C 1075 -24.45 -10.78 -10.37
C SER C 1075 -25.93 -10.45 -10.20
N SER C 1076 -26.23 -9.26 -9.67
CA SER C 1076 -27.62 -8.84 -9.52
C SER C 1076 -28.30 -8.67 -10.87
N GLN C 1077 -27.60 -8.09 -11.84
CA GLN C 1077 -28.16 -7.96 -13.18
C GLN C 1077 -28.42 -9.33 -13.80
N LEU C 1078 -27.50 -10.28 -13.60
CA LEU C 1078 -27.70 -11.62 -14.12
C LEU C 1078 -28.87 -12.31 -13.44
N VAL C 1079 -29.06 -12.09 -12.14
CA VAL C 1079 -30.20 -12.68 -11.45
C VAL C 1079 -31.51 -12.11 -11.97
N LYS C 1080 -31.55 -10.80 -12.22
CA LYS C 1080 -32.74 -10.19 -12.84
C LYS C 1080 -33.03 -10.81 -14.19
N ASP C 1081 -32.00 -10.99 -15.02
CA ASP C 1081 -32.20 -11.57 -16.34
C ASP C 1081 -32.70 -13.02 -16.25
N LYS C 1082 -32.12 -13.81 -15.34
CA LYS C 1082 -32.53 -15.20 -15.20
C LYS C 1082 -33.96 -15.31 -14.69
N VAL C 1083 -34.36 -14.42 -13.79
CA VAL C 1083 -35.73 -14.45 -13.28
C VAL C 1083 -36.71 -14.05 -14.38
N ASN C 1084 -36.40 -13.00 -15.13
CA ASN C 1084 -37.33 -12.55 -16.16
C ASN C 1084 -37.27 -13.37 -17.44
N GLU C 1085 -36.33 -14.31 -17.57
CA GLU C 1085 -36.29 -15.19 -18.72
C GLU C 1085 -36.72 -16.62 -18.42
N CYS C 1086 -36.15 -17.23 -17.38
CA CYS C 1086 -36.36 -18.66 -17.12
C CYS C 1086 -37.49 -18.94 -16.15
N VAL C 1087 -37.81 -18.01 -15.25
CA VAL C 1087 -38.76 -18.29 -14.18
C VAL C 1087 -40.18 -17.94 -14.62
N LYS C 1088 -40.42 -16.67 -14.93
CA LYS C 1088 -41.77 -16.24 -15.29
C LYS C 1088 -42.20 -16.73 -16.67
N SER C 1089 -41.26 -17.20 -17.49
CA SER C 1089 -41.57 -17.64 -18.84
C SER C 1089 -40.74 -18.89 -19.15
N GLN C 1090 -40.88 -19.38 -20.38
CA GLN C 1090 -40.11 -20.51 -20.87
C GLN C 1090 -39.16 -20.00 -21.95
N SER C 1091 -37.86 -20.27 -21.77
CA SER C 1091 -36.86 -19.74 -22.67
C SER C 1091 -36.80 -20.54 -23.96
N SER C 1092 -36.31 -19.90 -25.02
CA SER C 1092 -36.11 -20.54 -26.30
C SER C 1092 -34.65 -20.83 -26.61
N ARG C 1093 -33.72 -20.20 -25.91
CA ARG C 1093 -32.30 -20.39 -26.15
C ARG C 1093 -31.72 -21.35 -25.12
N ASN C 1094 -30.97 -22.34 -25.59
CA ASN C 1094 -30.37 -23.32 -24.71
C ASN C 1094 -29.15 -22.72 -23.99
N GLY C 1095 -28.80 -23.34 -22.87
CA GLY C 1095 -27.66 -22.95 -22.09
C GLY C 1095 -27.91 -21.81 -21.11
N PHE C 1096 -28.80 -20.89 -21.45
CA PHE C 1096 -29.03 -19.74 -20.57
C PHE C 1096 -29.83 -20.10 -19.33
N CYS C 1097 -30.57 -21.21 -19.36
CA CYS C 1097 -31.31 -21.65 -18.18
C CYS C 1097 -30.91 -23.07 -17.83
N GLY C 1098 -29.62 -23.34 -17.78
CA GLY C 1098 -29.13 -24.66 -17.45
C GLY C 1098 -28.96 -25.54 -18.69
N GLN C 1099 -28.33 -26.69 -18.47
CA GLN C 1099 -28.03 -27.62 -19.55
C GLN C 1099 -29.29 -28.35 -19.98
N GLY C 1100 -29.52 -28.40 -21.28
CA GLY C 1100 -30.67 -29.10 -21.85
C GLY C 1100 -31.73 -28.13 -22.33
N THR C 1101 -32.83 -28.70 -22.80
CA THR C 1101 -33.97 -27.91 -23.24
C THR C 1101 -34.82 -27.54 -22.03
N HIS C 1102 -35.12 -26.25 -21.89
CA HIS C 1102 -35.73 -25.74 -20.68
C HIS C 1102 -37.21 -26.12 -20.62
N ILE C 1103 -37.69 -26.41 -19.40
CA ILE C 1103 -39.10 -26.73 -19.17
C ILE C 1103 -39.68 -25.77 -18.16
N VAL C 1104 -39.11 -25.72 -16.96
CA VAL C 1104 -39.58 -24.85 -15.89
C VAL C 1104 -38.40 -24.52 -14.98
N SER C 1105 -38.52 -23.42 -14.24
CA SER C 1105 -37.47 -22.99 -13.33
C SER C 1105 -38.08 -22.34 -12.11
N PHE C 1106 -37.45 -22.56 -10.95
CA PHE C 1106 -37.88 -21.97 -9.70
C PHE C 1106 -36.70 -21.24 -9.06
N ALA C 1107 -37.00 -20.20 -8.30
CA ALA C 1107 -35.99 -19.40 -7.64
C ALA C 1107 -36.28 -19.35 -6.15
N VAL C 1108 -35.25 -19.65 -5.34
CA VAL C 1108 -35.36 -19.62 -3.88
C VAL C 1108 -34.20 -18.79 -3.34
N ASN C 1109 -34.35 -18.37 -2.09
CA ASN C 1109 -33.29 -17.58 -1.44
C ASN C 1109 -32.10 -18.47 -1.10
N ALA C 1110 -31.01 -17.83 -0.73
CA ALA C 1110 -29.74 -18.49 -0.45
C ALA C 1110 -28.92 -17.57 0.42
N PRO C 1111 -27.89 -18.10 1.10
CA PRO C 1111 -26.96 -17.20 1.82
C PRO C 1111 -26.25 -16.23 0.89
N ASN C 1112 -26.57 -14.95 1.05
CA ASN C 1112 -25.98 -13.84 0.29
C ASN C 1112 -26.15 -14.02 -1.21
N GLY C 1113 -27.31 -14.50 -1.64
CA GLY C 1113 -27.54 -14.68 -3.06
C GLY C 1113 -28.85 -15.40 -3.32
N PHE C 1114 -28.98 -15.85 -4.56
CA PHE C 1114 -30.17 -16.55 -5.02
C PHE C 1114 -29.79 -17.94 -5.50
N TYR C 1115 -30.56 -18.94 -5.10
CA TYR C 1115 -30.37 -20.31 -5.52
C TYR C 1115 -31.38 -20.64 -6.60
N PHE C 1116 -30.89 -20.98 -7.79
CA PHE C 1116 -31.74 -21.24 -8.95
C PHE C 1116 -31.78 -22.72 -9.24
N VAL C 1117 -32.98 -23.24 -9.51
CA VAL C 1117 -33.17 -24.60 -9.96
C VAL C 1117 -33.89 -24.57 -11.31
N HIS C 1118 -33.32 -25.26 -12.29
CA HIS C 1118 -33.91 -25.39 -13.62
C HIS C 1118 -34.16 -26.85 -13.90
N VAL C 1119 -35.31 -27.15 -14.51
CA VAL C 1119 -35.67 -28.50 -14.89
C VAL C 1119 -35.51 -28.61 -16.40
N GLY C 1120 -34.53 -29.38 -16.84
CA GLY C 1120 -34.25 -29.56 -18.25
C GLY C 1120 -35.10 -30.66 -18.86
N TYR C 1121 -34.74 -31.05 -20.08
CA TYR C 1121 -35.40 -32.13 -20.78
C TYR C 1121 -34.50 -33.36 -20.91
N HIS C 1122 -33.31 -33.19 -21.50
CA HIS C 1122 -32.25 -34.19 -21.63
C HIS C 1122 -32.71 -35.51 -22.23
N PRO C 1123 -32.93 -35.58 -23.54
CA PRO C 1123 -33.18 -36.88 -24.17
C PRO C 1123 -31.96 -37.80 -24.04
N THR C 1124 -32.23 -39.09 -23.82
CA THR C 1124 -31.17 -40.03 -23.50
C THR C 1124 -31.06 -41.21 -24.46
N ASP C 1125 -32.07 -41.50 -25.26
CA ASP C 1125 -32.02 -42.62 -26.20
C ASP C 1125 -32.45 -42.13 -27.57
N TYR C 1126 -31.59 -42.33 -28.57
CA TYR C 1126 -31.80 -41.80 -29.91
C TYR C 1126 -31.97 -42.94 -30.91
N VAL C 1127 -32.47 -42.58 -32.10
CA VAL C 1127 -32.66 -43.53 -33.18
C VAL C 1127 -32.19 -42.86 -34.47
N ASN C 1128 -31.88 -43.69 -35.47
CA ASN C 1128 -31.29 -43.24 -36.73
C ASN C 1128 -32.35 -43.40 -37.83
N GLN C 1129 -32.97 -42.28 -38.21
CA GLN C 1129 -33.95 -42.25 -39.29
C GLN C 1129 -33.60 -41.12 -40.25
N THR C 1130 -34.32 -41.07 -41.37
CA THR C 1130 -34.12 -40.04 -42.38
C THR C 1130 -35.45 -39.35 -42.69
N SER C 1131 -35.40 -38.05 -42.93
CA SER C 1131 -36.57 -37.25 -43.21
C SER C 1131 -36.41 -36.56 -44.56
N ALA C 1132 -37.34 -35.66 -44.87
CA ALA C 1132 -37.32 -34.92 -46.12
C ALA C 1132 -37.53 -33.44 -45.85
N TYR C 1133 -37.19 -32.62 -46.85
CA TYR C 1133 -37.40 -31.19 -46.72
C TYR C 1133 -38.88 -30.83 -46.71
N GLY C 1134 -39.69 -31.57 -47.45
CA GLY C 1134 -41.13 -31.35 -47.44
C GLY C 1134 -41.84 -32.06 -48.56
N LEU C 1135 -42.97 -32.67 -48.26
CA LEU C 1135 -43.75 -33.38 -49.26
C LEU C 1135 -44.52 -32.37 -50.09
N CYS C 1136 -44.64 -32.64 -51.39
CA CYS C 1136 -45.31 -31.73 -52.30
C CYS C 1136 -46.06 -32.52 -53.36
N ASP C 1137 -46.82 -31.80 -54.17
CA ASP C 1137 -47.57 -32.43 -55.24
C ASP C 1137 -46.64 -32.88 -56.36
N SER C 1138 -47.18 -33.74 -57.23
CA SER C 1138 -46.37 -34.34 -58.29
C SER C 1138 -45.86 -33.29 -59.27
N SER C 1139 -46.72 -32.34 -59.64
CA SER C 1139 -46.33 -31.27 -60.55
C SER C 1139 -46.02 -29.98 -59.81
N ASN C 1140 -45.65 -30.08 -58.52
CA ASN C 1140 -45.33 -28.94 -57.66
C ASN C 1140 -46.49 -27.96 -57.57
N THR C 1141 -47.69 -28.48 -57.33
CA THR C 1141 -48.89 -27.67 -57.23
C THR C 1141 -49.11 -27.16 -55.81
N LYS C 1142 -49.10 -28.06 -54.83
CA LYS C 1142 -49.21 -27.69 -53.43
C LYS C 1142 -48.21 -28.51 -52.63
N CYS C 1143 -47.50 -27.84 -51.72
CA CYS C 1143 -46.45 -28.48 -50.94
C CYS C 1143 -46.59 -28.13 -49.47
N ILE C 1144 -46.34 -29.11 -48.61
CA ILE C 1144 -46.45 -28.92 -47.17
C ILE C 1144 -45.07 -29.05 -46.54
N ALA C 1145 -44.98 -28.57 -45.30
CA ALA C 1145 -43.74 -28.62 -44.54
C ALA C 1145 -44.10 -28.76 -43.07
N ALA C 1146 -43.13 -29.23 -42.30
CA ALA C 1146 -43.38 -29.61 -40.91
C ALA C 1146 -43.55 -28.40 -40.01
N LYS C 1147 -44.45 -28.52 -39.04
CA LYS C 1147 -44.67 -27.51 -38.01
C LYS C 1147 -44.31 -28.14 -36.67
N ASN C 1148 -43.05 -27.98 -36.28
CA ASN C 1148 -42.48 -28.54 -35.05
C ASN C 1148 -42.65 -30.06 -35.07
N GLY C 1149 -41.87 -30.65 -35.96
CA GLY C 1149 -41.92 -32.08 -36.16
C GLY C 1149 -41.11 -32.48 -37.38
N TYR C 1150 -41.29 -33.73 -37.78
CA TYR C 1150 -40.56 -34.29 -38.91
C TYR C 1150 -41.44 -35.30 -39.64
N PHE C 1151 -41.06 -35.57 -40.89
CA PHE C 1151 -41.78 -36.49 -41.76
C PHE C 1151 -40.91 -37.71 -41.99
N ILE C 1152 -41.42 -38.88 -41.63
CA ILE C 1152 -40.65 -40.12 -41.69
C ILE C 1152 -41.45 -41.17 -42.44
N LYS C 1153 -40.82 -41.81 -43.42
CA LYS C 1153 -41.44 -42.90 -44.15
C LYS C 1153 -41.45 -44.17 -43.30
N ASN C 1154 -42.54 -44.93 -43.39
CA ASN C 1154 -42.61 -46.21 -42.68
C ASN C 1154 -41.70 -47.24 -43.32
N GLY C 1155 -41.49 -47.17 -44.63
CA GLY C 1155 -40.69 -48.14 -45.34
C GLY C 1155 -41.37 -48.53 -46.65
N SER C 1156 -42.66 -48.28 -46.74
CA SER C 1156 -43.46 -48.55 -47.93
C SER C 1156 -44.05 -47.26 -48.48
N ASP C 1157 -43.26 -46.17 -48.39
CA ASP C 1157 -43.67 -44.81 -48.78
C ASP C 1157 -44.92 -44.35 -48.04
N ASP C 1158 -45.10 -44.83 -46.81
CA ASP C 1158 -46.20 -44.42 -45.96
C ASP C 1158 -45.65 -43.36 -45.00
N TRP C 1159 -45.75 -42.11 -45.42
CA TRP C 1159 -45.20 -41.01 -44.64
C TRP C 1159 -46.05 -40.76 -43.39
N MET C 1160 -45.37 -40.42 -42.29
CA MET C 1160 -46.04 -40.14 -41.04
C MET C 1160 -45.34 -38.97 -40.36
N PHE C 1161 -46.09 -38.28 -39.51
CA PHE C 1161 -45.57 -37.16 -38.73
C PHE C 1161 -45.03 -37.68 -37.40
N THR C 1162 -43.90 -37.13 -36.97
CA THR C 1162 -43.32 -37.45 -35.69
C THR C 1162 -42.87 -36.18 -34.99
N GLY C 1163 -42.81 -36.25 -33.66
CA GLY C 1163 -42.40 -35.10 -32.89
C GLY C 1163 -40.91 -34.84 -32.96
N SER C 1164 -40.53 -33.61 -32.60
CA SER C 1164 -39.13 -33.21 -32.64
C SER C 1164 -38.35 -33.65 -31.41
N SER C 1165 -39.01 -34.23 -30.40
CA SER C 1165 -38.32 -34.66 -29.20
C SER C 1165 -38.78 -36.02 -28.69
N TYR C 1166 -39.69 -36.70 -29.38
CA TYR C 1166 -40.11 -38.03 -28.97
C TYR C 1166 -40.64 -38.74 -30.20
N TYR C 1167 -40.39 -40.04 -30.29
CA TYR C 1167 -40.81 -40.85 -31.43
C TYR C 1167 -42.11 -41.55 -31.08
N GLN C 1168 -43.20 -41.12 -31.71
CA GLN C 1168 -44.49 -41.79 -31.65
C GLN C 1168 -45.29 -41.33 -32.86
N PRO C 1169 -45.16 -42.02 -34.00
CA PRO C 1169 -45.69 -41.48 -35.25
C PRO C 1169 -47.22 -41.47 -35.28
N GLU C 1170 -47.77 -40.43 -35.89
CA GLU C 1170 -49.19 -40.21 -36.10
C GLU C 1170 -49.42 -39.79 -37.54
N PRO C 1171 -50.61 -40.03 -38.09
CA PRO C 1171 -50.88 -39.62 -39.48
C PRO C 1171 -50.84 -38.11 -39.66
N ILE C 1172 -50.43 -37.70 -40.86
CA ILE C 1172 -50.28 -36.28 -41.18
C ILE C 1172 -51.65 -35.67 -41.38
N THR C 1173 -51.92 -34.58 -40.67
CA THR C 1173 -53.14 -33.81 -40.84
C THR C 1173 -52.80 -32.39 -41.27
N ASN C 1174 -53.82 -31.55 -41.37
CA ASN C 1174 -53.61 -30.13 -41.66
C ASN C 1174 -53.19 -29.33 -40.44
N PHE C 1175 -53.22 -29.94 -39.26
CA PHE C 1175 -52.98 -29.22 -38.01
C PHE C 1175 -51.54 -29.30 -37.55
N ASN C 1176 -50.67 -29.99 -38.30
CA ASN C 1176 -49.25 -30.05 -37.96
C ASN C 1176 -48.37 -29.83 -39.19
N SER C 1177 -48.95 -29.47 -40.33
CA SER C 1177 -48.20 -29.21 -41.54
C SER C 1177 -48.69 -27.92 -42.17
N ARG C 1178 -47.76 -27.05 -42.55
CA ARG C 1178 -48.08 -25.75 -43.10
C ARG C 1178 -47.78 -25.73 -44.59
N SER C 1179 -48.56 -24.94 -45.34
CA SER C 1179 -48.30 -24.79 -46.76
C SER C 1179 -47.04 -23.97 -46.99
N VAL C 1180 -46.18 -24.43 -47.89
CA VAL C 1180 -44.90 -23.79 -48.15
C VAL C 1180 -44.74 -23.62 -49.65
N GLU C 1181 -43.91 -22.66 -50.04
CA GLU C 1181 -43.66 -22.40 -51.44
C GLU C 1181 -42.93 -23.58 -52.08
N PRO C 1182 -43.27 -23.95 -53.32
CA PRO C 1182 -42.60 -25.07 -53.98
C PRO C 1182 -41.12 -24.79 -54.21
N GLU C 1183 -40.31 -25.84 -54.05
CA GLU C 1183 -38.87 -25.77 -54.26
C GLU C 1183 -38.43 -27.00 -55.02
N VAL C 1184 -37.28 -26.88 -55.68
CA VAL C 1184 -36.74 -28.00 -56.43
C VAL C 1184 -36.15 -29.06 -55.51
N THR C 1185 -35.86 -28.73 -54.26
CA THR C 1185 -35.29 -29.67 -53.31
C THR C 1185 -36.35 -30.57 -52.68
N PHE C 1186 -37.62 -30.23 -52.78
CA PHE C 1186 -38.67 -31.07 -52.25
C PHE C 1186 -38.81 -32.34 -53.07
N GLN C 1187 -39.04 -33.46 -52.40
CA GLN C 1187 -39.27 -34.70 -53.10
C GLN C 1187 -40.67 -34.76 -53.67
N ASN C 1188 -40.82 -35.44 -54.79
CA ASN C 1188 -42.10 -35.59 -55.49
C ASN C 1188 -42.59 -37.02 -55.29
N LEU C 1189 -43.84 -37.15 -54.87
CA LEU C 1189 -44.41 -38.43 -54.51
C LEU C 1189 -45.64 -38.74 -55.35
N THR C 1190 -46.13 -39.96 -55.21
CA THR C 1190 -47.30 -40.44 -55.94
C THR C 1190 -48.01 -41.47 -55.06
N ASN C 1191 -48.91 -42.25 -55.67
CA ASN C 1191 -49.65 -43.34 -55.03
C ASN C 1191 -50.46 -42.86 -53.83
N ASN C 1192 -50.04 -43.23 -52.63
CA ASN C 1192 -50.73 -42.79 -51.43
C ASN C 1192 -50.49 -41.31 -51.20
N LEU C 1193 -51.50 -40.62 -50.68
CA LEU C 1193 -51.46 -39.18 -50.51
C LEU C 1193 -51.90 -38.81 -49.09
N PRO C 1194 -51.16 -37.94 -48.40
CA PRO C 1194 -51.66 -37.38 -47.15
C PRO C 1194 -52.86 -36.48 -47.42
N PRO C 1195 -53.78 -36.37 -46.46
CA PRO C 1195 -55.00 -35.56 -46.66
C PRO C 1195 -54.74 -34.09 -46.94
N PRO C 1196 -53.68 -33.45 -46.39
CA PRO C 1196 -53.36 -32.11 -46.92
C PRO C 1196 -52.97 -32.09 -48.39
N LEU C 1197 -52.38 -33.17 -48.91
CA LEU C 1197 -51.88 -33.18 -50.27
C LEU C 1197 -52.90 -33.64 -51.30
N SER C 1198 -54.09 -34.04 -50.87
CA SER C 1198 -55.10 -34.51 -51.81
C SER C 1198 -55.93 -33.34 -52.34
C1 NAG D . 27.84 40.51 14.87
C2 NAG D . 29.31 40.22 15.17
C3 NAG D . 30.20 41.17 14.37
C4 NAG D . 29.77 41.32 12.91
C5 NAG D . 28.25 41.36 12.73
C6 NAG D . 27.81 41.16 11.30
C7 NAG D . 30.69 39.81 17.16
C8 NAG D . 30.87 40.08 18.63
N2 NAG D . 29.61 40.34 16.59
O3 NAG D . 31.54 40.69 14.42
O4 NAG D . 30.23 42.58 12.43
O5 NAG D . 27.61 40.34 13.50
O6 NAG D . 26.47 40.70 11.24
O7 NAG D . 31.50 39.14 16.52
C1 NAG D . 31.60 42.72 11.98
C2 NAG D . 31.63 43.99 11.13
C3 NAG D . 33.06 44.28 10.68
C4 NAG D . 34.01 44.33 11.86
C5 NAG D . 33.90 43.03 12.66
C6 NAG D . 34.72 43.04 13.93
C7 NAG D . 29.61 44.58 9.87
C8 NAG D . 29.28 45.53 10.99
N2 NAG D . 30.74 43.88 9.99
O3 NAG D . 33.07 45.51 9.96
O4 NAG D . 35.36 44.47 11.42
O5 NAG D . 32.53 42.84 13.06
O6 NAG D . 34.34 41.98 14.80
O7 NAG D . 28.88 44.46 8.88
C1 BMA D . 35.83 45.82 11.56
C2 BMA D . 37.35 45.78 11.86
C3 BMA D . 37.96 47.17 11.72
C4 BMA D . 37.55 47.83 10.40
C5 BMA D . 36.04 47.90 10.32
C6 BMA D . 35.55 48.52 9.03
O2 BMA D . 38.02 44.98 10.92
O3 BMA D . 39.38 47.11 11.82
O4 BMA D . 38.10 49.14 10.31
O5 BMA D . 35.53 46.55 10.38
O6 BMA D . 36.38 49.62 8.72
C1 NAG E . 41.68 8.85 -42.83
C2 NAG E . 40.43 8.29 -42.13
C3 NAG E . 40.82 7.18 -41.16
C4 NAG E . 41.64 6.11 -41.87
C5 NAG E . 42.86 6.77 -42.51
C6 NAG E . 43.73 5.80 -43.28
C7 NAG E . 38.52 9.79 -41.81
C8 NAG E . 37.92 10.88 -40.97
N2 NAG E . 39.71 9.34 -41.42
O3 NAG E . 39.64 6.61 -40.61
O4 NAG E . 42.06 5.11 -40.96
O5 NAG E . 42.42 7.77 -43.44
O6 NAG E . 45.11 6.04 -43.02
O7 NAG E . 37.94 9.34 -42.80
C1 NAG E . 41.34 3.89 -41.18
C2 NAG E . 41.76 2.86 -40.12
C3 NAG E . 40.91 1.60 -40.21
C4 NAG E . 39.42 1.94 -40.19
C5 NAG E . 39.11 2.96 -41.28
C6 NAG E . 37.68 3.45 -41.27
C7 NAG E . 44.16 3.20 -39.66
C8 NAG E . 45.55 2.70 -39.93
N2 NAG E . 43.17 2.53 -40.26
O3 NAG E . 41.23 0.73 -39.14
O4 NAG E . 38.67 0.74 -40.40
O5 NAG E . 39.93 4.12 -41.08
O6 NAG E . 36.85 2.61 -42.08
O7 NAG E . 43.93 4.15 -38.93
C1 BMA E . 37.74 0.45 -39.32
C2 BMA E . 38.33 -0.66 -38.38
C3 BMA E . 37.29 -0.98 -37.31
C4 BMA E . 36.76 0.30 -36.60
C5 BMA E . 36.36 1.39 -37.63
C6 BMA E . 36.01 2.72 -37.00
O2 BMA E . 39.48 -0.20 -37.69
O3 BMA E . 37.80 -1.89 -36.34
O4 BMA E . 35.64 -0.03 -35.80
O5 BMA E . 37.45 1.61 -38.54
O6 BMA E . 37.17 3.23 -36.35
C1 NAG F . -26.51 47.86 24.53
C2 NAG F . -26.39 46.87 23.34
C3 NAG F . -25.07 47.08 22.56
C4 NAG F . -24.88 48.55 22.21
C5 NAG F . -25.03 49.42 23.46
C6 NAG F . -24.93 50.89 23.18
C7 NAG F . -26.06 44.55 24.44
C8 NAG F . -24.84 44.96 25.24
N2 NAG F . -26.66 45.45 23.64
O3 NAG F . -25.10 46.29 21.37
O4 NAG F . -23.58 48.75 21.67
O5 NAG F . -26.31 49.19 24.06
O6 NAG F . -24.44 51.60 24.31
O7 NAG F . -26.49 43.40 24.53
C1 NAG F . -23.62 48.99 20.25
C2 NAG F . -22.21 49.32 19.79
C3 NAG F . -22.15 49.49 18.27
C4 NAG F . -22.79 48.31 17.55
C5 NAG F . -24.19 48.04 18.11
C6 NAG F . -24.83 46.80 17.55
C7 NAG F . -22.10 51.72 20.43
C8 NAG F . -21.33 52.73 21.24
N2 NAG F . -21.64 50.47 20.48
O3 NAG F . -20.79 49.65 17.87
O4 NAG F . -22.88 48.64 16.17
O5 NAG F . -24.12 47.87 19.53
O6 NAG F . -23.87 45.76 17.37
O7 NAG F . -23.09 52.05 19.78
C1 BMA F . -22.20 47.75 15.23
C2 BMA F . -20.73 48.23 14.94
C3 BMA F . -20.11 47.29 13.90
C4 BMA F . -20.28 45.80 14.27
C5 BMA F . -21.75 45.49 14.63
C6 BMA F . -22.00 44.06 15.05
O2 BMA F . -19.90 48.16 16.08
O3 BMA F . -18.72 47.58 13.71
O4 BMA F . -19.88 44.97 13.19
O5 BMA F . -22.15 46.38 15.70
O6 BMA F . -21.86 43.24 13.90
C1 NAG G . 37.38 -16.19 36.22
C2 NAG G . 38.22 -16.37 37.48
C3 NAG G . 37.58 -17.40 38.40
C4 NAG G . 36.12 -17.05 38.67
C5 NAG G . 35.37 -16.79 37.38
C6 NAG G . 33.97 -16.26 37.60
C7 NAG G . 40.65 -16.15 37.66
C8 NAG G . 41.99 -16.67 37.21
N2 NAG G . 39.58 -16.75 37.14
O3 NAG G . 38.32 -17.45 39.62
O4 NAG G . 35.50 -18.14 39.34
O5 NAG G . 36.06 -15.80 36.58
O6 NAG G . 33.99 -14.91 38.05
O7 NAG G . 40.56 -15.21 38.45
C1 NAG G . 35.23 -17.82 40.72
C2 NAG G . 34.18 -18.80 41.23
C3 NAG G . 33.88 -18.52 42.70
C4 NAG G . 35.16 -18.57 43.52
C5 NAG G . 36.20 -17.62 42.92
C6 NAG G . 37.56 -17.74 43.58
C7 NAG G . 32.72 -19.52 39.39
C8 NAG G . 31.41 -19.31 38.69
N2 NAG G . 32.96 -18.72 40.43
O3 NAG G . 32.96 -19.50 43.18
O4 NAG G . 34.90 -18.18 44.86
O5 NAG G . 36.41 -17.92 41.53
O6 NAG G . 38.14 -19.02 43.35
O7 NAG G . 33.52 -20.38 39.03
C1 NAG H . 15.39 2.25 48.39
C2 NAG H . 14.13 2.30 49.24
C3 NAG H . 14.01 3.65 49.94
C4 NAG H . 15.28 3.98 50.70
C5 NAG H . 16.48 3.88 49.77
C6 NAG H . 17.81 4.10 50.47
C7 NAG H . 11.89 1.35 48.91
C8 NAG H . 10.75 1.16 47.96
N2 NAG H . 12.94 2.03 48.45
O3 NAG H . 12.90 3.62 50.82
O4 NAG H . 15.23 5.30 51.24
O5 NAG H . 16.53 2.57 49.18
O6 NAG H . 18.60 5.06 49.78
O7 NAG H . 11.85 0.92 50.07
C1 NAG H . 15.00 5.25 52.66
C2 NAG H . 15.84 6.32 53.34
C3 NAG H . 15.55 6.36 54.84
C4 NAG H . 14.05 6.48 55.10
C5 NAG H . 13.28 5.41 54.33
C6 NAG H . 11.78 5.58 54.42
C7 NAG H . 18.09 7.07 52.74
C8 NAG H . 19.52 6.66 52.55
N2 NAG H . 17.25 6.10 53.11
O3 NAG H . 16.25 7.45 55.42
O4 NAG H . 13.80 6.31 56.49
O5 NAG H . 13.62 5.47 52.94
O6 NAG H . 11.25 6.13 53.22
O7 NAG H . 17.72 8.22 52.56
C1 BMA H . 13.47 7.56 57.11
C2 BMA H . 12.36 7.29 58.16
C3 BMA H . 12.09 8.55 58.98
C4 BMA H . 13.39 9.14 59.54
C5 BMA H . 14.37 9.39 58.40
C6 BMA H . 15.70 9.94 58.87
O2 BMA H . 12.78 6.29 59.07
O3 BMA H . 11.18 8.29 60.05
O4 BMA H . 13.12 10.36 60.20
O5 BMA H . 14.62 8.14 57.72
O6 BMA H . 16.60 9.97 57.78
C1 NAG I . 3.94 -50.31 32.60
C2 NAG I . 3.55 -49.00 31.92
C3 NAG I . 3.30 -47.91 32.96
C4 NAG I . 2.28 -48.39 33.98
C5 NAG I . 2.77 -49.68 34.61
C6 NAG I . 1.80 -50.27 35.62
C7 NAG I . 4.44 -48.64 29.67
C8 NAG I . 5.61 -48.16 28.85
N2 NAG I . 4.58 -48.57 30.99
O3 NAG I . 2.84 -46.75 32.30
O4 NAG I . 2.08 -47.41 34.99
O5 NAG I . 2.95 -50.67 33.58
O6 NAG I . 2.30 -50.15 36.94
O7 NAG I . 3.42 -49.08 29.15
C1 NAG I . 0.79 -46.78 34.84
C2 NAG I . 0.49 -45.93 36.07
C3 NAG I . -0.83 -45.20 35.90
C4 NAG I . -0.82 -44.38 34.62
C5 NAG I . -0.52 -45.29 33.43
C6 NAG I . -0.39 -44.56 32.12
C7 NAG I . 1.01 -46.33 38.44
C8 NAG I . 0.91 -47.30 39.58
N2 NAG I . 0.49 -46.74 37.27
O3 NAG I . -1.05 -44.35 37.03
O4 NAG I . -2.08 -43.75 34.42
O5 NAG I . 0.74 -45.96 33.65
O6 NAG I . -1.62 -43.94 31.74
O7 NAG I . 1.56 -45.23 38.55
C1 BMA I . -1.96 -42.32 34.59
C2 BMA I . -3.31 -41.68 34.20
C3 BMA I . -3.31 -40.19 34.57
C4 BMA I . -2.88 -39.96 36.01
C5 BMA I . -1.49 -40.59 36.22
C6 BMA I . -0.97 -40.43 37.64
O2 BMA I . -4.38 -42.28 34.92
O3 BMA I . -4.60 -39.62 34.34
O4 BMA I . -2.82 -38.58 36.31
O5 BMA I . -1.60 -42.00 35.94
O6 BMA I . -1.23 -39.10 38.06
C1 NAG J . 49.66 22.73 2.34
C2 NAG J . 51.13 23.06 2.48
C3 NAG J . 51.91 22.54 1.27
C4 NAG J . 51.62 21.06 1.03
C5 NAG J . 50.13 20.81 0.97
C6 NAG J . 49.77 19.35 0.89
C7 NAG J . 51.52 25.07 3.83
C8 NAG J . 51.72 26.55 3.81
N2 NAG J . 51.34 24.49 2.64
O3 NAG J . 53.31 22.74 1.49
O4 NAG J . 52.21 20.67 -0.21
O5 NAG J . 49.49 21.32 2.15
O6 NAG J . 49.83 18.73 2.16
O7 NAG J . 51.53 24.42 4.88
C1 NAG J . 53.33 19.79 0.01
C2 NAG J . 53.62 19.06 -1.30
C3 NAG J . 54.84 18.15 -1.13
C4 NAG J . 56.02 18.94 -0.60
C5 NAG J . 55.64 19.69 0.67
C6 NAG J . 56.74 20.61 1.17
C7 NAG J . 51.55 18.81 -2.59
C8 NAG J . 50.44 17.89 -2.96
N2 NAG J . 52.47 18.31 -1.76
O3 NAG J . 55.15 17.56 -2.38
O4 NAG J . 57.10 18.06 -0.33
O5 NAG J . 54.48 20.50 0.44
O6 NAG J . 56.74 21.83 0.43
O7 NAG J . 51.63 19.94 -3.03
C1 NAG K . 49.57 -7.43 9.99
C2 NAG K . 49.51 -8.92 9.70
C3 NAG K . 49.93 -9.72 10.94
C4 NAG K . 51.28 -9.24 11.46
C5 NAG K . 51.28 -7.73 11.66
C6 NAG K . 52.65 -7.17 11.99
C7 NAG K . 47.93 -10.07 8.19
C8 NAG K . 49.13 -10.49 7.39
N2 NAG K . 48.17 -9.33 9.28
O3 NAG K . 50.00 -11.09 10.61
O4 NAG K . 51.55 -9.88 12.71
O5 NAG K . 50.87 -7.08 10.45
O6 NAG K . 53.48 -7.13 10.84
O7 NAG K . 46.79 -10.39 7.87
C1 NAG K . 52.72 -10.73 12.61
C2 NAG K . 53.38 -10.74 13.98
C3 NAG K . 54.63 -11.63 13.95
C4 NAG K . 54.28 -13.02 13.44
C5 NAG K . 53.53 -12.94 12.11
C6 NAG K . 53.00 -14.27 11.64
C7 NAG K . 52.94 -8.69 15.24
C8 NAG K . 53.45 -7.33 15.60
N2 NAG K . 53.73 -9.40 14.42
O3 NAG K . 55.16 -11.69 15.27
O4 NAG K . 55.47 -13.78 13.23
O5 NAG K . 52.38 -12.07 12.23
O6 NAG K . 51.60 -14.37 11.83
O7 NAG K . 51.88 -9.13 15.66
C1 BMA K . 55.68 -14.70 14.32
C2 BMA K . 56.38 -15.95 13.75
C3 BMA K . 56.78 -16.88 14.90
C4 BMA K . 57.56 -16.12 16.00
C5 BMA K . 56.76 -14.90 16.47
C6 BMA K . 57.50 -14.07 17.49
O2 BMA K . 57.57 -15.60 13.08
O3 BMA K . 57.56 -17.97 14.43
O4 BMA K . 57.80 -16.97 17.11
O5 BMA K . 56.48 -14.08 15.32
O6 BMA K . 56.84 -12.81 17.62
C1 NAG L . 23.71 11.20 -37.10
C2 NAG L . 23.01 11.99 -38.22
C3 NAG L . 22.09 11.06 -39.00
C4 NAG L . 22.86 9.84 -39.52
C5 NAG L . 23.58 9.16 -38.38
C6 NAG L . 24.49 8.04 -38.85
C7 NAG L . 22.60 14.38 -37.89
C8 NAG L . 21.71 15.41 -37.25
N2 NAG L . 22.26 13.11 -37.68
O3 NAG L . 21.53 11.78 -40.10
O4 NAG L . 21.97 8.93 -40.13
O5 NAG L . 24.42 10.09 -37.68
O6 NAG L . 25.16 8.39 -40.04
O7 NAG L . 23.57 14.69 -38.57
C1 NAG M . 21.55 -9.14 -29.28
C2 NAG M . 20.92 -10.49 -28.93
C3 NAG M . 20.23 -11.08 -30.16
C4 NAG M . 19.24 -10.08 -30.75
C5 NAG M . 19.95 -8.76 -31.03
C6 NAG M . 19.01 -7.68 -31.53
C7 NAG M . 22.09 -11.63 -27.10
C8 NAG M . 23.16 -12.62 -26.75
N2 NAG M . 21.92 -11.41 -28.42
O3 NAG M . 19.55 -12.27 -29.78
O4 NAG M . 18.69 -10.58 -31.96
O5 NAG M . 20.55 -8.26 -29.83
O6 NAG M . 18.62 -7.91 -32.88
O7 NAG M . 21.43 -11.06 -26.25
C1 NAG N . 39.78 38.13 -29.93
C2 NAG N . 39.22 39.38 -29.25
C3 NAG N . 37.79 39.64 -29.74
C4 NAG N . 37.76 39.73 -31.26
C5 NAG N . 38.37 38.47 -31.86
C6 NAG N . 38.48 38.53 -33.37
C7 NAG N . 40.19 39.78 -27.03
C8 NAG N . 40.05 39.54 -25.55
N2 NAG N . 39.23 39.24 -27.80
O3 NAG N . 37.32 40.85 -29.17
O4 NAG N . 36.42 39.87 -31.71
O5 NAG N . 39.71 38.28 -31.35
O6 NAG N . 38.51 39.88 -33.82
O7 NAG N . 41.11 40.43 -27.51
C1 NAG O . 49.30 30.36 -4.36
C2 NAG O . 49.65 29.60 -3.07
C3 NAG O . 49.99 30.58 -1.94
C4 NAG O . 51.08 31.54 -2.39
C5 NAG O . 50.67 32.24 -3.67
C6 NAG O . 51.76 33.14 -4.23
C7 NAG O . 48.72 27.61 -1.99
C8 NAG O . 47.47 26.83 -1.66
N2 NAG O . 48.55 28.73 -2.68
O3 NAG O . 50.43 29.85 -0.81
O4 NAG O . 51.32 32.51 -1.38
O5 NAG O . 50.39 31.26 -4.69
O6 NAG O . 52.78 33.37 -3.27
O7 NAG O . 49.83 27.23 -1.62
C1 NAG P . 56.11 4.14 -23.56
C2 NAG P . 56.06 2.86 -22.72
C3 NAG P . 57.38 2.67 -21.97
C4 NAG P . 58.56 2.74 -22.93
C5 NAG P . 58.50 4.03 -23.75
C6 NAG P . 59.57 4.10 -24.81
C7 NAG P . 53.86 2.11 -21.94
C8 NAG P . 52.81 2.25 -20.89
N2 NAG P . 54.94 2.87 -21.79
O3 NAG P . 57.37 1.41 -21.31
O4 NAG P . 59.78 2.70 -22.20
O5 NAG P . 57.24 4.11 -24.43
O6 NAG P . 59.01 4.20 -26.10
O7 NAG P . 53.75 1.33 -22.88
C1 NAG Q . 15.34 31.58 41.63
C2 NAG Q . 15.69 32.37 42.89
C3 NAG Q . 15.07 33.77 42.81
C4 NAG Q . 15.49 34.46 41.52
C5 NAG Q . 15.16 33.59 40.32
C6 NAG Q . 15.67 34.15 39.02
C7 NAG Q . 16.07 31.11 44.97
C8 NAG Q . 17.54 31.24 44.69
N2 NAG Q . 15.24 31.67 44.08
O3 NAG Q . 15.50 34.53 43.93
O4 NAG Q . 14.80 35.70 41.39
O5 NAG Q . 15.79 32.30 40.47
O6 NAG Q . 16.72 35.10 39.24
O7 NAG Q . 15.65 30.51 45.95
C1 NAG R . -8.91 27.30 -38.08
C2 NAG R . -9.43 28.73 -38.08
C3 NAG R . -10.94 28.74 -37.82
C4 NAG R . -11.65 27.84 -38.83
C5 NAG R . -11.04 26.44 -38.83
C6 NAG R . -11.59 25.55 -39.91
C7 NAG R . -7.55 30.11 -37.32
C8 NAG R . -6.98 30.93 -36.20
N2 NAG R . -8.74 29.54 -37.09
O3 NAG R . -11.44 30.07 -37.92
O4 NAG R . -13.03 27.74 -38.50
O5 NAG R . -9.62 26.53 -39.05
O6 NAG R . -10.85 25.68 -41.12
O7 NAG R . -6.96 29.97 -38.39
C1 NAG S . -10.32 -21.55 -50.14
C2 NAG S . -9.75 -22.24 -51.38
C3 NAG S . -8.26 -22.52 -51.18
C4 NAG S . -7.52 -21.25 -50.80
C5 NAG S . -8.18 -20.58 -49.61
C6 NAG S . -7.58 -19.23 -49.29
C7 NAG S . -10.68 -23.88 -52.93
C8 NAG S . -11.45 -25.16 -53.07
N2 NAG S . -10.47 -23.46 -51.68
O3 NAG S . -7.71 -23.09 -52.36
O4 NAG S . -6.16 -21.56 -50.48
O5 NAG S . -9.57 -20.35 -49.87
O6 NAG S . -8.04 -18.23 -50.19
O7 NAG S . -10.26 -23.27 -53.91
C1 NAG T . -61.54 2.37 -48.14
C2 NAG T . -61.02 3.77 -47.80
C3 NAG T . -61.33 4.12 -46.35
C4 NAG T . -62.81 3.93 -46.05
C5 NAG T . -63.25 2.52 -46.44
C6 NAG T . -64.73 2.28 -46.27
C7 NAG T . -59.07 4.56 -49.08
C8 NAG T . -60.03 5.26 -49.99
N2 NAG T . -59.60 3.87 -48.06
O3 NAG T . -60.95 5.47 -46.11
O4 NAG T . -63.06 4.15 -44.67
O5 NAG T . -62.94 2.28 -47.82
O6 NAG T . -65.40 3.47 -45.86
O7 NAG T . -57.86 4.62 -49.27
N1 FOL U . 40.94 23.09 -40.89
C2 FOL U . 41.92 23.91 -41.34
NA2 FOL U . 42.88 24.32 -40.48
N3 FOL U . 41.99 24.34 -42.62
C4 FOL U . 41.06 23.97 -43.53
O4 FOL U . 41.11 24.36 -44.72
C4A FOL U . 39.97 23.09 -43.10
N5 FOL U . 39.01 22.68 -43.93
C6 FOL U . 38.05 21.87 -43.45
C7 FOL U . 38.04 21.46 -42.12
N8 FOL U . 38.98 21.85 -41.26
C8A FOL U . 39.97 22.66 -41.68
C9 FOL U . 36.98 21.39 -44.40
N10 FOL U . 35.76 22.15 -44.18
C11 FOL U . 32.36 19.95 -43.44
C12 FOL U . 32.42 20.79 -44.55
C13 FOL U . 33.56 21.52 -44.81
C14 FOL U . 34.64 21.44 -43.93
C15 FOL U . 34.59 20.60 -42.82
C16 FOL U . 33.44 19.87 -42.56
C FOL U . 31.12 19.16 -43.17
O FOL U . 30.79 18.28 -43.94
N FOL U . 30.41 19.46 -42.09
CA FOL U . 29.15 20.16 -42.24
CB FOL U . 28.18 19.66 -41.18
CG FOL U . 28.03 18.15 -41.27
CD FOL U . 27.41 17.64 -39.99
OE1 FOL U . 26.30 17.07 -40.06
OE2 FOL U . 28.04 17.80 -38.93
CT FOL U . 29.32 21.65 -42.12
O1 FOL U . 30.44 22.14 -42.33
O2 FOL U . 28.32 22.33 -41.81
C1 EIC V . 27.41 24.26 17.98
C2 EIC V . 25.94 24.57 18.25
C3 EIC V . 25.55 26.01 17.98
C4 EIC V . 24.11 26.32 18.36
C5 EIC V . 23.64 27.68 17.85
C6 EIC V . 22.60 28.31 18.76
C7 EIC V . 21.35 28.75 18.02
C8 EIC V . 21.02 30.23 18.25
C9 EIC V . 19.67 30.43 18.82
C10 EIC V . 19.35 31.16 19.89
C11 EIC V . 20.31 31.94 20.75
C12 EIC V . 20.07 31.63 22.19
C13 EIC V . 20.86 30.94 23.02
C14 EIC V . 22.18 30.31 22.72
C15 EIC V . 23.13 30.42 23.92
C16 EIC V . 24.25 29.38 23.87
C17 EIC V . 24.96 29.38 22.52
C18 EIC V . 25.80 28.12 22.33
O1 EIC V . 28.15 25.21 17.64
O2 EIC V . 27.77 23.06 18.10
C1 EIC W . 20.75 7.46 34.05
C2 EIC W . 21.41 6.13 34.39
C3 EIC W . 21.05 4.97 33.47
C4 EIC W . 21.36 3.63 34.09
C5 EIC W . 20.25 3.08 34.98
C6 EIC W . 19.79 1.70 34.55
C7 EIC W . 19.34 0.82 35.70
C8 EIC W . 19.15 -0.64 35.28
C9 EIC W . 18.19 -1.36 36.17
C10 EIC W . 18.20 -2.63 36.58
C11 EIC W . 19.19 -3.71 36.23
C12 EIC W . 20.30 -3.77 37.23
C13 EIC W . 21.02 -2.76 37.70
C14 EIC W . 22.13 -2.81 38.70
C15 EIC W . 23.01 -1.56 38.64
C16 EIC W . 23.88 -1.50 37.39
C17 EIC W . 24.72 -0.24 37.34
C18 EIC W . 23.88 1.03 37.39
O1 EIC W . 19.61 7.67 34.51
O2 EIC W . 21.42 8.25 33.35
C1 NAG X . -27.51 30.63 19.15
C2 NAG X . -28.88 29.99 19.38
C3 NAG X . -29.68 29.97 18.09
C4 NAG X . -29.78 31.37 17.49
C5 NAG X . -28.38 31.97 17.32
C6 NAG X . -28.42 33.41 16.87
C7 NAG X . -29.24 28.28 21.11
C8 NAG X . -29.01 26.85 21.50
N2 NAG X . -28.75 28.64 19.92
O3 NAG X . -30.99 29.46 18.36
O4 NAG X . -30.42 31.32 16.23
O5 NAG X . -27.69 31.94 18.57
O6 NAG X . -29.57 34.08 17.36
O7 NAG X . -29.85 29.07 21.83
C1 NAG Y . -16.65 33.17 -0.67
C2 NAG Y . -17.46 31.89 -0.90
C3 NAG Y . -18.49 32.13 -2.01
C4 NAG Y . -19.33 33.36 -1.71
C5 NAG Y . -18.43 34.56 -1.43
C6 NAG Y . -19.20 35.79 -1.02
C7 NAG Y . -16.89 29.51 -0.89
C8 NAG Y . -15.90 28.47 -1.31
N2 NAG Y . -16.60 30.77 -1.23
O3 NAG Y . -19.33 30.99 -2.13
O4 NAG Y . -20.18 33.65 -2.81
O5 NAG Y . -17.53 34.26 -0.37
O6 NAG Y . -19.33 35.87 0.40
O7 NAG Y . -17.91 29.22 -0.27
C1 NAG Z . -20.44 30.30 50.80
C2 NAG Z . -20.39 28.98 51.57
C3 NAG Z . -21.58 28.09 51.20
C4 NAG Z . -22.88 28.86 51.39
C5 NAG Z . -22.83 30.18 50.63
C6 NAG Z . -24.06 31.04 50.86
C7 NAG Z . -18.17 28.19 52.24
C8 NAG Z . -16.94 27.43 51.83
N2 NAG Z . -19.14 28.27 51.32
O3 NAG Z . -21.58 26.93 52.00
O4 NAG Z . -23.97 28.08 50.91
O5 NAG Z . -21.70 30.95 51.06
O6 NAG Z . -24.85 30.54 51.93
O7 NAG Z . -18.27 28.70 53.35
C1 NAG AA . 7.43 31.21 48.30
C2 NAG AA . 8.87 31.19 47.79
C3 NAG AA . 9.81 30.65 48.87
C4 NAG AA . 9.63 31.42 50.17
C5 NAG AA . 8.18 31.39 50.60
C6 NAG AA . 7.90 32.22 51.83
C7 NAG AA . 9.92 30.61 45.65
C8 NAG AA . 9.89 29.70 44.46
N2 NAG AA . 8.98 30.40 46.58
O3 NAG AA . 11.17 30.75 48.44
O4 NAG AA . 10.43 30.84 51.20
O5 NAG AA . 7.36 31.94 49.54
O6 NAG AA . 9.10 32.51 52.54
O7 NAG AA . 10.77 31.49 45.76
C1 NAG BA . -2.41 55.17 26.79
C2 NAG BA . -2.74 56.36 27.69
C3 NAG BA . -1.50 57.23 27.89
C4 NAG BA . -0.33 56.39 28.39
C5 NAG BA . -0.10 55.17 27.49
C6 NAG BA . 0.95 54.22 28.03
C7 NAG BA . -4.73 57.79 27.90
C8 NAG BA . -5.78 58.54 27.17
N2 NAG BA . -3.83 57.14 27.14
O3 NAG BA . -1.78 58.27 28.81
O4 NAG BA . 0.86 57.18 28.43
O5 NAG BA . -1.32 54.42 27.36
O6 NAG BA . 0.54 53.65 29.26
O7 NAG BA . -4.66 57.77 29.13
C1 NAG CA . -45.34 20.32 -25.02
C2 NAG CA . -45.97 21.64 -25.43
C3 NAG CA . -45.08 22.80 -25.00
C4 NAG CA . -44.80 22.72 -23.51
C5 NAG CA . -44.24 21.35 -23.14
C6 NAG CA . -44.07 21.15 -21.66
C7 NAG CA . -47.40 21.96 -27.42
C8 NAG CA . -48.53 22.23 -26.46
N2 NAG CA . -46.21 21.69 -26.87
O3 NAG CA . -45.72 24.04 -25.30
O4 NAG CA . -43.85 23.72 -23.14
O5 NAG CA . -45.12 20.31 -23.60
O6 NAG CA . -45.29 20.71 -21.05
O7 NAG CA . -47.56 21.99 -28.63
N1 FOL DA . -29.39 42.83 38.84
C2 FOL DA . -28.11 43.13 38.55
NA2 FOL DA . -27.37 43.78 39.48
N3 FOL DA . -27.53 42.81 37.36
C4 FOL DA . -28.21 42.18 36.40
O4 FOL DA . -27.66 41.88 35.31
C4A FOL DA . -29.62 41.82 36.65
N5 FOL DA . -30.39 41.18 35.76
C6 FOL DA . -31.68 40.90 36.08
C7 FOL DA . -32.20 41.26 37.32
N8 FOL DA . -31.46 41.90 38.23
C8A FOL DA . -30.18 42.21 37.96
C9 FOL DA . -32.53 40.20 35.07
N10 FOL DA . -31.79 40.18 33.83
C11 FOL DA . -31.41 36.66 31.76
C12 FOL DA . -30.30 37.46 31.99
C13 FOL DA . -30.44 38.65 32.69
C14 FOL DA . -31.69 39.03 33.14
C15 FOL DA . -32.79 38.23 32.93
C16 FOL DA . -32.67 37.04 32.22
C FOL DA . -31.20 35.39 31.00
O FOL DA . -30.79 34.43 31.65
N FOL DA . -31.40 35.39 29.67
CA FOL DA . -31.91 34.18 29.03
CB FOL DA . -31.04 33.18 28.25
CG FOL DA . -31.66 32.79 26.93
CD FOL DA . -30.63 32.01 26.15
OE1 FOL DA . -30.30 32.41 25.03
OE2 FOL DA . -30.16 30.97 26.68
CT FOL DA . -32.89 33.39 29.86
O1 FOL DA . -33.89 33.98 30.34
O2 FOL DA . -32.67 32.17 30.05
C1 NAG EA . -44.13 -0.96 19.90
C2 NAG EA . -44.88 -1.67 18.76
C3 NAG EA . -44.91 -3.17 19.04
C4 NAG EA . -43.51 -3.71 19.30
C5 NAG EA . -42.80 -2.89 20.36
C6 NAG EA . -41.35 -3.28 20.56
C7 NAG EA . -46.76 -0.79 17.44
C8 NAG EA . -45.89 -0.97 16.23
N2 NAG EA . -46.22 -1.15 18.61
O3 NAG EA . -45.48 -3.84 17.91
O4 NAG EA . -43.59 -5.06 19.73
O5 NAG EA . -42.81 -1.50 20.01
O6 NAG EA . -41.25 -4.51 21.27
O7 NAG EA . -47.91 -0.35 17.35
C1 NAG FA . -66.96 -31.76 -24.77
C2 NAG FA . -66.07 -32.56 -23.81
C3 NAG FA . -65.03 -33.36 -24.57
C4 NAG FA . -65.71 -34.25 -25.62
C5 NAG FA . -66.62 -33.41 -26.51
C6 NAG FA . -67.43 -34.25 -27.46
C7 NAG FA . -65.85 -31.59 -21.56
C8 NAG FA . -65.08 -30.64 -20.69
N2 NAG FA . -65.43 -31.69 -22.83
O3 NAG FA . -64.30 -34.18 -23.66
O4 NAG FA . -64.72 -34.90 -26.41
O5 NAG FA . -67.55 -32.67 -25.72
O6 NAG FA . -66.72 -35.43 -27.84
O7 NAG FA . -66.79 -32.24 -21.14
C1 EIC GA . 37.36 1.43 16.27
C2 EIC GA . 36.79 2.01 14.97
C3 EIC GA . 37.80 2.60 14.01
C4 EIC GA . 38.36 1.58 13.02
C5 EIC GA . 38.26 2.06 11.59
C6 EIC GA . 39.02 1.17 10.59
C7 EIC GA . 39.13 1.83 9.23
C8 EIC GA . 39.52 0.84 8.13
C9 EIC GA . 39.58 1.50 6.79
C10 EIC GA . 40.65 1.98 6.17
C11 EIC GA . 42.06 1.98 6.67
C12 EIC GA . 42.70 3.31 6.40
C13 EIC GA . 43.15 4.20 7.28
C14 EIC GA . 43.10 4.09 8.77
C15 EIC GA . 43.67 5.34 9.44
C16 EIC GA . 43.01 5.65 10.78
C17 EIC GA . 42.95 4.43 11.69
C18 EIC GA . 42.00 4.62 12.86
O1 EIC GA . 36.58 1.18 17.20
O2 EIC GA . 38.61 1.26 16.28
C1 NAG HA . 1.97 -42.44 16.13
C2 NAG HA . 1.92 -43.64 15.20
C3 NAG HA . 0.50 -43.83 14.66
C4 NAG HA . -0.49 -43.93 15.82
C5 NAG HA . -0.35 -42.71 16.74
C6 NAG HA . -1.20 -42.80 17.97
C7 NAG HA . 3.93 -44.29 13.93
C8 NAG HA . 4.79 -43.99 12.75
N2 NAG HA . 2.86 -43.50 14.09
O3 NAG HA . 0.45 -45.02 13.88
O4 NAG HA . -1.82 -43.97 15.31
O5 NAG HA . 1.01 -42.61 17.19
O6 NAG HA . -0.47 -42.46 19.13
O7 NAG HA . 4.17 -45.20 14.71
C1 NAG IA . -12.34 -26.38 21.26
C2 NAG IA . -13.74 -26.41 21.92
C3 NAG IA . -14.82 -26.97 20.98
C4 NAG IA . -14.76 -26.27 19.63
C5 NAG IA . -13.34 -26.31 19.06
C6 NAG IA . -13.19 -25.57 17.76
C7 NAG IA . -13.58 -28.23 23.75
C8 NAG IA . -13.13 -29.32 22.80
N2 NAG IA . -13.81 -26.98 23.27
O3 NAG IA . -16.10 -26.79 21.56
O4 NAG IA . -15.65 -26.89 18.72
O5 NAG IA . -12.42 -25.72 19.98
O6 NAG IA . -14.31 -25.78 16.91
O7 NAG IA . -13.73 -28.48 24.94
C1 NAG JA . 34.29 -49.07 20.15
C2 NAG JA . 34.06 -49.32 18.66
C3 NAG JA . 35.31 -48.99 17.86
C4 NAG JA . 35.81 -47.58 18.18
C5 NAG JA . 36.00 -47.44 19.69
C6 NAG JA . 36.40 -46.04 20.10
C7 NAG JA . 32.36 -51.05 18.26
C8 NAG JA . 32.11 -52.50 18.01
N2 NAG JA . 33.64 -50.69 18.41
O3 NAG JA . 35.03 -49.08 16.47
O4 NAG JA . 37.05 -47.34 17.53
O5 NAG JA . 34.76 -47.72 20.36
O6 NAG JA . 37.42 -46.07 21.10
O7 NAG JA . 31.45 -50.24 18.33
C1 NAG KA . 40.98 -25.24 32.78
C2 NAG KA . 40.99 -23.83 33.37
C3 NAG KA . 42.40 -23.25 33.34
C4 NAG KA . 43.38 -24.19 34.03
C5 NAG KA . 43.30 -25.58 33.40
C6 NAG KA . 44.17 -26.59 34.10
C7 NAG KA . 39.47 -21.92 33.17
C8 NAG KA . 38.55 -21.14 32.28
N2 NAG KA . 40.07 -22.97 32.62
O3 NAG KA . 42.41 -21.99 34.00
O4 NAG KA . 44.71 -23.70 33.90
O5 NAG KA . 41.95 -26.06 33.48
O6 NAG KA . 45.23 -25.96 34.80
O7 NAG KA . 39.65 -21.60 34.34
C1 NAG LA . 13.36 -34.52 49.31
C2 NAG LA . 12.78 -33.39 50.14
C3 NAG LA . 13.44 -33.34 51.52
C4 NAG LA . 13.32 -34.69 52.21
C5 NAG LA . 13.89 -35.79 51.30
C6 NAG LA . 13.67 -37.18 51.87
C7 NAG LA . 11.94 -31.55 48.75
C8 NAG LA . 12.26 -30.23 48.11
N2 NAG LA . 12.92 -32.11 49.45
O3 NAG LA . 12.81 -32.33 52.31
O4 NAG LA . 14.05 -34.68 53.43
O5 NAG LA . 13.22 -35.76 50.03
O6 NAG LA . 12.93 -38.00 50.97
O7 NAG LA . 10.84 -32.07 48.63
C1 NAG MA . -42.61 -35.28 -1.20
C2 NAG MA . -43.55 -36.23 -0.45
C3 NAG MA . -43.30 -36.12 1.06
C4 NAG MA . -41.84 -36.37 1.37
C5 NAG MA . -40.95 -35.44 0.54
C6 NAG MA . -39.48 -35.74 0.70
C7 NAG MA . -45.78 -36.82 -1.31
C8 NAG MA . -45.22 -38.18 -1.62
N2 NAG MA . -44.95 -35.93 -0.76
O3 NAG MA . -44.12 -37.08 1.74
O4 NAG MA . -41.60 -36.14 2.76
O5 NAG MA . -41.26 -35.60 -0.85
O6 NAG MA . -39.00 -36.55 -0.36
O7 NAG MA . -46.95 -36.53 -1.56
C1 NAG NA . -40.16 -32.46 -58.78
C2 NAG NA . -38.66 -32.67 -58.94
C3 NAG NA . -37.98 -31.35 -59.33
C4 NAG NA . -38.65 -30.75 -60.57
C5 NAG NA . -40.16 -30.61 -60.32
C6 NAG NA . -40.90 -30.12 -61.55
C7 NAG NA . -37.85 -34.51 -57.54
C8 NAG NA . -37.23 -34.89 -56.23
N2 NAG NA . -38.07 -33.21 -57.74
O3 NAG NA . -36.61 -31.58 -59.60
O4 NAG NA . -38.10 -29.47 -60.84
O5 NAG NA . -40.72 -31.89 -59.98
O6 NAG NA . -40.22 -29.04 -62.17
O7 NAG NA . -38.15 -35.34 -58.39
N1 FOL OA . 16.51 -56.34 26.99
C2 FOL OA . 16.74 -55.16 27.60
NA2 FOL OA . 17.72 -55.11 28.55
N3 FOL OA . 16.05 -54.04 27.33
C4 FOL OA . 15.06 -54.02 26.40
O4 FOL OA . 14.42 -52.97 26.16
C4A FOL OA . 14.76 -55.28 25.69
N5 FOL OA . 13.81 -55.40 24.74
C6 FOL OA . 13.62 -56.59 24.15
C7 FOL OA . 14.39 -57.70 24.49
N8 FOL OA . 15.34 -57.63 25.43
C8A FOL OA . 15.56 -56.46 26.06
C9 FOL OA . 12.56 -56.73 23.09
N10 FOL OA . 11.53 -55.75 23.36
C11 FOL OA . 10.50 -52.95 20.52
C12 FOL OA . 11.02 -52.57 21.75
C13 FOL OA . 11.37 -53.51 22.69
C14 FOL OA . 11.18 -54.85 22.42
C15 FOL OA . 10.66 -55.25 21.18
C16 FOL OA . 10.31 -54.30 20.23
C FOL OA . 10.16 -51.85 19.57
O FOL OA . 11.09 -51.19 19.15
N FOL OA . 8.87 -51.59 19.31
CA FOL OA . 8.50 -51.20 17.96
CB FOL OA . 8.22 -49.76 17.51
CG FOL OA . 7.35 -49.67 16.27
CD FOL OA . 7.14 -48.22 15.95
OE1 FOL OA . 5.97 -47.78 15.85
OE2 FOL OA . 8.14 -47.50 15.79
CT FOL OA . 9.31 -51.88 16.89
O1 FOL OA . 10.26 -51.25 16.36
O2 FOL OA . 9.02 -53.05 16.57
C1 NAG PA . 1.73 -44.05 -19.28
C2 NAG PA . 2.96 -43.78 -20.12
C3 NAG PA . 2.57 -43.19 -21.47
C4 NAG PA . 1.56 -44.08 -22.16
C5 NAG PA . 0.36 -44.34 -21.25
C6 NAG PA . -0.63 -45.32 -21.83
C7 NAG PA . 4.97 -43.32 -18.77
C8 NAG PA . 5.79 -42.26 -18.10
N2 NAG PA . 3.89 -42.89 -19.42
O3 NAG PA . 3.74 -43.07 -22.29
O4 NAG PA . 1.09 -43.44 -23.36
O5 NAG PA . 0.83 -44.90 -20.00
O6 NAG PA . -0.51 -46.60 -21.21
O7 NAG PA . 5.25 -44.51 -18.70
#